data_4BL5
#
_entry.id   4BL5
#
_cell.length_a   90.407
_cell.length_b   90.478
_cell.length_c   147.518
_cell.angle_alpha   72.54
_cell.angle_beta   72.64
_cell.angle_gamma   60.14
#
_symmetry.space_group_name_H-M   'P 1'
#
loop_
_entity.id
_entity.type
_entity.pdbx_description
1 polymer 'GDP-L-FUCOSE SYNTHASE'
2 non-polymer 'NADP NICOTINAMIDE-ADENINE-DINUCLEOTIDE PHOSPHATE'
3 non-polymer "GUANOSINE-5'-DIPHOSPHATE-BETA-L-FUCOPYRANOSE"
4 non-polymer 1,2-ETHANEDIOL
5 water water
#
_entity_poly.entity_id   1
_entity_poly.type   'polypeptide(L)'
_entity_poly.pdbx_seq_one_letter_code
;MHHHHHHSSGVDLGTENLYFQSMRILVTGGSGLVGKAIQKVVADGAGLPGEDWVFVSSKDADLTDTAQTRALFEKVQPTH
VIHLAAMVGGLFRNIKYNLDFWRKNVHMNDNVLHSAFEVGARKVVSCLSTCIFPDKTTYPIDETMIHNGPPHNSNFGYSY
AKRMIDVQNRAYFQQYGCTFTAVIPTNVFGPHDNFNIEDGHVLPGLIHKVHLAKSSGSALTVWGTGNPRRQFIYSLDLAQ
LFIWVLREYNEVEPIILSVGEEDEVSIKEAAEAVVEAMDFHGEVTFDTTKSDGQFKKTASNSKLRTYLPDFRFTPFKQAV
KETCAWFTDNYEQARK
;
_entity_poly.pdbx_strand_id   A,B,C,D,E,F,G,H,I,J,K,L
#
loop_
_chem_comp.id
_chem_comp.type
_chem_comp.name
_chem_comp.formula
EDO non-polymer 1,2-ETHANEDIOL 'C2 H6 O2'
GFB non-polymer GUANOSINE-5'-DIPHOSPHATE-BETA-L-FUCOPYRANOSE 'C16 H25 N5 O15 P2'
NAP non-polymer 'NADP NICOTINAMIDE-ADENINE-DINUCLEOTIDE PHOSPHATE' 'C21 H28 N7 O17 P3'
#
# COMPACT_ATOMS: atom_id res chain seq x y z
N SER A 22 -21.61 -3.46 69.75
CA SER A 22 -22.70 -2.85 68.94
C SER A 22 -22.30 -2.83 67.46
N MET A 23 -22.90 -3.72 66.67
CA MET A 23 -22.64 -3.79 65.22
C MET A 23 -23.93 -3.86 64.39
N ARG A 24 -24.17 -2.83 63.59
CA ARG A 24 -25.23 -2.84 62.59
C ARG A 24 -24.52 -3.28 61.32
N ILE A 25 -24.78 -4.51 60.90
CA ILE A 25 -24.09 -5.08 59.74
C ILE A 25 -25.05 -5.12 58.56
N LEU A 26 -24.61 -4.56 57.44
CA LEU A 26 -25.40 -4.55 56.22
C LEU A 26 -24.79 -5.51 55.20
N VAL A 27 -25.55 -6.53 54.84
CA VAL A 27 -25.09 -7.50 53.86
C VAL A 27 -25.86 -7.34 52.57
N THR A 28 -25.16 -6.87 51.54
CA THR A 28 -25.73 -6.75 50.19
C THR A 28 -25.58 -8.07 49.41
N GLY A 29 -26.49 -8.31 48.49
CA GLY A 29 -26.52 -9.57 47.74
C GLY A 29 -27.00 -10.73 48.58
N GLY A 30 -27.79 -10.44 49.60
CA GLY A 30 -28.23 -11.45 50.59
C GLY A 30 -29.41 -12.35 50.19
N SER A 31 -29.79 -12.33 48.92
CA SER A 31 -30.85 -13.17 48.44
C SER A 31 -30.25 -14.13 47.45
N GLY A 32 -28.93 -14.19 47.40
CA GLY A 32 -28.22 -15.05 46.44
C GLY A 32 -27.74 -16.31 47.12
N LEU A 33 -27.07 -17.15 46.36
CA LEU A 33 -26.37 -18.32 46.90
C LEU A 33 -25.65 -18.01 48.23
N VAL A 34 -24.72 -17.07 48.18
CA VAL A 34 -23.84 -16.75 49.31
C VAL A 34 -24.54 -15.88 50.38
N GLY A 35 -25.48 -15.05 49.92
CA GLY A 35 -26.33 -14.29 50.83
C GLY A 35 -27.22 -15.16 51.70
N LYS A 36 -27.86 -16.19 51.12
CA LYS A 36 -28.82 -16.99 51.89
C LYS A 36 -28.15 -17.90 52.91
N ALA A 37 -27.04 -18.52 52.52
CA ALA A 37 -26.24 -19.32 53.45
C ALA A 37 -25.86 -18.48 54.68
N ILE A 38 -25.42 -17.25 54.46
CA ILE A 38 -25.14 -16.37 55.58
C ILE A 38 -26.38 -16.20 56.46
N GLN A 39 -27.53 -15.96 55.84
CA GLN A 39 -28.77 -15.92 56.59
C GLN A 39 -28.99 -17.24 57.35
N LYS A 40 -28.79 -18.38 56.70
CA LYS A 40 -29.03 -19.67 57.35
C LYS A 40 -28.24 -19.67 58.66
N VAL A 41 -26.94 -19.37 58.54
CA VAL A 41 -26.01 -19.52 59.65
C VAL A 41 -26.36 -18.60 60.78
N VAL A 42 -26.78 -17.38 60.46
CA VAL A 42 -27.09 -16.36 61.46
C VAL A 42 -28.37 -16.74 62.16
N ALA A 43 -29.43 -16.95 61.38
CA ALA A 43 -30.72 -17.42 61.89
C ALA A 43 -30.62 -18.73 62.70
N ASP A 44 -29.74 -19.65 62.30
CA ASP A 44 -29.49 -20.88 63.07
C ASP A 44 -28.89 -20.62 64.48
N GLY A 45 -28.20 -19.49 64.66
CA GLY A 45 -27.76 -19.07 65.99
C GLY A 45 -26.31 -18.65 66.19
N ALA A 46 -25.62 -18.27 65.13
CA ALA A 46 -24.22 -17.83 65.26
C ALA A 46 -24.08 -16.31 65.45
N GLY A 47 -25.20 -15.57 65.46
CA GLY A 47 -25.17 -14.10 65.46
C GLY A 47 -25.11 -13.46 66.83
N LEU A 48 -23.90 -13.26 67.34
CA LEU A 48 -23.66 -12.89 68.75
C LEU A 48 -24.39 -11.61 69.17
N PRO A 49 -24.84 -11.55 70.45
CA PRO A 49 -25.59 -10.39 70.98
C PRO A 49 -24.93 -9.05 70.65
N GLY A 50 -25.76 -8.05 70.36
CA GLY A 50 -25.25 -6.72 70.04
C GLY A 50 -24.87 -6.60 68.58
N GLU A 51 -25.24 -7.60 67.77
CA GLU A 51 -25.09 -7.54 66.32
C GLU A 51 -26.47 -7.46 65.68
N ASP A 52 -26.72 -6.37 64.97
CA ASP A 52 -27.91 -6.24 64.12
C ASP A 52 -27.55 -6.58 62.66
N TRP A 53 -28.12 -7.67 62.14
CA TRP A 53 -27.88 -8.11 60.76
C TRP A 53 -28.98 -7.66 59.80
N VAL A 54 -28.62 -6.81 58.85
CA VAL A 54 -29.55 -6.35 57.82
C VAL A 54 -29.12 -6.91 56.46
N PHE A 55 -29.97 -7.78 55.90
CA PHE A 55 -29.78 -8.41 54.61
C PHE A 55 -30.64 -7.77 53.55
N VAL A 56 -30.03 -7.23 52.52
CA VAL A 56 -30.82 -6.66 51.41
C VAL A 56 -30.56 -7.30 50.04
N SER A 57 -31.46 -7.00 49.11
CA SER A 57 -31.32 -7.36 47.69
C SER A 57 -31.81 -6.20 46.79
N SER A 58 -31.76 -6.39 45.47
CA SER A 58 -32.17 -5.35 44.51
C SER A 58 -33.51 -4.67 44.85
N LYS A 59 -34.43 -5.45 45.39
CA LYS A 59 -35.73 -4.98 45.81
C LYS A 59 -35.67 -3.85 46.80
N ASP A 60 -34.55 -3.73 47.49
CA ASP A 60 -34.38 -2.69 48.52
C ASP A 60 -33.62 -1.50 47.97
N ALA A 61 -32.90 -1.72 46.88
CA ALA A 61 -32.07 -0.71 46.26
C ALA A 61 -31.32 -1.31 45.07
N ASP A 62 -31.43 -0.64 43.93
CA ASP A 62 -30.57 -0.93 42.83
C ASP A 62 -29.19 -0.36 43.13
N LEU A 63 -28.19 -1.22 43.19
CA LEU A 63 -26.87 -0.80 43.64
C LEU A 63 -26.05 -0.25 42.49
N THR A 64 -26.53 -0.43 41.26
CA THR A 64 -25.96 0.29 40.13
C THR A 64 -26.31 1.80 40.15
N ASP A 65 -27.36 2.17 40.90
CA ASP A 65 -27.74 3.57 41.08
C ASP A 65 -27.10 4.17 42.34
N THR A 66 -26.43 5.31 42.17
CA THR A 66 -25.75 5.97 43.25
C THR A 66 -26.77 6.40 44.29
N ALA A 67 -27.74 7.21 43.83
CA ALA A 67 -28.72 7.86 44.71
C ALA A 67 -29.50 6.81 45.52
N GLN A 68 -29.88 5.74 44.85
CA GLN A 68 -30.51 4.64 45.56
C GLN A 68 -29.59 4.06 46.65
N THR A 69 -28.32 3.84 46.30
CA THR A 69 -27.37 3.26 47.27
C THR A 69 -27.21 4.15 48.47
N ARG A 70 -26.85 5.42 48.25
CA ARG A 70 -26.67 6.37 49.35
C ARG A 70 -27.82 6.25 50.32
N ALA A 71 -29.04 6.27 49.78
CA ALA A 71 -30.25 6.37 50.60
C ALA A 71 -30.40 5.17 51.53
N LEU A 72 -30.26 3.96 50.99
CA LEU A 72 -30.20 2.75 51.81
C LEU A 72 -29.12 2.84 52.86
N PHE A 73 -27.97 3.37 52.47
CA PHE A 73 -26.84 3.42 53.39
C PHE A 73 -27.03 4.42 54.49
N GLU A 74 -27.73 5.50 54.19
CA GLU A 74 -28.11 6.43 55.23
C GLU A 74 -29.22 5.82 56.08
N LYS A 75 -30.20 5.14 55.49
CA LYS A 75 -31.35 4.64 56.26
C LYS A 75 -30.87 3.63 57.30
N VAL A 76 -30.26 2.56 56.81
CA VAL A 76 -29.42 1.71 57.64
C VAL A 76 -28.22 2.60 57.97
N GLN A 77 -27.66 2.48 59.16
CA GLN A 77 -26.43 3.20 59.47
C GLN A 77 -25.34 2.17 59.77
N PRO A 78 -24.93 1.40 58.74
CA PRO A 78 -24.07 0.23 58.98
C PRO A 78 -22.72 0.57 59.59
N THR A 79 -22.32 -0.19 60.61
CA THR A 79 -20.97 -0.15 61.14
C THR A 79 -20.06 -1.05 60.34
N HIS A 80 -20.63 -2.12 59.80
CA HIS A 80 -19.87 -3.13 59.06
C HIS A 80 -20.67 -3.51 57.83
N VAL A 81 -19.97 -3.86 56.75
CA VAL A 81 -20.62 -4.30 55.52
C VAL A 81 -19.96 -5.55 55.02
N ILE A 82 -20.81 -6.47 54.55
CA ILE A 82 -20.39 -7.57 53.75
C ILE A 82 -21.00 -7.25 52.40
N HIS A 83 -20.19 -7.17 51.36
CA HIS A 83 -20.67 -6.72 50.07
C HIS A 83 -20.63 -7.90 49.12
N LEU A 84 -21.76 -8.61 48.98
CA LEU A 84 -21.87 -9.76 48.08
C LEU A 84 -22.53 -9.45 46.74
N ALA A 85 -23.27 -8.35 46.71
CA ALA A 85 -23.95 -7.85 45.52
C ALA A 85 -23.03 -7.81 44.30
N ALA A 86 -23.40 -8.53 43.24
CA ALA A 86 -22.65 -8.53 42.01
C ALA A 86 -23.45 -9.24 40.93
N MET A 87 -23.16 -8.92 39.66
CA MET A 87 -23.67 -9.70 38.53
C MET A 87 -22.76 -10.90 38.33
N VAL A 88 -23.33 -12.10 38.44
CA VAL A 88 -22.57 -13.33 38.50
C VAL A 88 -23.06 -14.34 37.47
N GLY A 89 -22.14 -15.16 36.95
CA GLY A 89 -22.51 -16.24 36.05
C GLY A 89 -21.49 -17.35 35.83
N GLY A 90 -21.95 -18.40 35.18
CA GLY A 90 -21.09 -19.46 34.66
C GLY A 90 -20.27 -18.96 33.50
N LEU A 91 -19.39 -19.83 33.01
CA LEU A 91 -18.39 -19.47 32.03
C LEU A 91 -19.10 -18.99 30.77
N PHE A 92 -20.21 -19.64 30.43
CA PHE A 92 -20.89 -19.34 29.17
C PHE A 92 -21.56 -17.96 29.21
N ARG A 93 -22.20 -17.64 30.32
CA ARG A 93 -22.73 -16.31 30.50
C ARG A 93 -21.68 -15.24 30.31
N ASN A 94 -20.59 -15.34 31.06
CA ASN A 94 -19.50 -14.37 30.96
C ASN A 94 -19.03 -14.17 29.52
N ILE A 95 -18.76 -15.28 28.82
CA ILE A 95 -18.31 -15.21 27.44
C ILE A 95 -19.15 -14.20 26.67
N LYS A 96 -20.47 -14.33 26.76
CA LYS A 96 -21.39 -13.44 26.01
C LYS A 96 -21.26 -11.97 26.39
N TYR A 97 -21.20 -11.69 27.70
CA TYR A 97 -21.56 -10.37 28.22
C TYR A 97 -20.47 -9.64 28.99
N ASN A 98 -19.22 -9.66 28.50
CA ASN A 98 -18.12 -9.06 29.25
C ASN A 98 -18.31 -7.57 29.49
N LEU A 99 -19.07 -6.89 28.63
CA LEU A 99 -19.38 -5.47 28.84
C LEU A 99 -20.26 -5.28 30.06
N ASP A 100 -21.40 -5.97 30.06
CA ASP A 100 -22.32 -5.99 31.21
C ASP A 100 -21.63 -6.31 32.53
N PHE A 101 -20.93 -7.45 32.56
CA PHE A 101 -20.21 -7.87 33.75
C PHE A 101 -19.29 -6.75 34.20
N TRP A 102 -18.54 -6.16 33.29
CA TRP A 102 -17.70 -5.04 33.66
C TRP A 102 -18.52 -3.86 34.19
N ARG A 103 -19.40 -3.30 33.36
CA ARG A 103 -20.14 -2.09 33.76
C ARG A 103 -20.97 -2.20 35.06
N LYS A 104 -21.69 -3.31 35.26
CA LYS A 104 -22.65 -3.40 36.35
C LYS A 104 -21.96 -3.56 37.72
N ASN A 105 -20.87 -4.34 37.71
CA ASN A 105 -20.09 -4.62 38.91
C ASN A 105 -19.28 -3.42 39.39
N VAL A 106 -18.50 -2.82 38.49
CA VAL A 106 -17.72 -1.61 38.82
C VAL A 106 -18.62 -0.60 39.54
N HIS A 107 -19.75 -0.30 38.89
CA HIS A 107 -20.76 0.60 39.43
C HIS A 107 -21.20 0.19 40.82
N MET A 108 -21.70 -1.03 40.98
CA MET A 108 -22.13 -1.52 42.30
C MET A 108 -21.05 -1.29 43.36
N ASN A 109 -19.84 -1.74 43.02
CA ASN A 109 -18.71 -1.66 43.90
C ASN A 109 -18.32 -0.24 44.19
N ASP A 110 -18.28 0.61 43.17
CA ASP A 110 -17.94 2.01 43.43
C ASP A 110 -19.03 2.63 44.31
N ASN A 111 -20.28 2.22 44.05
CA ASN A 111 -21.40 2.80 44.77
C ASN A 111 -21.41 2.37 46.23
N VAL A 112 -21.19 1.08 46.49
CA VAL A 112 -21.26 0.54 47.85
C VAL A 112 -20.01 0.88 48.63
N LEU A 113 -18.86 0.83 47.97
CA LEU A 113 -17.62 1.16 48.65
C LEU A 113 -17.63 2.64 49.01
N HIS A 114 -18.07 3.50 48.10
CA HIS A 114 -18.07 4.93 48.39
C HIS A 114 -19.12 5.36 49.43
N SER A 115 -20.29 4.73 49.38
CA SER A 115 -21.36 4.99 50.35
C SER A 115 -20.98 4.51 51.75
N ALA A 116 -20.36 3.34 51.84
CA ALA A 116 -19.89 2.82 53.12
C ALA A 116 -18.95 3.84 53.72
N PHE A 117 -18.03 4.32 52.89
CA PHE A 117 -17.07 5.31 53.30
C PHE A 117 -17.70 6.53 53.96
N GLU A 118 -18.73 7.08 53.32
CA GLU A 118 -19.25 8.38 53.72
C GLU A 118 -20.33 8.33 54.77
N VAL A 119 -20.83 7.14 55.08
CA VAL A 119 -21.56 6.94 56.34
C VAL A 119 -20.57 6.51 57.42
N GLY A 120 -19.29 6.57 57.10
CA GLY A 120 -18.24 6.34 58.08
C GLY A 120 -18.25 4.93 58.60
N ALA A 121 -18.58 3.98 57.73
CA ALA A 121 -18.57 2.58 58.09
C ALA A 121 -17.16 2.22 58.52
N ARG A 122 -17.05 1.36 59.53
CA ARG A 122 -15.78 1.04 60.18
C ARG A 122 -15.05 -0.13 59.49
N LYS A 123 -15.78 -0.88 58.64
CA LYS A 123 -15.21 -2.00 57.87
C LYS A 123 -16.14 -2.57 56.77
N VAL A 124 -15.56 -2.85 55.60
CA VAL A 124 -16.27 -3.43 54.46
C VAL A 124 -15.49 -4.59 53.95
N VAL A 125 -16.15 -5.75 53.88
CA VAL A 125 -15.54 -6.96 53.31
C VAL A 125 -16.28 -7.28 52.04
N SER A 126 -15.64 -7.05 50.91
CA SER A 126 -16.20 -7.42 49.62
C SER A 126 -15.79 -8.84 49.23
N CYS A 127 -16.17 -9.24 48.04
CA CYS A 127 -16.14 -10.62 47.64
C CYS A 127 -15.52 -10.71 46.23
N LEU A 128 -14.27 -11.19 46.16
CA LEU A 128 -13.54 -11.37 44.88
C LEU A 128 -13.74 -12.82 44.46
N SER A 129 -12.87 -13.38 43.61
CA SER A 129 -13.01 -14.81 43.17
C SER A 129 -11.69 -15.37 42.60
N THR A 130 -11.52 -16.69 42.65
CA THR A 130 -10.31 -17.34 42.06
C THR A 130 -10.31 -17.38 40.54
N CYS A 131 -11.48 -17.18 39.93
CA CYS A 131 -11.62 -16.71 38.54
C CYS A 131 -10.57 -15.75 38.02
N ILE A 132 -10.31 -14.73 38.82
CA ILE A 132 -9.86 -13.44 38.31
C ILE A 132 -8.36 -13.30 38.19
N PHE A 133 -7.62 -14.27 38.74
CA PHE A 133 -6.17 -14.29 38.71
C PHE A 133 -5.60 -14.46 37.29
N PRO A 134 -4.28 -14.26 37.13
CA PRO A 134 -3.75 -14.34 35.79
C PRO A 134 -3.84 -15.77 35.20
N ASP A 135 -4.03 -15.84 33.89
CA ASP A 135 -4.16 -17.11 33.19
C ASP A 135 -2.82 -17.87 33.13
N LYS A 136 -1.77 -17.23 32.65
CA LYS A 136 -0.43 -17.80 32.77
C LYS A 136 0.12 -17.54 34.19
N THR A 137 0.25 -18.59 34.99
CA THR A 137 0.85 -18.47 36.33
C THR A 137 1.39 -19.76 36.96
N THR A 138 2.27 -19.57 37.94
CA THR A 138 2.76 -20.67 38.76
C THR A 138 1.62 -21.03 39.73
N TYR A 139 1.47 -22.31 40.04
CA TYR A 139 0.44 -22.77 40.98
C TYR A 139 1.12 -23.42 42.19
N PRO A 140 0.51 -23.28 43.37
CA PRO A 140 -0.79 -22.67 43.57
C PRO A 140 -0.76 -21.15 43.60
N ILE A 141 -1.93 -20.59 43.31
CA ILE A 141 -2.15 -19.17 43.32
C ILE A 141 -2.36 -18.73 44.75
N ASP A 142 -1.88 -17.53 45.08
CA ASP A 142 -2.12 -16.96 46.40
C ASP A 142 -2.49 -15.49 46.35
N GLU A 143 -2.83 -14.95 47.49
CA GLU A 143 -3.26 -13.56 47.61
C GLU A 143 -2.31 -12.55 46.97
N THR A 144 -1.02 -12.90 46.88
CA THR A 144 0.00 -11.97 46.40
C THR A 144 -0.03 -11.81 44.89
N MET A 145 -0.69 -12.73 44.18
CA MET A 145 -0.52 -12.89 42.72
C MET A 145 -1.68 -12.40 41.90
N ILE A 146 -2.61 -11.78 42.58
CA ILE A 146 -3.86 -11.32 42.01
C ILE A 146 -3.77 -10.39 40.76
N HIS A 147 -2.76 -9.52 40.70
CA HIS A 147 -2.59 -8.58 39.57
C HIS A 147 -1.30 -8.88 38.73
N ASN A 148 -0.82 -10.12 38.76
CA ASN A 148 0.46 -10.44 38.13
C ASN A 148 0.26 -10.97 36.73
N GLY A 149 -0.53 -10.26 35.92
CA GLY A 149 -0.76 -10.67 34.55
C GLY A 149 -2.24 -10.74 34.20
N PRO A 150 -2.56 -10.74 32.90
CA PRO A 150 -3.96 -10.71 32.47
C PRO A 150 -4.78 -11.95 32.85
N PRO A 151 -6.04 -11.75 33.25
CA PRO A 151 -6.92 -12.88 33.49
C PRO A 151 -7.24 -13.52 32.18
N HIS A 152 -8.04 -14.58 32.24
CA HIS A 152 -8.44 -15.40 31.08
C HIS A 152 -9.44 -14.61 30.27
N ASN A 153 -9.44 -14.78 28.96
CA ASN A 153 -10.17 -13.84 28.12
C ASN A 153 -11.66 -14.14 28.01
N SER A 154 -12.09 -15.31 28.47
CA SER A 154 -13.50 -15.65 28.51
C SER A 154 -14.31 -14.70 29.41
N ASN A 155 -13.76 -14.31 30.57
CA ASN A 155 -14.47 -13.51 31.57
C ASN A 155 -13.68 -12.28 32.02
N PHE A 156 -12.95 -11.66 31.11
CA PHE A 156 -12.03 -10.60 31.55
C PHE A 156 -12.83 -9.49 32.19
N GLY A 157 -14.06 -9.29 31.70
CA GLY A 157 -14.95 -8.29 32.26
C GLY A 157 -15.14 -8.45 33.73
N TYR A 158 -15.76 -9.52 34.13
CA TYR A 158 -15.98 -9.77 35.54
C TYR A 158 -14.62 -9.71 36.23
N SER A 159 -13.62 -10.36 35.65
CA SER A 159 -12.35 -10.48 36.33
C SER A 159 -11.82 -9.12 36.69
N TYR A 160 -11.82 -8.22 35.73
CA TYR A 160 -11.25 -6.89 35.95
C TYR A 160 -12.07 -6.00 36.91
N ALA A 161 -13.39 -6.16 36.93
CA ALA A 161 -14.21 -5.47 37.91
C ALA A 161 -13.84 -5.95 39.30
N LYS A 162 -13.54 -7.27 39.42
CA LYS A 162 -13.24 -7.85 40.75
C LYS A 162 -11.89 -7.41 41.23
N ARG A 163 -10.93 -7.34 40.31
CA ARG A 163 -9.58 -6.88 40.66
C ARG A 163 -9.63 -5.47 41.11
N MET A 164 -10.45 -4.65 40.44
CA MET A 164 -10.51 -3.26 40.81
C MET A 164 -11.05 -3.12 42.23
N ILE A 165 -11.77 -4.11 42.72
CA ILE A 165 -12.15 -4.07 44.13
C ILE A 165 -10.88 -3.87 45.00
N ASP A 166 -9.86 -4.70 44.77
CA ASP A 166 -8.63 -4.71 45.57
C ASP A 166 -8.01 -3.32 45.55
N VAL A 167 -7.76 -2.83 44.34
CA VAL A 167 -7.34 -1.47 44.09
C VAL A 167 -8.16 -0.40 44.84
N GLN A 168 -9.48 -0.44 44.79
CA GLN A 168 -10.24 0.58 45.54
C GLN A 168 -9.97 0.39 47.02
N ASN A 169 -10.08 -0.85 47.49
CA ASN A 169 -9.82 -1.21 48.86
C ASN A 169 -8.48 -0.73 49.32
N ARG A 170 -7.49 -0.76 48.43
CA ARG A 170 -6.14 -0.20 48.67
C ARG A 170 -6.11 1.34 48.74
N ALA A 171 -6.84 2.01 47.85
CA ALA A 171 -6.90 3.48 47.85
C ALA A 171 -7.58 4.09 49.09
N TYR A 172 -8.75 3.55 49.44
CA TYR A 172 -9.50 4.02 50.61
C TYR A 172 -8.68 3.84 51.87
N PHE A 173 -7.93 2.75 51.91
CA PHE A 173 -7.05 2.49 53.02
C PHE A 173 -5.92 3.45 53.10
N GLN A 174 -5.15 3.55 52.00
CA GLN A 174 -3.93 4.34 52.00
C GLN A 174 -4.18 5.81 52.21
N GLN A 175 -5.42 6.25 51.95
CA GLN A 175 -5.77 7.68 51.95
C GLN A 175 -6.54 8.12 53.22
N TYR A 176 -7.46 7.28 53.72
CA TYR A 176 -8.20 7.59 54.96
C TYR A 176 -8.07 6.52 56.01
N GLY A 177 -7.22 5.52 55.77
CA GLY A 177 -7.02 4.44 56.73
C GLY A 177 -8.27 3.60 56.93
N CYS A 178 -9.06 3.42 55.87
CA CYS A 178 -10.24 2.59 55.91
C CYS A 178 -9.83 1.12 55.92
N THR A 179 -10.44 0.34 56.82
CA THR A 179 -10.28 -1.11 56.79
C THR A 179 -11.32 -1.71 55.84
N PHE A 180 -11.10 -1.51 54.55
CA PHE A 180 -11.93 -2.08 53.49
C PHE A 180 -11.11 -3.20 52.87
N THR A 181 -11.63 -4.43 52.94
CA THR A 181 -10.87 -5.57 52.52
C THR A 181 -11.77 -6.44 51.70
N ALA A 182 -11.35 -7.67 51.41
CA ALA A 182 -12.19 -8.58 50.67
C ALA A 182 -11.80 -10.06 50.88
N VAL A 183 -12.74 -10.95 50.55
CA VAL A 183 -12.43 -12.37 50.54
C VAL A 183 -12.47 -12.82 49.10
N ILE A 184 -11.75 -13.93 48.83
CA ILE A 184 -11.58 -14.54 47.51
C ILE A 184 -12.00 -16.00 47.52
N PRO A 185 -13.29 -16.26 47.32
CA PRO A 185 -13.72 -17.67 47.33
C PRO A 185 -13.42 -18.38 46.02
N THR A 186 -13.19 -19.71 46.10
CA THR A 186 -13.20 -20.58 44.91
C THR A 186 -14.65 -20.77 44.45
N ASN A 187 -14.85 -21.59 43.40
CA ASN A 187 -16.19 -21.83 42.86
C ASN A 187 -17.14 -22.27 43.98
N VAL A 188 -18.19 -21.48 44.20
CA VAL A 188 -19.15 -21.71 45.28
C VAL A 188 -20.36 -22.43 44.70
N PHE A 189 -20.92 -23.32 45.52
CA PHE A 189 -22.16 -24.03 45.23
C PHE A 189 -22.84 -24.29 46.57
N GLY A 190 -24.15 -24.52 46.52
CA GLY A 190 -24.94 -24.76 47.71
C GLY A 190 -26.43 -24.71 47.39
N PRO A 191 -27.29 -24.69 48.43
CA PRO A 191 -28.70 -24.35 48.26
C PRO A 191 -28.89 -22.95 47.71
N HIS A 192 -30.08 -22.67 47.18
CA HIS A 192 -30.45 -21.32 46.70
C HIS A 192 -29.51 -20.78 45.61
N ASP A 193 -28.79 -21.70 44.95
CA ASP A 193 -27.90 -21.36 43.85
C ASP A 193 -28.75 -20.95 42.64
N ASN A 194 -28.12 -20.48 41.57
CA ASN A 194 -28.80 -20.29 40.31
C ASN A 194 -28.65 -21.53 39.42
N PHE A 195 -29.74 -22.25 39.17
CA PHE A 195 -29.67 -23.54 38.46
C PHE A 195 -30.07 -23.42 36.99
N ASN A 196 -30.13 -22.17 36.49
CA ASN A 196 -30.33 -21.95 35.07
C ASN A 196 -29.15 -22.62 34.36
N ILE A 197 -29.46 -23.60 33.51
CA ILE A 197 -28.43 -24.42 32.83
C ILE A 197 -27.57 -23.56 31.92
N GLU A 198 -28.21 -22.63 31.23
CA GLU A 198 -27.54 -21.87 30.19
C GLU A 198 -26.57 -20.88 30.79
N ASP A 199 -27.02 -20.16 31.82
CA ASP A 199 -26.27 -19.06 32.40
C ASP A 199 -25.59 -19.40 33.72
N GLY A 200 -25.90 -20.55 34.30
CA GLY A 200 -25.38 -20.89 35.63
C GLY A 200 -24.04 -21.60 35.58
N HIS A 201 -23.52 -21.83 36.79
CA HIS A 201 -22.27 -22.57 37.01
C HIS A 201 -22.37 -24.09 36.82
N VAL A 202 -21.23 -24.71 36.55
CA VAL A 202 -21.17 -26.14 36.22
C VAL A 202 -22.01 -27.05 37.12
N LEU A 203 -21.81 -27.01 38.43
CA LEU A 203 -22.52 -27.91 39.36
C LEU A 203 -24.02 -27.69 39.40
N PRO A 204 -24.49 -26.45 39.62
CA PRO A 204 -25.93 -26.25 39.47
C PRO A 204 -26.41 -26.63 38.05
N GLY A 205 -25.59 -26.32 37.05
CA GLY A 205 -25.88 -26.77 35.69
C GLY A 205 -26.14 -28.27 35.65
N LEU A 206 -25.22 -29.06 36.20
CA LEU A 206 -25.31 -30.53 36.09
C LEU A 206 -26.51 -31.14 36.85
N ILE A 207 -26.78 -30.59 38.03
CA ILE A 207 -27.88 -31.07 38.85
C ILE A 207 -29.20 -30.86 38.13
N HIS A 208 -29.36 -29.72 37.47
CA HIS A 208 -30.60 -29.42 36.76
C HIS A 208 -30.68 -30.29 35.50
N LYS A 209 -29.52 -30.54 34.91
CA LYS A 209 -29.42 -31.41 33.73
C LYS A 209 -29.74 -32.86 34.06
N VAL A 210 -29.21 -33.34 35.19
CA VAL A 210 -29.48 -34.71 35.66
C VAL A 210 -30.96 -34.87 35.98
N HIS A 211 -31.51 -33.87 36.65
CA HIS A 211 -32.91 -33.84 37.03
C HIS A 211 -33.81 -34.00 35.80
N LEU A 212 -33.53 -33.20 34.78
CA LEU A 212 -34.17 -33.29 33.45
C LEU A 212 -33.86 -34.63 32.72
N ALA A 213 -32.74 -35.27 33.06
CA ALA A 213 -32.35 -36.54 32.43
C ALA A 213 -33.02 -37.77 33.04
N LYS A 214 -33.32 -37.72 34.34
CA LYS A 214 -34.17 -38.75 34.96
C LYS A 214 -35.61 -38.59 34.46
N SER A 215 -36.10 -37.36 34.40
CA SER A 215 -37.49 -37.09 34.00
C SER A 215 -37.77 -37.43 32.54
N SER A 216 -36.78 -37.30 31.66
CA SER A 216 -37.01 -37.47 30.21
C SER A 216 -36.60 -38.85 29.69
N GLY A 217 -35.78 -39.56 30.46
CA GLY A 217 -35.11 -40.76 29.95
C GLY A 217 -33.94 -40.43 29.03
N SER A 218 -33.42 -39.20 29.13
CA SER A 218 -32.34 -38.74 28.27
C SER A 218 -31.00 -39.13 28.85
N ALA A 219 -29.97 -38.90 28.03
CA ALA A 219 -28.58 -39.01 28.43
C ALA A 219 -28.21 -37.78 29.24
N LEU A 220 -27.12 -37.89 30.00
CA LEU A 220 -26.49 -36.71 30.61
C LEU A 220 -25.40 -36.20 29.69
N THR A 221 -25.53 -34.94 29.25
CA THR A 221 -24.56 -34.27 28.39
C THR A 221 -23.70 -33.29 29.21
N VAL A 222 -22.46 -33.70 29.50
CA VAL A 222 -21.47 -32.81 30.13
C VAL A 222 -20.76 -31.90 29.09
N TRP A 223 -20.59 -30.63 29.42
CA TRP A 223 -19.97 -29.73 28.51
C TRP A 223 -18.45 -29.82 28.65
N GLY A 224 -17.75 -29.76 27.52
CA GLY A 224 -16.30 -29.81 27.52
C GLY A 224 -15.68 -31.19 27.47
N THR A 225 -14.40 -31.27 27.80
CA THR A 225 -13.66 -32.54 27.93
C THR A 225 -13.88 -33.24 29.28
N GLY A 226 -14.07 -32.45 30.34
CA GLY A 226 -14.15 -32.96 31.71
C GLY A 226 -12.80 -32.99 32.45
N ASN A 227 -11.75 -32.52 31.76
CA ASN A 227 -10.39 -32.48 32.30
C ASN A 227 -10.07 -31.28 33.17
N PRO A 228 -10.77 -30.15 32.96
CA PRO A 228 -10.52 -28.98 33.80
C PRO A 228 -10.65 -29.27 35.27
N ARG A 229 -9.88 -28.55 36.08
CA ARG A 229 -9.78 -28.82 37.50
C ARG A 229 -10.36 -27.63 38.27
N ARG A 230 -11.15 -27.90 39.29
CA ARG A 230 -11.75 -26.85 40.10
C ARG A 230 -11.72 -27.25 41.57
N GLN A 231 -11.65 -26.23 42.43
CA GLN A 231 -11.87 -26.36 43.86
C GLN A 231 -13.28 -25.81 44.13
N PHE A 232 -14.10 -26.60 44.82
CA PHE A 232 -15.43 -26.16 45.20
C PHE A 232 -15.57 -26.02 46.71
N ILE A 233 -16.19 -24.93 47.13
CA ILE A 233 -16.41 -24.64 48.54
C ILE A 233 -17.91 -24.57 48.79
N TYR A 234 -18.35 -25.20 49.86
CA TYR A 234 -19.77 -25.31 50.15
C TYR A 234 -20.24 -24.01 50.80
N SER A 235 -21.39 -23.50 50.36
CA SER A 235 -21.83 -22.14 50.72
C SER A 235 -21.99 -22.00 52.22
N LEU A 236 -22.47 -23.06 52.86
CA LEU A 236 -22.50 -23.16 54.33
C LEU A 236 -21.14 -23.10 55.02
N ASP A 237 -20.09 -23.63 54.39
CA ASP A 237 -18.73 -23.46 54.94
C ASP A 237 -18.29 -22.01 54.77
N LEU A 238 -18.36 -21.55 53.53
CA LEU A 238 -17.96 -20.21 53.18
C LEU A 238 -18.67 -19.15 53.99
N ALA A 239 -19.95 -19.37 54.28
CA ALA A 239 -20.72 -18.41 55.07
C ALA A 239 -20.12 -18.22 56.46
N GLN A 240 -19.66 -19.30 57.10
CA GLN A 240 -19.12 -19.21 58.47
C GLN A 240 -17.78 -18.46 58.45
N LEU A 241 -16.91 -18.85 57.52
CA LEU A 241 -15.64 -18.16 57.30
C LEU A 241 -15.83 -16.67 57.02
N PHE A 242 -16.86 -16.35 56.24
CA PHE A 242 -17.16 -14.96 55.88
C PHE A 242 -17.46 -14.22 57.17
N ILE A 243 -18.36 -14.80 57.96
CA ILE A 243 -18.71 -14.25 59.27
C ILE A 243 -17.47 -14.07 60.15
N TRP A 244 -16.58 -15.06 60.16
CA TRP A 244 -15.37 -14.97 60.97
C TRP A 244 -14.51 -13.80 60.49
N VAL A 245 -14.37 -13.71 59.17
CA VAL A 245 -13.61 -12.63 58.58
C VAL A 245 -14.20 -11.29 59.05
N LEU A 246 -15.53 -11.17 59.06
CA LEU A 246 -16.17 -9.89 59.37
C LEU A 246 -15.94 -9.48 60.81
N ARG A 247 -15.78 -10.45 61.69
CA ARG A 247 -15.51 -10.18 63.10
C ARG A 247 -14.02 -10.05 63.43
N GLU A 248 -13.14 -10.76 62.72
CA GLU A 248 -11.79 -11.02 63.24
C GLU A 248 -10.62 -10.70 62.32
N TYR A 249 -10.85 -10.57 61.01
CA TYR A 249 -9.76 -10.36 60.05
C TYR A 249 -9.62 -8.90 59.73
N ASN A 250 -8.44 -8.35 60.03
CA ASN A 250 -8.19 -6.91 59.99
C ASN A 250 -7.18 -6.43 58.95
N GLU A 251 -6.61 -7.32 58.15
CA GLU A 251 -5.78 -6.87 57.03
C GLU A 251 -6.65 -6.29 55.91
N VAL A 252 -6.06 -5.37 55.16
CA VAL A 252 -6.69 -4.87 53.94
C VAL A 252 -6.48 -5.90 52.84
N GLU A 253 -5.24 -6.41 52.69
CA GLU A 253 -4.96 -7.40 51.62
C GLU A 253 -5.97 -8.51 51.78
N PRO A 254 -6.55 -8.99 50.68
CA PRO A 254 -7.67 -9.94 50.85
C PRO A 254 -7.21 -11.32 51.33
N ILE A 255 -8.15 -12.26 51.48
CA ILE A 255 -7.87 -13.64 51.96
C ILE A 255 -8.64 -14.74 51.21
N ILE A 256 -7.91 -15.73 50.71
CA ILE A 256 -8.51 -16.85 49.99
C ILE A 256 -9.33 -17.78 50.88
N LEU A 257 -10.60 -17.93 50.52
CA LEU A 257 -11.46 -18.94 51.12
C LEU A 257 -11.69 -20.10 50.14
N SER A 258 -10.82 -21.10 50.21
CA SER A 258 -11.02 -22.35 49.48
C SER A 258 -10.73 -23.51 50.37
N VAL A 259 -11.19 -24.66 49.93
CA VAL A 259 -10.70 -25.94 50.43
C VAL A 259 -9.20 -26.05 50.10
N GLY A 260 -8.54 -27.12 50.52
CA GLY A 260 -7.10 -27.28 50.25
C GLY A 260 -6.75 -27.60 48.80
N GLU A 261 -5.49 -27.41 48.43
CA GLU A 261 -4.97 -27.88 47.15
C GLU A 261 -5.33 -29.35 46.92
N GLU A 262 -5.27 -30.16 47.98
CA GLU A 262 -5.55 -31.61 47.84
C GLU A 262 -7.01 -31.97 47.53
N ASP A 263 -7.94 -31.07 47.81
CA ASP A 263 -9.37 -31.35 47.56
C ASP A 263 -9.84 -30.73 46.21
N GLU A 264 -8.97 -30.75 45.20
CA GLU A 264 -9.28 -30.22 43.87
C GLU A 264 -9.81 -31.34 43.01
N VAL A 265 -10.95 -31.10 42.36
CA VAL A 265 -11.65 -32.11 41.57
C VAL A 265 -11.57 -31.75 40.10
N SER A 266 -11.63 -32.73 39.21
CA SER A 266 -11.78 -32.47 37.79
C SER A 266 -13.27 -32.30 37.51
N ILE A 267 -13.62 -31.76 36.36
CA ILE A 267 -15.05 -31.66 35.99
C ILE A 267 -15.70 -33.05 35.85
N LYS A 268 -14.94 -34.05 35.41
CA LYS A 268 -15.49 -35.42 35.25
C LYS A 268 -15.91 -36.02 36.60
N GLU A 269 -15.07 -35.81 37.61
CA GLU A 269 -15.36 -36.27 38.96
C GLU A 269 -16.52 -35.52 39.57
N ALA A 270 -16.56 -34.22 39.29
CA ALA A 270 -17.69 -33.38 39.62
C ALA A 270 -18.95 -33.98 39.04
N ALA A 271 -18.93 -34.35 37.76
CA ALA A 271 -20.13 -34.88 37.13
C ALA A 271 -20.53 -36.23 37.76
N GLU A 272 -19.55 -37.05 38.10
CA GLU A 272 -19.83 -38.33 38.73
C GLU A 272 -20.49 -38.16 40.10
N ALA A 273 -20.02 -37.16 40.86
CA ALA A 273 -20.55 -36.94 42.21
C ALA A 273 -22.03 -36.58 42.16
N VAL A 274 -22.38 -35.67 41.24
CA VAL A 274 -23.77 -35.32 40.98
C VAL A 274 -24.57 -36.55 40.58
N VAL A 275 -23.97 -37.36 39.68
CA VAL A 275 -24.62 -38.56 39.13
C VAL A 275 -24.84 -39.59 40.22
N GLU A 276 -23.81 -39.85 41.04
CA GLU A 276 -23.98 -40.75 42.17
C GLU A 276 -25.09 -40.20 43.07
N ALA A 277 -25.04 -38.92 43.40
CA ALA A 277 -25.97 -38.37 44.40
C ALA A 277 -27.44 -38.50 43.98
N MET A 278 -27.71 -38.28 42.70
CA MET A 278 -29.08 -38.26 42.19
C MET A 278 -29.48 -39.60 41.57
N ASP A 279 -28.63 -40.62 41.76
CA ASP A 279 -28.99 -42.02 41.46
C ASP A 279 -29.30 -42.22 39.97
N PHE A 280 -28.56 -41.49 39.13
CA PHE A 280 -28.76 -41.50 37.68
C PHE A 280 -28.00 -42.67 37.06
N HIS A 281 -28.70 -43.46 36.23
CA HIS A 281 -28.13 -44.65 35.58
C HIS A 281 -28.07 -44.56 34.06
N GLY A 282 -28.50 -43.43 33.51
CA GLY A 282 -28.42 -43.22 32.07
C GLY A 282 -27.00 -42.96 31.62
N GLU A 283 -26.85 -42.83 30.30
CA GLU A 283 -25.56 -42.53 29.70
C GLU A 283 -25.03 -41.16 30.20
N VAL A 284 -23.71 -41.06 30.27
CA VAL A 284 -23.03 -39.82 30.58
C VAL A 284 -22.10 -39.53 29.43
N THR A 285 -22.15 -38.30 28.94
CA THR A 285 -21.57 -37.94 27.65
C THR A 285 -20.88 -36.62 27.79
N PHE A 286 -19.92 -36.35 26.92
CA PHE A 286 -19.18 -35.08 26.91
C PHE A 286 -19.26 -34.44 25.51
N ASP A 287 -19.52 -33.14 25.46
CA ASP A 287 -19.51 -32.44 24.19
C ASP A 287 -18.22 -31.66 24.17
N THR A 288 -17.19 -32.28 23.60
CA THR A 288 -15.87 -31.71 23.55
C THR A 288 -15.78 -30.46 22.66
N THR A 289 -16.76 -30.23 21.80
CA THR A 289 -16.81 -28.98 21.04
C THR A 289 -17.05 -27.75 21.93
N LYS A 290 -17.70 -27.95 23.08
CA LYS A 290 -17.96 -26.86 24.01
C LYS A 290 -16.69 -26.46 24.75
N SER A 291 -16.71 -25.26 25.32
CA SER A 291 -15.52 -24.63 25.88
C SER A 291 -15.25 -25.06 27.33
N ASP A 292 -14.00 -25.43 27.58
CA ASP A 292 -13.51 -25.78 28.92
C ASP A 292 -13.16 -24.56 29.76
N GLY A 293 -13.11 -23.39 29.16
CA GLY A 293 -12.60 -22.23 29.87
C GLY A 293 -11.20 -22.47 30.41
N GLN A 294 -10.89 -21.79 31.52
CA GLN A 294 -9.60 -21.90 32.17
C GLN A 294 -9.45 -23.35 32.55
N PHE A 295 -8.27 -23.95 32.31
CA PHE A 295 -8.06 -25.35 32.61
C PHE A 295 -7.97 -25.63 34.12
N LYS A 296 -7.40 -24.69 34.87
CA LYS A 296 -7.11 -24.90 36.29
C LYS A 296 -6.72 -23.58 36.99
N LYS A 297 -7.01 -23.45 38.27
CA LYS A 297 -6.70 -22.19 39.00
C LYS A 297 -6.48 -22.49 40.47
N THR A 298 -5.70 -23.54 40.69
CA THR A 298 -5.38 -24.09 41.98
C THR A 298 -4.90 -23.02 42.97
N ALA A 299 -5.67 -22.79 44.01
CA ALA A 299 -5.40 -21.71 44.95
C ALA A 299 -4.94 -22.29 46.28
N SER A 300 -4.14 -21.52 47.02
CA SER A 300 -3.57 -21.97 48.28
C SER A 300 -4.30 -21.32 49.46
N ASN A 301 -4.71 -22.12 50.43
CA ASN A 301 -5.37 -21.56 51.61
C ASN A 301 -4.44 -21.48 52.80
N SER A 302 -3.15 -21.64 52.54
CA SER A 302 -2.15 -21.51 53.58
C SER A 302 -2.38 -20.24 54.43
N LYS A 303 -2.80 -19.13 53.82
CA LYS A 303 -3.09 -17.92 54.61
C LYS A 303 -4.20 -18.17 55.63
N LEU A 304 -5.39 -18.49 55.13
CA LEU A 304 -6.52 -18.90 55.97
C LEU A 304 -6.05 -19.80 57.11
N ARG A 305 -5.30 -20.84 56.75
CA ARG A 305 -4.83 -21.83 57.71
C ARG A 305 -4.00 -21.24 58.84
N THR A 306 -3.21 -20.22 58.54
CA THR A 306 -2.44 -19.53 59.59
C THR A 306 -3.35 -18.72 60.55
N TYR A 307 -4.64 -18.56 60.23
CA TYR A 307 -5.65 -18.04 61.17
C TYR A 307 -6.52 -19.14 61.75
N LEU A 308 -7.00 -20.06 60.91
CA LEU A 308 -7.95 -21.08 61.37
C LEU A 308 -7.46 -22.48 61.01
N PRO A 309 -6.38 -22.93 61.64
CA PRO A 309 -5.82 -24.23 61.26
C PRO A 309 -6.79 -25.40 61.46
N ASP A 310 -7.67 -25.29 62.47
CA ASP A 310 -8.56 -26.40 62.88
C ASP A 310 -9.96 -26.41 62.21
N PHE A 311 -10.27 -25.43 61.35
CA PHE A 311 -11.55 -25.44 60.60
C PHE A 311 -11.53 -26.47 59.47
N ARG A 312 -12.57 -27.29 59.38
CA ARG A 312 -12.61 -28.42 58.43
C ARG A 312 -13.78 -28.27 57.48
N PHE A 313 -13.50 -28.29 56.17
CA PHE A 313 -14.53 -28.10 55.14
C PHE A 313 -15.43 -29.31 55.03
N THR A 314 -16.67 -29.11 54.60
CA THR A 314 -17.63 -30.23 54.47
C THR A 314 -17.19 -31.13 53.28
N PRO A 315 -16.93 -32.42 53.52
CA PRO A 315 -16.50 -33.21 52.36
C PRO A 315 -17.34 -32.93 51.10
N PHE A 316 -16.68 -33.05 49.95
CA PHE A 316 -17.27 -32.67 48.67
C PHE A 316 -18.49 -33.50 48.27
N LYS A 317 -18.44 -34.81 48.49
CA LYS A 317 -19.56 -35.67 48.10
C LYS A 317 -20.82 -35.36 48.89
N GLN A 318 -20.64 -35.25 50.19
CA GLN A 318 -21.74 -34.94 51.11
C GLN A 318 -22.39 -33.58 50.80
N ALA A 319 -21.57 -32.56 50.60
CA ALA A 319 -22.05 -31.24 50.14
C ALA A 319 -22.82 -31.29 48.82
N VAL A 320 -22.41 -32.19 47.93
CA VAL A 320 -23.13 -32.49 46.68
C VAL A 320 -24.46 -33.23 46.94
N LYS A 321 -24.46 -34.20 47.87
CA LYS A 321 -25.70 -34.91 48.23
C LYS A 321 -26.71 -33.90 48.81
N GLU A 322 -26.27 -33.18 49.84
CA GLU A 322 -27.10 -32.12 50.40
C GLU A 322 -27.60 -31.11 49.35
N THR A 323 -26.74 -30.66 48.45
CA THR A 323 -27.15 -29.66 47.48
C THR A 323 -28.22 -30.22 46.53
N CYS A 324 -28.05 -31.45 46.06
CA CYS A 324 -29.05 -32.11 45.22
C CYS A 324 -30.39 -32.35 45.93
N ALA A 325 -30.33 -32.84 47.17
CA ALA A 325 -31.52 -33.05 47.97
C ALA A 325 -32.34 -31.75 47.95
N TRP A 326 -31.67 -30.64 48.23
CA TRP A 326 -32.30 -29.32 48.29
C TRP A 326 -33.00 -29.00 46.98
N PHE A 327 -32.28 -29.16 45.87
CA PHE A 327 -32.84 -28.83 44.54
C PHE A 327 -34.09 -29.63 44.23
N THR A 328 -34.03 -30.94 44.46
CA THR A 328 -35.16 -31.82 44.19
C THR A 328 -36.35 -31.45 45.10
N ASP A 329 -36.07 -31.25 46.38
CA ASP A 329 -37.11 -30.89 47.35
C ASP A 329 -37.54 -29.41 47.21
N ASN A 330 -36.88 -28.63 46.38
CA ASN A 330 -37.35 -27.27 46.15
C ASN A 330 -37.37 -26.85 44.68
N TYR A 331 -37.53 -27.81 43.78
CA TYR A 331 -37.44 -27.53 42.35
C TYR A 331 -38.33 -26.36 41.94
N GLU A 332 -39.60 -26.38 42.33
CA GLU A 332 -40.56 -25.32 41.94
C GLU A 332 -40.09 -23.92 42.29
N GLN A 333 -39.51 -23.72 43.48
CA GLN A 333 -39.03 -22.37 43.91
C GLN A 333 -37.56 -22.01 43.58
N ALA A 334 -36.74 -22.96 43.14
CA ALA A 334 -35.35 -22.69 42.77
C ALA A 334 -35.25 -21.68 41.59
N ARG A 335 -34.02 -21.29 41.23
CA ARG A 335 -33.77 -20.48 40.04
C ARG A 335 -33.27 -21.38 38.90
N ASN B 17 32.10 -34.93 -11.54
CA ASN B 17 30.68 -34.42 -11.50
C ASN B 17 30.58 -33.06 -10.81
N LEU B 18 31.14 -33.02 -9.59
CA LEU B 18 31.19 -31.87 -8.64
C LEU B 18 30.44 -30.56 -8.96
N TYR B 19 30.36 -29.71 -7.93
CA TYR B 19 29.73 -28.37 -8.02
C TYR B 19 28.23 -28.36 -8.39
N PHE B 20 27.67 -29.51 -8.72
CA PHE B 20 26.21 -29.68 -8.83
C PHE B 20 25.87 -31.17 -8.94
N GLN B 21 24.95 -31.63 -8.09
CA GLN B 21 24.50 -33.02 -8.12
C GLN B 21 22.99 -33.08 -8.36
N SER B 22 22.60 -33.80 -9.43
CA SER B 22 21.19 -34.00 -9.77
C SER B 22 20.37 -34.39 -8.54
N MET B 23 19.08 -34.04 -8.56
CA MET B 23 18.21 -34.24 -7.41
C MET B 23 17.05 -35.20 -7.69
N ARG B 24 16.76 -36.01 -6.68
CA ARG B 24 15.64 -36.95 -6.66
C ARG B 24 14.86 -36.57 -5.41
N ILE B 25 13.85 -35.72 -5.57
CA ILE B 25 13.18 -35.13 -4.43
C ILE B 25 11.89 -35.88 -4.08
N LEU B 26 11.83 -36.41 -2.86
CA LEU B 26 10.71 -37.22 -2.39
C LEU B 26 9.78 -36.43 -1.48
N VAL B 27 8.52 -36.33 -1.87
CA VAL B 27 7.55 -35.50 -1.16
C VAL B 27 6.47 -36.36 -0.52
N THR B 28 6.61 -36.59 0.77
CA THR B 28 5.57 -37.27 1.51
C THR B 28 4.40 -36.32 1.66
N GLY B 29 3.20 -36.91 1.81
CA GLY B 29 1.94 -36.18 1.95
C GLY B 29 1.66 -35.25 0.79
N GLY B 30 1.98 -35.70 -0.41
CA GLY B 30 1.84 -34.88 -1.61
C GLY B 30 0.40 -34.60 -2.05
N SER B 31 -0.54 -35.37 -1.52
CA SER B 31 -1.92 -35.35 -1.97
C SER B 31 -2.77 -34.36 -1.16
N GLY B 32 -2.27 -34.00 0.03
CA GLY B 32 -2.97 -33.05 0.92
C GLY B 32 -2.91 -31.60 0.48
N LEU B 33 -3.31 -30.71 1.38
CA LEU B 33 -3.37 -29.29 1.06
C LEU B 33 -2.04 -28.75 0.53
N VAL B 34 -0.98 -28.99 1.28
CA VAL B 34 0.33 -28.43 1.01
C VAL B 34 1.01 -29.13 -0.19
N GLY B 35 0.88 -30.45 -0.27
CA GLY B 35 1.49 -31.18 -1.35
C GLY B 35 0.90 -30.85 -2.71
N LYS B 36 -0.42 -30.74 -2.79
CA LYS B 36 -1.08 -30.45 -4.08
C LYS B 36 -0.68 -29.04 -4.53
N ALA B 37 -0.54 -28.13 -3.58
CA ALA B 37 -0.02 -26.83 -3.91
C ALA B 37 1.39 -26.97 -4.46
N ILE B 38 2.24 -27.74 -3.77
CA ILE B 38 3.63 -27.91 -4.21
C ILE B 38 3.69 -28.57 -5.60
N GLN B 39 2.79 -29.52 -5.85
CA GLN B 39 2.71 -30.14 -7.18
C GLN B 39 2.35 -29.14 -8.25
N LYS B 40 1.39 -28.27 -7.97
CA LYS B 40 0.96 -27.26 -8.93
C LYS B 40 2.16 -26.42 -9.38
N VAL B 41 2.85 -25.83 -8.40
CA VAL B 41 3.91 -24.87 -8.69
C VAL B 41 5.08 -25.50 -9.44
N VAL B 42 5.53 -26.67 -8.98
CA VAL B 42 6.61 -27.38 -9.68
C VAL B 42 6.20 -27.77 -11.10
N ALA B 43 4.96 -28.25 -11.25
CA ALA B 43 4.45 -28.71 -12.54
C ALA B 43 4.32 -27.55 -13.52
N ASP B 44 3.57 -26.53 -13.10
CA ASP B 44 3.29 -25.36 -13.93
C ASP B 44 4.51 -24.49 -14.26
N GLY B 45 5.70 -24.83 -13.72
CA GLY B 45 6.96 -24.21 -14.17
C GLY B 45 8.17 -24.22 -13.24
N ALA B 46 7.96 -24.33 -11.93
CA ALA B 46 9.02 -24.11 -10.93
C ALA B 46 9.97 -25.31 -10.64
N GLY B 47 9.98 -26.31 -11.52
CA GLY B 47 10.90 -27.44 -11.39
C GLY B 47 12.06 -27.25 -12.34
N LEU B 48 13.27 -27.45 -11.82
CA LEU B 48 14.48 -27.24 -12.62
C LEU B 48 14.81 -28.50 -13.41
N PRO B 49 15.42 -28.34 -14.60
CA PRO B 49 16.03 -29.49 -15.27
C PRO B 49 17.03 -30.21 -14.36
N GLY B 50 17.01 -31.54 -14.39
CA GLY B 50 17.88 -32.37 -13.56
C GLY B 50 17.37 -32.60 -12.15
N GLU B 51 16.14 -32.16 -11.87
CA GLU B 51 15.46 -32.51 -10.64
C GLU B 51 14.43 -33.54 -11.03
N ASP B 52 14.28 -34.56 -10.19
CA ASP B 52 13.21 -35.50 -10.31
C ASP B 52 12.32 -35.40 -9.07
N TRP B 53 11.09 -34.91 -9.23
CA TRP B 53 10.13 -34.82 -8.14
C TRP B 53 9.29 -36.10 -8.08
N VAL B 54 9.19 -36.72 -6.92
CA VAL B 54 8.36 -37.92 -6.71
C VAL B 54 7.43 -37.70 -5.52
N PHE B 55 6.13 -37.62 -5.81
CA PHE B 55 5.10 -37.30 -4.80
C PHE B 55 4.34 -38.55 -4.41
N VAL B 56 4.28 -38.81 -3.12
CA VAL B 56 3.63 -39.99 -2.60
C VAL B 56 2.56 -39.63 -1.58
N SER B 57 1.76 -40.64 -1.25
CA SER B 57 0.63 -40.53 -0.34
C SER B 57 0.46 -41.91 0.33
N SER B 58 -0.65 -42.11 1.05
CA SER B 58 -0.73 -43.28 1.93
C SER B 58 -0.90 -44.57 1.12
N LYS B 59 -1.44 -44.43 -0.08
CA LYS B 59 -1.48 -45.51 -1.09
C LYS B 59 -0.11 -46.16 -1.27
N ASP B 60 0.93 -45.32 -1.32
CA ASP B 60 2.29 -45.74 -1.70
C ASP B 60 3.05 -46.39 -0.56
N ALA B 61 2.64 -46.10 0.66
CA ALA B 61 3.24 -46.65 1.89
C ALA B 61 2.64 -45.91 3.06
N ASP B 62 2.24 -46.68 4.07
CA ASP B 62 1.72 -46.15 5.33
C ASP B 62 2.94 -45.81 6.19
N LEU B 63 3.22 -44.52 6.34
CA LEU B 63 4.48 -44.11 6.99
C LEU B 63 4.50 -44.43 8.51
N THR B 64 3.44 -45.05 9.03
CA THR B 64 3.47 -45.60 10.37
C THR B 64 4.16 -46.97 10.39
N ASP B 65 3.96 -47.81 9.37
CA ASP B 65 4.76 -49.06 9.28
C ASP B 65 6.19 -48.73 8.89
N THR B 66 7.14 -49.14 9.72
CA THR B 66 8.56 -49.06 9.41
C THR B 66 8.90 -49.82 8.12
N ALA B 67 8.40 -51.04 7.96
CA ALA B 67 8.78 -51.86 6.79
C ALA B 67 8.49 -51.14 5.49
N GLN B 68 7.26 -50.65 5.39
CA GLN B 68 6.79 -49.93 4.20
C GLN B 68 7.58 -48.64 3.94
N THR B 69 7.70 -47.76 4.94
CA THR B 69 8.54 -46.56 4.82
C THR B 69 9.91 -46.94 4.23
N ARG B 70 10.58 -47.86 4.93
CA ARG B 70 11.89 -48.35 4.56
C ARG B 70 11.92 -48.84 3.12
N ALA B 71 10.91 -49.62 2.75
CA ALA B 71 10.79 -50.15 1.38
C ALA B 71 10.69 -49.04 0.34
N LEU B 72 9.95 -47.99 0.67
CA LEU B 72 9.80 -46.84 -0.22
C LEU B 72 11.16 -46.14 -0.41
N PHE B 73 11.82 -45.82 0.70
CA PHE B 73 13.13 -45.15 0.65
C PHE B 73 14.22 -45.97 -0.09
N GLU B 74 14.05 -47.29 -0.17
CA GLU B 74 14.94 -48.11 -0.99
C GLU B 74 14.55 -48.07 -2.47
N LYS B 75 13.25 -48.10 -2.77
CA LYS B 75 12.79 -48.07 -4.17
C LYS B 75 13.20 -46.76 -4.83
N VAL B 76 12.71 -45.66 -4.27
CA VAL B 76 13.14 -44.32 -4.62
C VAL B 76 14.50 -44.22 -3.98
N GLN B 77 15.41 -43.39 -4.49
CA GLN B 77 16.62 -43.08 -3.72
C GLN B 77 16.76 -41.56 -3.66
N PRO B 78 16.05 -40.93 -2.71
CA PRO B 78 15.95 -39.47 -2.63
C PRO B 78 17.23 -38.76 -2.14
N THR B 79 17.68 -37.78 -2.90
CA THR B 79 18.78 -36.91 -2.48
C THR B 79 18.22 -35.89 -1.51
N HIS B 80 16.89 -35.67 -1.59
CA HIS B 80 16.17 -34.69 -0.79
C HIS B 80 14.77 -35.21 -0.41
N VAL B 81 14.23 -34.70 0.68
CA VAL B 81 12.88 -35.05 1.12
C VAL B 81 12.14 -33.83 1.66
N ILE B 82 10.95 -33.59 1.14
CA ILE B 82 10.04 -32.68 1.77
C ILE B 82 9.03 -33.56 2.49
N HIS B 83 9.02 -33.52 3.81
CA HIS B 83 8.19 -34.43 4.62
C HIS B 83 6.91 -33.71 5.00
N LEU B 84 5.80 -33.99 4.31
CA LEU B 84 4.51 -33.35 4.62
C LEU B 84 3.55 -34.27 5.38
N ALA B 85 3.81 -35.57 5.36
CA ALA B 85 2.89 -36.53 5.98
C ALA B 85 2.71 -36.24 7.45
N ALA B 86 1.46 -36.35 7.89
CA ALA B 86 1.06 -36.08 9.26
C ALA B 86 -0.42 -36.39 9.44
N MET B 87 -0.79 -36.82 10.64
CA MET B 87 -2.18 -36.79 11.04
C MET B 87 -2.53 -35.33 11.32
N VAL B 88 -3.37 -34.73 10.51
CA VAL B 88 -3.74 -33.31 10.68
C VAL B 88 -5.23 -33.10 10.87
N GLY B 89 -5.59 -32.22 11.80
CA GLY B 89 -6.97 -31.73 11.89
C GLY B 89 -7.12 -30.35 12.53
N GLY B 90 -8.34 -29.84 12.52
CA GLY B 90 -8.64 -28.58 13.20
C GLY B 90 -8.69 -28.72 14.70
N LEU B 91 -9.06 -27.61 15.35
CA LEU B 91 -9.05 -27.53 16.81
C LEU B 91 -9.84 -28.69 17.44
N PHE B 92 -11.02 -28.96 16.88
CA PHE B 92 -11.96 -29.88 17.47
C PHE B 92 -11.61 -31.35 17.24
N ARG B 93 -10.88 -31.64 16.17
CA ARG B 93 -10.36 -32.97 15.98
C ARG B 93 -9.26 -33.25 16.97
N ASN B 94 -8.39 -32.27 17.13
CA ASN B 94 -7.33 -32.34 18.10
C ASN B 94 -7.86 -32.60 19.52
N ILE B 95 -8.85 -31.83 19.94
CA ILE B 95 -9.36 -31.98 21.30
C ILE B 95 -9.72 -33.45 21.56
N LYS B 96 -10.28 -34.12 20.56
CA LYS B 96 -10.81 -35.49 20.74
C LYS B 96 -9.70 -36.52 20.87
N TYR B 97 -8.65 -36.36 20.06
CA TYR B 97 -7.71 -37.44 19.74
C TYR B 97 -6.22 -37.07 19.92
N ASN B 98 -5.82 -36.66 21.12
CA ASN B 98 -4.44 -36.24 21.37
C ASN B 98 -3.44 -37.41 21.41
N LEU B 99 -3.90 -38.56 21.88
CA LEU B 99 -3.13 -39.80 21.85
C LEU B 99 -2.68 -40.19 20.41
N ASP B 100 -3.62 -40.14 19.47
CA ASP B 100 -3.38 -40.58 18.09
C ASP B 100 -2.54 -39.57 17.36
N PHE B 101 -2.93 -38.31 17.47
CA PHE B 101 -2.11 -37.22 16.96
C PHE B 101 -0.67 -37.37 17.47
N TRP B 102 -0.52 -37.73 18.75
CA TRP B 102 0.81 -37.96 19.29
C TRP B 102 1.46 -39.18 18.65
N ARG B 103 0.85 -40.34 18.83
CA ARG B 103 1.44 -41.61 18.39
C ARG B 103 1.62 -41.74 16.89
N LYS B 104 0.56 -41.49 16.13
CA LYS B 104 0.61 -41.69 14.68
C LYS B 104 1.66 -40.81 14.05
N ASN B 105 1.76 -39.57 14.50
CA ASN B 105 2.77 -38.64 14.01
C ASN B 105 4.20 -39.03 14.38
N VAL B 106 4.42 -39.43 15.62
CA VAL B 106 5.78 -39.73 16.07
C VAL B 106 6.32 -40.91 15.30
N HIS B 107 5.48 -41.91 15.07
CA HIS B 107 5.86 -43.03 14.22
C HIS B 107 6.28 -42.51 12.85
N MET B 108 5.41 -41.73 12.21
CA MET B 108 5.70 -41.20 10.86
C MET B 108 7.00 -40.38 10.83
N ASN B 109 7.18 -39.55 11.82
CA ASN B 109 8.36 -38.71 11.87
C ASN B 109 9.64 -39.50 12.12
N ASP B 110 9.60 -40.45 13.06
CA ASP B 110 10.77 -41.30 13.31
C ASP B 110 11.10 -42.18 12.09
N ASN B 111 10.06 -42.70 11.42
CA ASN B 111 10.23 -43.53 10.24
C ASN B 111 10.75 -42.75 9.06
N VAL B 112 10.07 -41.67 8.71
CA VAL B 112 10.54 -40.86 7.57
C VAL B 112 11.97 -40.34 7.80
N LEU B 113 12.25 -39.84 9.00
CA LEU B 113 13.56 -39.28 9.34
C LEU B 113 14.68 -40.27 9.37
N HIS B 114 14.43 -41.44 9.91
CA HIS B 114 15.49 -42.42 10.01
C HIS B 114 15.79 -43.06 8.66
N SER B 115 14.73 -43.28 7.86
CA SER B 115 14.89 -43.89 6.53
C SER B 115 15.66 -42.99 5.60
N ALA B 116 15.46 -41.68 5.75
CA ALA B 116 16.17 -40.69 4.94
C ALA B 116 17.65 -40.66 5.31
N PHE B 117 17.94 -40.73 6.61
CA PHE B 117 19.29 -40.86 7.14
C PHE B 117 20.03 -42.05 6.54
N GLU B 118 19.38 -43.22 6.56
CA GLU B 118 20.06 -44.47 6.20
C GLU B 118 20.11 -44.72 4.71
N VAL B 119 19.20 -44.11 3.94
CA VAL B 119 19.35 -44.06 2.48
C VAL B 119 20.49 -43.10 2.15
N GLY B 120 20.69 -42.09 2.99
CA GLY B 120 21.82 -41.14 2.85
C GLY B 120 21.40 -39.79 2.30
N ALA B 121 20.15 -39.39 2.55
CA ALA B 121 19.62 -38.12 2.04
C ALA B 121 20.49 -36.96 2.48
N ARG B 122 20.78 -36.05 1.57
CA ARG B 122 21.59 -34.88 1.89
C ARG B 122 20.75 -33.87 2.64
N LYS B 123 19.45 -33.84 2.36
CA LYS B 123 18.57 -32.88 3.01
C LYS B 123 17.15 -33.43 3.33
N VAL B 124 16.57 -32.94 4.43
CA VAL B 124 15.19 -33.23 4.80
C VAL B 124 14.58 -31.95 5.36
N VAL B 125 13.48 -31.50 4.77
CA VAL B 125 12.72 -30.35 5.29
C VAL B 125 11.37 -30.87 5.76
N SER B 126 11.22 -30.96 7.08
CA SER B 126 10.01 -31.51 7.70
C SER B 126 9.10 -30.37 8.03
N CYS B 127 7.89 -30.66 8.47
CA CYS B 127 6.87 -29.58 8.57
C CYS B 127 6.30 -29.37 9.98
N LEU B 128 6.66 -28.27 10.62
CA LEU B 128 6.16 -27.90 11.97
C LEU B 128 4.92 -26.98 11.88
N SER B 129 4.49 -26.36 12.99
CA SER B 129 3.36 -25.43 12.96
C SER B 129 3.43 -24.40 14.05
N THR B 130 2.83 -23.23 13.84
CA THR B 130 2.71 -22.22 14.93
C THR B 130 1.77 -22.66 16.07
N CYS B 131 0.94 -23.67 15.77
CA CYS B 131 0.19 -24.48 16.77
C CYS B 131 0.83 -24.83 18.12
N ILE B 132 2.13 -25.07 18.10
CA ILE B 132 2.80 -25.91 19.08
C ILE B 132 3.68 -25.10 20.04
N PHE B 133 3.73 -23.79 19.83
CA PHE B 133 4.56 -22.96 20.66
C PHE B 133 3.98 -22.93 22.07
N PRO B 134 4.73 -22.39 23.03
CA PRO B 134 4.26 -22.32 24.39
C PRO B 134 3.06 -21.42 24.52
N ASP B 135 2.06 -21.90 25.25
CA ASP B 135 0.84 -21.15 25.49
C ASP B 135 1.08 -19.84 26.27
N LYS B 136 1.92 -19.89 27.31
CA LYS B 136 2.36 -18.70 28.05
C LYS B 136 3.64 -18.16 27.42
N THR B 137 3.53 -17.05 26.67
CA THR B 137 4.64 -16.59 25.84
C THR B 137 4.63 -15.11 25.55
N THR B 138 5.80 -14.57 25.22
CA THR B 138 5.89 -13.20 24.73
C THR B 138 5.41 -13.19 23.29
N TYR B 139 5.04 -12.02 22.80
CA TYR B 139 4.65 -11.90 21.40
C TYR B 139 5.44 -10.76 20.73
N PRO B 140 5.79 -10.91 19.44
CA PRO B 140 5.50 -12.08 18.61
C PRO B 140 6.42 -13.26 18.94
N ILE B 141 5.99 -14.44 18.52
CA ILE B 141 6.71 -15.69 18.74
C ILE B 141 7.78 -15.86 17.65
N ASP B 142 8.85 -16.61 17.94
CA ASP B 142 9.86 -16.89 16.90
C ASP B 142 10.53 -18.29 17.01
N GLU B 143 11.49 -18.57 16.11
CA GLU B 143 12.07 -19.90 15.97
C GLU B 143 12.91 -20.25 17.18
N THR B 144 13.25 -19.21 17.95
CA THR B 144 14.00 -19.33 19.17
C THR B 144 13.14 -19.90 20.30
N MET B 145 11.84 -19.67 20.28
CA MET B 145 11.01 -19.90 21.46
C MET B 145 10.29 -21.25 21.50
N ILE B 146 10.45 -22.04 20.45
CA ILE B 146 9.68 -23.27 20.25
C ILE B 146 9.44 -24.23 21.46
N HIS B 147 10.43 -24.41 22.34
CA HIS B 147 10.30 -25.32 23.51
C HIS B 147 10.21 -24.62 24.87
N ASN B 148 9.85 -23.34 24.89
CA ASN B 148 9.97 -22.53 26.12
C ASN B 148 8.74 -22.55 26.99
N GLY B 149 8.22 -23.74 27.27
CA GLY B 149 7.02 -23.91 28.08
C GLY B 149 5.96 -24.73 27.35
N PRO B 150 5.01 -25.30 28.11
CA PRO B 150 4.06 -26.21 27.50
C PRO B 150 3.10 -25.55 26.49
N PRO B 151 2.71 -26.34 25.48
CA PRO B 151 1.74 -25.91 24.51
C PRO B 151 0.35 -25.97 25.06
N HIS B 152 -0.52 -25.19 24.46
CA HIS B 152 -1.95 -25.24 24.76
C HIS B 152 -2.45 -26.67 24.81
N ASN B 153 -3.33 -26.97 25.77
CA ASN B 153 -3.78 -28.35 26.03
C ASN B 153 -4.72 -28.97 25.02
N SER B 154 -5.32 -28.16 24.17
CA SER B 154 -6.23 -28.66 23.16
C SER B 154 -5.56 -29.63 22.18
N ASN B 155 -4.30 -29.37 21.87
CA ASN B 155 -3.60 -30.14 20.86
C ASN B 155 -2.22 -30.60 21.32
N PHE B 156 -2.04 -30.79 22.63
CA PHE B 156 -0.70 -31.10 23.15
C PHE B 156 -0.04 -32.29 22.44
N GLY B 157 -0.84 -33.30 22.07
CA GLY B 157 -0.35 -34.48 21.34
C GLY B 157 0.35 -34.13 20.05
N TYR B 158 -0.37 -33.53 19.11
CA TYR B 158 0.19 -33.01 17.85
C TYR B 158 1.35 -32.05 18.11
N SER B 159 1.12 -31.09 19.02
CA SER B 159 2.13 -30.05 19.33
C SER B 159 3.47 -30.69 19.69
N TYR B 160 3.48 -31.55 20.70
CA TYR B 160 4.71 -32.24 21.13
C TYR B 160 5.30 -33.17 20.06
N ALA B 161 4.47 -33.68 19.16
CA ALA B 161 4.97 -34.60 18.15
C ALA B 161 5.70 -33.76 17.12
N LYS B 162 5.20 -32.56 16.85
CA LYS B 162 5.91 -31.64 15.98
C LYS B 162 7.22 -31.17 16.65
N ARG B 163 7.13 -30.72 17.89
CA ARG B 163 8.30 -30.34 18.65
C ARG B 163 9.40 -31.40 18.58
N MET B 164 9.04 -32.66 18.63
CA MET B 164 10.06 -33.70 18.62
C MET B 164 10.67 -33.88 17.25
N ILE B 165 10.10 -33.27 16.21
CA ILE B 165 10.84 -33.23 14.96
C ILE B 165 12.06 -32.32 15.13
N ASP B 166 11.87 -31.13 15.70
CA ASP B 166 12.99 -30.23 15.99
C ASP B 166 14.06 -30.98 16.78
N VAL B 167 13.63 -31.67 17.83
CA VAL B 167 14.53 -32.49 18.65
C VAL B 167 15.26 -33.55 17.83
N GLN B 168 14.53 -34.32 17.03
CA GLN B 168 15.16 -35.36 16.21
C GLN B 168 16.09 -34.75 15.17
N ASN B 169 15.69 -33.65 14.55
CA ASN B 169 16.57 -32.92 13.63
C ASN B 169 17.96 -32.58 14.22
N ARG B 170 17.94 -32.07 15.44
CA ARG B 170 19.15 -31.62 16.14
C ARG B 170 20.04 -32.79 16.57
N ALA B 171 19.43 -33.91 16.95
CA ALA B 171 20.17 -35.09 17.33
C ALA B 171 20.98 -35.66 16.14
N TYR B 172 20.27 -35.90 15.03
CA TYR B 172 20.88 -36.24 13.75
C TYR B 172 21.87 -35.20 13.27
N PHE B 173 21.62 -33.92 13.54
CA PHE B 173 22.58 -32.87 13.13
C PHE B 173 23.86 -32.88 13.94
N GLN B 174 23.77 -33.10 15.25
CA GLN B 174 24.93 -33.02 16.15
C GLN B 174 25.68 -34.36 16.28
N GLN B 175 24.97 -35.45 16.02
CA GLN B 175 25.61 -36.74 16.05
C GLN B 175 26.18 -37.11 14.67
N TYR B 176 25.57 -36.64 13.58
CA TYR B 176 25.99 -37.11 12.26
C TYR B 176 26.31 -36.08 11.17
N GLY B 177 25.98 -34.81 11.37
CA GLY B 177 26.17 -33.78 10.33
C GLY B 177 25.02 -33.57 9.35
N CYS B 178 24.00 -34.43 9.41
CA CYS B 178 22.85 -34.34 8.51
C CYS B 178 22.26 -32.94 8.49
N THR B 179 22.05 -32.40 7.30
CA THR B 179 21.27 -31.19 7.14
C THR B 179 19.79 -31.55 7.14
N PHE B 180 19.24 -31.81 8.32
CA PHE B 180 17.79 -31.96 8.49
C PHE B 180 17.25 -30.69 9.15
N THR B 181 16.28 -30.07 8.52
CA THR B 181 15.69 -28.86 9.06
C THR B 181 14.18 -28.97 8.92
N ALA B 182 13.48 -27.89 9.17
CA ALA B 182 12.02 -27.86 9.07
C ALA B 182 11.56 -26.46 8.93
N VAL B 183 10.33 -26.29 8.41
CA VAL B 183 9.65 -25.00 8.40
C VAL B 183 8.49 -25.04 9.37
N ILE B 184 8.03 -23.85 9.75
CA ILE B 184 6.87 -23.67 10.58
C ILE B 184 5.84 -22.75 9.90
N PRO B 185 4.93 -23.32 9.09
CA PRO B 185 3.87 -22.47 8.52
C PRO B 185 2.85 -22.08 9.57
N THR B 186 2.11 -20.99 9.32
CA THR B 186 0.94 -20.67 10.15
C THR B 186 -0.25 -21.46 9.61
N ASN B 187 -1.45 -21.12 10.06
CA ASN B 187 -2.65 -21.74 9.59
C ASN B 187 -2.69 -21.64 8.09
N VAL B 188 -2.68 -22.78 7.41
CA VAL B 188 -2.63 -22.82 5.94
C VAL B 188 -4.06 -22.98 5.45
N PHE B 189 -4.33 -22.47 4.26
CA PHE B 189 -5.62 -22.65 3.63
C PHE B 189 -5.42 -22.60 2.12
N GLY B 190 -6.30 -23.25 1.37
CA GLY B 190 -6.28 -23.21 -0.12
C GLY B 190 -7.02 -24.34 -0.82
N PRO B 191 -6.77 -24.53 -2.13
CA PRO B 191 -7.31 -25.68 -2.85
C PRO B 191 -6.83 -27.01 -2.27
N HIS B 192 -7.71 -28.01 -2.31
CA HIS B 192 -7.38 -29.38 -1.92
C HIS B 192 -7.20 -29.53 -0.40
N ASP B 193 -7.95 -28.71 0.34
CA ASP B 193 -7.95 -28.75 1.80
C ASP B 193 -8.87 -29.89 2.23
N ASN B 194 -8.81 -30.22 3.52
CA ASN B 194 -9.84 -31.03 4.13
C ASN B 194 -11.01 -30.12 4.48
N PHE B 195 -12.11 -30.27 3.76
CA PHE B 195 -13.30 -29.44 3.97
C PHE B 195 -14.34 -30.18 4.79
N ASN B 196 -13.91 -31.15 5.58
CA ASN B 196 -14.78 -31.77 6.55
C ASN B 196 -14.96 -30.80 7.70
N ILE B 197 -16.20 -30.37 7.89
CA ILE B 197 -16.57 -29.37 8.86
C ILE B 197 -16.13 -29.85 10.25
N GLU B 198 -16.62 -31.01 10.66
CA GLU B 198 -16.29 -31.56 11.98
C GLU B 198 -14.80 -31.74 12.31
N ASP B 199 -13.96 -32.05 11.32
CA ASP B 199 -12.55 -32.42 11.60
C ASP B 199 -11.52 -31.45 11.04
N GLY B 200 -11.97 -30.45 10.26
CA GLY B 200 -11.07 -29.56 9.53
C GLY B 200 -10.76 -28.25 10.24
N HIS B 201 -9.94 -27.43 9.59
CA HIS B 201 -9.65 -26.07 10.04
C HIS B 201 -10.77 -25.06 9.74
N VAL B 202 -10.61 -23.88 10.36
CA VAL B 202 -11.67 -22.89 10.40
C VAL B 202 -12.12 -22.47 9.01
N LEU B 203 -11.16 -22.11 8.16
CA LEU B 203 -11.50 -21.56 6.87
C LEU B 203 -12.25 -22.58 5.98
N PRO B 204 -11.67 -23.75 5.71
CA PRO B 204 -12.43 -24.70 4.89
C PRO B 204 -13.79 -25.09 5.52
N GLY B 205 -13.86 -25.13 6.84
CA GLY B 205 -15.12 -25.38 7.48
C GLY B 205 -16.16 -24.33 7.18
N LEU B 206 -15.75 -23.05 7.21
CA LEU B 206 -16.68 -21.93 7.00
C LEU B 206 -17.09 -21.86 5.55
N ILE B 207 -16.14 -22.16 4.67
CA ILE B 207 -16.49 -22.32 3.27
C ILE B 207 -17.53 -23.43 3.08
N HIS B 208 -17.26 -24.64 3.57
CA HIS B 208 -18.26 -25.73 3.46
C HIS B 208 -19.61 -25.30 4.06
N LYS B 209 -19.62 -24.93 5.34
CA LYS B 209 -20.82 -24.39 5.99
C LYS B 209 -21.60 -23.38 5.16
N VAL B 210 -20.90 -22.43 4.54
CA VAL B 210 -21.58 -21.38 3.77
C VAL B 210 -22.19 -21.96 2.50
N HIS B 211 -21.57 -22.99 1.94
CA HIS B 211 -22.09 -23.68 0.76
C HIS B 211 -23.38 -24.47 1.08
N LEU B 212 -23.37 -25.18 2.21
CA LEU B 212 -24.55 -25.86 2.73
C LEU B 212 -25.61 -24.85 3.11
N ALA B 213 -25.22 -23.81 3.84
CA ALA B 213 -26.17 -22.75 4.22
C ALA B 213 -26.91 -22.20 2.97
N LYS B 214 -26.13 -21.80 1.96
CA LYS B 214 -26.65 -21.35 0.67
C LYS B 214 -27.73 -22.29 0.18
N SER B 215 -27.50 -23.59 0.32
CA SER B 215 -28.39 -24.64 -0.21
C SER B 215 -29.57 -25.01 0.66
N SER B 216 -29.54 -24.65 1.94
CA SER B 216 -30.52 -25.12 2.90
C SER B 216 -31.38 -24.02 3.52
N GLY B 217 -31.01 -22.76 3.33
CA GLY B 217 -31.69 -21.65 4.01
C GLY B 217 -31.26 -21.45 5.46
N SER B 218 -30.28 -22.21 5.92
CA SER B 218 -29.75 -22.03 7.27
C SER B 218 -28.90 -20.77 7.35
N ALA B 219 -28.79 -20.24 8.56
CA ALA B 219 -27.77 -19.26 8.88
C ALA B 219 -26.37 -19.88 8.76
N LEU B 220 -25.35 -19.05 8.62
CA LEU B 220 -23.96 -19.48 8.89
C LEU B 220 -23.73 -19.45 10.41
N THR B 221 -23.32 -20.59 10.98
CA THR B 221 -22.95 -20.66 12.39
C THR B 221 -21.44 -20.77 12.50
N VAL B 222 -20.80 -19.66 12.80
CA VAL B 222 -19.40 -19.67 13.12
C VAL B 222 -19.32 -20.20 14.57
N TRP B 223 -18.33 -21.04 14.83
CA TRP B 223 -18.10 -21.57 16.16
C TRP B 223 -17.24 -20.60 16.95
N GLY B 224 -17.35 -20.64 18.26
CA GLY B 224 -16.58 -19.77 19.12
C GLY B 224 -17.15 -18.38 19.14
N THR B 225 -16.33 -17.44 19.62
CA THR B 225 -16.73 -16.04 19.78
C THR B 225 -16.49 -15.23 18.52
N GLY B 226 -15.40 -15.53 17.81
CA GLY B 226 -15.04 -14.74 16.64
C GLY B 226 -13.87 -13.83 16.94
N ASN B 227 -13.53 -13.70 18.21
CA ASN B 227 -12.44 -12.85 18.62
C ASN B 227 -11.01 -13.44 18.44
N PRO B 228 -10.84 -14.76 18.48
CA PRO B 228 -9.45 -15.20 18.31
C PRO B 228 -8.76 -14.65 17.06
N ARG B 229 -7.43 -14.63 17.09
CA ARG B 229 -6.60 -13.99 16.07
C ARG B 229 -5.75 -15.08 15.40
N ARG B 230 -5.58 -14.98 14.09
CA ARG B 230 -4.85 -15.98 13.34
C ARG B 230 -4.10 -15.34 12.17
N GLN B 231 -2.98 -15.97 11.84
CA GLN B 231 -2.22 -15.66 10.66
C GLN B 231 -2.47 -16.78 9.67
N PHE B 232 -3.06 -16.41 8.52
CA PHE B 232 -3.39 -17.38 7.48
C PHE B 232 -2.41 -17.27 6.33
N ILE B 233 -1.94 -18.42 5.85
CA ILE B 233 -1.09 -18.49 4.66
C ILE B 233 -1.72 -19.33 3.54
N TYR B 234 -1.52 -18.88 2.31
CA TYR B 234 -2.15 -19.48 1.16
C TYR B 234 -1.25 -20.60 0.70
N SER B 235 -1.82 -21.78 0.53
CA SER B 235 -1.05 -22.95 0.09
C SER B 235 -0.08 -22.70 -1.09
N LEU B 236 -0.49 -21.90 -2.07
CA LEU B 236 0.38 -21.59 -3.22
C LEU B 236 1.62 -20.77 -2.85
N ASP B 237 1.43 -19.78 -1.98
CA ASP B 237 2.54 -19.02 -1.43
C ASP B 237 3.47 -19.99 -0.71
N LEU B 238 2.92 -20.79 0.20
CA LEU B 238 3.69 -21.77 0.98
C LEU B 238 4.48 -22.72 0.08
N ALA B 239 3.82 -23.20 -0.96
CA ALA B 239 4.46 -24.05 -1.94
C ALA B 239 5.73 -23.40 -2.50
N GLN B 240 5.65 -22.10 -2.79
CA GLN B 240 6.79 -21.35 -3.36
C GLN B 240 7.89 -21.17 -2.33
N LEU B 241 7.53 -20.84 -1.09
CA LEU B 241 8.50 -20.73 0.00
C LEU B 241 9.15 -22.08 0.30
N PHE B 242 8.36 -23.14 0.16
CA PHE B 242 8.83 -24.49 0.48
C PHE B 242 9.93 -24.87 -0.45
N ILE B 243 9.75 -24.54 -1.73
CA ILE B 243 10.73 -24.88 -2.74
C ILE B 243 12.02 -24.09 -2.52
N TRP B 244 11.85 -22.80 -2.20
CA TRP B 244 12.98 -21.95 -1.87
C TRP B 244 13.82 -22.54 -0.73
N VAL B 245 13.15 -23.07 0.31
CA VAL B 245 13.79 -23.67 1.47
C VAL B 245 14.56 -24.94 1.12
N LEU B 246 13.95 -25.80 0.32
CA LEU B 246 14.62 -27.01 -0.19
C LEU B 246 15.96 -26.69 -0.87
N ARG B 247 16.00 -25.66 -1.71
CA ARG B 247 17.20 -25.34 -2.50
C ARG B 247 18.22 -24.48 -1.77
N GLU B 248 17.74 -23.45 -1.10
CA GLU B 248 18.60 -22.34 -0.72
C GLU B 248 18.67 -21.99 0.77
N TYR B 249 18.07 -22.80 1.64
CA TYR B 249 18.13 -22.58 3.11
C TYR B 249 18.95 -23.69 3.80
N ASN B 250 20.12 -23.31 4.34
CA ASN B 250 21.07 -24.27 4.93
C ASN B 250 20.84 -24.58 6.43
N GLU B 251 20.39 -23.58 7.19
CA GLU B 251 20.27 -23.70 8.65
C GLU B 251 19.48 -24.95 9.06
N VAL B 252 19.84 -25.52 10.21
CA VAL B 252 19.07 -26.61 10.82
C VAL B 252 17.95 -26.07 11.71
N GLU B 253 18.22 -25.01 12.48
CA GLU B 253 17.16 -24.35 13.27
C GLU B 253 16.05 -24.00 12.29
N PRO B 254 14.78 -24.23 12.67
CA PRO B 254 13.70 -24.11 11.69
C PRO B 254 13.48 -22.69 11.21
N ILE B 255 12.49 -22.50 10.33
CA ILE B 255 12.16 -21.15 9.81
C ILE B 255 10.65 -20.91 9.58
N ILE B 256 10.14 -19.91 10.27
CA ILE B 256 8.74 -19.50 10.21
C ILE B 256 8.32 -19.02 8.81
N LEU B 257 7.26 -19.64 8.27
CA LEU B 257 6.71 -19.25 7.00
C LEU B 257 5.30 -18.74 7.21
N SER B 258 5.17 -17.42 7.38
CA SER B 258 3.89 -16.80 7.73
C SER B 258 3.78 -15.45 7.13
N VAL B 259 2.54 -15.02 6.96
CA VAL B 259 2.29 -13.61 6.67
C VAL B 259 2.72 -12.77 7.89
N GLY B 260 3.06 -11.50 7.67
CA GLY B 260 3.58 -10.65 8.74
C GLY B 260 2.65 -10.51 9.93
N GLU B 261 3.15 -9.91 11.01
CA GLU B 261 2.36 -9.69 12.23
C GLU B 261 1.14 -8.84 11.91
N GLU B 262 1.30 -7.89 11.00
CA GLU B 262 0.25 -6.92 10.72
C GLU B 262 -0.93 -7.49 9.94
N ASP B 263 -0.72 -8.50 9.10
CA ASP B 263 -1.85 -9.14 8.38
C ASP B 263 -2.49 -10.26 9.18
N GLU B 264 -2.33 -10.19 10.51
CA GLU B 264 -3.12 -11.03 11.40
C GLU B 264 -4.59 -10.70 11.24
N VAL B 265 -5.45 -11.67 11.52
CA VAL B 265 -6.87 -11.54 11.25
C VAL B 265 -7.69 -12.18 12.37
N SER B 266 -8.78 -11.54 12.77
CA SER B 266 -9.71 -12.22 13.67
C SER B 266 -10.46 -13.32 12.92
N ILE B 267 -11.01 -14.26 13.68
CA ILE B 267 -11.92 -15.25 13.13
C ILE B 267 -13.17 -14.57 12.55
N LYS B 268 -13.73 -13.63 13.29
CA LYS B 268 -14.83 -12.83 12.78
C LYS B 268 -14.50 -12.38 11.34
N GLU B 269 -13.37 -11.70 11.16
CA GLU B 269 -13.00 -11.16 9.85
C GLU B 269 -12.82 -12.24 8.79
N ALA B 270 -12.39 -13.41 9.23
CA ALA B 270 -12.14 -14.52 8.33
C ALA B 270 -13.48 -15.05 7.81
N ALA B 271 -14.48 -15.10 8.70
CA ALA B 271 -15.82 -15.51 8.29
C ALA B 271 -16.27 -14.52 7.26
N GLU B 272 -16.16 -13.24 7.62
CA GLU B 272 -16.63 -12.14 6.78
C GLU B 272 -16.11 -12.22 5.35
N ALA B 273 -14.87 -12.70 5.17
CA ALA B 273 -14.29 -12.80 3.84
C ALA B 273 -14.77 -14.07 3.12
N VAL B 274 -15.10 -15.11 3.87
CA VAL B 274 -15.70 -16.29 3.26
C VAL B 274 -17.10 -15.92 2.79
N VAL B 275 -17.80 -15.16 3.62
CA VAL B 275 -19.13 -14.64 3.28
C VAL B 275 -19.11 -13.73 2.04
N GLU B 276 -18.31 -12.67 2.05
CA GLU B 276 -18.27 -11.75 0.90
C GLU B 276 -17.93 -12.53 -0.39
N ALA B 277 -16.90 -13.38 -0.31
CA ALA B 277 -16.36 -14.10 -1.47
C ALA B 277 -17.35 -15.02 -2.16
N MET B 278 -18.17 -15.72 -1.40
CA MET B 278 -19.16 -16.64 -1.98
C MET B 278 -20.51 -15.95 -2.21
N ASP B 279 -20.61 -14.66 -1.90
CA ASP B 279 -21.84 -13.88 -2.08
C ASP B 279 -22.98 -14.50 -1.27
N PHE B 280 -22.72 -14.73 0.00
CA PHE B 280 -23.75 -15.18 0.94
C PHE B 280 -24.42 -13.98 1.53
N HIS B 281 -25.75 -14.02 1.60
CA HIS B 281 -26.53 -12.89 2.09
C HIS B 281 -27.44 -13.27 3.24
N GLY B 282 -27.08 -14.34 3.94
CA GLY B 282 -27.91 -14.90 5.00
C GLY B 282 -27.47 -14.49 6.39
N GLU B 283 -28.16 -15.06 7.38
CA GLU B 283 -27.88 -14.85 8.78
C GLU B 283 -26.48 -15.33 9.09
N VAL B 284 -25.75 -14.52 9.86
CA VAL B 284 -24.45 -14.91 10.37
C VAL B 284 -24.62 -14.95 11.85
N THR B 285 -24.35 -16.11 12.45
CA THR B 285 -24.49 -16.28 13.90
C THR B 285 -23.19 -16.81 14.48
N PHE B 286 -22.99 -16.60 15.78
CA PHE B 286 -21.84 -17.14 16.49
C PHE B 286 -22.35 -17.97 17.63
N ASP B 287 -21.95 -19.24 17.69
CA ASP B 287 -22.21 -20.08 18.86
C ASP B 287 -21.07 -19.83 19.78
N THR B 288 -21.21 -18.87 20.67
CA THR B 288 -20.16 -18.60 21.67
C THR B 288 -19.82 -19.76 22.64
N THR B 289 -20.65 -20.79 22.70
CA THR B 289 -20.44 -21.87 23.64
C THR B 289 -19.32 -22.79 23.12
N LYS B 290 -19.19 -22.88 21.80
CA LYS B 290 -18.15 -23.69 21.19
C LYS B 290 -16.80 -23.12 21.66
N SER B 291 -15.73 -23.94 21.64
CA SER B 291 -14.38 -23.57 22.07
C SER B 291 -13.60 -22.71 21.08
N ASP B 292 -12.99 -21.66 21.61
CA ASP B 292 -12.17 -20.76 20.83
C ASP B 292 -10.78 -21.38 20.60
N GLY B 293 -10.45 -22.43 21.33
CA GLY B 293 -9.06 -22.86 21.41
C GLY B 293 -8.19 -21.71 21.91
N GLN B 294 -6.98 -21.65 21.38
CA GLN B 294 -5.96 -20.67 21.72
C GLN B 294 -6.26 -19.33 21.12
N PHE B 295 -6.25 -18.27 21.91
CA PHE B 295 -6.70 -16.95 21.43
C PHE B 295 -5.76 -16.30 20.40
N LYS B 296 -4.46 -16.60 20.47
CA LYS B 296 -3.46 -15.75 19.83
C LYS B 296 -2.12 -16.49 19.73
N LYS B 297 -1.51 -16.47 18.56
CA LYS B 297 -0.23 -17.15 18.33
C LYS B 297 0.63 -16.36 17.35
N THR B 298 0.54 -15.05 17.46
CA THR B 298 1.24 -14.16 16.55
C THR B 298 2.72 -14.52 16.41
N ALA B 299 3.09 -15.04 15.23
CA ALA B 299 4.47 -15.38 14.92
C ALA B 299 5.14 -14.35 14.00
N SER B 300 6.44 -14.11 14.23
CA SER B 300 7.20 -13.15 13.45
C SER B 300 7.97 -13.83 12.31
N ASN B 301 7.79 -13.33 11.09
CA ASN B 301 8.56 -13.80 9.94
C ASN B 301 9.79 -12.92 9.71
N SER B 302 10.30 -12.32 10.78
CA SER B 302 11.52 -11.51 10.74
C SER B 302 12.65 -12.28 10.05
N LYS B 303 12.94 -13.49 10.55
CA LYS B 303 14.00 -14.32 9.96
C LYS B 303 13.78 -14.42 8.47
N LEU B 304 12.64 -14.98 8.08
CA LEU B 304 12.33 -15.18 6.67
C LEU B 304 12.58 -13.92 5.84
N ARG B 305 12.24 -12.78 6.43
CA ARG B 305 12.43 -11.50 5.77
C ARG B 305 13.90 -11.12 5.61
N THR B 306 14.78 -11.60 6.49
CA THR B 306 16.23 -11.40 6.27
C THR B 306 16.77 -12.34 5.18
N TYR B 307 15.89 -13.15 4.59
CA TYR B 307 16.23 -13.94 3.42
C TYR B 307 15.51 -13.39 2.19
N LEU B 308 14.18 -13.27 2.27
CA LEU B 308 13.34 -12.83 1.15
C LEU B 308 12.56 -11.53 1.45
N PRO B 309 13.26 -10.40 1.52
CA PRO B 309 12.60 -9.13 1.90
C PRO B 309 11.50 -8.70 0.93
N ASP B 310 11.61 -9.11 -0.33
CA ASP B 310 10.72 -8.62 -1.37
C ASP B 310 9.58 -9.57 -1.68
N PHE B 311 9.72 -10.85 -1.35
CA PHE B 311 8.66 -11.84 -1.62
C PHE B 311 7.32 -11.29 -1.20
N ARG B 312 6.42 -11.15 -2.15
CA ARG B 312 5.06 -10.67 -1.89
C ARG B 312 4.11 -11.86 -1.63
N PHE B 313 3.29 -11.75 -0.58
CA PHE B 313 2.25 -12.74 -0.28
C PHE B 313 0.96 -12.39 -1.03
N THR B 314 0.16 -13.41 -1.34
CA THR B 314 -1.11 -13.22 -2.04
C THR B 314 -2.13 -12.67 -1.05
N PRO B 315 -2.66 -11.46 -1.30
CA PRO B 315 -3.61 -10.87 -0.34
C PRO B 315 -4.77 -11.82 0.07
N PHE B 316 -5.10 -11.78 1.35
CA PHE B 316 -6.06 -12.69 1.96
C PHE B 316 -7.37 -12.81 1.15
N LYS B 317 -8.09 -11.72 1.02
CA LYS B 317 -9.39 -11.75 0.36
C LYS B 317 -9.26 -12.44 -0.99
N GLN B 318 -8.28 -11.97 -1.77
CA GLN B 318 -7.95 -12.54 -3.07
C GLN B 318 -7.70 -14.02 -2.97
N ALA B 319 -6.93 -14.42 -1.95
CA ALA B 319 -6.63 -15.84 -1.72
C ALA B 319 -7.86 -16.63 -1.25
N VAL B 320 -8.77 -15.99 -0.53
CA VAL B 320 -10.00 -16.65 -0.08
C VAL B 320 -10.98 -16.79 -1.25
N LYS B 321 -11.03 -15.78 -2.12
CA LYS B 321 -11.88 -15.81 -3.31
C LYS B 321 -11.51 -16.96 -4.28
N GLU B 322 -10.21 -17.18 -4.52
CA GLU B 322 -9.71 -18.33 -5.30
C GLU B 322 -10.02 -19.71 -4.69
N THR B 323 -9.86 -19.83 -3.38
CA THR B 323 -10.21 -21.04 -2.64
C THR B 323 -11.72 -21.35 -2.66
N CYS B 324 -12.53 -20.30 -2.47
CA CYS B 324 -13.99 -20.40 -2.56
C CYS B 324 -14.43 -20.73 -3.98
N ALA B 325 -13.78 -20.10 -4.95
CA ALA B 325 -14.01 -20.38 -6.36
C ALA B 325 -13.69 -21.84 -6.63
N TRP B 326 -12.51 -22.29 -6.18
CA TRP B 326 -12.09 -23.67 -6.36
C TRP B 326 -13.08 -24.64 -5.77
N PHE B 327 -13.49 -24.41 -4.51
CA PHE B 327 -14.39 -25.34 -3.82
C PHE B 327 -15.71 -25.54 -4.57
N THR B 328 -16.34 -24.43 -4.93
CA THR B 328 -17.63 -24.47 -5.60
C THR B 328 -17.57 -25.30 -6.89
N ASP B 329 -16.57 -25.05 -7.72
CA ASP B 329 -16.44 -25.78 -8.99
C ASP B 329 -15.70 -27.11 -8.83
N ASN B 330 -15.42 -27.54 -7.59
CA ASN B 330 -14.84 -28.87 -7.32
C ASN B 330 -15.47 -29.62 -6.16
N TYR B 331 -16.73 -29.30 -5.86
CA TYR B 331 -17.39 -29.80 -4.64
C TYR B 331 -17.46 -31.35 -4.54
N GLU B 332 -17.57 -32.03 -5.68
CA GLU B 332 -17.73 -33.49 -5.65
C GLU B 332 -16.41 -34.25 -5.42
N GLN B 333 -15.30 -33.71 -5.92
CA GLN B 333 -13.97 -34.32 -5.73
C GLN B 333 -13.30 -33.78 -4.45
N ALA B 334 -13.85 -32.72 -3.87
CA ALA B 334 -13.34 -32.15 -2.62
C ALA B 334 -13.44 -33.11 -1.45
N ARG B 335 -12.52 -32.96 -0.49
CA ARG B 335 -12.45 -33.81 0.70
C ARG B 335 -13.38 -33.21 1.72
N LYS B 336 -14.41 -33.97 2.10
CA LYS B 336 -15.59 -33.39 2.77
C LYS B 336 -16.17 -34.33 3.84
N GLU C 16 -48.76 29.60 6.40
CA GLU C 16 -48.83 28.15 6.04
C GLU C 16 -50.11 27.82 5.25
N ASN C 17 -50.20 26.56 4.81
CA ASN C 17 -51.32 26.07 3.99
C ASN C 17 -52.41 25.38 4.81
N LEU C 18 -53.60 25.97 4.84
CA LEU C 18 -54.79 25.39 5.46
C LEU C 18 -55.04 23.89 5.13
N TYR C 19 -54.75 23.48 3.90
CA TYR C 19 -55.15 22.14 3.44
C TYR C 19 -54.09 21.03 3.60
N PHE C 20 -52.81 21.34 3.37
CA PHE C 20 -51.73 20.34 3.49
C PHE C 20 -50.47 20.92 4.13
N GLN C 21 -50.05 20.37 5.28
CA GLN C 21 -48.88 20.87 6.01
C GLN C 21 -47.78 19.85 6.09
N SER C 22 -46.57 20.32 6.41
CA SER C 22 -45.41 19.43 6.57
C SER C 22 -45.74 18.27 7.49
N MET C 23 -45.30 17.07 7.13
CA MET C 23 -45.55 15.86 7.91
C MET C 23 -44.28 15.13 8.29
N ARG C 24 -44.10 14.96 9.60
CA ARG C 24 -43.06 14.09 10.16
C ARG C 24 -43.79 12.78 10.50
N ILE C 25 -43.63 11.80 9.63
CA ILE C 25 -44.36 10.52 9.72
C ILE C 25 -43.53 9.38 10.30
N LEU C 26 -43.79 9.04 11.56
CA LEU C 26 -43.13 7.91 12.19
C LEU C 26 -43.88 6.62 11.91
N VAL C 27 -43.21 5.68 11.25
CA VAL C 27 -43.74 4.35 11.05
C VAL C 27 -43.03 3.38 11.96
N THR C 28 -43.77 2.71 12.84
CA THR C 28 -43.21 1.61 13.61
C THR C 28 -43.46 0.33 12.84
N GLY C 29 -42.70 -0.70 13.13
CA GLY C 29 -42.81 -1.97 12.39
C GLY C 29 -42.52 -1.83 10.90
N GLY C 30 -41.58 -0.92 10.57
CA GLY C 30 -41.17 -0.63 9.21
C GLY C 30 -40.35 -1.74 8.54
N SER C 31 -39.68 -2.55 9.35
CA SER C 31 -38.85 -3.66 8.84
C SER C 31 -39.67 -4.93 8.53
N GLY C 32 -40.99 -4.85 8.78
CA GLY C 32 -41.89 -5.99 8.68
C GLY C 32 -42.42 -6.23 7.27
N LEU C 33 -43.36 -7.16 7.16
CA LEU C 33 -44.04 -7.40 5.89
C LEU C 33 -44.69 -6.11 5.38
N VAL C 34 -45.54 -5.53 6.20
CA VAL C 34 -46.31 -4.37 5.76
C VAL C 34 -45.43 -3.12 5.67
N GLY C 35 -44.46 -3.01 6.60
CA GLY C 35 -43.52 -1.89 6.64
C GLY C 35 -42.65 -1.79 5.40
N LYS C 36 -42.12 -2.92 4.95
CA LYS C 36 -41.33 -2.95 3.73
C LYS C 36 -42.20 -2.61 2.51
N ALA C 37 -43.47 -3.02 2.52
CA ALA C 37 -44.35 -2.73 1.39
C ALA C 37 -44.64 -1.25 1.31
N ILE C 38 -44.82 -0.63 2.47
CA ILE C 38 -44.96 0.80 2.55
C ILE C 38 -43.67 1.47 2.09
N GLN C 39 -42.53 1.05 2.64
CA GLN C 39 -41.23 1.58 2.20
C GLN C 39 -41.06 1.59 0.68
N LYS C 40 -41.38 0.48 0.01
CA LYS C 40 -41.19 0.40 -1.45
C LYS C 40 -42.04 1.45 -2.19
N VAL C 41 -43.30 1.56 -1.81
CA VAL C 41 -44.24 2.45 -2.50
C VAL C 41 -43.75 3.89 -2.37
N VAL C 42 -43.39 4.24 -1.15
CA VAL C 42 -42.89 5.58 -0.83
C VAL C 42 -41.58 5.84 -1.56
N ALA C 43 -40.70 4.83 -1.57
CA ALA C 43 -39.44 4.91 -2.31
C ALA C 43 -39.66 4.89 -3.84
N ASP C 44 -40.71 4.18 -4.29
CA ASP C 44 -41.07 4.10 -5.70
C ASP C 44 -41.65 5.40 -6.23
N GLY C 45 -42.25 6.20 -5.34
CA GLY C 45 -42.59 7.58 -5.65
C GLY C 45 -43.98 8.04 -5.26
N ALA C 46 -44.46 7.57 -4.11
CA ALA C 46 -45.72 8.05 -3.52
C ALA C 46 -45.48 9.00 -2.35
N GLY C 47 -44.20 9.30 -2.07
CA GLY C 47 -43.83 10.19 -0.98
C GLY C 47 -43.91 11.63 -1.43
N LEU C 48 -45.00 12.30 -1.06
CA LEU C 48 -45.26 13.67 -1.52
C LEU C 48 -44.32 14.68 -0.89
N PRO C 49 -44.06 15.78 -1.61
CA PRO C 49 -43.18 16.79 -1.02
C PRO C 49 -43.77 17.37 0.30
N GLY C 50 -42.91 17.51 1.30
CA GLY C 50 -43.30 17.99 2.61
C GLY C 50 -43.63 16.86 3.56
N GLU C 51 -43.26 15.64 3.17
CA GLU C 51 -43.42 14.45 4.02
C GLU C 51 -42.07 13.88 4.41
N ASP C 52 -41.84 13.73 5.71
CA ASP C 52 -40.64 13.07 6.21
C ASP C 52 -41.04 11.72 6.82
N TRP C 53 -40.61 10.64 6.20
CA TRP C 53 -41.00 9.29 6.60
C TRP C 53 -39.87 8.59 7.33
N VAL C 54 -40.07 8.30 8.61
CA VAL C 54 -39.06 7.63 9.44
C VAL C 54 -39.48 6.20 9.80
N PHE C 55 -38.86 5.24 9.12
CA PHE C 55 -39.14 3.83 9.29
C PHE C 55 -38.20 3.27 10.33
N VAL C 56 -38.76 2.75 11.42
CA VAL C 56 -37.99 2.28 12.57
C VAL C 56 -38.32 0.83 12.83
N SER C 57 -37.42 0.17 13.53
CA SER C 57 -37.61 -1.21 13.95
C SER C 57 -36.99 -1.35 15.33
N SER C 58 -37.20 -2.50 15.98
CA SER C 58 -36.84 -2.67 17.40
C SER C 58 -35.40 -2.32 17.79
N LYS C 59 -34.51 -2.27 16.79
CA LYS C 59 -33.14 -1.72 16.94
C LYS C 59 -33.21 -0.28 17.37
N ASP C 60 -34.19 0.46 16.86
CA ASP C 60 -34.35 1.88 17.22
C ASP C 60 -34.94 2.04 18.61
N ALA C 61 -35.88 1.18 18.97
CA ALA C 61 -36.39 1.10 20.35
C ALA C 61 -37.23 -0.16 20.48
N ASP C 62 -37.11 -0.83 21.62
CA ASP C 62 -37.95 -1.96 21.99
C ASP C 62 -39.26 -1.37 22.50
N LEU C 63 -40.32 -1.41 21.70
CA LEU C 63 -41.54 -0.66 22.04
C LEU C 63 -42.27 -1.18 23.27
N THR C 64 -41.91 -2.39 23.72
CA THR C 64 -42.41 -2.89 25.00
C THR C 64 -41.89 -2.05 26.20
N ASP C 65 -40.82 -1.29 26.00
CA ASP C 65 -40.24 -0.44 27.05
C ASP C 65 -40.74 1.02 26.95
N THR C 66 -41.36 1.49 28.02
CA THR C 66 -41.93 2.82 28.04
C THR C 66 -40.85 3.84 27.74
N ALA C 67 -39.76 3.76 28.49
CA ALA C 67 -38.66 4.77 28.42
C ALA C 67 -38.10 4.91 27.01
N GLN C 68 -37.73 3.77 26.40
CA GLN C 68 -37.23 3.75 25.01
C GLN C 68 -38.19 4.32 23.99
N THR C 69 -39.47 4.05 24.17
CA THR C 69 -40.46 4.51 23.21
C THR C 69 -40.47 6.01 23.29
N ARG C 70 -40.69 6.52 24.51
CA ARG C 70 -40.77 7.95 24.75
C ARG C 70 -39.54 8.66 24.16
N ALA C 71 -38.36 8.08 24.41
CA ALA C 71 -37.12 8.65 23.93
C ALA C 71 -37.12 8.76 22.39
N LEU C 72 -37.71 7.78 21.72
CA LEU C 72 -37.86 7.79 20.25
C LEU C 72 -38.87 8.81 19.77
N PHE C 73 -40.00 8.91 20.47
CA PHE C 73 -41.04 9.86 20.10
C PHE C 73 -40.63 11.30 20.41
N GLU C 74 -39.65 11.46 21.30
CA GLU C 74 -39.00 12.75 21.53
C GLU C 74 -37.97 13.08 20.44
N LYS C 75 -37.15 12.08 20.06
CA LYS C 75 -36.05 12.27 19.10
C LYS C 75 -36.62 12.64 17.75
N VAL C 76 -37.55 11.84 17.28
CA VAL C 76 -38.37 12.24 16.15
C VAL C 76 -39.49 13.04 16.79
N GLN C 77 -39.97 14.09 16.14
CA GLN C 77 -41.16 14.76 16.67
C GLN C 77 -42.26 14.58 15.64
N PRO C 78 -42.93 13.40 15.69
CA PRO C 78 -43.81 13.03 14.61
C PRO C 78 -45.13 13.78 14.64
N THR C 79 -45.55 14.19 13.45
CA THR C 79 -46.87 14.73 13.24
C THR C 79 -47.84 13.58 13.12
N HIS C 80 -47.40 12.53 12.42
CA HIS C 80 -48.21 11.34 12.17
C HIS C 80 -47.51 10.04 12.58
N VAL C 81 -48.30 9.01 12.88
CA VAL C 81 -47.77 7.70 13.28
C VAL C 81 -48.54 6.54 12.63
N ILE C 82 -47.89 5.70 11.84
CA ILE C 82 -48.48 4.46 11.40
C ILE C 82 -47.89 3.38 12.28
N HIS C 83 -48.76 2.65 12.98
CA HIS C 83 -48.30 1.82 14.06
C HIS C 83 -48.50 0.41 13.61
N LEU C 84 -47.40 -0.21 13.18
CA LEU C 84 -47.40 -1.57 12.65
C LEU C 84 -46.75 -2.54 13.60
N ALA C 85 -45.82 -2.06 14.39
CA ALA C 85 -45.11 -2.97 15.30
C ALA C 85 -46.06 -3.84 16.10
N ALA C 86 -45.83 -5.15 16.09
CA ALA C 86 -46.62 -6.09 16.87
C ALA C 86 -45.87 -7.43 16.97
N MET C 87 -46.16 -8.20 18.02
CA MET C 87 -45.83 -9.62 18.00
C MET C 87 -46.83 -10.26 17.06
N VAL C 88 -46.32 -10.84 15.98
CA VAL C 88 -47.14 -11.39 14.91
C VAL C 88 -46.75 -12.84 14.64
N GLY C 89 -47.75 -13.66 14.30
CA GLY C 89 -47.49 -15.02 13.84
C GLY C 89 -48.72 -15.76 13.35
N GLY C 90 -48.49 -16.93 12.76
CA GLY C 90 -49.57 -17.70 12.20
C GLY C 90 -50.38 -18.39 13.26
N LEU C 91 -51.32 -19.20 12.80
CA LEU C 91 -52.21 -19.92 13.69
C LEU C 91 -51.43 -20.61 14.80
N PHE C 92 -50.37 -21.27 14.41
CA PHE C 92 -49.72 -22.25 15.26
C PHE C 92 -48.91 -21.59 16.35
N ARG C 93 -48.39 -20.41 16.04
CA ARG C 93 -47.57 -19.68 16.99
C ARG C 93 -48.45 -19.12 18.07
N ASN C 94 -49.54 -18.47 17.64
CA ASN C 94 -50.60 -17.98 18.49
C ASN C 94 -51.07 -19.04 19.47
N ILE C 95 -51.14 -20.28 19.01
CA ILE C 95 -51.63 -21.35 19.87
C ILE C 95 -50.70 -21.58 21.08
N LYS C 96 -49.40 -21.71 20.85
CA LYS C 96 -48.41 -21.87 21.94
C LYS C 96 -48.30 -20.65 22.89
N TYR C 97 -48.51 -19.43 22.40
CA TYR C 97 -48.09 -18.22 23.14
C TYR C 97 -49.15 -17.11 23.31
N ASN C 98 -50.34 -17.43 23.80
CA ASN C 98 -51.39 -16.40 23.89
C ASN C 98 -51.09 -15.30 24.90
N LEU C 99 -50.51 -15.66 26.05
CA LEU C 99 -50.19 -14.67 27.08
C LEU C 99 -49.11 -13.70 26.62
N ASP C 100 -48.10 -14.16 25.90
CA ASP C 100 -47.07 -13.27 25.35
C ASP C 100 -47.67 -12.37 24.32
N PHE C 101 -48.37 -12.97 23.35
CA PHE C 101 -49.09 -12.20 22.36
C PHE C 101 -49.94 -11.11 23.03
N TRP C 102 -50.44 -11.38 24.23
CA TRP C 102 -51.26 -10.41 24.93
C TRP C 102 -50.34 -9.38 25.54
N ARG C 103 -49.46 -9.84 26.41
CA ARG C 103 -48.71 -8.92 27.24
C ARG C 103 -47.81 -8.03 26.42
N LYS C 104 -47.12 -8.59 25.45
CA LYS C 104 -46.16 -7.80 24.68
C LYS C 104 -46.84 -6.79 23.75
N ASN C 105 -48.01 -7.10 23.20
CA ASN C 105 -48.72 -6.21 22.27
C ASN C 105 -49.49 -5.09 22.99
N VAL C 106 -50.14 -5.45 24.06
CA VAL C 106 -50.77 -4.48 24.90
C VAL C 106 -49.76 -3.44 25.40
N HIS C 107 -48.50 -3.84 25.59
CA HIS C 107 -47.45 -2.92 26.00
C HIS C 107 -47.03 -2.02 24.89
N MET C 108 -46.61 -2.64 23.80
CA MET C 108 -46.28 -1.91 22.60
C MET C 108 -47.34 -0.86 22.28
N ASN C 109 -48.58 -1.30 22.23
CA ASN C 109 -49.70 -0.42 21.92
C ASN C 109 -49.89 0.70 22.92
N ASP C 110 -49.94 0.33 24.20
CA ASP C 110 -50.06 1.35 25.23
C ASP C 110 -48.94 2.36 25.09
N ASN C 111 -47.72 1.83 24.96
CA ASN C 111 -46.54 2.67 24.85
C ASN C 111 -46.57 3.58 23.63
N VAL C 112 -46.78 3.00 22.45
CA VAL C 112 -46.80 3.74 21.21
C VAL C 112 -47.92 4.79 21.20
N LEU C 113 -49.15 4.40 21.54
CA LEU C 113 -50.27 5.35 21.49
C LEU C 113 -50.22 6.49 22.51
N HIS C 114 -49.68 6.23 23.70
CA HIS C 114 -49.62 7.24 24.75
C HIS C 114 -48.50 8.25 24.54
N SER C 115 -47.39 7.80 23.98
CA SER C 115 -46.25 8.68 23.64
C SER C 115 -46.62 9.66 22.53
N ALA C 116 -47.22 9.11 21.46
CA ALA C 116 -47.84 9.86 20.35
C ALA C 116 -48.86 10.84 20.86
N PHE C 117 -49.55 10.47 21.92
CA PHE C 117 -50.48 11.38 22.51
C PHE C 117 -49.72 12.58 23.11
N GLU C 118 -48.65 12.30 23.85
CA GLU C 118 -47.99 13.32 24.69
C GLU C 118 -46.84 14.04 24.01
N VAL C 119 -46.56 13.67 22.78
CA VAL C 119 -45.77 14.50 21.88
C VAL C 119 -46.72 15.48 21.19
N GLY C 120 -47.99 15.11 21.09
CA GLY C 120 -49.02 15.91 20.44
C GLY C 120 -49.13 15.55 18.97
N ALA C 121 -49.18 14.24 18.70
CA ALA C 121 -49.29 13.72 17.32
C ALA C 121 -50.68 14.04 16.81
N ARG C 122 -50.74 14.57 15.59
CA ARG C 122 -52.01 14.94 14.98
C ARG C 122 -52.89 13.68 14.70
N LYS C 123 -52.26 12.60 14.27
CA LYS C 123 -53.01 11.41 13.82
C LYS C 123 -52.19 10.13 13.92
N VAL C 124 -52.79 9.09 14.48
CA VAL C 124 -52.19 7.75 14.51
C VAL C 124 -53.11 6.73 13.85
N VAL C 125 -52.54 5.84 13.06
CA VAL C 125 -53.28 4.76 12.41
C VAL C 125 -52.65 3.44 12.78
N SER C 126 -53.34 2.68 13.61
CA SER C 126 -52.82 1.42 14.10
C SER C 126 -53.39 0.29 13.23
N CYS C 127 -52.99 -0.93 13.55
CA CYS C 127 -53.27 -2.07 12.72
C CYS C 127 -53.96 -3.18 13.51
N LEU C 128 -55.26 -3.36 13.28
CA LEU C 128 -56.04 -4.49 13.81
C LEU C 128 -55.91 -5.62 12.79
N SER C 129 -56.67 -6.70 12.92
CA SER C 129 -56.64 -7.81 11.93
C SER C 129 -58.06 -8.33 11.78
N THR C 130 -58.41 -8.96 10.65
CA THR C 130 -59.73 -9.64 10.57
C THR C 130 -59.80 -10.97 11.35
N CYS C 131 -58.64 -11.41 11.86
CA CYS C 131 -58.54 -12.40 12.94
C CYS C 131 -59.56 -12.28 14.02
N ILE C 132 -59.68 -11.07 14.53
CA ILE C 132 -60.05 -10.83 15.92
C ILE C 132 -61.55 -10.76 16.14
N PHE C 133 -62.32 -11.02 15.10
CA PHE C 133 -63.75 -10.78 15.22
C PHE C 133 -64.36 -11.89 16.02
N PRO C 134 -65.61 -11.68 16.48
CA PRO C 134 -66.27 -12.76 17.15
C PRO C 134 -66.24 -13.97 16.26
N ASP C 135 -66.15 -15.13 16.89
CA ASP C 135 -66.11 -16.39 16.18
C ASP C 135 -67.51 -16.86 15.79
N LYS C 136 -68.44 -16.83 16.75
CA LYS C 136 -69.85 -17.06 16.48
C LYS C 136 -70.38 -15.73 15.94
N THR C 137 -70.82 -15.73 14.68
CA THR C 137 -71.15 -14.48 13.98
C THR C 137 -71.85 -14.67 12.64
N THR C 138 -72.53 -13.60 12.25
CA THR C 138 -73.08 -13.45 10.93
C THR C 138 -71.96 -13.11 9.95
N TYR C 139 -72.23 -13.32 8.67
CA TYR C 139 -71.28 -12.93 7.63
C TYR C 139 -72.07 -12.21 6.53
N PRO C 140 -71.46 -11.21 5.88
CA PRO C 140 -70.06 -10.83 6.08
C PRO C 140 -69.82 -9.97 7.30
N ILE C 141 -68.55 -9.83 7.63
CA ILE C 141 -68.11 -9.13 8.80
C ILE C 141 -67.77 -7.68 8.47
N ASP C 142 -68.11 -6.79 9.39
CA ASP C 142 -67.79 -5.38 9.20
C ASP C 142 -67.38 -4.64 10.50
N GLU C 143 -66.92 -3.41 10.30
CA GLU C 143 -66.37 -2.53 11.35
C GLU C 143 -67.28 -2.36 12.59
N THR C 144 -68.58 -2.54 12.39
CA THR C 144 -69.54 -2.49 13.49
C THR C 144 -69.38 -3.68 14.45
N MET C 145 -69.00 -4.84 13.92
CA MET C 145 -69.13 -6.12 14.64
C MET C 145 -67.92 -6.52 15.48
N ILE C 146 -66.89 -5.72 15.44
CA ILE C 146 -65.63 -6.08 16.04
C ILE C 146 -65.71 -6.55 17.50
N HIS C 147 -66.62 -5.98 18.30
CA HIS C 147 -66.72 -6.35 19.73
C HIS C 147 -67.99 -7.16 20.08
N ASN C 148 -68.59 -7.80 19.07
CA ASN C 148 -69.87 -8.48 19.26
C ASN C 148 -69.75 -9.99 19.56
N GLY C 149 -68.93 -10.33 20.55
CA GLY C 149 -68.75 -11.71 20.96
C GLY C 149 -67.28 -12.05 21.16
N PRO C 150 -67.02 -13.20 21.77
CA PRO C 150 -65.63 -13.58 21.93
C PRO C 150 -64.97 -13.94 20.60
N PRO C 151 -63.66 -13.66 20.49
CA PRO C 151 -62.85 -14.21 19.42
C PRO C 151 -62.60 -15.69 19.59
N HIS C 152 -61.86 -16.27 18.66
CA HIS C 152 -61.56 -17.69 18.61
C HIS C 152 -60.57 -18.02 19.71
N ASN C 153 -60.49 -19.28 20.11
CA ASN C 153 -59.74 -19.61 21.32
C ASN C 153 -58.24 -19.63 21.06
N SER C 154 -57.88 -20.01 19.85
CA SER C 154 -56.50 -20.24 19.45
C SER C 154 -55.63 -18.98 19.48
N ASN C 155 -56.23 -17.83 19.24
CA ASN C 155 -55.50 -16.56 19.28
C ASN C 155 -56.11 -15.45 20.16
N PHE C 156 -56.85 -15.81 21.22
CA PHE C 156 -57.54 -14.77 22.01
C PHE C 156 -56.58 -13.72 22.57
N GLY C 157 -55.34 -14.07 22.81
CA GLY C 157 -54.34 -13.11 23.26
C GLY C 157 -54.18 -11.97 22.29
N TYR C 158 -53.68 -12.30 21.10
CA TYR C 158 -53.51 -11.36 20.02
C TYR C 158 -54.78 -10.57 19.69
N SER C 159 -55.90 -11.29 19.66
CA SER C 159 -57.16 -10.68 19.25
C SER C 159 -57.58 -9.57 20.19
N TYR C 160 -57.77 -9.91 21.45
CA TYR C 160 -58.14 -8.96 22.46
C TYR C 160 -57.18 -7.77 22.54
N ALA C 161 -55.87 -8.03 22.60
CA ALA C 161 -54.90 -6.92 22.55
C ALA C 161 -55.22 -5.98 21.39
N LYS C 162 -55.50 -6.53 20.20
CA LYS C 162 -55.87 -5.73 19.01
C LYS C 162 -57.15 -4.92 19.19
N ARG C 163 -58.15 -5.57 19.77
CA ARG C 163 -59.41 -4.90 20.06
C ARG C 163 -59.14 -3.74 21.01
N MET C 164 -58.24 -3.94 21.96
CA MET C 164 -57.95 -2.88 22.91
C MET C 164 -57.21 -1.73 22.27
N ILE C 165 -56.75 -1.90 21.03
CA ILE C 165 -56.29 -0.74 20.27
C ILE C 165 -57.51 0.10 19.85
N ASP C 166 -58.61 -0.57 19.51
CA ASP C 166 -59.83 0.15 19.19
C ASP C 166 -60.37 0.87 20.44
N VAL C 167 -60.23 0.23 21.61
CA VAL C 167 -60.75 0.77 22.85
C VAL C 167 -59.87 1.92 23.34
N GLN C 168 -58.56 1.86 23.14
CA GLN C 168 -57.70 3.01 23.48
C GLN C 168 -57.98 4.15 22.50
N ASN C 169 -57.95 3.86 21.19
CA ASN C 169 -58.30 4.86 20.18
C ASN C 169 -59.50 5.69 20.62
N ARG C 170 -60.61 5.04 20.92
CA ARG C 170 -61.81 5.82 21.25
C ARG C 170 -61.76 6.49 22.64
N ALA C 171 -60.94 5.96 23.55
CA ALA C 171 -60.67 6.66 24.81
C ALA C 171 -59.92 8.00 24.61
N TYR C 172 -58.83 8.01 23.85
CA TYR C 172 -58.11 9.27 23.55
C TYR C 172 -59.00 10.26 22.80
N PHE C 173 -59.84 9.78 21.90
CA PHE C 173 -60.72 10.62 21.10
C PHE C 173 -61.86 11.30 21.92
N GLN C 174 -62.65 10.49 22.60
CA GLN C 174 -63.77 11.02 23.38
C GLN C 174 -63.30 11.99 24.46
N GLN C 175 -62.12 11.74 25.02
CA GLN C 175 -61.58 12.55 26.11
C GLN C 175 -60.81 13.80 25.67
N TYR C 176 -60.00 13.69 24.60
CA TYR C 176 -59.14 14.80 24.11
C TYR C 176 -59.38 15.25 22.68
N GLY C 177 -60.22 14.53 21.94
CA GLY C 177 -60.46 14.83 20.53
C GLY C 177 -59.35 14.36 19.63
N CYS C 178 -58.60 13.34 20.07
CA CYS C 178 -57.48 12.82 19.28
C CYS C 178 -57.97 12.00 18.11
N THR C 179 -57.33 12.15 16.95
CA THR C 179 -57.67 11.40 15.75
C THR C 179 -56.82 10.12 15.67
N PHE C 180 -57.03 9.25 16.65
CA PHE C 180 -56.36 7.94 16.65
C PHE C 180 -57.33 6.89 16.09
N THR C 181 -56.99 6.30 14.96
CA THR C 181 -57.85 5.32 14.32
C THR C 181 -57.04 4.06 14.05
N ALA C 182 -57.62 3.16 13.23
CA ALA C 182 -56.91 1.99 12.78
C ALA C 182 -57.54 1.49 11.49
N VAL C 183 -56.82 0.61 10.81
CA VAL C 183 -57.34 -0.16 9.70
C VAL C 183 -57.38 -1.62 10.12
N ILE C 184 -58.25 -2.39 9.47
CA ILE C 184 -58.32 -3.84 9.70
C ILE C 184 -58.04 -4.62 8.40
N PRO C 185 -56.78 -5.02 8.17
CA PRO C 185 -56.49 -5.83 7.02
C PRO C 185 -56.89 -7.26 7.26
N THR C 186 -57.06 -8.01 6.17
CA THR C 186 -57.24 -9.45 6.27
C THR C 186 -55.84 -10.09 6.29
N ASN C 187 -55.77 -11.39 6.04
CA ASN C 187 -54.51 -12.08 5.95
C ASN C 187 -53.65 -11.41 4.91
N VAL C 188 -52.46 -10.94 5.30
CA VAL C 188 -51.57 -10.20 4.37
C VAL C 188 -50.44 -11.12 3.90
N PHE C 189 -50.01 -10.96 2.64
CA PHE C 189 -48.88 -11.72 2.10
C PHE C 189 -48.06 -10.91 1.08
N GLY C 190 -46.85 -11.41 0.76
CA GLY C 190 -45.94 -10.71 -0.17
C GLY C 190 -44.45 -10.72 0.16
N PRO C 191 -43.68 -9.83 -0.48
CA PRO C 191 -42.25 -9.80 -0.24
C PRO C 191 -41.97 -9.37 1.17
N HIS C 192 -40.84 -9.81 1.70
CA HIS C 192 -40.45 -9.59 3.10
C HIS C 192 -41.41 -10.14 4.17
N ASP C 193 -42.18 -11.17 3.80
CA ASP C 193 -43.02 -11.87 4.76
C ASP C 193 -42.12 -12.79 5.66
N ASN C 194 -42.55 -13.07 6.90
CA ASN C 194 -41.81 -14.00 7.76
C ASN C 194 -42.08 -15.41 7.22
N PHE C 195 -41.08 -16.00 6.56
CA PHE C 195 -41.23 -17.34 5.98
C PHE C 195 -40.78 -18.48 6.89
N ASN C 196 -40.71 -18.25 8.21
CA ASN C 196 -40.63 -19.39 9.16
C ASN C 196 -41.87 -20.29 9.05
N ILE C 197 -41.67 -21.55 8.71
CA ILE C 197 -42.81 -22.42 8.52
C ILE C 197 -43.56 -22.59 9.83
N GLU C 198 -42.82 -22.83 10.91
CA GLU C 198 -43.36 -23.04 12.27
C GLU C 198 -44.13 -21.84 12.86
N ASP C 199 -43.70 -20.63 12.55
CA ASP C 199 -44.25 -19.45 13.17
C ASP C 199 -45.01 -18.51 12.24
N GLY C 200 -44.86 -18.71 10.93
CA GLY C 200 -45.41 -17.79 9.95
C GLY C 200 -46.84 -18.09 9.52
N HIS C 201 -47.27 -17.45 8.46
CA HIS C 201 -48.63 -17.65 7.94
C HIS C 201 -48.61 -18.68 6.87
N VAL C 202 -49.78 -18.99 6.35
CA VAL C 202 -49.95 -20.14 5.51
C VAL C 202 -49.12 -19.96 4.25
N LEU C 203 -49.43 -18.94 3.46
CA LEU C 203 -48.77 -18.67 2.17
C LEU C 203 -47.23 -18.58 2.22
N PRO C 204 -46.65 -17.80 3.16
CA PRO C 204 -45.19 -17.86 3.22
C PRO C 204 -44.70 -19.19 3.79
N GLY C 205 -45.55 -19.84 4.60
CA GLY C 205 -45.28 -21.18 5.06
C GLY C 205 -45.30 -22.17 3.92
N LEU C 206 -46.30 -22.02 3.05
CA LEU C 206 -46.46 -22.91 1.91
C LEU C 206 -45.35 -22.66 0.93
N ILE C 207 -45.06 -21.39 0.65
CA ILE C 207 -43.99 -21.06 -0.31
C ILE C 207 -42.69 -21.72 0.11
N HIS C 208 -42.32 -21.57 1.38
CA HIS C 208 -41.08 -22.17 1.86
C HIS C 208 -41.12 -23.70 1.75
N LYS C 209 -42.25 -24.31 2.09
CA LYS C 209 -42.42 -25.79 1.99
C LYS C 209 -42.24 -26.32 0.57
N VAL C 210 -42.84 -25.63 -0.40
CA VAL C 210 -42.70 -26.03 -1.78
C VAL C 210 -41.24 -25.91 -2.23
N HIS C 211 -40.57 -24.84 -1.81
CA HIS C 211 -39.14 -24.61 -2.13
C HIS C 211 -38.28 -25.68 -1.51
N LEU C 212 -38.57 -26.09 -0.28
CA LEU C 212 -37.76 -27.16 0.36
C LEU C 212 -38.03 -28.51 -0.31
N ALA C 213 -39.31 -28.82 -0.50
CA ALA C 213 -39.74 -30.03 -1.23
C ALA C 213 -39.00 -30.22 -2.57
N LYS C 214 -39.08 -29.23 -3.47
CA LYS C 214 -38.32 -29.32 -4.74
C LYS C 214 -36.90 -29.88 -4.47
N SER C 215 -36.14 -29.20 -3.61
CA SER C 215 -34.75 -29.62 -3.30
C SER C 215 -34.68 -30.94 -2.56
N SER C 216 -35.74 -31.30 -1.83
CA SER C 216 -35.72 -32.49 -0.99
C SER C 216 -36.45 -33.70 -1.60
N GLY C 217 -37.00 -33.54 -2.80
CA GLY C 217 -37.83 -34.59 -3.41
C GLY C 217 -39.08 -34.91 -2.62
N SER C 218 -39.24 -34.34 -1.43
CA SER C 218 -40.41 -34.57 -0.58
C SER C 218 -41.71 -34.16 -1.26
N ALA C 219 -42.81 -34.61 -0.67
CA ALA C 219 -44.13 -34.10 -1.00
C ALA C 219 -44.29 -32.77 -0.29
N LEU C 220 -45.28 -32.02 -0.75
CA LEU C 220 -45.76 -30.84 -0.04
C LEU C 220 -46.81 -31.33 0.94
N THR C 221 -46.63 -30.94 2.20
CA THR C 221 -47.59 -31.22 3.25
C THR C 221 -48.23 -29.90 3.56
N VAL C 222 -49.50 -29.77 3.20
CA VAL C 222 -50.32 -28.64 3.58
C VAL C 222 -50.99 -29.05 4.87
N TRP C 223 -50.89 -28.21 5.89
CA TRP C 223 -51.45 -28.59 7.17
C TRP C 223 -52.95 -28.47 7.10
N GLY C 224 -53.66 -29.34 7.83
CA GLY C 224 -55.11 -29.26 7.92
C GLY C 224 -55.81 -29.91 6.75
N THR C 225 -57.05 -29.50 6.55
CA THR C 225 -57.95 -30.13 5.57
C THR C 225 -57.93 -29.44 4.20
N GLY C 226 -57.69 -28.13 4.18
CA GLY C 226 -57.66 -27.34 2.95
C GLY C 226 -58.96 -26.59 2.70
N ASN C 227 -60.00 -26.91 3.47
CA ASN C 227 -61.33 -26.31 3.27
C ASN C 227 -61.55 -24.92 3.88
N PRO C 228 -60.81 -24.54 4.94
CA PRO C 228 -61.01 -23.18 5.50
C PRO C 228 -60.85 -22.07 4.48
N ARG C 229 -61.67 -21.03 4.64
CA ARG C 229 -61.77 -19.97 3.67
C ARG C 229 -60.95 -18.78 4.14
N ARG C 230 -60.32 -18.07 3.21
CA ARG C 230 -59.54 -16.89 3.57
C ARG C 230 -59.59 -15.84 2.47
N GLN C 231 -59.57 -14.57 2.87
CA GLN C 231 -59.40 -13.48 1.96
C GLN C 231 -57.96 -12.99 2.15
N PHE C 232 -57.21 -12.95 1.06
CA PHE C 232 -55.83 -12.46 1.12
C PHE C 232 -55.66 -11.08 0.51
N ILE C 233 -54.65 -10.36 0.98
CA ILE C 233 -54.37 -9.01 0.45
C ILE C 233 -52.85 -8.85 0.26
N TYR C 234 -52.46 -8.44 -0.93
CA TYR C 234 -51.05 -8.23 -1.28
C TYR C 234 -50.47 -7.06 -0.52
N SER C 235 -49.32 -7.24 0.12
CA SER C 235 -48.67 -6.18 0.92
C SER C 235 -48.52 -4.83 0.21
N LEU C 236 -48.22 -4.90 -1.09
CA LEU C 236 -48.22 -3.71 -1.94
C LEU C 236 -49.60 -3.02 -2.04
N ASP C 237 -50.67 -3.79 -2.27
CA ASP C 237 -52.02 -3.19 -2.35
C ASP C 237 -52.41 -2.59 -1.02
N LEU C 238 -52.04 -3.29 0.06
CA LEU C 238 -52.31 -2.82 1.40
C LEU C 238 -51.54 -1.52 1.62
N ALA C 239 -50.25 -1.54 1.33
CA ALA C 239 -49.43 -0.35 1.49
C ALA C 239 -50.15 0.89 0.93
N GLN C 240 -50.55 0.85 -0.34
CA GLN C 240 -51.19 2.01 -0.96
C GLN C 240 -52.47 2.45 -0.22
N LEU C 241 -53.27 1.48 0.20
CA LEU C 241 -54.47 1.76 0.97
C LEU C 241 -54.10 2.37 2.34
N PHE C 242 -53.05 1.86 2.96
CA PHE C 242 -52.51 2.44 4.18
C PHE C 242 -52.15 3.92 4.01
N ILE C 243 -51.33 4.24 3.02
CA ILE C 243 -50.90 5.62 2.77
C ILE C 243 -52.10 6.53 2.56
N TRP C 244 -52.99 6.13 1.66
CA TRP C 244 -54.22 6.83 1.48
C TRP C 244 -54.84 7.09 2.85
N VAL C 245 -55.11 6.01 3.59
CA VAL C 245 -55.72 6.13 4.91
C VAL C 245 -55.06 7.26 5.71
N LEU C 246 -53.72 7.32 5.69
CA LEU C 246 -52.98 8.32 6.47
C LEU C 246 -53.40 9.72 6.08
N ARG C 247 -53.44 9.96 4.77
CA ARG C 247 -53.72 11.30 4.23
C ARG C 247 -55.18 11.68 4.28
N GLU C 248 -56.07 10.78 3.82
CA GLU C 248 -57.46 11.14 3.50
C GLU C 248 -58.60 10.57 4.38
N TYR C 249 -58.33 9.59 5.23
CA TYR C 249 -59.38 9.06 6.12
C TYR C 249 -59.28 9.72 7.51
N ASN C 250 -60.43 10.10 8.09
CA ASN C 250 -60.45 10.76 9.41
C ASN C 250 -61.46 10.16 10.43
N GLU C 251 -62.14 9.07 10.06
CA GLU C 251 -63.08 8.43 10.98
C GLU C 251 -62.31 7.75 12.09
N VAL C 252 -62.76 7.93 13.33
CA VAL C 252 -62.12 7.24 14.45
C VAL C 252 -62.53 5.76 14.47
N GLU C 253 -63.69 5.47 13.90
CA GLU C 253 -64.05 4.09 13.61
C GLU C 253 -62.96 3.50 12.71
N PRO C 254 -62.59 2.21 12.95
CA PRO C 254 -61.64 1.57 12.06
C PRO C 254 -62.25 1.29 10.71
N ILE C 255 -61.43 0.76 9.80
CA ILE C 255 -61.83 0.45 8.43
C ILE C 255 -61.11 -0.77 7.88
N ILE C 256 -61.92 -1.71 7.40
CA ILE C 256 -61.42 -2.93 6.80
C ILE C 256 -60.77 -2.69 5.44
N LEU C 257 -59.53 -3.12 5.32
CA LEU C 257 -58.80 -3.13 4.07
C LEU C 257 -58.67 -4.57 3.53
N SER C 258 -59.66 -4.95 2.72
CA SER C 258 -59.75 -6.32 2.28
C SER C 258 -60.15 -6.42 0.83
N VAL C 259 -59.71 -7.50 0.19
CA VAL C 259 -60.22 -7.88 -1.12
C VAL C 259 -61.69 -8.25 -0.85
N GLY C 260 -62.51 -8.31 -1.89
CA GLY C 260 -63.94 -8.53 -1.71
C GLY C 260 -64.38 -9.89 -1.19
N GLU C 261 -65.70 -10.08 -1.06
CA GLU C 261 -66.26 -11.34 -0.54
C GLU C 261 -66.23 -12.44 -1.61
N GLU C 262 -65.98 -12.04 -2.85
CA GLU C 262 -65.99 -12.93 -4.01
C GLU C 262 -64.56 -13.25 -4.45
N ASP C 263 -63.59 -12.79 -3.66
CA ASP C 263 -62.18 -13.06 -3.92
C ASP C 263 -61.61 -14.01 -2.87
N GLU C 264 -62.44 -14.37 -1.89
CA GLU C 264 -62.11 -15.34 -0.85
C GLU C 264 -61.61 -16.60 -1.52
N VAL C 265 -60.77 -17.36 -0.82
CA VAL C 265 -60.13 -18.56 -1.36
C VAL C 265 -59.96 -19.55 -0.22
N SER C 266 -60.12 -20.85 -0.50
CA SER C 266 -59.87 -21.89 0.48
C SER C 266 -58.38 -22.02 0.64
N ILE C 267 -57.96 -22.82 1.61
CA ILE C 267 -56.55 -23.12 1.75
C ILE C 267 -56.08 -24.04 0.65
N LYS C 268 -56.89 -25.01 0.22
CA LYS C 268 -56.48 -25.88 -0.93
C LYS C 268 -56.25 -25.04 -2.18
N GLU C 269 -57.08 -24.02 -2.41
CA GLU C 269 -56.88 -23.15 -3.56
C GLU C 269 -55.59 -22.35 -3.42
N ALA C 270 -55.29 -21.87 -2.21
CA ALA C 270 -54.03 -21.13 -2.01
C ALA C 270 -52.83 -22.00 -2.35
N ALA C 271 -52.89 -23.24 -1.90
CA ALA C 271 -51.83 -24.18 -2.16
C ALA C 271 -51.68 -24.40 -3.65
N GLU C 272 -52.81 -24.61 -4.34
CA GLU C 272 -52.82 -24.73 -5.80
C GLU C 272 -52.16 -23.53 -6.49
N ALA C 273 -52.30 -22.34 -5.91
CA ALA C 273 -51.70 -21.12 -6.48
C ALA C 273 -50.18 -21.07 -6.30
N VAL C 274 -49.72 -21.52 -5.14
CA VAL C 274 -48.30 -21.64 -4.87
C VAL C 274 -47.68 -22.76 -5.74
N VAL C 275 -48.33 -23.93 -5.79
CA VAL C 275 -47.86 -25.06 -6.62
C VAL C 275 -47.56 -24.61 -8.04
N GLU C 276 -48.53 -23.99 -8.68
CA GLU C 276 -48.41 -23.60 -10.06
C GLU C 276 -47.42 -22.46 -10.21
N ALA C 277 -47.49 -21.47 -9.32
CA ALA C 277 -46.52 -20.37 -9.32
C ALA C 277 -45.07 -20.82 -9.35
N MET C 278 -44.75 -21.86 -8.57
CA MET C 278 -43.37 -22.31 -8.40
C MET C 278 -42.98 -23.53 -9.20
N ASP C 279 -43.85 -23.95 -10.12
CA ASP C 279 -43.55 -25.07 -11.00
C ASP C 279 -43.04 -26.29 -10.24
N PHE C 280 -43.83 -26.68 -9.21
CA PHE C 280 -43.58 -27.88 -8.43
C PHE C 280 -44.47 -28.98 -8.97
N HIS C 281 -43.87 -30.15 -9.20
CA HIS C 281 -44.57 -31.26 -9.81
C HIS C 281 -44.66 -32.46 -8.87
N GLY C 282 -44.40 -32.21 -7.59
CA GLY C 282 -44.44 -33.26 -6.60
C GLY C 282 -45.83 -33.54 -6.06
N GLU C 283 -45.92 -34.62 -5.27
CA GLU C 283 -47.13 -34.96 -4.54
C GLU C 283 -47.51 -33.83 -3.58
N VAL C 284 -48.80 -33.53 -3.56
CA VAL C 284 -49.34 -32.55 -2.65
C VAL C 284 -50.23 -33.28 -1.68
N THR C 285 -50.01 -33.04 -0.40
CA THR C 285 -50.65 -33.80 0.65
C THR C 285 -51.22 -32.86 1.72
N PHE C 286 -52.17 -33.38 2.48
CA PHE C 286 -52.80 -32.69 3.58
C PHE C 286 -52.74 -33.54 4.83
N ASP C 287 -52.07 -33.02 5.87
CA ASP C 287 -52.14 -33.63 7.18
C ASP C 287 -53.38 -33.04 7.86
N THR C 288 -54.44 -33.84 7.82
CA THR C 288 -55.73 -33.44 8.32
C THR C 288 -55.77 -33.41 9.84
N THR C 289 -54.80 -34.03 10.50
CA THR C 289 -54.77 -34.02 11.96
C THR C 289 -54.50 -32.62 12.53
N LYS C 290 -53.84 -31.80 11.73
CA LYS C 290 -53.44 -30.44 12.08
C LYS C 290 -54.61 -29.45 12.19
N SER C 291 -54.58 -28.57 13.18
CA SER C 291 -55.70 -27.68 13.44
C SER C 291 -55.99 -26.80 12.25
N ASP C 292 -57.24 -26.80 11.79
CA ASP C 292 -57.70 -25.85 10.73
C ASP C 292 -57.89 -24.41 11.20
N GLY C 293 -57.82 -24.16 12.51
CA GLY C 293 -58.10 -22.84 13.01
C GLY C 293 -59.52 -22.38 12.71
N GLN C 294 -59.70 -21.09 12.48
CA GLN C 294 -61.02 -20.54 12.23
C GLN C 294 -61.44 -20.92 10.79
N PHE C 295 -62.56 -21.60 10.66
CA PHE C 295 -62.96 -22.05 9.34
C PHE C 295 -63.09 -20.91 8.31
N LYS C 296 -63.65 -19.78 8.74
CA LYS C 296 -64.06 -18.71 7.84
C LYS C 296 -64.27 -17.40 8.61
N LYS C 297 -63.68 -16.31 8.10
CA LYS C 297 -63.85 -14.96 8.66
C LYS C 297 -64.14 -13.98 7.54
N THR C 298 -65.12 -14.30 6.70
CA THR C 298 -65.40 -13.49 5.52
C THR C 298 -65.70 -12.07 5.94
N ALA C 299 -64.84 -11.15 5.50
CA ALA C 299 -65.00 -9.73 5.78
C ALA C 299 -65.63 -8.98 4.62
N SER C 300 -66.16 -7.80 4.94
CA SER C 300 -66.73 -6.90 3.94
C SER C 300 -65.97 -5.57 3.85
N ASN C 301 -65.86 -5.05 2.63
CA ASN C 301 -65.17 -3.80 2.40
C ASN C 301 -66.13 -2.75 1.82
N SER C 302 -67.41 -2.85 2.18
CA SER C 302 -68.42 -1.93 1.67
C SER C 302 -68.02 -0.50 2.03
N LYS C 303 -67.70 -0.27 3.29
CA LYS C 303 -67.21 1.05 3.72
C LYS C 303 -66.10 1.53 2.81
N LEU C 304 -65.10 0.67 2.58
CA LEU C 304 -63.92 1.07 1.81
C LEU C 304 -64.34 1.43 0.39
N ARG C 305 -65.31 0.71 -0.16
CA ARG C 305 -65.77 0.97 -1.52
C ARG C 305 -66.61 2.25 -1.63
N THR C 306 -67.16 2.71 -0.51
CA THR C 306 -67.80 4.03 -0.47
C THR C 306 -66.78 5.14 -0.50
N TYR C 307 -65.53 4.82 -0.13
CA TYR C 307 -64.43 5.77 -0.29
C TYR C 307 -63.78 5.61 -1.65
N LEU C 308 -63.31 4.40 -1.95
CA LEU C 308 -62.43 4.15 -3.10
C LEU C 308 -62.99 3.11 -4.06
N PRO C 309 -64.17 3.38 -4.66
CA PRO C 309 -64.85 2.42 -5.54
C PRO C 309 -64.04 1.99 -6.74
N ASP C 310 -63.07 2.81 -7.14
CA ASP C 310 -62.32 2.59 -8.37
C ASP C 310 -60.96 1.89 -8.20
N PHE C 311 -60.58 1.57 -6.96
CA PHE C 311 -59.33 0.85 -6.67
C PHE C 311 -59.38 -0.60 -7.15
N ARG C 312 -58.31 -1.05 -7.80
CA ARG C 312 -58.28 -2.39 -8.37
C ARG C 312 -57.17 -3.19 -7.69
N PHE C 313 -57.55 -4.18 -6.88
CA PHE C 313 -56.58 -5.04 -6.21
C PHE C 313 -55.83 -5.89 -7.22
N THR C 314 -54.55 -6.15 -6.95
CA THR C 314 -53.74 -7.06 -7.75
C THR C 314 -54.35 -8.47 -7.71
N PRO C 315 -54.56 -9.09 -8.87
CA PRO C 315 -55.04 -10.47 -8.89
C PRO C 315 -54.21 -11.46 -8.08
N PHE C 316 -54.91 -12.23 -7.25
CA PHE C 316 -54.32 -13.22 -6.36
C PHE C 316 -53.27 -14.13 -6.99
N LYS C 317 -53.58 -14.80 -8.10
CA LYS C 317 -52.58 -15.67 -8.73
C LYS C 317 -51.34 -14.91 -9.22
N GLN C 318 -51.52 -13.64 -9.58
CA GLN C 318 -50.39 -12.82 -9.96
C GLN C 318 -49.56 -12.40 -8.74
N ALA C 319 -50.22 -12.11 -7.62
CA ALA C 319 -49.50 -11.71 -6.40
C ALA C 319 -48.70 -12.86 -5.82
N VAL C 320 -49.20 -14.08 -5.99
CA VAL C 320 -48.50 -15.27 -5.52
C VAL C 320 -47.27 -15.48 -6.39
N LYS C 321 -47.49 -15.43 -7.71
CA LYS C 321 -46.42 -15.40 -8.72
C LYS C 321 -45.26 -14.45 -8.33
N GLU C 322 -45.59 -13.19 -8.08
CA GLU C 322 -44.58 -12.19 -7.69
C GLU C 322 -43.92 -12.52 -6.37
N THR C 323 -44.72 -12.96 -5.40
CA THR C 323 -44.18 -13.28 -4.09
C THR C 323 -43.25 -14.51 -4.12
N CYS C 324 -43.60 -15.50 -4.95
CA CYS C 324 -42.79 -16.67 -5.16
C CYS C 324 -41.50 -16.28 -5.86
N ALA C 325 -41.58 -15.35 -6.79
CA ALA C 325 -40.38 -14.87 -7.50
C ALA C 325 -39.48 -14.12 -6.52
N TRP C 326 -40.07 -13.24 -5.74
CA TRP C 326 -39.30 -12.56 -4.72
C TRP C 326 -38.58 -13.59 -3.85
N PHE C 327 -39.32 -14.56 -3.34
CA PHE C 327 -38.74 -15.51 -2.40
C PHE C 327 -37.51 -16.20 -2.98
N THR C 328 -37.65 -16.63 -4.23
CA THR C 328 -36.68 -17.47 -4.90
C THR C 328 -35.43 -16.67 -5.26
N ASP C 329 -35.58 -15.36 -5.49
CA ASP C 329 -34.43 -14.48 -5.78
C ASP C 329 -33.91 -13.78 -4.50
N ASN C 330 -34.56 -14.01 -3.37
CA ASN C 330 -34.10 -13.50 -2.07
C ASN C 330 -34.14 -14.60 -1.00
N TYR C 331 -33.96 -15.84 -1.42
CA TYR C 331 -34.00 -16.96 -0.50
C TYR C 331 -33.17 -16.65 0.76
N GLU C 332 -31.88 -16.37 0.54
CA GLU C 332 -30.93 -16.21 1.62
C GLU C 332 -31.23 -15.04 2.56
N GLN C 333 -31.76 -13.94 2.02
CA GLN C 333 -32.05 -12.75 2.85
C GLN C 333 -33.39 -12.83 3.57
N ALA C 334 -34.33 -13.60 3.02
CA ALA C 334 -35.65 -13.75 3.61
C ALA C 334 -35.60 -14.29 5.05
N ARG C 335 -36.62 -13.95 5.82
CA ARG C 335 -36.73 -14.43 7.18
C ARG C 335 -37.27 -15.83 7.09
N LYS C 336 -36.51 -16.81 7.54
CA LYS C 336 -36.91 -18.21 7.36
C LYS C 336 -36.24 -19.12 8.38
N SER D 22 -5.50 -59.17 43.78
CA SER D 22 -4.82 -60.03 42.75
C SER D 22 -4.11 -59.18 41.68
N MET D 23 -2.77 -59.19 41.72
CA MET D 23 -1.96 -58.43 40.78
C MET D 23 -0.89 -59.30 40.12
N ARG D 24 -0.85 -59.27 38.79
CA ARG D 24 0.21 -59.90 38.01
C ARG D 24 1.14 -58.76 37.55
N ILE D 25 2.25 -58.58 38.27
CA ILE D 25 3.05 -57.37 38.11
C ILE D 25 4.31 -57.60 37.31
N LEU D 26 4.31 -57.04 36.12
CA LEU D 26 5.44 -57.12 35.24
C LEU D 26 6.36 -55.93 35.47
N VAL D 27 7.64 -56.24 35.69
CA VAL D 27 8.68 -55.23 35.81
C VAL D 27 9.62 -55.29 34.63
N THR D 28 9.55 -54.31 33.74
CA THR D 28 10.59 -54.20 32.72
C THR D 28 11.83 -53.55 33.33
N GLY D 29 12.99 -53.83 32.73
CA GLY D 29 14.26 -53.31 33.20
C GLY D 29 14.71 -54.00 34.47
N GLY D 30 14.41 -55.30 34.56
CA GLY D 30 14.48 -56.06 35.81
C GLY D 30 15.88 -56.37 36.30
N SER D 31 16.83 -56.32 35.38
CA SER D 31 18.22 -56.72 35.63
C SER D 31 19.12 -55.49 35.84
N GLY D 32 18.52 -54.31 35.86
CA GLY D 32 19.28 -53.10 36.07
C GLY D 32 19.47 -52.76 37.52
N LEU D 33 20.22 -51.67 37.74
CA LEU D 33 20.37 -51.10 39.06
C LEU D 33 19.02 -51.09 39.79
N VAL D 34 18.04 -50.42 39.22
CA VAL D 34 16.75 -50.26 39.89
C VAL D 34 15.99 -51.57 39.89
N GLY D 35 16.07 -52.30 38.79
CA GLY D 35 15.36 -53.58 38.66
C GLY D 35 15.87 -54.64 39.62
N LYS D 36 17.18 -54.72 39.80
CA LYS D 36 17.75 -55.72 40.70
C LYS D 36 17.46 -55.38 42.17
N ALA D 37 17.49 -54.09 42.50
CA ALA D 37 17.16 -53.64 43.87
C ALA D 37 15.76 -54.11 44.29
N ILE D 38 14.77 -53.93 43.41
CA ILE D 38 13.37 -54.32 43.69
C ILE D 38 13.24 -55.82 43.89
N GLN D 39 13.91 -56.58 43.04
CA GLN D 39 14.03 -58.01 43.22
C GLN D 39 14.45 -58.32 44.67
N LYS D 40 15.59 -57.80 45.09
CA LYS D 40 16.04 -57.96 46.48
C LYS D 40 14.92 -57.72 47.52
N VAL D 41 14.15 -56.65 47.36
CA VAL D 41 13.12 -56.29 48.35
C VAL D 41 11.98 -57.31 48.38
N VAL D 42 11.35 -57.51 47.21
CA VAL D 42 10.28 -58.49 47.04
C VAL D 42 10.69 -59.89 47.45
N ALA D 43 11.96 -60.21 47.23
CA ALA D 43 12.53 -61.48 47.67
C ALA D 43 12.67 -61.49 49.19
N ASP D 44 13.15 -60.39 49.74
CA ASP D 44 13.38 -60.30 51.19
C ASP D 44 12.10 -60.15 52.01
N GLY D 45 10.94 -60.32 51.37
CA GLY D 45 9.67 -60.54 52.07
C GLY D 45 8.61 -59.44 51.96
N ALA D 46 8.89 -58.39 51.21
CA ALA D 46 7.96 -57.27 51.10
C ALA D 46 6.79 -57.49 50.11
N GLY D 47 6.70 -58.66 49.50
CA GLY D 47 5.53 -58.98 48.67
C GLY D 47 4.28 -59.11 49.52
N LEU D 48 3.15 -58.70 48.98
CA LEU D 48 1.84 -58.88 49.64
C LEU D 48 1.12 -60.05 48.96
N PRO D 49 0.56 -60.99 49.75
CA PRO D 49 -0.04 -62.19 49.13
C PRO D 49 -0.97 -61.87 47.96
N GLY D 50 -0.91 -62.69 46.91
CA GLY D 50 -1.76 -62.49 45.73
C GLY D 50 -1.12 -61.59 44.70
N GLU D 51 0.15 -61.27 44.93
CA GLU D 51 0.95 -60.49 44.02
C GLU D 51 1.94 -61.44 43.32
N ASP D 52 1.87 -61.46 42.00
CA ASP D 52 2.74 -62.27 41.17
C ASP D 52 3.70 -61.31 40.47
N TRP D 53 4.99 -61.44 40.79
CA TRP D 53 6.02 -60.49 40.39
C TRP D 53 6.91 -61.01 39.28
N VAL D 54 6.58 -60.70 38.03
CA VAL D 54 7.39 -61.15 36.91
C VAL D 54 8.45 -60.09 36.64
N PHE D 55 9.70 -60.54 36.61
CA PHE D 55 10.85 -59.71 36.32
C PHE D 55 11.41 -60.14 34.98
N VAL D 56 11.54 -59.19 34.06
CA VAL D 56 12.03 -59.48 32.71
C VAL D 56 13.18 -58.52 32.34
N SER D 57 13.91 -58.87 31.27
CA SER D 57 14.95 -58.01 30.72
C SER D 57 14.94 -58.11 29.19
N SER D 58 15.90 -57.49 28.50
CA SER D 58 16.00 -57.59 27.04
C SER D 58 16.12 -59.03 26.61
N LYS D 59 16.62 -59.89 27.50
CA LYS D 59 16.66 -61.33 27.23
C LYS D 59 15.28 -61.85 26.84
N ASP D 60 14.26 -61.40 27.54
CA ASP D 60 12.88 -61.87 27.31
C ASP D 60 12.16 -61.21 26.14
N ALA D 61 12.61 -60.04 25.72
CA ALA D 61 12.04 -59.36 24.56
C ALA D 61 12.71 -58.02 24.42
N ASP D 62 13.24 -57.73 23.24
CA ASP D 62 13.80 -56.42 22.94
C ASP D 62 12.64 -55.42 22.88
N LEU D 63 12.51 -54.59 23.91
CA LEU D 63 11.44 -53.60 23.97
C LEU D 63 11.48 -52.49 22.89
N THR D 64 12.53 -52.41 22.07
CA THR D 64 12.51 -51.49 20.93
C THR D 64 11.74 -52.07 19.75
N ASP D 65 11.48 -53.37 19.81
CA ASP D 65 10.67 -54.05 18.80
C ASP D 65 9.23 -54.11 19.26
N THR D 66 8.32 -53.91 18.32
CA THR D 66 6.89 -53.84 18.59
C THR D 66 6.30 -55.26 18.68
N ALA D 67 6.75 -56.14 17.80
CA ALA D 67 6.25 -57.51 17.78
C ALA D 67 6.64 -58.26 19.04
N GLN D 68 7.87 -58.08 19.51
CA GLN D 68 8.32 -58.78 20.70
C GLN D 68 7.60 -58.33 21.95
N THR D 69 7.48 -57.00 22.10
CA THR D 69 6.91 -56.41 23.29
C THR D 69 5.50 -56.95 23.46
N ARG D 70 4.67 -56.80 22.43
CA ARG D 70 3.28 -57.30 22.42
C ARG D 70 3.17 -58.75 22.89
N ALA D 71 4.00 -59.62 22.31
CA ALA D 71 4.01 -61.07 22.61
C ALA D 71 4.27 -61.34 24.09
N LEU D 72 5.25 -60.62 24.62
CA LEU D 72 5.55 -60.63 26.04
C LEU D 72 4.30 -60.27 26.84
N PHE D 73 3.66 -59.17 26.45
CA PHE D 73 2.50 -58.62 27.17
C PHE D 73 1.28 -59.47 26.98
N GLU D 74 1.19 -60.17 25.85
CA GLU D 74 0.14 -61.17 25.63
C GLU D 74 0.40 -62.38 26.51
N LYS D 75 1.68 -62.80 26.57
CA LYS D 75 2.08 -64.02 27.28
C LYS D 75 1.90 -63.84 28.77
N VAL D 76 2.47 -62.77 29.32
CA VAL D 76 2.15 -62.32 30.67
C VAL D 76 0.88 -61.53 30.51
N GLN D 77 -0.03 -61.53 31.48
CA GLN D 77 -1.26 -60.71 31.36
C GLN D 77 -1.32 -59.68 32.47
N PRO D 78 -0.36 -58.76 32.47
CA PRO D 78 -0.06 -58.01 33.67
C PRO D 78 -1.14 -57.04 34.06
N THR D 79 -1.63 -57.15 35.29
CA THR D 79 -2.56 -56.15 35.78
C THR D 79 -1.86 -54.80 36.03
N HIS D 80 -0.59 -54.85 36.45
CA HIS D 80 0.21 -53.64 36.74
C HIS D 80 1.57 -53.69 36.07
N VAL D 81 2.11 -52.54 35.65
CA VAL D 81 3.46 -52.49 35.09
C VAL D 81 4.36 -51.53 35.85
N ILE D 82 5.61 -51.93 36.03
CA ILE D 82 6.69 -51.03 36.38
C ILE D 82 7.69 -51.03 35.22
N HIS D 83 7.73 -49.92 34.51
CA HIS D 83 8.52 -49.80 33.31
C HIS D 83 9.82 -49.07 33.68
N LEU D 84 10.85 -49.84 33.98
CA LEU D 84 12.16 -49.31 34.25
C LEU D 84 13.03 -49.30 33.00
N ALA D 85 12.68 -50.10 32.00
CA ALA D 85 13.57 -50.31 30.86
C ALA D 85 13.90 -49.04 30.06
N ALA D 86 15.20 -48.76 29.93
CA ALA D 86 15.64 -47.68 29.08
C ALA D 86 17.13 -47.74 28.84
N MET D 87 17.57 -47.07 27.78
CA MET D 87 18.97 -46.87 27.53
C MET D 87 19.45 -45.80 28.49
N VAL D 88 20.18 -46.22 29.52
CA VAL D 88 20.64 -45.32 30.61
C VAL D 88 22.13 -45.10 30.53
N GLY D 89 22.61 -43.96 31.01
CA GLY D 89 24.05 -43.70 31.02
C GLY D 89 24.45 -42.43 31.74
N GLY D 90 25.73 -42.29 32.02
CA GLY D 90 26.26 -41.07 32.62
C GLY D 90 26.38 -39.95 31.62
N LEU D 91 26.68 -38.76 32.15
CA LEU D 91 26.82 -37.53 31.37
C LEU D 91 27.57 -37.72 30.08
N PHE D 92 28.62 -38.51 30.11
CA PHE D 92 29.54 -38.58 28.98
C PHE D 92 29.05 -39.46 27.84
N ARG D 93 28.31 -40.50 28.19
CA ARG D 93 27.60 -41.29 27.22
C ARG D 93 26.61 -40.42 26.49
N ASN D 94 25.73 -39.79 27.26
CA ASN D 94 24.68 -38.93 26.70
C ASN D 94 25.21 -37.91 25.71
N ILE D 95 26.23 -37.19 26.14
CA ILE D 95 26.90 -36.23 25.26
C ILE D 95 27.26 -36.88 23.92
N LYS D 96 27.73 -38.11 23.92
CA LYS D 96 28.12 -38.75 22.65
C LYS D 96 26.92 -39.11 21.78
N TYR D 97 25.85 -39.59 22.41
CA TYR D 97 24.79 -40.37 21.72
C TYR D 97 23.35 -39.85 21.85
N ASN D 98 23.15 -38.55 21.74
CA ASN D 98 21.79 -38.00 21.90
C ASN D 98 20.73 -38.63 21.02
N LEU D 99 21.13 -39.08 19.82
CA LEU D 99 20.16 -39.65 18.85
C LEU D 99 19.65 -41.04 19.28
N ASP D 100 20.54 -41.90 19.75
CA ASP D 100 20.14 -43.24 20.18
C ASP D 100 19.36 -43.17 21.50
N PHE D 101 19.83 -42.37 22.45
CA PHE D 101 19.06 -42.17 23.67
C PHE D 101 17.63 -41.77 23.30
N TRP D 102 17.48 -40.77 22.44
CA TRP D 102 16.14 -40.38 21.98
C TRP D 102 15.42 -41.53 21.30
N ARG D 103 16.06 -42.10 20.27
CA ARG D 103 15.36 -43.04 19.40
C ARG D 103 15.04 -44.35 20.10
N LYS D 104 15.98 -44.86 20.89
CA LYS D 104 15.78 -46.18 21.53
C LYS D 104 14.76 -46.12 22.64
N ASN D 105 14.82 -45.06 23.45
CA ASN D 105 13.92 -44.89 24.58
C ASN D 105 12.49 -44.54 24.20
N VAL D 106 12.30 -43.77 23.12
CA VAL D 106 10.96 -43.53 22.61
C VAL D 106 10.30 -44.83 22.17
N HIS D 107 11.04 -45.69 21.47
CA HIS D 107 10.46 -46.93 20.96
C HIS D 107 10.02 -47.77 22.14
N MET D 108 10.96 -48.02 23.03
CA MET D 108 10.69 -48.80 24.23
C MET D 108 9.48 -48.28 24.95
N ASN D 109 9.44 -46.97 25.18
CA ASN D 109 8.33 -46.36 25.92
C ASN D 109 6.99 -46.46 25.20
N ASP D 110 6.95 -46.11 23.92
CA ASP D 110 5.74 -46.20 23.14
C ASP D 110 5.20 -47.64 23.13
N ASN D 111 6.08 -48.61 22.86
CA ASN D 111 5.74 -50.05 22.80
C ASN D 111 5.32 -50.65 24.15
N VAL D 112 5.86 -50.13 25.25
CA VAL D 112 5.58 -50.68 26.56
C VAL D 112 4.20 -50.20 26.96
N LEU D 113 4.03 -48.88 27.00
CA LEU D 113 2.75 -48.27 27.32
C LEU D 113 1.63 -48.73 26.38
N HIS D 114 1.87 -48.74 25.07
CA HIS D 114 0.82 -49.15 24.14
C HIS D 114 0.44 -50.62 24.25
N SER D 115 1.40 -51.45 24.62
CA SER D 115 1.09 -52.84 24.86
C SER D 115 0.32 -52.94 26.18
N ALA D 116 0.83 -52.30 27.23
CA ALA D 116 0.11 -52.23 28.52
C ALA D 116 -1.35 -51.84 28.30
N PHE D 117 -1.55 -50.76 27.56
CA PHE D 117 -2.90 -50.31 27.18
C PHE D 117 -3.81 -51.39 26.55
N GLU D 118 -3.33 -52.10 25.53
CA GLU D 118 -4.22 -53.04 24.83
C GLU D 118 -4.38 -54.42 25.49
N VAL D 119 -3.49 -54.78 26.40
CA VAL D 119 -3.74 -55.87 27.38
C VAL D 119 -4.64 -55.37 28.54
N GLY D 120 -4.96 -54.08 28.55
CA GLY D 120 -5.88 -53.51 29.53
C GLY D 120 -5.34 -53.38 30.94
N ALA D 121 -4.02 -53.23 31.08
CA ALA D 121 -3.39 -53.10 32.41
C ALA D 121 -4.07 -52.03 33.22
N ARG D 122 -4.18 -52.27 34.52
CA ARG D 122 -4.89 -51.38 35.42
C ARG D 122 -4.08 -50.10 35.63
N LYS D 123 -2.75 -50.23 35.63
CA LYS D 123 -1.84 -49.13 36.00
C LYS D 123 -0.45 -49.39 35.47
N VAL D 124 0.23 -48.34 35.05
CA VAL D 124 1.62 -48.44 34.63
C VAL D 124 2.40 -47.33 35.28
N VAL D 125 3.50 -47.68 35.94
CA VAL D 125 4.36 -46.71 36.58
C VAL D 125 5.66 -46.68 35.83
N SER D 126 5.93 -45.59 35.14
CA SER D 126 7.21 -45.44 34.48
C SER D 126 8.13 -44.58 35.32
N CYS D 127 9.29 -44.30 34.76
CA CYS D 127 10.39 -43.85 35.51
C CYS D 127 11.00 -42.70 34.73
N LEU D 128 11.08 -41.53 35.36
CA LEU D 128 11.62 -40.36 34.70
C LEU D 128 12.99 -40.12 35.29
N SER D 129 13.47 -38.89 35.34
CA SER D 129 14.77 -38.57 35.95
C SER D 129 14.74 -37.10 36.31
N THR D 130 15.42 -36.65 37.37
CA THR D 130 15.56 -35.19 37.58
C THR D 130 16.64 -34.54 36.68
N CYS D 131 17.23 -35.35 35.79
CA CYS D 131 17.97 -34.87 34.63
C CYS D 131 17.16 -34.01 33.73
N ILE D 132 15.86 -34.27 33.68
CA ILE D 132 15.06 -33.91 32.51
C ILE D 132 14.47 -32.51 32.57
N PHE D 133 14.54 -31.88 33.73
CA PHE D 133 13.89 -30.61 33.98
C PHE D 133 14.51 -29.41 33.23
N PRO D 134 13.78 -28.31 33.16
CA PRO D 134 14.38 -27.19 32.46
C PRO D 134 15.73 -26.82 33.06
N ASP D 135 16.62 -26.32 32.21
CA ASP D 135 17.90 -25.81 32.65
C ASP D 135 17.79 -24.39 33.19
N LYS D 136 16.89 -23.60 32.64
CA LYS D 136 16.64 -22.23 33.11
C LYS D 136 15.52 -22.27 34.12
N THR D 137 15.84 -22.41 35.39
CA THR D 137 14.82 -22.70 36.37
C THR D 137 15.04 -22.21 37.79
N THR D 138 13.91 -22.15 38.47
CA THR D 138 13.82 -21.81 39.84
C THR D 138 14.12 -23.10 40.58
N TYR D 139 14.66 -22.97 41.78
CA TYR D 139 14.92 -24.12 42.65
C TYR D 139 14.18 -23.83 43.91
N PRO D 140 13.78 -24.87 44.68
CA PRO D 140 13.87 -26.27 44.33
C PRO D 140 12.85 -26.67 43.27
N ILE D 141 13.23 -27.62 42.44
CA ILE D 141 12.36 -28.08 41.37
C ILE D 141 11.32 -29.08 41.86
N ASP D 142 10.15 -29.03 41.23
CA ASP D 142 9.04 -29.91 41.59
C ASP D 142 8.25 -30.37 40.37
N GLU D 143 7.24 -31.18 40.59
CA GLU D 143 6.55 -31.91 39.53
C GLU D 143 5.76 -31.00 38.60
N THR D 144 5.40 -29.83 39.09
CA THR D 144 4.88 -28.76 38.26
C THR D 144 5.77 -28.36 37.05
N MET D 145 7.08 -28.44 37.22
CA MET D 145 8.03 -27.71 36.36
C MET D 145 8.69 -28.55 35.23
N ILE D 146 8.42 -29.83 35.26
CA ILE D 146 8.83 -30.76 34.23
C ILE D 146 8.95 -30.20 32.77
N HIS D 147 7.99 -29.41 32.30
CA HIS D 147 8.01 -28.96 30.90
C HIS D 147 8.20 -27.45 30.66
N ASN D 148 8.57 -26.68 31.68
CA ASN D 148 8.65 -25.21 31.51
C ASN D 148 9.98 -24.68 30.91
N GLY D 149 10.43 -25.29 29.81
CA GLY D 149 11.64 -24.83 29.16
C GLY D 149 12.55 -25.98 28.80
N PRO D 150 13.52 -25.71 27.93
CA PRO D 150 14.31 -26.81 27.41
C PRO D 150 15.18 -27.46 28.47
N PRO D 151 15.60 -28.70 28.22
CA PRO D 151 16.49 -29.37 29.10
C PRO D 151 17.90 -29.04 28.71
N HIS D 152 18.83 -29.22 29.65
CA HIS D 152 20.27 -28.97 29.41
C HIS D 152 20.62 -29.72 28.15
N ASN D 153 21.53 -29.18 27.35
CA ASN D 153 21.78 -29.73 25.99
C ASN D 153 22.66 -30.98 25.95
N SER D 154 23.32 -31.30 27.06
CA SER D 154 24.20 -32.46 27.13
C SER D 154 23.44 -33.76 26.93
N ASN D 155 22.21 -33.85 27.46
CA ASN D 155 21.44 -35.10 27.37
C ASN D 155 20.00 -34.94 26.87
N PHE D 156 19.80 -34.04 25.90
CA PHE D 156 18.44 -33.61 25.52
C PHE D 156 17.62 -34.70 24.89
N GLY D 157 18.26 -35.60 24.16
CA GLY D 157 17.53 -36.75 23.64
C GLY D 157 16.86 -37.57 24.72
N TYR D 158 17.65 -38.02 25.70
CA TYR D 158 17.20 -38.86 26.81
C TYR D 158 16.15 -38.11 27.55
N SER D 159 16.46 -36.87 27.88
CA SER D 159 15.56 -36.00 28.63
C SER D 159 14.24 -35.91 27.91
N TYR D 160 14.28 -35.56 26.63
CA TYR D 160 13.04 -35.34 25.89
C TYR D 160 12.24 -36.63 25.76
N ALA D 161 12.94 -37.75 25.70
CA ALA D 161 12.25 -39.04 25.62
C ALA D 161 11.46 -39.27 26.93
N LYS D 162 12.12 -38.97 28.06
CA LYS D 162 11.52 -39.14 29.36
C LYS D 162 10.38 -38.19 29.59
N ARG D 163 10.52 -36.96 29.09
CA ARG D 163 9.44 -36.01 29.19
C ARG D 163 8.23 -36.57 28.46
N MET D 164 8.42 -37.04 27.23
CA MET D 164 7.28 -37.55 26.41
C MET D 164 6.50 -38.68 27.08
N ILE D 165 7.14 -39.43 27.97
CA ILE D 165 6.43 -40.37 28.84
C ILE D 165 5.23 -39.67 29.48
N ASP D 166 5.50 -38.56 30.16
CA ASP D 166 4.48 -37.81 30.89
C ASP D 166 3.44 -37.31 29.86
N VAL D 167 3.90 -36.81 28.73
CA VAL D 167 2.98 -36.49 27.64
C VAL D 167 2.10 -37.68 27.29
N GLN D 168 2.70 -38.85 27.16
CA GLN D 168 1.94 -40.07 26.79
C GLN D 168 0.90 -40.43 27.85
N ASN D 169 1.36 -40.62 29.08
CA ASN D 169 0.48 -40.87 30.21
C ASN D 169 -0.72 -39.98 30.15
N ARG D 170 -0.44 -38.69 30.03
CA ARG D 170 -1.49 -37.69 30.03
C ARG D 170 -2.55 -37.99 28.97
N ALA D 171 -2.11 -38.42 27.78
CA ALA D 171 -3.02 -38.71 26.67
C ALA D 171 -3.81 -40.01 26.88
N TYR D 172 -3.13 -41.05 27.36
CA TYR D 172 -3.82 -42.30 27.67
C TYR D 172 -4.85 -42.03 28.74
N PHE D 173 -4.51 -41.25 29.74
CA PHE D 173 -5.45 -40.93 30.79
C PHE D 173 -6.67 -40.11 30.34
N GLN D 174 -6.42 -38.97 29.73
CA GLN D 174 -7.53 -38.06 29.35
C GLN D 174 -8.49 -38.67 28.32
N GLN D 175 -7.99 -39.60 27.50
CA GLN D 175 -8.76 -40.16 26.39
C GLN D 175 -9.42 -41.51 26.73
N TYR D 176 -8.78 -42.30 27.58
CA TYR D 176 -9.32 -43.61 27.96
C TYR D 176 -9.57 -43.80 29.44
N GLY D 177 -9.00 -42.92 30.26
CA GLY D 177 -9.11 -43.04 31.71
C GLY D 177 -8.10 -44.00 32.29
N CYS D 178 -6.95 -44.14 31.63
CA CYS D 178 -5.92 -45.04 32.12
C CYS D 178 -5.11 -44.40 33.24
N THR D 179 -4.98 -45.11 34.36
CA THR D 179 -4.06 -44.71 35.43
C THR D 179 -2.62 -45.07 35.05
N PHE D 180 -2.04 -44.30 34.13
CA PHE D 180 -0.63 -44.49 33.78
C PHE D 180 0.06 -43.33 34.42
N THR D 181 1.01 -43.61 35.32
CA THR D 181 1.79 -42.56 35.97
C THR D 181 3.29 -42.85 35.88
N ALA D 182 4.08 -42.00 36.53
CA ALA D 182 5.51 -42.18 36.57
C ALA D 182 6.08 -41.67 37.90
N VAL D 183 7.30 -42.10 38.22
CA VAL D 183 8.05 -41.52 39.32
C VAL D 183 9.24 -40.79 38.73
N ILE D 184 9.84 -39.90 39.51
CA ILE D 184 11.01 -39.13 39.10
C ILE D 184 12.08 -39.26 40.19
N PRO D 185 12.94 -40.29 40.10
CA PRO D 185 14.05 -40.43 41.04
C PRO D 185 15.22 -39.52 40.65
N THR D 186 16.03 -39.15 41.63
CA THR D 186 17.24 -38.36 41.41
C THR D 186 18.30 -39.37 41.03
N ASN D 187 19.53 -38.91 40.82
CA ASN D 187 20.65 -39.79 40.57
C ASN D 187 20.60 -40.93 41.55
N VAL D 188 20.68 -42.15 41.01
CA VAL D 188 20.57 -43.40 41.77
C VAL D 188 21.91 -44.15 41.86
N PHE D 189 22.16 -44.77 43.00
CA PHE D 189 23.36 -45.58 43.17
C PHE D 189 23.11 -46.77 44.10
N GLY D 190 23.87 -47.83 43.89
CA GLY D 190 23.71 -49.06 44.66
C GLY D 190 24.38 -50.27 44.01
N PRO D 191 24.19 -51.46 44.59
CA PRO D 191 24.62 -52.69 43.97
C PRO D 191 24.05 -52.86 42.57
N HIS D 192 24.71 -53.70 41.77
CA HIS D 192 24.26 -54.04 40.39
C HIS D 192 24.14 -52.81 39.50
N ASP D 193 25.00 -51.83 39.77
CA ASP D 193 25.05 -50.65 38.95
C ASP D 193 25.87 -50.96 37.72
N ASN D 194 25.89 -50.04 36.77
CA ASN D 194 26.84 -50.10 35.67
C ASN D 194 28.11 -49.34 36.03
N PHE D 195 29.20 -50.07 36.20
CA PHE D 195 30.44 -49.52 36.74
C PHE D 195 31.46 -49.14 35.66
N ASN D 196 31.04 -49.20 34.41
CA ASN D 196 31.86 -48.78 33.29
C ASN D 196 32.19 -47.35 33.50
N ILE D 197 33.49 -47.04 33.51
CA ILE D 197 33.92 -45.70 33.83
C ILE D 197 33.55 -44.75 32.69
N GLU D 198 33.85 -45.15 31.47
CA GLU D 198 33.57 -44.36 30.28
C GLU D 198 32.07 -43.99 30.13
N ASP D 199 31.18 -44.92 30.46
CA ASP D 199 29.75 -44.81 30.16
C ASP D 199 28.83 -44.62 31.39
N GLY D 200 29.31 -44.96 32.59
CA GLY D 200 28.46 -44.93 33.80
C GLY D 200 28.29 -43.58 34.47
N HIS D 201 27.68 -43.62 35.65
CA HIS D 201 27.47 -42.43 36.46
C HIS D 201 28.66 -42.22 37.38
N VAL D 202 28.65 -41.07 38.06
CA VAL D 202 29.81 -40.60 38.81
C VAL D 202 30.28 -41.52 39.89
N LEU D 203 29.34 -42.10 40.64
CA LEU D 203 29.66 -42.91 41.81
C LEU D 203 30.21 -44.29 41.49
N PRO D 204 29.53 -45.08 40.63
CA PRO D 204 30.13 -46.36 40.24
C PRO D 204 31.38 -46.15 39.38
N GLY D 205 31.45 -45.01 38.72
CA GLY D 205 32.66 -44.58 38.01
C GLY D 205 33.77 -44.30 38.99
N LEU D 206 33.47 -43.51 40.02
CA LEU D 206 34.46 -43.19 41.08
C LEU D 206 34.88 -44.42 41.87
N ILE D 207 33.93 -45.31 42.15
CA ILE D 207 34.22 -46.55 42.85
C ILE D 207 35.21 -47.40 42.04
N HIS D 208 34.93 -47.59 40.75
CA HIS D 208 35.75 -48.44 39.89
C HIS D 208 37.14 -47.82 39.77
N LYS D 209 37.17 -46.49 39.67
CA LYS D 209 38.45 -45.80 39.52
C LYS D 209 39.32 -46.05 40.75
N VAL D 210 38.89 -45.58 41.91
CA VAL D 210 39.55 -45.91 43.20
C VAL D 210 39.96 -47.39 43.28
N HIS D 211 39.13 -48.29 42.78
CA HIS D 211 39.50 -49.70 42.80
C HIS D 211 40.76 -49.90 41.97
N LEU D 212 40.70 -49.47 40.70
CA LEU D 212 41.85 -49.51 39.81
C LEU D 212 43.06 -48.77 40.40
N ALA D 213 42.78 -47.59 40.96
CA ALA D 213 43.79 -46.76 41.59
C ALA D 213 44.57 -47.48 42.67
N LYS D 214 43.85 -48.12 43.60
CA LYS D 214 44.47 -48.83 44.75
C LYS D 214 45.42 -49.91 44.27
N SER D 215 44.95 -50.76 43.35
CA SER D 215 45.78 -51.81 42.75
C SER D 215 47.02 -51.22 42.11
N SER D 216 46.80 -50.25 41.23
CA SER D 216 47.86 -49.64 40.42
C SER D 216 48.84 -48.77 41.21
N GLY D 217 48.45 -48.31 42.39
CA GLY D 217 49.20 -47.28 43.13
C GLY D 217 49.14 -45.88 42.52
N SER D 218 48.16 -45.62 41.65
CA SER D 218 48.11 -44.34 40.93
C SER D 218 47.14 -43.37 41.65
N ALA D 219 47.10 -42.12 41.20
CA ALA D 219 46.14 -41.16 41.72
C ALA D 219 44.73 -41.51 41.31
N LEU D 220 43.77 -40.88 41.98
CA LEU D 220 42.40 -40.92 41.54
C LEU D 220 42.13 -39.58 40.89
N THR D 221 41.62 -39.64 39.65
CA THR D 221 41.27 -38.48 38.86
C THR D 221 39.75 -38.33 38.86
N VAL D 222 39.28 -37.24 39.44
CA VAL D 222 37.88 -36.88 39.46
C VAL D 222 37.66 -35.90 38.28
N TRP D 223 36.60 -36.13 37.52
CA TRP D 223 36.34 -35.33 36.35
C TRP D 223 35.62 -34.05 36.76
N GLY D 224 35.91 -32.94 36.08
CA GLY D 224 35.25 -31.68 36.34
C GLY D 224 35.87 -30.93 37.48
N THR D 225 35.17 -29.92 38.01
CA THR D 225 35.71 -29.12 39.11
C THR D 225 35.51 -29.78 40.46
N GLY D 226 34.49 -30.63 40.59
CA GLY D 226 34.03 -31.12 41.89
C GLY D 226 32.93 -30.24 42.50
N ASN D 227 32.71 -29.06 41.93
CA ASN D 227 31.71 -28.13 42.46
C ASN D 227 30.23 -28.50 42.23
N PRO D 228 29.86 -29.10 41.07
CA PRO D 228 28.46 -29.51 40.84
C PRO D 228 27.78 -30.26 42.00
N ARG D 229 26.48 -30.00 42.20
CA ARG D 229 25.74 -30.50 43.34
C ARG D 229 24.79 -31.60 42.88
N ARG D 230 24.69 -32.68 43.67
CA ARG D 230 23.82 -33.78 43.33
C ARG D 230 23.07 -34.31 44.54
N GLN D 231 21.83 -34.76 44.30
CA GLN D 231 21.04 -35.52 45.29
C GLN D 231 21.07 -37.00 44.93
N PHE D 232 21.68 -37.82 45.78
CA PHE D 232 21.82 -39.24 45.48
C PHE D 232 20.82 -40.08 46.26
N ILE D 233 20.02 -40.89 45.56
CA ILE D 233 19.15 -41.87 46.21
C ILE D 233 19.65 -43.31 46.04
N TYR D 234 19.70 -44.04 47.16
CA TYR D 234 20.23 -45.41 47.24
C TYR D 234 19.19 -46.35 46.67
N SER D 235 19.59 -47.18 45.71
CA SER D 235 18.62 -48.02 45.01
C SER D 235 17.63 -48.70 45.97
N LEU D 236 18.15 -49.35 47.02
CA LEU D 236 17.26 -50.02 47.97
C LEU D 236 16.17 -49.13 48.54
N ASP D 237 16.52 -47.91 48.95
CA ASP D 237 15.50 -46.94 49.38
C ASP D 237 14.47 -46.80 48.27
N LEU D 238 14.93 -46.48 47.06
CA LEU D 238 14.02 -46.23 45.92
C LEU D 238 13.15 -47.44 45.62
N ALA D 239 13.74 -48.63 45.71
CA ALA D 239 13.01 -49.85 45.45
C ALA D 239 11.72 -49.86 46.25
N GLN D 240 11.83 -49.56 47.54
CA GLN D 240 10.68 -49.61 48.44
C GLN D 240 9.63 -48.55 48.07
N LEU D 241 10.12 -47.35 47.76
CA LEU D 241 9.24 -46.25 47.40
C LEU D 241 8.53 -46.55 46.07
N PHE D 242 9.26 -47.15 45.15
CA PHE D 242 8.71 -47.62 43.90
C PHE D 242 7.52 -48.54 44.17
N ILE D 243 7.73 -49.58 44.98
CA ILE D 243 6.69 -50.55 45.30
C ILE D 243 5.48 -49.83 45.87
N TRP D 244 5.74 -48.93 46.83
CA TRP D 244 4.67 -48.18 47.46
C TRP D 244 3.86 -47.41 46.42
N VAL D 245 4.56 -46.73 45.52
CA VAL D 245 3.90 -45.96 44.46
C VAL D 245 3.00 -46.90 43.64
N LEU D 246 3.48 -48.10 43.33
CA LEU D 246 2.64 -49.07 42.60
C LEU D 246 1.31 -49.31 43.29
N ARG D 247 1.38 -49.58 44.60
CA ARG D 247 0.23 -50.01 45.41
C ARG D 247 -0.68 -48.85 45.76
N GLU D 248 -0.10 -47.72 46.12
CA GLU D 248 -0.86 -46.70 46.82
C GLU D 248 -1.03 -45.37 46.07
N TYR D 249 -0.12 -45.03 45.17
CA TYR D 249 -0.16 -43.71 44.51
C TYR D 249 -1.03 -43.72 43.27
N ASN D 250 -2.11 -42.94 43.27
CA ASN D 250 -3.07 -42.95 42.16
C ASN D 250 -3.21 -41.65 41.36
N GLU D 251 -2.23 -40.75 41.44
CA GLU D 251 -2.29 -39.54 40.63
C GLU D 251 -1.65 -39.86 39.30
N VAL D 252 -2.15 -39.22 38.25
CA VAL D 252 -1.51 -39.30 36.95
C VAL D 252 -0.20 -38.49 36.94
N GLU D 253 -0.24 -37.31 37.56
CA GLU D 253 0.93 -36.43 37.68
C GLU D 253 2.05 -37.15 38.42
N PRO D 254 3.29 -37.08 37.92
CA PRO D 254 4.30 -37.94 38.50
C PRO D 254 4.67 -37.53 39.93
N ILE D 255 5.58 -38.29 40.55
CA ILE D 255 6.06 -37.98 41.89
C ILE D 255 7.57 -38.12 41.95
N ILE D 256 8.25 -37.06 42.36
CA ILE D 256 9.68 -37.12 42.61
C ILE D 256 9.93 -38.10 43.74
N LEU D 257 10.98 -38.91 43.62
CA LEU D 257 11.46 -39.72 44.74
C LEU D 257 12.92 -39.36 45.01
N SER D 258 13.15 -38.66 46.11
CA SER D 258 14.48 -38.12 46.37
C SER D 258 14.67 -37.86 47.81
N VAL D 259 15.95 -37.78 48.18
CA VAL D 259 16.36 -37.26 49.47
C VAL D 259 16.11 -35.76 49.45
N GLY D 260 15.73 -35.18 50.58
CA GLY D 260 15.43 -33.75 50.63
C GLY D 260 16.59 -32.84 50.25
N GLU D 261 16.28 -31.55 50.10
CA GLU D 261 17.23 -30.58 49.54
C GLU D 261 18.44 -30.26 50.42
N GLU D 262 18.43 -30.72 51.67
CA GLU D 262 19.59 -30.65 52.58
C GLU D 262 20.47 -31.90 52.56
N ASP D 263 20.04 -32.91 51.81
CA ASP D 263 20.85 -34.11 51.59
C ASP D 263 21.64 -33.99 50.28
N GLU D 264 21.71 -32.79 49.72
CA GLU D 264 22.45 -32.53 48.50
C GLU D 264 23.96 -32.54 48.77
N VAL D 265 24.72 -33.18 47.87
CA VAL D 265 26.19 -33.22 47.97
C VAL D 265 26.88 -32.82 46.68
N SER D 266 27.97 -32.09 46.81
CA SER D 266 28.80 -31.74 45.68
C SER D 266 29.54 -32.98 45.30
N ILE D 267 30.16 -32.93 44.14
CA ILE D 267 30.87 -34.07 43.59
C ILE D 267 32.10 -34.37 44.45
N LYS D 268 32.84 -33.31 44.78
CA LYS D 268 33.94 -33.39 45.75
C LYS D 268 33.59 -34.29 46.94
N GLU D 269 32.42 -34.07 47.55
CA GLU D 269 32.04 -34.75 48.80
C GLU D 269 31.72 -36.22 48.57
N ALA D 270 31.08 -36.47 47.43
CA ALA D 270 30.80 -37.83 46.95
C ALA D 270 32.13 -38.58 46.81
N ALA D 271 33.09 -37.96 46.12
CA ALA D 271 34.41 -38.55 45.91
C ALA D 271 35.10 -38.80 47.23
N GLU D 272 35.02 -37.84 48.13
CA GLU D 272 35.68 -37.97 49.45
C GLU D 272 35.10 -39.15 50.24
N ALA D 273 33.78 -39.33 50.13
CA ALA D 273 33.09 -40.42 50.76
C ALA D 273 33.54 -41.77 50.18
N VAL D 274 33.55 -41.90 48.85
CA VAL D 274 34.05 -43.12 48.17
C VAL D 274 35.49 -43.42 48.55
N VAL D 275 36.29 -42.38 48.65
CA VAL D 275 37.65 -42.55 49.13
C VAL D 275 37.64 -43.12 50.55
N GLU D 276 36.97 -42.46 51.48
CA GLU D 276 37.01 -42.92 52.90
C GLU D 276 36.56 -44.38 53.02
N ALA D 277 35.51 -44.73 52.28
CA ALA D 277 34.85 -46.04 52.35
C ALA D 277 35.72 -47.17 51.88
N MET D 278 36.53 -46.93 50.86
CA MET D 278 37.40 -47.95 50.29
C MET D 278 38.83 -47.90 50.85
N ASP D 279 39.08 -47.00 51.81
CA ASP D 279 40.36 -46.88 52.49
C ASP D 279 41.49 -46.46 51.55
N PHE D 280 41.16 -45.54 50.65
CA PHE D 280 42.14 -45.05 49.68
C PHE D 280 43.00 -43.92 50.26
N HIS D 281 44.32 -44.11 50.22
CA HIS D 281 45.26 -43.13 50.79
C HIS D 281 46.12 -42.45 49.71
N GLY D 282 45.70 -42.56 48.46
CA GLY D 282 46.47 -42.00 47.36
C GLY D 282 46.00 -40.60 47.08
N GLU D 283 46.62 -39.98 46.07
CA GLU D 283 46.33 -38.60 45.66
C GLU D 283 44.93 -38.51 45.02
N VAL D 284 44.21 -37.43 45.33
CA VAL D 284 42.88 -37.17 44.76
C VAL D 284 42.98 -35.90 43.93
N THR D 285 42.70 -36.01 42.64
CA THR D 285 42.96 -34.94 41.68
C THR D 285 41.69 -34.62 40.89
N PHE D 286 41.61 -33.40 40.36
CA PHE D 286 40.46 -32.93 39.60
C PHE D 286 40.85 -32.53 38.19
N ASP D 287 40.23 -33.15 37.20
CA ASP D 287 40.44 -32.78 35.82
C ASP D 287 39.41 -31.73 35.44
N THR D 288 39.76 -30.48 35.72
CA THR D 288 38.81 -29.40 35.58
C THR D 288 38.48 -29.11 34.12
N THR D 289 39.19 -29.74 33.17
CA THR D 289 38.91 -29.53 31.74
C THR D 289 37.67 -30.29 31.28
N LYS D 290 37.25 -31.27 32.08
CA LYS D 290 36.14 -32.12 31.67
C LYS D 290 34.87 -31.45 32.11
N SER D 291 33.79 -31.84 31.44
CA SER D 291 32.47 -31.25 31.63
C SER D 291 31.89 -31.52 33.01
N ASP D 292 31.43 -30.43 33.65
CA ASP D 292 30.68 -30.50 34.90
C ASP D 292 29.20 -30.82 34.61
N GLY D 293 28.81 -30.68 33.35
CA GLY D 293 27.43 -30.82 32.96
C GLY D 293 26.58 -29.76 33.61
N GLN D 294 25.37 -30.15 34.01
CA GLN D 294 24.43 -29.27 34.68
C GLN D 294 25.00 -29.06 36.06
N PHE D 295 25.05 -27.83 36.54
CA PHE D 295 25.63 -27.55 37.86
C PHE D 295 24.77 -28.05 39.00
N LYS D 296 23.45 -28.00 38.82
CA LYS D 296 22.53 -28.12 39.94
C LYS D 296 21.15 -28.41 39.39
N LYS D 297 20.45 -29.29 40.09
CA LYS D 297 19.09 -29.71 39.75
C LYS D 297 18.36 -30.05 41.04
N THR D 298 18.52 -29.17 42.02
CA THR D 298 18.01 -29.38 43.33
C THR D 298 16.53 -29.68 43.17
N ALA D 299 16.09 -30.79 43.75
CA ALA D 299 14.71 -31.22 43.61
C ALA D 299 14.07 -31.19 45.00
N SER D 300 12.75 -30.99 45.03
CA SER D 300 11.99 -31.05 46.26
C SER D 300 11.20 -32.36 46.32
N ASN D 301 11.19 -32.98 47.48
CA ASN D 301 10.40 -34.18 47.67
C ASN D 301 9.21 -33.84 48.55
N SER D 302 8.69 -32.62 48.43
CA SER D 302 7.58 -32.16 49.29
C SER D 302 6.30 -32.96 49.08
N LYS D 303 6.03 -33.38 47.85
CA LYS D 303 4.87 -34.23 47.59
C LYS D 303 5.09 -35.56 48.29
N LEU D 304 6.27 -36.12 48.11
CA LEU D 304 6.58 -37.41 48.70
C LEU D 304 6.33 -37.38 50.20
N ARG D 305 6.72 -36.28 50.82
CA ARG D 305 6.62 -36.12 52.26
C ARG D 305 5.21 -35.80 52.74
N THR D 306 4.31 -35.43 51.83
CA THR D 306 2.89 -35.35 52.20
C THR D 306 2.28 -36.74 52.25
N TYR D 307 2.89 -37.72 51.60
CA TYR D 307 2.42 -39.10 51.70
C TYR D 307 3.17 -39.87 52.77
N LEU D 308 4.51 -39.85 52.73
CA LEU D 308 5.31 -40.70 53.62
C LEU D 308 6.20 -39.87 54.53
N PRO D 309 5.58 -39.20 55.49
CA PRO D 309 6.37 -38.34 56.38
C PRO D 309 7.40 -39.08 57.21
N ASP D 310 7.18 -40.35 57.52
CA ASP D 310 8.07 -41.06 58.45
C ASP D 310 9.22 -41.80 57.76
N PHE D 311 9.12 -42.01 56.44
CA PHE D 311 10.13 -42.78 55.70
C PHE D 311 11.54 -42.19 55.86
N ARG D 312 12.45 -42.98 56.42
CA ARG D 312 13.83 -42.53 56.65
C ARG D 312 14.74 -43.12 55.58
N PHE D 313 15.47 -42.27 54.86
CA PHE D 313 16.44 -42.72 53.86
C PHE D 313 17.75 -43.15 54.50
N THR D 314 18.55 -43.92 53.76
CA THR D 314 19.81 -44.47 54.31
C THR D 314 20.95 -43.47 54.25
N PRO D 315 21.53 -43.13 55.41
CA PRO D 315 22.64 -42.21 55.40
C PRO D 315 23.55 -42.48 54.21
N PHE D 316 23.89 -41.40 53.53
CA PHE D 316 24.70 -41.43 52.34
C PHE D 316 26.06 -42.12 52.58
N LYS D 317 26.77 -41.76 53.64
CA LYS D 317 28.09 -42.36 53.93
C LYS D 317 27.96 -43.85 53.92
N GLN D 318 26.99 -44.32 54.69
CA GLN D 318 26.70 -45.74 54.84
C GLN D 318 26.30 -46.40 53.51
N ALA D 319 25.50 -45.68 52.72
CA ALA D 319 25.01 -46.22 51.46
C ALA D 319 26.12 -46.47 50.44
N VAL D 320 27.08 -45.55 50.39
CA VAL D 320 28.31 -45.73 49.64
C VAL D 320 29.15 -46.89 50.20
N LYS D 321 29.31 -46.96 51.53
CA LYS D 321 30.07 -48.07 52.12
C LYS D 321 29.58 -49.44 51.67
N GLU D 322 28.25 -49.62 51.61
CA GLU D 322 27.65 -50.89 51.12
C GLU D 322 27.81 -51.13 49.61
N THR D 323 27.74 -50.06 48.80
CA THR D 323 27.93 -50.19 47.34
C THR D 323 29.36 -50.44 46.94
N CYS D 324 30.29 -50.00 47.79
CA CYS D 324 31.69 -50.22 47.53
C CYS D 324 32.04 -51.63 47.93
N ALA D 325 31.67 -52.01 49.14
CA ALA D 325 31.84 -53.38 49.63
C ALA D 325 31.25 -54.38 48.66
N TRP D 326 30.06 -54.09 48.16
CA TRP D 326 29.46 -54.96 47.15
C TRP D 326 30.36 -55.04 45.91
N PHE D 327 30.69 -53.88 45.34
CA PHE D 327 31.45 -53.84 44.11
C PHE D 327 32.73 -54.61 44.26
N THR D 328 33.47 -54.35 45.35
CA THR D 328 34.69 -55.08 45.70
C THR D 328 34.45 -56.57 45.77
N ASP D 329 33.40 -56.96 46.47
CA ASP D 329 33.14 -58.37 46.74
C ASP D 329 32.43 -59.09 45.58
N ASN D 330 32.12 -58.37 44.50
CA ASN D 330 31.51 -58.95 43.28
C ASN D 330 32.17 -58.43 42.00
N TYR D 331 33.48 -58.18 42.06
CA TYR D 331 34.19 -57.45 41.00
C TYR D 331 34.07 -58.18 39.64
N GLU D 332 34.39 -59.46 39.62
CA GLU D 332 34.33 -60.26 38.40
C GLU D 332 33.00 -60.10 37.69
N GLN D 333 31.92 -60.24 38.45
CA GLN D 333 30.54 -60.32 37.91
C GLN D 333 29.90 -58.96 37.60
N ALA D 334 30.49 -57.87 38.09
CA ALA D 334 29.98 -56.52 37.86
C ALA D 334 30.11 -56.06 36.40
N ARG D 335 29.12 -55.31 35.95
CA ARG D 335 29.19 -54.60 34.67
C ARG D 335 30.36 -53.61 34.72
N LYS D 336 31.56 -54.11 34.41
CA LYS D 336 32.80 -53.32 34.47
C LYS D 336 33.20 -52.89 33.05
N GLU E 16 -26.06 9.08 -0.85
CA GLU E 16 -25.07 8.95 0.26
C GLU E 16 -23.85 8.14 -0.17
N ASN E 17 -22.68 8.46 0.38
CA ASN E 17 -21.42 7.82 -0.06
C ASN E 17 -20.87 6.73 0.88
N LEU E 18 -20.92 5.51 0.35
CA LEU E 18 -20.37 4.29 0.96
C LEU E 18 -18.90 4.35 1.40
N TYR E 19 -18.10 5.19 0.73
CA TYR E 19 -16.65 5.18 0.90
C TYR E 19 -16.09 6.38 1.64
N PHE E 20 -16.73 7.54 1.51
CA PHE E 20 -16.37 8.72 2.35
C PHE E 20 -17.62 9.22 3.08
N GLN E 21 -17.48 9.58 4.35
CA GLN E 21 -18.60 10.11 5.12
C GLN E 21 -18.21 11.32 5.96
N SER E 22 -19.10 12.32 6.03
CA SER E 22 -18.90 13.45 6.95
C SER E 22 -18.49 12.97 8.35
N MET E 23 -17.98 13.91 9.14
CA MET E 23 -17.50 13.63 10.48
C MET E 23 -17.88 14.79 11.40
N ARG E 24 -18.44 14.48 12.57
CA ARG E 24 -18.60 15.45 13.66
C ARG E 24 -17.68 15.00 14.80
N ILE E 25 -16.69 15.82 15.12
CA ILE E 25 -15.62 15.35 15.98
C ILE E 25 -15.70 16.00 17.37
N LEU E 26 -15.99 15.16 18.37
CA LEU E 26 -16.09 15.62 19.75
C LEU E 26 -14.75 15.43 20.39
N VAL E 27 -14.25 16.46 21.03
CA VAL E 27 -12.96 16.37 21.64
C VAL E 27 -13.14 16.78 23.10
N THR E 28 -13.14 15.79 23.99
CA THR E 28 -13.26 16.09 25.41
C THR E 28 -11.90 16.47 25.90
N GLY E 29 -11.85 17.35 26.88
CA GLY E 29 -10.59 17.87 27.38
C GLY E 29 -9.91 18.54 26.23
N GLY E 30 -10.69 19.31 25.48
CA GLY E 30 -10.12 20.15 24.45
C GLY E 30 -9.30 21.29 25.03
N SER E 31 -9.54 21.65 26.30
CA SER E 31 -8.96 22.87 26.87
C SER E 31 -7.57 22.67 27.46
N GLY E 32 -7.05 21.45 27.33
CA GLY E 32 -5.87 21.02 28.08
C GLY E 32 -4.59 21.21 27.31
N LEU E 33 -3.52 20.61 27.81
CA LEU E 33 -2.24 20.60 27.10
C LEU E 33 -2.43 19.99 25.72
N VAL E 34 -2.94 18.76 25.69
CA VAL E 34 -3.04 18.02 24.45
C VAL E 34 -4.21 18.47 23.61
N GLY E 35 -5.26 18.99 24.22
CA GLY E 35 -6.43 19.47 23.45
C GLY E 35 -6.10 20.73 22.69
N LYS E 36 -5.47 21.67 23.39
CA LYS E 36 -5.05 22.94 22.79
C LYS E 36 -4.16 22.69 21.59
N ALA E 37 -3.24 21.73 21.73
CA ALA E 37 -2.35 21.40 20.63
C ALA E 37 -3.12 20.95 19.38
N ILE E 38 -4.14 20.12 19.55
CA ILE E 38 -5.00 19.64 18.46
C ILE E 38 -5.77 20.80 17.81
N GLN E 39 -6.29 21.68 18.66
CA GLN E 39 -6.93 22.88 18.16
C GLN E 39 -5.98 23.64 17.23
N LYS E 40 -4.76 23.89 17.71
CA LYS E 40 -3.77 24.64 16.91
C LYS E 40 -3.49 23.93 15.58
N VAL E 41 -3.36 22.61 15.59
CA VAL E 41 -3.06 21.89 14.34
C VAL E 41 -4.26 21.88 13.38
N VAL E 42 -5.47 21.75 13.94
CA VAL E 42 -6.72 21.78 13.19
C VAL E 42 -7.02 23.19 12.70
N ALA E 43 -6.86 24.17 13.58
CA ALA E 43 -7.07 25.57 13.22
C ALA E 43 -6.02 26.07 12.21
N ASP E 44 -4.78 25.63 12.38
CA ASP E 44 -3.71 25.89 11.40
C ASP E 44 -3.71 24.95 10.15
N GLY E 45 -4.86 24.38 9.80
CA GLY E 45 -5.06 23.85 8.46
C GLY E 45 -5.08 22.34 8.24
N ALA E 46 -4.83 21.55 9.29
CA ALA E 46 -4.91 20.09 9.17
C ALA E 46 -6.35 19.55 9.17
N GLY E 47 -7.35 20.45 9.24
CA GLY E 47 -8.75 20.08 9.08
C GLY E 47 -9.15 19.83 7.63
N LEU E 48 -9.56 18.60 7.34
CA LEU E 48 -10.04 18.21 6.02
C LEU E 48 -11.53 18.51 5.92
N PRO E 49 -12.03 18.88 4.72
CA PRO E 49 -13.47 19.16 4.55
C PRO E 49 -14.42 18.04 5.03
N GLY E 50 -15.67 18.40 5.33
CA GLY E 50 -16.64 17.46 5.88
C GLY E 50 -16.39 17.16 7.36
N GLU E 51 -15.35 17.76 7.94
CA GLU E 51 -15.02 17.57 9.35
C GLU E 51 -15.42 18.79 10.22
N ASP E 52 -16.47 18.61 11.02
CA ASP E 52 -16.83 19.54 12.08
C ASP E 52 -16.01 19.15 13.32
N TRP E 53 -15.31 20.12 13.89
CA TRP E 53 -14.41 19.88 15.03
C TRP E 53 -14.89 20.60 16.29
N VAL E 54 -15.48 19.84 17.21
CA VAL E 54 -16.09 20.39 18.42
C VAL E 54 -15.23 20.12 19.67
N PHE E 55 -14.64 21.17 20.20
CA PHE E 55 -13.79 21.08 21.39
C PHE E 55 -14.53 21.53 22.66
N VAL E 56 -14.68 20.61 23.63
CA VAL E 56 -15.35 20.92 24.91
C VAL E 56 -14.39 20.79 26.09
N SER E 57 -14.80 21.37 27.21
CA SER E 57 -14.07 21.32 28.47
C SER E 57 -15.12 21.14 29.56
N SER E 58 -14.70 21.10 30.83
CA SER E 58 -15.65 20.82 31.89
C SER E 58 -16.73 21.87 32.02
N LYS E 59 -16.52 23.06 31.43
CA LYS E 59 -17.56 24.12 31.36
C LYS E 59 -18.74 23.64 30.57
N ASP E 60 -18.49 22.85 29.54
CA ASP E 60 -19.57 22.34 28.68
C ASP E 60 -20.27 21.12 29.27
N ALA E 61 -19.64 20.45 30.23
CA ALA E 61 -20.21 19.26 30.88
C ALA E 61 -19.19 18.69 31.83
N ASP E 62 -19.59 18.49 33.08
CA ASP E 62 -18.76 17.76 34.02
C ASP E 62 -18.91 16.26 33.71
N LEU E 63 -17.87 15.68 33.11
CA LEU E 63 -17.94 14.34 32.59
C LEU E 63 -17.87 13.23 33.67
N THR E 64 -17.79 13.59 34.96
CA THR E 64 -18.05 12.67 36.08
C THR E 64 -19.55 12.47 36.36
N ASP E 65 -20.33 13.51 36.07
CA ASP E 65 -21.78 13.41 36.19
C ASP E 65 -22.31 12.78 34.91
N THR E 66 -23.08 11.70 35.06
CA THR E 66 -23.62 10.96 33.90
C THR E 66 -24.61 11.80 33.06
N ALA E 67 -25.66 12.31 33.71
CA ALA E 67 -26.64 13.17 33.05
C ALA E 67 -25.96 14.16 32.16
N GLN E 68 -24.99 14.87 32.69
CA GLN E 68 -24.35 15.93 31.90
C GLN E 68 -23.69 15.38 30.64
N THR E 69 -22.96 14.27 30.81
CA THR E 69 -22.21 13.66 29.73
C THR E 69 -23.14 13.18 28.65
N ARG E 70 -24.18 12.49 29.09
CA ARG E 70 -25.27 12.06 28.23
C ARG E 70 -25.86 13.25 27.46
N ALA E 71 -26.28 14.28 28.18
CA ALA E 71 -26.87 15.45 27.52
C ALA E 71 -25.92 15.97 26.45
N LEU E 72 -24.64 16.12 26.81
CA LEU E 72 -23.62 16.64 25.88
C LEU E 72 -23.65 15.91 24.55
N PHE E 73 -23.55 14.58 24.63
CA PHE E 73 -23.61 13.71 23.46
C PHE E 73 -24.97 13.75 22.78
N GLU E 74 -26.01 14.11 23.52
CA GLU E 74 -27.33 14.28 22.92
C GLU E 74 -27.35 15.56 22.06
N LYS E 75 -26.81 16.65 22.59
CA LYS E 75 -26.75 17.92 21.83
C LYS E 75 -25.86 17.78 20.58
N VAL E 76 -24.56 17.59 20.78
CA VAL E 76 -23.67 17.21 19.70
C VAL E 76 -24.19 15.84 19.23
N GLN E 77 -23.91 15.45 17.99
CA GLN E 77 -24.24 14.08 17.57
C GLN E 77 -23.02 13.41 16.96
N PRO E 78 -21.97 13.22 17.79
CA PRO E 78 -20.67 12.86 17.24
C PRO E 78 -20.73 11.57 16.44
N THR E 79 -19.88 11.50 15.43
CA THR E 79 -19.63 10.28 14.70
C THR E 79 -18.34 9.69 15.21
N HIS E 80 -17.46 10.59 15.66
CA HIS E 80 -16.15 10.24 16.19
C HIS E 80 -15.93 10.95 17.53
N VAL E 81 -15.16 10.34 18.42
CA VAL E 81 -14.73 11.03 19.65
C VAL E 81 -13.25 10.80 19.94
N ILE E 82 -12.58 11.88 20.33
CA ILE E 82 -11.26 11.83 20.89
C ILE E 82 -11.41 12.21 22.35
N HIS E 83 -11.49 11.20 23.21
CA HIS E 83 -11.68 11.40 24.64
C HIS E 83 -10.36 11.80 25.32
N LEU E 84 -10.09 13.07 25.50
CA LEU E 84 -8.86 13.46 26.19
C LEU E 84 -9.04 13.69 27.69
N ALA E 85 -10.25 13.99 28.11
CA ALA E 85 -10.54 14.44 29.49
C ALA E 85 -10.00 13.49 30.55
N ALA E 86 -9.51 14.07 31.64
CA ALA E 86 -9.03 13.29 32.78
C ALA E 86 -8.57 14.16 33.94
N MET E 87 -8.45 13.52 35.09
CA MET E 87 -7.63 14.03 36.13
C MET E 87 -6.20 13.61 35.79
N VAL E 88 -5.34 14.61 35.74
CA VAL E 88 -3.97 14.46 35.30
C VAL E 88 -3.09 15.25 36.24
N GLY E 89 -1.96 14.68 36.61
CA GLY E 89 -0.94 15.39 37.39
C GLY E 89 0.38 14.64 37.39
N GLY E 90 1.37 15.25 38.04
CA GLY E 90 2.74 14.78 38.07
C GLY E 90 2.88 13.75 39.16
N LEU E 91 4.11 13.32 39.40
CA LEU E 91 4.34 12.19 40.28
C LEU E 91 3.82 12.53 41.66
N PHE E 92 4.09 13.75 42.10
CA PHE E 92 3.87 14.13 43.48
C PHE E 92 2.40 14.27 43.75
N ARG E 93 1.66 14.85 42.80
CA ARG E 93 0.21 15.00 42.94
C ARG E 93 -0.47 13.62 42.95
N ASN E 94 0.00 12.72 42.08
CA ASN E 94 -0.52 11.34 42.05
C ASN E 94 -0.25 10.55 43.35
N ILE E 95 0.93 10.75 43.95
CA ILE E 95 1.24 10.09 45.21
C ILE E 95 0.14 10.38 46.23
N LYS E 96 -0.32 11.63 46.22
CA LYS E 96 -1.28 12.10 47.21
C LYS E 96 -2.69 11.56 46.95
N TYR E 97 -3.09 11.48 45.68
CA TYR E 97 -4.53 11.43 45.37
C TYR E 97 -4.91 10.23 44.55
N ASN E 98 -4.49 9.06 44.95
CA ASN E 98 -4.85 7.87 44.19
C ASN E 98 -6.32 7.50 44.19
N LEU E 99 -7.04 7.84 45.26
CA LEU E 99 -8.46 7.49 45.33
C LEU E 99 -9.24 8.31 44.31
N ASP E 100 -8.87 9.58 44.20
CA ASP E 100 -9.49 10.53 43.26
C ASP E 100 -9.10 10.31 41.82
N PHE E 101 -7.82 10.01 41.63
CA PHE E 101 -7.28 9.69 40.31
C PHE E 101 -7.96 8.44 39.79
N TRP E 102 -8.25 7.51 40.70
CA TRP E 102 -9.09 6.37 40.37
C TRP E 102 -10.58 6.75 40.13
N ARG E 103 -11.27 7.21 41.17
CA ARG E 103 -12.73 7.42 41.12
C ARG E 103 -13.17 8.44 40.09
N LYS E 104 -12.42 9.52 39.94
CA LYS E 104 -12.84 10.57 39.02
C LYS E 104 -12.58 10.14 37.56
N ASN E 105 -11.47 9.46 37.30
CA ASN E 105 -11.15 8.99 35.95
C ASN E 105 -12.10 7.89 35.43
N VAL E 106 -12.32 6.87 36.23
CA VAL E 106 -13.25 5.79 35.89
C VAL E 106 -14.64 6.29 35.48
N HIS E 107 -15.16 7.26 36.24
CA HIS E 107 -16.48 7.85 35.97
C HIS E 107 -16.55 8.56 34.65
N MET E 108 -15.65 9.52 34.46
CA MET E 108 -15.48 10.23 33.19
C MET E 108 -15.31 9.28 31.99
N ASN E 109 -14.51 8.22 32.15
CA ASN E 109 -14.30 7.25 31.06
C ASN E 109 -15.55 6.44 30.77
N ASP E 110 -16.17 5.88 31.81
CA ASP E 110 -17.39 5.08 31.65
C ASP E 110 -18.51 5.95 31.07
N ASN E 111 -18.65 7.16 31.58
CA ASN E 111 -19.64 8.07 31.04
C ASN E 111 -19.35 8.45 29.56
N VAL E 112 -18.11 8.79 29.24
CA VAL E 112 -17.80 9.22 27.88
C VAL E 112 -17.93 8.06 26.93
N LEU E 113 -17.40 6.91 27.29
CA LEU E 113 -17.48 5.74 26.40
C LEU E 113 -18.90 5.23 26.25
N HIS E 114 -19.61 5.07 27.38
CA HIS E 114 -20.96 4.60 27.28
C HIS E 114 -21.82 5.60 26.51
N SER E 115 -21.50 6.90 26.53
CA SER E 115 -22.35 7.84 25.82
C SER E 115 -22.08 7.82 24.31
N ALA E 116 -20.79 7.69 23.95
CA ALA E 116 -20.43 7.51 22.55
C ALA E 116 -21.18 6.32 21.95
N PHE E 117 -21.27 5.23 22.72
CA PHE E 117 -21.90 3.97 22.28
C PHE E 117 -23.38 4.15 21.96
N GLU E 118 -24.14 4.68 22.92
CA GLU E 118 -25.60 4.74 22.77
C GLU E 118 -26.11 5.88 21.86
N VAL E 119 -25.19 6.75 21.44
CA VAL E 119 -25.43 7.66 20.33
C VAL E 119 -25.06 6.97 19.02
N GLY E 120 -24.16 6.00 19.11
CA GLY E 120 -23.83 5.12 17.98
C GLY E 120 -22.62 5.63 17.23
N ALA E 121 -21.61 6.06 17.98
CA ALA E 121 -20.41 6.64 17.39
C ALA E 121 -19.65 5.57 16.64
N ARG E 122 -19.06 5.95 15.51
CA ARG E 122 -18.37 5.02 14.64
C ARG E 122 -17.04 4.63 15.31
N LYS E 123 -16.42 5.61 15.95
CA LYS E 123 -15.10 5.39 16.51
C LYS E 123 -14.85 6.23 17.74
N VAL E 124 -14.09 5.69 18.69
CA VAL E 124 -13.63 6.47 19.82
C VAL E 124 -12.14 6.29 19.98
N VAL E 125 -11.44 7.38 20.32
CA VAL E 125 -9.99 7.35 20.59
C VAL E 125 -9.65 7.97 21.95
N SER E 126 -9.62 7.14 22.99
CA SER E 126 -9.29 7.60 24.34
C SER E 126 -7.79 7.67 24.59
N CYS E 127 -7.40 8.04 25.80
CA CYS E 127 -6.01 8.38 26.09
C CYS E 127 -5.37 7.65 27.30
N LEU E 128 -4.65 6.56 27.01
CA LEU E 128 -3.84 5.83 28.01
C LEU E 128 -2.49 6.57 28.27
N SER E 129 -1.49 5.89 28.84
CA SER E 129 -0.19 6.55 29.11
C SER E 129 0.93 5.52 29.25
N THR E 130 2.18 5.89 28.98
CA THR E 130 3.33 4.98 29.29
C THR E 130 3.62 4.99 30.79
N CYS E 131 2.98 5.90 31.51
CA CYS E 131 2.84 5.78 32.95
C CYS E 131 2.41 4.44 33.49
N ILE E 132 1.52 3.76 32.77
CA ILE E 132 0.65 2.75 33.37
C ILE E 132 1.13 1.32 33.27
N PHE E 133 2.31 1.11 32.70
CA PHE E 133 2.76 -0.25 32.40
C PHE E 133 3.23 -0.97 33.64
N PRO E 134 3.61 -2.25 33.49
CA PRO E 134 4.08 -2.97 34.67
C PRO E 134 5.38 -2.35 35.20
N ASP E 135 5.38 -2.02 36.48
CA ASP E 135 6.59 -1.63 37.14
C ASP E 135 7.74 -2.63 36.91
N LYS E 136 7.53 -3.94 37.13
CA LYS E 136 8.58 -4.93 36.89
C LYS E 136 8.38 -5.49 35.50
N THR E 137 9.24 -5.08 34.57
CA THR E 137 9.02 -5.40 33.16
C THR E 137 10.30 -5.54 32.40
N THR E 138 10.18 -6.14 31.22
CA THR E 138 11.21 -6.11 30.20
C THR E 138 11.12 -4.77 29.43
N TYR E 139 12.27 -4.32 28.90
CA TYR E 139 12.33 -3.12 28.06
C TYR E 139 12.91 -3.45 26.69
N PRO E 140 12.42 -2.80 25.62
CA PRO E 140 11.41 -1.76 25.66
C PRO E 140 10.03 -2.29 25.98
N ILE E 141 9.14 -1.37 26.30
CA ILE E 141 7.75 -1.66 26.59
C ILE E 141 6.90 -1.41 25.34
N ASP E 142 5.97 -2.33 25.05
CA ASP E 142 5.08 -2.18 23.92
C ASP E 142 3.61 -2.55 24.20
N GLU E 143 2.76 -2.30 23.22
CA GLU E 143 1.31 -2.50 23.35
C GLU E 143 0.92 -3.89 23.90
N THR E 144 1.70 -4.91 23.58
CA THR E 144 1.42 -6.26 24.10
C THR E 144 1.49 -6.41 25.62
N MET E 145 2.22 -5.52 26.28
CA MET E 145 2.65 -5.77 27.65
C MET E 145 1.86 -5.00 28.71
N ILE E 146 0.92 -4.16 28.28
CA ILE E 146 0.15 -3.29 29.16
C ILE E 146 -0.38 -3.93 30.47
N HIS E 147 -0.98 -5.12 30.39
CA HIS E 147 -1.57 -5.77 31.58
C HIS E 147 -0.70 -6.89 32.19
N ASN E 148 0.61 -6.87 31.93
CA ASN E 148 1.51 -7.94 32.39
C ASN E 148 2.14 -7.65 33.76
N GLY E 149 1.35 -7.11 34.69
CA GLY E 149 1.85 -6.87 36.07
C GLY E 149 1.42 -5.53 36.66
N PRO E 150 1.57 -5.37 37.99
CA PRO E 150 1.11 -4.16 38.64
C PRO E 150 1.88 -2.96 38.17
N PRO E 151 1.22 -1.79 38.11
CA PRO E 151 2.01 -0.59 37.90
C PRO E 151 2.70 -0.16 39.20
N HIS E 152 3.53 0.87 39.08
CA HIS E 152 4.24 1.45 40.20
C HIS E 152 3.23 1.98 41.22
N ASN E 153 3.55 1.85 42.50
CA ASN E 153 2.60 2.11 43.58
C ASN E 153 2.31 3.61 43.80
N SER E 154 3.13 4.46 43.21
CA SER E 154 2.98 5.91 43.33
C SER E 154 1.82 6.45 42.54
N ASN E 155 1.41 5.77 41.48
CA ASN E 155 0.28 6.26 40.66
C ASN E 155 -0.67 5.13 40.23
N PHE E 156 -0.88 4.17 41.12
CA PHE E 156 -1.64 2.98 40.76
C PHE E 156 -3.09 3.27 40.44
N GLY E 157 -3.66 4.32 41.05
CA GLY E 157 -5.05 4.73 40.78
C GLY E 157 -5.27 5.25 39.36
N TYR E 158 -4.53 6.30 38.99
CA TYR E 158 -4.51 6.79 37.61
C TYR E 158 -4.19 5.67 36.61
N SER E 159 -3.26 4.80 36.99
CA SER E 159 -2.82 3.72 36.10
C SER E 159 -3.91 2.69 35.81
N TYR E 160 -4.51 2.15 36.86
CA TYR E 160 -5.60 1.20 36.70
C TYR E 160 -6.79 1.83 35.99
N ALA E 161 -7.03 3.13 36.22
CA ALA E 161 -8.07 3.83 35.49
C ALA E 161 -7.79 3.85 33.99
N LYS E 162 -6.54 4.12 33.62
CA LYS E 162 -6.19 4.16 32.20
C LYS E 162 -6.22 2.77 31.60
N ARG E 163 -5.75 1.78 32.35
CA ARG E 163 -5.78 0.42 31.89
C ARG E 163 -7.19 -0.07 31.61
N MET E 164 -8.11 0.27 32.50
CA MET E 164 -9.48 -0.18 32.34
C MET E 164 -10.12 0.42 31.12
N ILE E 165 -9.60 1.52 30.57
CA ILE E 165 -10.16 2.07 29.33
C ILE E 165 -10.06 1.03 28.23
N ASP E 166 -8.86 0.42 28.15
CA ASP E 166 -8.56 -0.68 27.25
C ASP E 166 -9.51 -1.79 27.49
N VAL E 167 -9.73 -2.13 28.75
CA VAL E 167 -10.61 -3.25 29.08
C VAL E 167 -11.99 -2.96 28.54
N GLN E 168 -12.50 -1.79 28.84
CA GLN E 168 -13.81 -1.37 28.37
C GLN E 168 -13.80 -1.41 26.85
N ASN E 169 -12.90 -0.64 26.24
CA ASN E 169 -12.66 -0.71 24.80
C ASN E 169 -12.88 -2.09 24.24
N ARG E 170 -12.12 -3.09 24.73
CA ARG E 170 -12.20 -4.43 24.14
C ARG E 170 -13.52 -5.16 24.49
N ALA E 171 -14.17 -4.77 25.58
CA ALA E 171 -15.48 -5.35 25.93
C ALA E 171 -16.58 -4.84 25.03
N TYR E 172 -16.49 -3.55 24.68
CA TYR E 172 -17.36 -2.91 23.69
C TYR E 172 -17.19 -3.47 22.28
N PHE E 173 -15.98 -3.94 21.95
CA PHE E 173 -15.62 -4.43 20.60
C PHE E 173 -15.93 -5.91 20.39
N GLN E 174 -15.79 -6.69 21.45
CA GLN E 174 -16.07 -8.13 21.36
C GLN E 174 -17.58 -8.39 21.34
N GLN E 175 -18.32 -7.58 22.10
CA GLN E 175 -19.76 -7.75 22.24
C GLN E 175 -20.62 -7.01 21.20
N TYR E 176 -20.17 -5.83 20.77
CA TYR E 176 -20.92 -4.97 19.83
C TYR E 176 -20.18 -4.64 18.53
N GLY E 177 -18.86 -4.72 18.54
CA GLY E 177 -18.07 -4.44 17.35
C GLY E 177 -17.78 -2.97 17.22
N CYS E 178 -17.87 -2.24 18.33
CA CYS E 178 -17.53 -0.81 18.33
C CYS E 178 -16.03 -0.62 18.22
N THR E 179 -15.59 0.10 17.21
CA THR E 179 -14.20 0.45 17.05
C THR E 179 -13.82 1.53 18.04
N PHE E 180 -13.68 1.11 19.30
CA PHE E 180 -13.27 1.94 20.41
C PHE E 180 -11.86 1.56 20.78
N THR E 181 -10.94 2.50 20.62
CA THR E 181 -9.50 2.23 20.75
C THR E 181 -8.82 3.36 21.52
N ALA E 182 -7.50 3.32 21.59
CA ALA E 182 -6.75 4.33 22.31
C ALA E 182 -5.27 4.46 21.86
N VAL E 183 -4.62 5.51 22.34
CA VAL E 183 -3.22 5.76 22.04
C VAL E 183 -2.47 5.87 23.34
N ILE E 184 -1.22 5.39 23.35
CA ILE E 184 -0.45 5.43 24.57
C ILE E 184 0.70 6.43 24.40
N PRO E 185 0.47 7.69 24.77
CA PRO E 185 1.54 8.66 24.65
C PRO E 185 2.49 8.58 25.83
N THR E 186 3.76 8.92 25.62
CA THR E 186 4.71 9.08 26.72
C THR E 186 4.51 10.44 27.37
N ASN E 187 5.36 10.76 28.33
CA ASN E 187 5.34 12.08 28.95
C ASN E 187 5.18 13.18 27.92
N VAL E 188 4.12 13.97 28.06
CA VAL E 188 3.83 15.05 27.10
C VAL E 188 4.22 16.38 27.69
N PHE E 189 4.66 17.28 26.82
CA PHE E 189 5.00 18.63 27.24
C PHE E 189 4.77 19.56 26.08
N GLY E 190 4.42 20.79 26.38
CA GLY E 190 4.27 21.83 25.36
C GLY E 190 3.52 23.04 25.88
N PRO E 191 3.14 23.94 24.96
CA PRO E 191 2.20 25.01 25.23
C PRO E 191 0.89 24.59 25.96
N HIS E 192 0.36 25.51 26.77
CA HIS E 192 -0.91 25.35 27.49
C HIS E 192 -0.92 24.16 28.43
N ASP E 193 0.26 23.88 28.99
CA ASP E 193 0.47 22.77 29.91
C ASP E 193 0.09 23.28 31.30
N ASN E 194 0.05 22.37 32.28
CA ASN E 194 -0.12 22.79 33.66
C ASN E 194 1.23 23.13 34.29
N PHE E 195 1.50 24.41 34.48
CA PHE E 195 2.80 24.80 35.00
C PHE E 195 2.82 24.96 36.52
N ASN E 196 1.78 24.44 37.17
CA ASN E 196 1.76 24.36 38.63
C ASN E 196 2.87 23.45 39.15
N ILE E 197 3.88 24.07 39.76
CA ILE E 197 5.06 23.40 40.26
C ILE E 197 4.70 22.18 41.10
N GLU E 198 3.83 22.38 42.09
CA GLU E 198 3.44 21.30 43.02
C GLU E 198 2.63 20.18 42.35
N ASP E 199 1.62 20.52 41.55
CA ASP E 199 0.75 19.52 40.93
C ASP E 199 1.14 19.05 39.54
N GLY E 200 2.04 19.78 38.86
CA GLY E 200 2.34 19.54 37.44
C GLY E 200 3.43 18.52 37.15
N HIS E 201 3.81 18.41 35.87
CA HIS E 201 4.87 17.48 35.44
C HIS E 201 6.28 18.06 35.61
N VAL E 202 7.29 17.25 35.31
CA VAL E 202 8.68 17.63 35.56
C VAL E 202 9.15 18.75 34.66
N LEU E 203 8.77 18.73 33.38
CA LEU E 203 9.21 19.77 32.46
C LEU E 203 8.62 21.17 32.71
N PRO E 204 7.29 21.29 32.79
CA PRO E 204 6.67 22.62 32.99
C PRO E 204 6.98 23.19 34.38
N GLY E 205 7.04 22.29 35.36
CA GLY E 205 7.49 22.64 36.71
C GLY E 205 8.85 23.28 36.69
N LEU E 206 9.82 22.62 36.04
CA LEU E 206 11.20 23.16 35.93
C LEU E 206 11.18 24.51 35.22
N ILE E 207 10.49 24.56 34.08
CA ILE E 207 10.31 25.81 33.35
C ILE E 207 9.77 26.91 34.27
N HIS E 208 8.77 26.62 35.10
CA HIS E 208 8.32 27.62 36.10
C HIS E 208 9.45 27.88 37.09
N LYS E 209 10.13 26.83 37.53
CA LYS E 209 11.18 27.01 38.55
C LYS E 209 12.36 27.88 38.11
N VAL E 210 12.76 27.74 36.85
CA VAL E 210 13.86 28.49 36.26
C VAL E 210 13.47 29.93 36.06
N HIS E 211 12.19 30.13 35.77
CA HIS E 211 11.62 31.46 35.64
C HIS E 211 11.65 32.18 36.98
N LEU E 212 11.36 31.46 38.06
CA LEU E 212 11.36 32.05 39.41
C LEU E 212 12.77 32.29 39.97
N ALA E 213 13.73 31.44 39.61
CA ALA E 213 15.12 31.59 40.05
C ALA E 213 15.90 32.62 39.22
N LYS E 214 15.37 32.96 38.04
CA LYS E 214 15.90 34.07 37.24
C LYS E 214 15.54 35.39 37.91
N SER E 215 14.27 35.57 38.27
CA SER E 215 13.79 36.82 38.90
C SER E 215 14.11 36.93 40.39
N SER E 216 14.09 35.81 41.12
CA SER E 216 14.39 35.82 42.55
C SER E 216 15.88 35.96 42.75
N GLY E 217 16.65 35.38 41.82
CA GLY E 217 18.12 35.32 41.92
C GLY E 217 18.59 34.05 42.60
N SER E 218 17.68 33.10 42.75
CA SER E 218 17.94 31.86 43.45
C SER E 218 18.62 30.78 42.59
N ALA E 219 18.94 29.67 43.23
CA ALA E 219 19.32 28.44 42.55
C ALA E 219 18.10 27.69 42.05
N LEU E 220 18.30 26.92 40.98
CA LEU E 220 17.28 25.98 40.53
C LEU E 220 17.40 24.74 41.38
N THR E 221 16.30 24.34 42.01
CA THR E 221 16.28 23.07 42.71
C THR E 221 15.50 22.07 41.86
N VAL E 222 16.24 21.18 41.22
CA VAL E 222 15.68 20.06 40.49
C VAL E 222 15.40 18.95 41.51
N TRP E 223 14.25 18.27 41.41
CA TRP E 223 13.81 17.28 42.41
C TRP E 223 14.37 15.88 42.16
N GLY E 224 14.71 15.18 43.24
CA GLY E 224 15.30 13.85 43.13
C GLY E 224 16.77 13.84 42.76
N THR E 225 17.23 12.72 42.18
CA THR E 225 18.64 12.59 41.78
C THR E 225 18.98 13.18 40.40
N GLY E 226 18.02 13.14 39.46
CA GLY E 226 18.25 13.49 38.06
C GLY E 226 18.57 12.32 37.13
N ASN E 227 18.67 11.11 37.69
CA ASN E 227 19.01 9.89 36.91
C ASN E 227 17.88 9.14 36.19
N PRO E 228 16.61 9.28 36.65
CA PRO E 228 15.52 8.63 35.92
C PRO E 228 15.43 9.06 34.47
N ARG E 229 15.13 8.09 33.61
CA ARG E 229 15.11 8.29 32.18
C ARG E 229 13.65 8.46 31.84
N ARG E 230 13.37 9.36 30.90
CA ARG E 230 12.04 9.55 30.36
C ARG E 230 12.15 9.82 28.87
N GLN E 231 11.14 9.35 28.14
CA GLN E 231 10.88 9.85 26.80
C GLN E 231 9.85 10.99 26.91
N PHE E 232 10.10 12.09 26.21
CA PHE E 232 9.18 13.22 26.19
C PHE E 232 8.71 13.43 24.77
N ILE E 233 7.42 13.67 24.58
CA ILE E 233 6.85 13.97 23.26
C ILE E 233 6.23 15.36 23.27
N TYR E 234 6.49 16.14 22.23
CA TYR E 234 5.99 17.50 22.09
C TYR E 234 4.52 17.46 21.67
N SER E 235 3.73 18.31 22.31
CA SER E 235 2.28 18.31 22.12
C SER E 235 1.84 18.53 20.68
N LEU E 236 2.65 19.24 19.88
CA LEU E 236 2.28 19.47 18.48
C LEU E 236 2.45 18.23 17.61
N ASP E 237 3.52 17.47 17.86
CA ASP E 237 3.72 16.21 17.17
C ASP E 237 2.67 15.22 17.66
N LEU E 238 2.42 15.18 18.97
CA LEU E 238 1.35 14.33 19.48
C LEU E 238 0.05 14.65 18.76
N ALA E 239 -0.24 15.96 18.69
CA ALA E 239 -1.46 16.46 18.07
C ALA E 239 -1.64 15.90 16.66
N GLN E 240 -0.58 15.98 15.85
CA GLN E 240 -0.62 15.47 14.48
C GLN E 240 -0.83 13.94 14.42
N LEU E 241 -0.18 13.20 15.33
CA LEU E 241 -0.29 11.75 15.31
C LEU E 241 -1.68 11.34 15.81
N PHE E 242 -2.29 12.19 16.62
CA PHE E 242 -3.65 11.95 17.11
C PHE E 242 -4.61 12.12 15.95
N ILE E 243 -4.42 13.20 15.19
CA ILE E 243 -5.27 13.44 14.04
C ILE E 243 -5.13 12.30 13.03
N TRP E 244 -3.89 11.86 12.81
CA TRP E 244 -3.68 10.73 11.93
C TRP E 244 -4.44 9.53 12.45
N VAL E 245 -4.40 9.32 13.77
CA VAL E 245 -5.04 8.16 14.37
C VAL E 245 -6.55 8.19 14.09
N LEU E 246 -7.21 9.29 14.41
CA LEU E 246 -8.67 9.38 14.28
C LEU E 246 -9.19 8.88 12.94
N ARG E 247 -8.41 9.12 11.90
CA ARG E 247 -8.80 8.82 10.54
C ARG E 247 -8.35 7.44 10.06
N GLU E 248 -7.13 7.06 10.43
CA GLU E 248 -6.42 6.04 9.67
C GLU E 248 -6.07 4.77 10.43
N TYR E 249 -6.21 4.78 11.76
CA TYR E 249 -5.86 3.62 12.58
C TYR E 249 -7.15 2.98 13.09
N ASN E 250 -7.37 1.71 12.83
CA ASN E 250 -8.66 1.11 13.15
C ASN E 250 -8.57 -0.10 14.06
N GLU E 251 -7.34 -0.53 14.36
CA GLU E 251 -7.19 -1.64 15.26
C GLU E 251 -7.73 -1.22 16.59
N VAL E 252 -8.25 -2.18 17.32
CA VAL E 252 -8.74 -1.93 18.64
C VAL E 252 -7.59 -1.86 19.63
N GLU E 253 -6.62 -2.76 19.52
CA GLU E 253 -5.41 -2.72 20.32
C GLU E 253 -4.84 -1.33 20.23
N PRO E 254 -4.30 -0.81 21.33
CA PRO E 254 -3.81 0.56 21.32
C PRO E 254 -2.59 0.74 20.48
N ILE E 255 -2.07 1.97 20.45
CA ILE E 255 -0.78 2.30 19.82
C ILE E 255 0.01 3.29 20.64
N ILE E 256 1.30 3.02 20.76
CA ILE E 256 2.21 3.91 21.48
C ILE E 256 2.63 5.08 20.60
N LEU E 257 2.30 6.27 21.02
CA LEU E 257 2.78 7.47 20.33
C LEU E 257 3.95 8.05 21.14
N SER E 258 5.15 7.54 20.84
CA SER E 258 6.37 8.01 21.51
C SER E 258 7.47 8.35 20.54
N VAL E 259 8.39 9.18 21.00
CA VAL E 259 9.69 9.28 20.36
C VAL E 259 10.42 7.94 20.55
N GLY E 260 11.41 7.69 19.71
CA GLY E 260 12.09 6.41 19.71
C GLY E 260 12.92 6.16 20.95
N GLU E 261 13.46 4.96 21.01
CA GLU E 261 14.18 4.44 22.17
C GLU E 261 15.52 5.16 22.45
N GLU E 262 16.24 5.51 21.40
CA GLU E 262 17.51 6.24 21.53
C GLU E 262 17.31 7.68 21.99
N ASP E 263 16.12 8.23 21.76
CA ASP E 263 15.83 9.64 22.07
C ASP E 263 15.43 9.83 23.54
N GLU E 264 15.59 8.78 24.32
CA GLU E 264 15.32 8.82 25.74
C GLU E 264 16.32 9.70 26.49
N VAL E 265 15.79 10.48 27.44
CA VAL E 265 16.55 11.54 28.11
C VAL E 265 16.43 11.41 29.63
N SER E 266 17.53 11.61 30.34
CA SER E 266 17.48 11.63 31.80
C SER E 266 16.90 12.96 32.29
N ILE E 267 16.48 13.00 33.53
CA ILE E 267 15.94 14.23 34.08
C ILE E 267 17.05 15.28 34.20
N LYS E 268 18.28 14.85 34.53
CA LYS E 268 19.44 15.76 34.55
C LYS E 268 19.48 16.49 33.21
N GLU E 269 19.44 15.73 32.13
CA GLU E 269 19.46 16.32 30.79
C GLU E 269 18.28 17.25 30.54
N ALA E 270 17.07 16.80 30.88
CA ALA E 270 15.86 17.60 30.73
C ALA E 270 16.06 19.00 31.30
N ALA E 271 16.53 19.08 32.54
CA ALA E 271 16.77 20.37 33.18
C ALA E 271 17.89 21.17 32.53
N GLU E 272 18.88 20.49 31.95
CA GLU E 272 19.92 21.17 31.17
C GLU E 272 19.33 21.78 29.89
N ALA E 273 18.37 21.09 29.27
CA ALA E 273 17.71 21.57 28.07
C ALA E 273 16.88 22.82 28.37
N VAL E 274 16.28 22.82 29.56
CA VAL E 274 15.48 23.92 30.07
C VAL E 274 16.39 25.08 30.42
N VAL E 275 17.39 24.81 31.25
CA VAL E 275 18.38 25.82 31.65
C VAL E 275 19.05 26.45 30.44
N GLU E 276 19.44 25.62 29.46
CA GLU E 276 20.04 26.12 28.22
C GLU E 276 19.04 26.93 27.37
N ALA E 277 17.76 26.57 27.42
CA ALA E 277 16.74 27.29 26.65
C ALA E 277 16.31 28.62 27.29
N MET E 278 16.35 28.70 28.61
CA MET E 278 15.94 29.93 29.31
C MET E 278 17.09 30.84 29.72
N ASP E 279 18.31 30.47 29.34
CA ASP E 279 19.48 31.29 29.58
C ASP E 279 19.68 31.49 31.08
N PHE E 280 19.59 30.40 31.82
CA PHE E 280 19.72 30.45 33.27
C PHE E 280 21.16 30.16 33.69
N HIS E 281 21.80 31.13 34.34
CA HIS E 281 23.21 31.01 34.72
C HIS E 281 23.42 30.80 36.23
N GLY E 282 22.34 30.60 36.98
CA GLY E 282 22.43 30.34 38.40
C GLY E 282 22.87 28.92 38.64
N GLU E 283 22.87 28.54 39.92
CA GLU E 283 23.26 27.21 40.36
C GLU E 283 22.07 26.26 40.23
N VAL E 284 22.36 25.09 39.67
CA VAL E 284 21.41 24.04 39.47
C VAL E 284 21.70 23.03 40.57
N THR E 285 20.67 22.61 41.30
CA THR E 285 20.85 21.74 42.45
C THR E 285 19.80 20.61 42.42
N PHE E 286 20.08 19.53 43.13
CA PHE E 286 19.21 18.37 43.19
C PHE E 286 18.87 18.06 44.65
N ASP E 287 17.57 18.05 44.96
CA ASP E 287 17.12 17.59 46.26
C ASP E 287 16.88 16.11 46.14
N THR E 288 17.88 15.33 46.54
CA THR E 288 17.91 13.88 46.29
C THR E 288 16.95 13.12 47.18
N THR E 289 16.58 13.75 48.29
CA THR E 289 15.56 13.25 49.20
C THR E 289 14.19 13.14 48.52
N LYS E 290 13.89 14.02 47.56
CA LYS E 290 12.59 13.97 46.90
C LYS E 290 12.51 12.74 46.02
N SER E 291 11.31 12.21 45.79
CA SER E 291 11.12 10.93 45.10
C SER E 291 11.43 10.94 43.62
N ASP E 292 12.21 9.96 43.17
CA ASP E 292 12.53 9.79 41.74
C ASP E 292 11.39 9.14 40.95
N GLY E 293 10.40 8.60 41.66
CA GLY E 293 9.34 7.82 41.02
C GLY E 293 9.93 6.61 40.31
N GLN E 294 9.18 6.09 39.33
CA GLN E 294 9.62 5.02 38.42
C GLN E 294 10.89 5.45 37.71
N PHE E 295 11.94 4.64 37.79
CA PHE E 295 13.24 5.03 37.24
C PHE E 295 13.18 5.11 35.72
N LYS E 296 12.53 4.13 35.12
CA LYS E 296 12.66 3.84 33.70
C LYS E 296 11.34 3.25 33.21
N LYS E 297 10.80 3.79 32.12
CA LYS E 297 9.58 3.27 31.46
C LYS E 297 9.78 3.33 29.93
N THR E 298 10.92 2.80 29.47
CA THR E 298 11.32 2.98 28.09
C THR E 298 10.29 2.26 27.21
N ALA E 299 9.81 2.97 26.21
CA ALA E 299 8.67 2.55 25.40
C ALA E 299 9.11 2.45 23.96
N SER E 300 8.67 1.36 23.29
CA SER E 300 8.98 1.10 21.88
C SER E 300 7.88 1.65 20.96
N ASN E 301 8.29 2.33 19.88
CA ASN E 301 7.37 2.80 18.84
C ASN E 301 7.48 1.97 17.53
N SER E 302 7.94 0.74 17.64
CA SER E 302 8.01 -0.12 16.47
C SER E 302 6.63 -0.14 15.79
N LYS E 303 5.55 -0.47 16.50
CA LYS E 303 4.23 -0.46 15.86
C LYS E 303 3.95 0.86 15.12
N LEU E 304 4.16 1.99 15.81
CA LEU E 304 3.94 3.28 15.19
C LEU E 304 4.82 3.45 13.94
N ARG E 305 6.03 2.92 13.98
CA ARG E 305 6.96 3.00 12.85
C ARG E 305 6.58 2.16 11.63
N THR E 306 5.73 1.15 11.80
CA THR E 306 5.28 0.31 10.68
C THR E 306 4.20 0.98 9.82
N TYR E 307 3.37 1.81 10.46
CA TYR E 307 2.44 2.63 9.72
C TYR E 307 3.15 3.82 9.08
N LEU E 308 3.85 4.61 9.91
CA LEU E 308 4.46 5.88 9.49
C LEU E 308 5.99 5.86 9.60
N PRO E 309 6.65 5.18 8.66
CA PRO E 309 8.12 5.07 8.72
C PRO E 309 8.87 6.40 8.62
N ASP E 310 8.27 7.39 7.95
CA ASP E 310 8.96 8.64 7.62
C ASP E 310 8.68 9.82 8.54
N PHE E 311 7.57 9.77 9.28
CA PHE E 311 7.19 10.87 10.18
C PHE E 311 8.37 11.32 11.04
N ARG E 312 8.63 12.61 11.06
CA ARG E 312 9.75 13.21 11.79
C ARG E 312 9.27 14.03 13.01
N PHE E 313 9.69 13.59 14.19
CA PHE E 313 9.42 14.27 15.45
C PHE E 313 10.25 15.53 15.54
N THR E 314 9.81 16.45 16.38
CA THR E 314 10.49 17.73 16.58
C THR E 314 11.62 17.56 17.58
N PRO E 315 12.84 17.97 17.20
CA PRO E 315 13.98 17.82 18.10
C PRO E 315 13.74 18.40 19.50
N PHE E 316 14.15 17.66 20.51
CA PHE E 316 13.79 17.91 21.91
C PHE E 316 14.17 19.29 22.43
N LYS E 317 15.42 19.70 22.19
CA LYS E 317 15.88 21.01 22.65
C LYS E 317 15.07 22.13 22.02
N GLN E 318 14.88 22.03 20.70
CA GLN E 318 14.06 22.98 19.96
C GLN E 318 12.64 23.06 20.54
N ALA E 319 12.13 21.93 21.03
CA ALA E 319 10.76 21.89 21.56
C ALA E 319 10.70 22.52 22.96
N VAL E 320 11.74 22.31 23.74
CA VAL E 320 11.91 22.97 25.04
C VAL E 320 12.00 24.50 24.88
N LYS E 321 12.72 24.97 23.86
CA LYS E 321 12.82 26.42 23.60
C LYS E 321 11.49 27.01 23.12
N GLU E 322 10.75 26.26 22.31
CA GLU E 322 9.45 26.73 21.82
C GLU E 322 8.46 26.84 22.98
N THR E 323 8.62 25.92 23.93
CA THR E 323 7.76 25.86 25.09
C THR E 323 8.15 26.87 26.15
N CYS E 324 9.44 27.13 26.31
CA CYS E 324 9.88 28.11 27.30
C CYS E 324 9.59 29.54 26.83
N ALA E 325 9.71 29.78 25.53
CA ALA E 325 9.32 31.08 24.94
C ALA E 325 7.82 31.28 25.11
N TRP E 326 7.05 30.21 24.89
CA TRP E 326 5.62 30.28 25.08
C TRP E 326 5.28 30.73 26.50
N PHE E 327 5.81 29.98 27.47
CA PHE E 327 5.60 30.29 28.88
C PHE E 327 6.02 31.72 29.18
N THR E 328 7.21 32.10 28.74
CA THR E 328 7.74 33.43 28.97
C THR E 328 6.86 34.50 28.32
N ASP E 329 6.39 34.22 27.08
CA ASP E 329 5.47 35.14 26.38
C ASP E 329 4.01 35.07 26.87
N ASN E 330 3.67 34.07 27.69
CA ASN E 330 2.29 33.91 28.22
C ASN E 330 2.23 33.70 29.73
N TYR E 331 3.20 34.25 30.45
CA TYR E 331 3.30 33.99 31.86
C TYR E 331 2.00 34.24 32.64
N GLU E 332 1.20 35.24 32.26
CA GLU E 332 -0.02 35.60 33.05
C GLU E 332 -1.25 34.72 32.79
N GLN E 333 -1.33 34.10 31.60
CA GLN E 333 -2.47 33.28 31.22
C GLN E 333 -2.19 31.81 31.48
N ALA E 334 -0.93 31.49 31.75
CA ALA E 334 -0.50 30.11 31.87
C ALA E 334 -1.08 29.50 33.14
N ARG E 335 -1.48 28.22 33.07
CA ARG E 335 -2.05 27.52 34.23
C ARG E 335 -0.99 27.27 35.32
N MET F 23 -50.02 -19.98 54.71
CA MET F 23 -50.45 -18.97 53.70
C MET F 23 -49.84 -17.61 54.03
N ARG F 24 -49.15 -16.99 53.07
CA ARG F 24 -48.84 -15.55 53.16
C ARG F 24 -49.70 -14.83 52.10
N ILE F 25 -50.71 -14.09 52.58
CA ILE F 25 -51.77 -13.58 51.73
C ILE F 25 -51.62 -12.08 51.53
N LEU F 26 -51.09 -11.68 50.39
CA LEU F 26 -51.08 -10.27 50.05
C LEU F 26 -52.45 -9.82 49.56
N VAL F 27 -52.93 -8.72 50.13
CA VAL F 27 -54.18 -8.12 49.73
C VAL F 27 -53.88 -6.72 49.26
N THR F 28 -53.97 -6.48 47.95
CA THR F 28 -53.78 -5.12 47.43
C THR F 28 -55.12 -4.41 47.52
N GLY F 29 -55.11 -3.08 47.52
CA GLY F 29 -56.34 -2.32 47.67
C GLY F 29 -56.91 -2.45 49.07
N GLY F 30 -56.05 -2.85 50.00
CA GLY F 30 -56.47 -3.19 51.35
C GLY F 30 -57.10 -2.05 52.12
N SER F 31 -56.94 -0.81 51.64
CA SER F 31 -57.35 0.37 52.38
C SER F 31 -58.69 0.90 51.94
N GLY F 32 -59.26 0.25 50.94
CA GLY F 32 -60.44 0.77 50.27
C GLY F 32 -61.68 0.28 50.96
N LEU F 33 -62.80 0.39 50.25
CA LEU F 33 -64.08 -0.06 50.76
C LEU F 33 -63.98 -1.52 51.05
N VAL F 34 -63.78 -2.32 50.02
CA VAL F 34 -63.77 -3.78 50.21
C VAL F 34 -62.58 -4.22 51.09
N GLY F 35 -61.45 -3.55 50.91
CA GLY F 35 -60.25 -3.84 51.67
C GLY F 35 -60.47 -3.71 53.16
N LYS F 36 -61.14 -2.63 53.58
CA LYS F 36 -61.39 -2.39 55.03
C LYS F 36 -62.41 -3.37 55.59
N ALA F 37 -63.27 -3.88 54.71
CA ALA F 37 -64.22 -4.90 55.07
C ALA F 37 -63.49 -6.20 55.33
N ILE F 38 -62.56 -6.57 54.44
CA ILE F 38 -61.79 -7.81 54.65
C ILE F 38 -60.98 -7.74 55.94
N GLN F 39 -60.46 -6.55 56.25
CA GLN F 39 -59.67 -6.34 57.48
C GLN F 39 -60.49 -6.56 58.74
N LYS F 40 -61.72 -6.04 58.75
CA LYS F 40 -62.60 -6.22 59.92
C LYS F 40 -62.85 -7.71 60.12
N VAL F 41 -63.39 -8.37 59.11
CA VAL F 41 -63.63 -9.82 59.14
C VAL F 41 -62.45 -10.59 59.74
N VAL F 42 -61.24 -10.31 59.23
CA VAL F 42 -60.06 -11.02 59.70
C VAL F 42 -59.66 -10.60 61.11
N ALA F 43 -59.64 -9.30 61.39
CA ALA F 43 -59.32 -8.82 62.73
C ALA F 43 -60.38 -9.34 63.72
N ASP F 44 -61.61 -9.42 63.23
CA ASP F 44 -62.74 -9.85 64.03
C ASP F 44 -62.67 -11.34 64.44
N GLY F 45 -61.91 -12.16 63.71
CA GLY F 45 -61.71 -13.56 64.11
C GLY F 45 -61.54 -14.61 63.03
N ALA F 46 -61.94 -14.30 61.79
CA ALA F 46 -61.99 -15.29 60.70
C ALA F 46 -60.65 -15.80 60.13
N GLY F 47 -59.53 -15.18 60.51
CA GLY F 47 -58.22 -15.61 60.04
C GLY F 47 -57.80 -16.90 60.73
N LEU F 48 -57.52 -17.94 59.93
CA LEU F 48 -57.19 -19.27 60.47
C LEU F 48 -55.68 -19.43 60.72
N PRO F 49 -55.30 -20.09 61.83
CA PRO F 49 -53.87 -20.35 62.12
C PRO F 49 -53.07 -20.80 60.90
N GLY F 50 -51.87 -20.26 60.75
CA GLY F 50 -51.06 -20.51 59.57
C GLY F 50 -51.26 -19.48 58.48
N GLU F 51 -52.31 -18.66 58.60
CA GLU F 51 -52.59 -17.59 57.63
C GLU F 51 -51.95 -16.28 58.08
N ASP F 52 -50.93 -15.85 57.34
CA ASP F 52 -50.33 -14.53 57.50
C ASP F 52 -51.00 -13.61 56.49
N TRP F 53 -51.74 -12.62 56.99
CA TRP F 53 -52.46 -11.65 56.16
C TRP F 53 -51.69 -10.34 56.15
N VAL F 54 -51.45 -9.80 54.95
CA VAL F 54 -50.75 -8.53 54.82
C VAL F 54 -51.59 -7.67 53.91
N PHE F 55 -52.10 -6.56 54.44
CA PHE F 55 -52.85 -5.58 53.64
C PHE F 55 -51.91 -4.46 53.25
N VAL F 56 -52.05 -3.96 52.03
CA VAL F 56 -51.21 -2.88 51.54
C VAL F 56 -52.08 -1.90 50.78
N SER F 57 -51.50 -0.73 50.50
CA SER F 57 -52.18 0.32 49.72
C SER F 57 -51.13 1.14 48.95
N SER F 58 -51.52 2.25 48.29
CA SER F 58 -50.58 3.01 47.44
C SER F 58 -49.37 3.56 48.22
N LYS F 59 -49.52 3.71 49.52
CA LYS F 59 -48.38 3.92 50.43
C LYS F 59 -47.29 2.88 50.17
N ASP F 60 -47.68 1.62 50.24
CA ASP F 60 -46.69 0.56 50.17
C ASP F 60 -46.06 0.55 48.78
N ALA F 61 -46.89 0.71 47.74
CA ALA F 61 -46.40 0.73 46.34
C ALA F 61 -47.48 1.28 45.41
N ASP F 62 -47.10 2.18 44.51
CA ASP F 62 -48.01 2.62 43.45
C ASP F 62 -47.96 1.58 42.36
N LEU F 63 -49.03 0.80 42.26
CA LEU F 63 -49.06 -0.39 41.44
C LEU F 63 -49.12 -0.10 39.93
N THR F 64 -49.24 1.16 39.52
CA THR F 64 -49.04 1.54 38.12
C THR F 64 -47.56 1.66 37.75
N ASP F 65 -46.66 1.58 38.74
CA ASP F 65 -45.23 1.41 38.46
C ASP F 65 -44.85 -0.08 38.57
N THR F 66 -44.07 -0.56 37.60
CA THR F 66 -43.66 -1.94 37.51
C THR F 66 -42.65 -2.28 38.57
N ALA F 67 -41.62 -1.43 38.68
CA ALA F 67 -40.54 -1.60 39.65
C ALA F 67 -41.08 -1.66 41.07
N GLN F 68 -41.89 -0.67 41.45
CA GLN F 68 -42.51 -0.64 42.77
C GLN F 68 -43.41 -1.86 43.12
N THR F 69 -44.17 -2.37 42.14
CA THR F 69 -44.98 -3.57 42.36
C THR F 69 -44.06 -4.78 42.51
N ARG F 70 -43.10 -4.90 41.61
CA ARG F 70 -42.22 -6.06 41.63
C ARG F 70 -41.50 -6.11 42.99
N ALA F 71 -41.08 -4.95 43.47
CA ALA F 71 -40.32 -4.85 44.71
C ALA F 71 -41.18 -5.24 45.88
N LEU F 72 -42.41 -4.73 45.89
CA LEU F 72 -43.43 -5.12 46.84
C LEU F 72 -43.67 -6.64 46.85
N PHE F 73 -43.73 -7.24 45.67
CA PHE F 73 -43.98 -8.68 45.63
C PHE F 73 -42.79 -9.51 46.10
N GLU F 74 -41.58 -8.98 45.96
CA GLU F 74 -40.35 -9.66 46.41
C GLU F 74 -40.14 -9.45 47.92
N LYS F 75 -40.63 -8.33 48.46
CA LYS F 75 -40.49 -8.02 49.91
C LYS F 75 -41.43 -8.94 50.73
N VAL F 76 -42.71 -8.90 50.40
CA VAL F 76 -43.61 -9.95 50.85
C VAL F 76 -43.32 -11.09 49.90
N GLN F 77 -43.48 -12.33 50.34
CA GLN F 77 -43.29 -13.45 49.43
C GLN F 77 -44.61 -14.17 49.37
N PRO F 78 -45.65 -13.47 48.88
CA PRO F 78 -47.00 -13.93 49.09
C PRO F 78 -47.21 -15.28 48.43
N THR F 79 -47.83 -16.21 49.15
CA THR F 79 -48.28 -17.47 48.57
C THR F 79 -49.58 -17.26 47.79
N HIS F 80 -50.43 -16.34 48.27
CA HIS F 80 -51.76 -16.08 47.72
C HIS F 80 -51.95 -14.57 47.61
N VAL F 81 -52.76 -14.11 46.65
CA VAL F 81 -53.03 -12.66 46.49
C VAL F 81 -54.53 -12.38 46.27
N ILE F 82 -55.07 -11.43 47.00
CA ILE F 82 -56.37 -10.86 46.68
C ILE F 82 -56.06 -9.51 46.09
N HIS F 83 -56.48 -9.29 44.86
CA HIS F 83 -56.17 -8.06 44.14
C HIS F 83 -57.43 -7.20 43.95
N LEU F 84 -57.63 -6.29 44.89
CA LEU F 84 -58.72 -5.34 44.79
C LEU F 84 -58.21 -4.02 44.26
N ALA F 85 -56.91 -3.77 44.29
CA ALA F 85 -56.40 -2.44 43.88
C ALA F 85 -56.86 -2.06 42.48
N ALA F 86 -57.44 -0.85 42.38
CA ALA F 86 -58.05 -0.35 41.15
C ALA F 86 -58.43 1.11 41.29
N MET F 87 -58.48 1.82 40.15
CA MET F 87 -59.10 3.14 40.06
C MET F 87 -60.59 2.88 39.88
N VAL F 88 -61.40 3.45 40.79
CA VAL F 88 -62.82 3.12 40.98
C VAL F 88 -63.63 4.40 41.10
N GLY F 89 -64.87 4.40 40.62
CA GLY F 89 -65.76 5.54 40.81
C GLY F 89 -67.15 5.34 40.25
N GLY F 90 -68.06 6.24 40.58
CA GLY F 90 -69.44 6.13 40.09
C GLY F 90 -69.61 6.49 38.63
N LEU F 91 -70.80 6.25 38.12
CA LEU F 91 -71.15 6.54 36.71
C LEU F 91 -70.54 7.83 36.14
N PHE F 92 -70.70 8.91 36.87
CA PHE F 92 -70.32 10.22 36.33
C PHE F 92 -68.81 10.39 36.22
N ARG F 93 -68.05 9.88 37.20
CA ARG F 93 -66.59 9.92 37.11
C ARG F 93 -66.11 9.07 35.95
N ASN F 94 -66.70 7.89 35.78
CA ASN F 94 -66.35 7.04 34.65
C ASN F 94 -66.53 7.83 33.37
N ILE F 95 -67.72 8.40 33.16
CA ILE F 95 -68.01 9.14 31.95
C ILE F 95 -66.88 10.12 31.63
N LYS F 96 -66.49 10.93 32.60
CA LYS F 96 -65.40 11.88 32.41
C LYS F 96 -64.07 11.23 32.02
N TYR F 97 -63.76 10.03 32.52
CA TYR F 97 -62.34 9.58 32.47
C TYR F 97 -62.03 8.21 31.87
N ASN F 98 -62.71 7.82 30.80
CA ASN F 98 -62.57 6.47 30.26
C ASN F 98 -61.10 6.03 29.96
N LEU F 99 -60.28 7.00 29.54
CA LEU F 99 -58.84 6.77 29.29
C LEU F 99 -58.07 6.44 30.56
N ASP F 100 -58.20 7.29 31.58
CA ASP F 100 -57.57 7.06 32.90
C ASP F 100 -58.00 5.72 33.44
N PHE F 101 -59.30 5.47 33.39
CA PHE F 101 -59.86 4.23 33.92
C PHE F 101 -59.25 3.04 33.23
N TRP F 102 -59.16 3.12 31.90
CA TRP F 102 -58.51 2.10 31.10
C TRP F 102 -57.04 1.86 31.47
N ARG F 103 -56.23 2.90 31.32
CA ARG F 103 -54.78 2.85 31.47
C ARG F 103 -54.24 2.61 32.88
N LYS F 104 -54.80 3.29 33.88
CA LYS F 104 -54.35 3.05 35.26
C LYS F 104 -54.72 1.63 35.68
N ASN F 105 -55.90 1.15 35.25
CA ASN F 105 -56.36 -0.19 35.65
C ASN F 105 -55.65 -1.34 34.94
N VAL F 106 -55.31 -1.15 33.67
CA VAL F 106 -54.59 -2.16 32.94
C VAL F 106 -53.18 -2.39 33.50
N HIS F 107 -52.43 -1.31 33.72
CA HIS F 107 -51.09 -1.41 34.25
C HIS F 107 -51.08 -2.06 35.63
N MET F 108 -52.01 -1.66 36.50
CA MET F 108 -52.12 -2.24 37.84
C MET F 108 -52.31 -3.74 37.76
N ASN F 109 -53.24 -4.17 36.91
CA ASN F 109 -53.49 -5.61 36.74
C ASN F 109 -52.31 -6.33 36.08
N ASP F 110 -51.83 -5.75 34.99
CA ASP F 110 -50.64 -6.30 34.40
C ASP F 110 -49.53 -6.51 35.45
N ASN F 111 -49.28 -5.46 36.24
CA ASN F 111 -48.19 -5.48 37.20
C ASN F 111 -48.40 -6.38 38.44
N VAL F 112 -49.64 -6.49 38.91
CA VAL F 112 -49.98 -7.35 40.07
C VAL F 112 -50.05 -8.82 39.68
N LEU F 113 -50.57 -9.12 38.48
CA LEU F 113 -50.65 -10.52 38.01
C LEU F 113 -49.29 -11.05 37.54
N HIS F 114 -48.61 -10.31 36.68
CA HIS F 114 -47.30 -10.77 36.30
C HIS F 114 -46.38 -10.96 37.51
N SER F 115 -46.43 -10.03 38.46
CA SER F 115 -45.55 -10.08 39.64
C SER F 115 -45.88 -11.33 40.46
N ALA F 116 -47.18 -11.60 40.62
CA ALA F 116 -47.65 -12.79 41.32
C ALA F 116 -47.08 -14.08 40.73
N PHE F 117 -47.13 -14.14 39.41
CA PHE F 117 -46.57 -15.22 38.63
C PHE F 117 -45.10 -15.54 38.98
N GLU F 118 -44.24 -14.52 38.98
CA GLU F 118 -42.79 -14.75 39.06
C GLU F 118 -42.25 -14.72 40.46
N VAL F 119 -43.02 -14.20 41.40
CA VAL F 119 -42.77 -14.44 42.81
C VAL F 119 -43.15 -15.89 43.11
N GLY F 120 -44.03 -16.45 42.28
CA GLY F 120 -44.41 -17.86 42.37
C GLY F 120 -45.52 -18.10 43.35
N ALA F 121 -46.56 -17.26 43.27
CA ALA F 121 -47.75 -17.41 44.10
C ALA F 121 -48.66 -18.48 43.53
N ARG F 122 -49.43 -19.12 44.41
CA ARG F 122 -50.21 -20.33 44.09
C ARG F 122 -51.55 -20.01 43.49
N LYS F 123 -52.08 -18.82 43.82
CA LYS F 123 -53.47 -18.50 43.55
C LYS F 123 -53.75 -17.00 43.60
N VAL F 124 -54.35 -16.45 42.54
CA VAL F 124 -54.78 -15.04 42.56
C VAL F 124 -56.30 -14.86 42.35
N VAL F 125 -56.87 -13.97 43.14
CA VAL F 125 -58.28 -13.68 43.04
C VAL F 125 -58.39 -12.19 42.84
N SER F 126 -58.77 -11.79 41.65
CA SER F 126 -58.91 -10.36 41.32
C SER F 126 -60.38 -10.05 41.32
N CYS F 127 -60.68 -8.77 41.17
CA CYS F 127 -62.03 -8.25 41.33
C CYS F 127 -62.53 -7.71 39.98
N LEU F 128 -63.61 -8.28 39.45
CA LEU F 128 -64.25 -7.74 38.26
C LEU F 128 -65.45 -6.94 38.75
N SER F 129 -66.47 -6.72 37.92
CA SER F 129 -67.69 -6.01 38.34
C SER F 129 -68.87 -6.46 37.47
N THR F 130 -70.10 -6.16 37.90
CA THR F 130 -71.30 -6.44 37.06
C THR F 130 -71.59 -5.29 36.11
N CYS F 131 -70.86 -4.18 36.30
CA CYS F 131 -70.68 -3.13 35.31
C CYS F 131 -70.46 -3.61 33.91
N ILE F 132 -69.52 -4.52 33.80
CA ILE F 132 -68.74 -4.74 32.59
C ILE F 132 -69.39 -5.62 31.55
N PHE F 133 -70.61 -6.08 31.81
CA PHE F 133 -71.23 -7.11 30.98
C PHE F 133 -71.80 -6.50 29.72
N PRO F 134 -72.16 -7.33 28.75
CA PRO F 134 -72.57 -6.72 27.51
C PRO F 134 -73.78 -5.86 27.79
N ASP F 135 -73.82 -4.70 27.18
CA ASP F 135 -74.97 -3.84 27.35
C ASP F 135 -76.25 -4.48 26.80
N LYS F 136 -76.23 -4.93 25.55
CA LYS F 136 -77.37 -5.64 24.98
C LYS F 136 -77.22 -7.06 25.44
N THR F 137 -78.22 -7.57 26.14
CA THR F 137 -78.08 -8.89 26.75
C THR F 137 -79.41 -9.51 27.15
N THR F 138 -79.39 -10.81 27.39
CA THR F 138 -80.47 -11.48 28.06
C THR F 138 -80.26 -11.30 29.57
N TYR F 139 -81.30 -11.54 30.35
CA TYR F 139 -81.21 -11.50 31.82
C TYR F 139 -81.83 -12.79 32.37
N PRO F 140 -81.31 -13.28 33.50
CA PRO F 140 -80.25 -12.70 34.29
C PRO F 140 -78.89 -13.01 33.70
N ILE F 141 -77.93 -12.15 33.99
CA ILE F 141 -76.60 -12.31 33.47
C ILE F 141 -75.85 -13.30 34.34
N ASP F 142 -74.94 -14.06 33.72
CA ASP F 142 -74.08 -15.00 34.48
C ASP F 142 -72.64 -15.04 33.95
N GLU F 143 -71.79 -15.79 34.68
CA GLU F 143 -70.34 -15.84 34.45
C GLU F 143 -69.94 -16.20 33.03
N THR F 144 -70.82 -16.88 32.32
CA THR F 144 -70.60 -17.24 30.92
C THR F 144 -70.58 -16.05 29.99
N MET F 145 -71.28 -15.00 30.36
CA MET F 145 -71.69 -13.98 29.39
C MET F 145 -70.76 -12.78 29.32
N ILE F 146 -69.75 -12.77 30.17
CA ILE F 146 -68.83 -11.63 30.33
C ILE F 146 -68.30 -11.00 29.04
N HIS F 147 -68.03 -11.81 28.01
CA HIS F 147 -67.48 -11.33 26.75
C HIS F 147 -68.47 -11.37 25.56
N ASN F 148 -69.76 -11.36 25.84
CA ASN F 148 -70.76 -11.58 24.79
C ASN F 148 -71.30 -10.30 24.15
N GLY F 149 -70.43 -9.40 23.75
CA GLY F 149 -70.87 -8.12 23.20
C GLY F 149 -70.40 -6.95 24.01
N PRO F 150 -70.46 -5.73 23.44
CA PRO F 150 -69.80 -4.57 24.04
C PRO F 150 -70.56 -4.03 25.24
N PRO F 151 -69.85 -3.40 26.18
CA PRO F 151 -70.51 -2.96 27.36
C PRO F 151 -71.08 -1.57 27.08
N HIS F 152 -71.62 -0.94 28.10
CA HIS F 152 -72.24 0.37 27.99
C HIS F 152 -71.18 1.41 27.75
N ASN F 153 -71.53 2.44 27.00
CA ASN F 153 -70.54 3.41 26.53
C ASN F 153 -70.10 4.39 27.61
N SER F 154 -70.82 4.44 28.73
CA SER F 154 -70.47 5.35 29.84
C SER F 154 -69.17 4.92 30.55
N ASN F 155 -68.96 3.61 30.70
CA ASN F 155 -67.81 3.10 31.47
C ASN F 155 -66.89 2.10 30.72
N PHE F 156 -66.84 2.18 29.39
CA PHE F 156 -66.17 1.12 28.60
C PHE F 156 -64.73 0.92 29.08
N GLY F 157 -64.02 2.01 29.34
CA GLY F 157 -62.62 1.93 29.79
C GLY F 157 -62.43 1.02 30.99
N TYR F 158 -63.20 1.25 32.05
CA TYR F 158 -63.15 0.38 33.23
C TYR F 158 -63.60 -1.04 32.87
N SER F 159 -64.78 -1.11 32.22
CA SER F 159 -65.33 -2.37 31.76
C SER F 159 -64.24 -3.21 31.09
N TYR F 160 -63.64 -2.64 30.06
CA TYR F 160 -62.73 -3.42 29.22
C TYR F 160 -61.48 -3.86 29.96
N ALA F 161 -60.98 -3.01 30.86
CA ALA F 161 -59.85 -3.37 31.70
C ALA F 161 -60.19 -4.55 32.59
N LYS F 162 -61.37 -4.52 33.20
CA LYS F 162 -61.78 -5.63 34.07
C LYS F 162 -61.90 -6.85 33.24
N ARG F 163 -62.58 -6.72 32.11
CA ARG F 163 -62.67 -7.82 31.13
C ARG F 163 -61.28 -8.41 30.81
N MET F 164 -60.28 -7.54 30.67
CA MET F 164 -58.93 -8.00 30.38
C MET F 164 -58.26 -8.69 31.56
N ILE F 165 -58.81 -8.58 32.76
CA ILE F 165 -58.31 -9.43 33.85
C ILE F 165 -58.62 -10.89 33.50
N ASP F 166 -59.86 -11.17 33.10
CA ASP F 166 -60.34 -12.53 32.79
C ASP F 166 -59.60 -13.16 31.62
N VAL F 167 -59.21 -12.35 30.65
CA VAL F 167 -58.37 -12.82 29.57
C VAL F 167 -57.00 -13.23 30.16
N GLN F 168 -56.32 -12.29 30.80
CA GLN F 168 -54.99 -12.55 31.32
C GLN F 168 -55.00 -13.82 32.18
N ASN F 169 -56.04 -13.95 33.03
CA ASN F 169 -56.19 -15.11 33.89
C ASN F 169 -56.27 -16.36 33.05
N ARG F 170 -57.02 -16.30 31.95
CA ARG F 170 -57.12 -17.44 31.04
C ARG F 170 -55.74 -17.75 30.49
N ALA F 171 -55.00 -16.71 30.12
CA ALA F 171 -53.69 -16.87 29.45
C ALA F 171 -52.60 -17.41 30.37
N TYR F 172 -52.55 -16.91 31.59
CA TYR F 172 -51.65 -17.46 32.59
C TYR F 172 -51.96 -18.91 32.92
N PHE F 173 -53.25 -19.29 32.98
CA PHE F 173 -53.63 -20.65 33.33
C PHE F 173 -53.31 -21.64 32.21
N GLN F 174 -53.75 -21.34 30.99
CA GLN F 174 -53.53 -22.26 29.87
C GLN F 174 -52.04 -22.46 29.51
N GLN F 175 -51.22 -21.44 29.79
CA GLN F 175 -49.80 -21.44 29.41
C GLN F 175 -48.89 -22.04 30.48
N TYR F 176 -49.16 -21.80 31.77
CA TYR F 176 -48.38 -22.41 32.87
C TYR F 176 -49.20 -23.14 33.92
N GLY F 177 -50.53 -23.07 33.84
CA GLY F 177 -51.40 -23.70 34.81
C GLY F 177 -51.57 -22.95 36.13
N CYS F 178 -51.24 -21.67 36.17
CA CYS F 178 -51.42 -20.89 37.40
C CYS F 178 -52.92 -20.91 37.78
N THR F 179 -53.24 -20.98 39.07
CA THR F 179 -54.63 -20.75 39.51
C THR F 179 -54.92 -19.26 39.77
N PHE F 180 -54.97 -18.46 38.70
CA PHE F 180 -55.49 -17.09 38.80
C PHE F 180 -56.93 -17.10 38.32
N THR F 181 -57.80 -16.51 39.13
CA THR F 181 -59.24 -16.50 38.91
C THR F 181 -59.74 -15.12 39.32
N ALA F 182 -61.05 -14.92 39.36
CA ALA F 182 -61.61 -13.63 39.83
C ALA F 182 -63.05 -13.76 40.37
N VAL F 183 -63.43 -12.80 41.20
CA VAL F 183 -64.81 -12.69 41.69
C VAL F 183 -65.51 -11.53 41.01
N ILE F 184 -66.83 -11.60 40.85
CA ILE F 184 -67.60 -10.53 40.20
C ILE F 184 -68.70 -10.00 41.10
N PRO F 185 -68.38 -8.97 41.90
CA PRO F 185 -69.41 -8.39 42.73
C PRO F 185 -70.31 -7.48 41.94
N THR F 186 -71.51 -7.22 42.45
CA THR F 186 -72.35 -6.12 41.95
C THR F 186 -71.98 -4.93 42.77
N ASN F 187 -72.78 -3.87 42.62
CA ASN F 187 -72.59 -2.66 43.38
C ASN F 187 -72.38 -2.99 44.85
N VAL F 188 -71.27 -2.46 45.39
CA VAL F 188 -70.90 -2.68 46.79
C VAL F 188 -71.13 -1.38 47.57
N PHE F 189 -71.52 -1.49 48.83
CA PHE F 189 -71.69 -0.32 49.69
C PHE F 189 -71.40 -0.76 51.14
N GLY F 190 -71.01 0.19 51.98
CA GLY F 190 -70.65 -0.14 53.34
C GLY F 190 -69.66 0.86 53.91
N PRO F 191 -69.29 0.71 55.19
CA PRO F 191 -68.36 1.66 55.79
C PRO F 191 -67.14 1.87 54.90
N HIS F 192 -66.33 2.88 55.25
CA HIS F 192 -65.07 3.17 54.54
C HIS F 192 -65.21 3.35 53.03
N ASP F 193 -66.36 3.80 52.58
CA ASP F 193 -66.62 3.94 51.16
C ASP F 193 -66.04 5.27 50.67
N ASN F 194 -66.11 5.55 49.37
CA ASN F 194 -65.85 6.89 48.90
C ASN F 194 -67.19 7.67 48.93
N PHE F 195 -67.27 8.66 49.82
CA PHE F 195 -68.47 9.47 49.99
C PHE F 195 -68.42 10.77 49.20
N ASN F 196 -67.45 10.88 48.28
CA ASN F 196 -67.42 12.01 47.37
C ASN F 196 -68.63 11.97 46.48
N ILE F 197 -69.44 13.01 46.55
CA ILE F 197 -70.69 13.05 45.84
C ILE F 197 -70.44 12.97 44.33
N GLU F 198 -69.46 13.75 43.89
CA GLU F 198 -69.18 13.98 42.48
C GLU F 198 -68.51 12.77 41.83
N ASP F 199 -67.60 12.13 42.57
CA ASP F 199 -66.79 11.00 42.06
C ASP F 199 -67.23 9.63 42.60
N GLY F 200 -68.26 9.58 43.43
CA GLY F 200 -68.63 8.35 44.12
C GLY F 200 -69.89 7.67 43.60
N HIS F 201 -70.23 6.56 44.25
CA HIS F 201 -71.35 5.74 43.84
C HIS F 201 -72.62 6.27 44.44
N VAL F 202 -73.74 5.71 43.99
CA VAL F 202 -75.03 6.30 44.24
C VAL F 202 -75.37 6.29 45.70
N LEU F 203 -75.10 5.20 46.37
CA LEU F 203 -75.49 5.09 47.77
C LEU F 203 -74.67 5.96 48.68
N PRO F 204 -73.33 5.80 48.67
CA PRO F 204 -72.52 6.74 49.47
C PRO F 204 -72.81 8.22 49.15
N GLY F 205 -73.15 8.52 47.88
CA GLY F 205 -73.50 9.89 47.50
C GLY F 205 -74.76 10.38 48.18
N LEU F 206 -75.81 9.56 48.13
CA LEU F 206 -77.10 9.87 48.76
C LEU F 206 -77.02 10.02 50.27
N ILE F 207 -76.12 9.29 50.90
CA ILE F 207 -75.96 9.40 52.35
C ILE F 207 -75.37 10.77 52.65
N HIS F 208 -74.30 11.10 51.95
CA HIS F 208 -73.61 12.37 52.10
C HIS F 208 -74.50 13.52 51.68
N LYS F 209 -75.28 13.34 50.61
CA LYS F 209 -76.26 14.35 50.21
C LYS F 209 -77.34 14.64 51.27
N VAL F 210 -77.86 13.57 51.87
CA VAL F 210 -78.92 13.68 52.86
C VAL F 210 -78.40 14.31 54.15
N HIS F 211 -77.15 14.02 54.47
CA HIS F 211 -76.47 14.57 55.65
C HIS F 211 -76.26 16.07 55.52
N LEU F 212 -75.81 16.48 54.34
CA LEU F 212 -75.72 17.90 54.00
C LEU F 212 -77.10 18.55 53.99
N ALA F 213 -78.09 17.90 53.37
CA ALA F 213 -79.45 18.44 53.32
C ALA F 213 -80.05 18.53 54.72
N LYS F 214 -79.73 17.55 55.58
CA LYS F 214 -80.10 17.64 57.01
C LYS F 214 -79.56 18.95 57.62
N SER F 215 -78.23 19.07 57.65
CA SER F 215 -77.54 20.23 58.24
C SER F 215 -77.91 21.61 57.64
N SER F 216 -78.33 21.64 56.37
CA SER F 216 -78.54 22.90 55.64
C SER F 216 -80.01 23.31 55.56
N GLY F 217 -80.92 22.42 55.95
CA GLY F 217 -82.35 22.60 55.70
C GLY F 217 -82.74 22.62 54.23
N SER F 218 -81.95 21.99 53.36
CA SER F 218 -82.20 22.00 51.92
C SER F 218 -82.95 20.73 51.51
N ALA F 219 -83.15 20.53 50.22
CA ALA F 219 -83.81 19.34 49.69
C ALA F 219 -82.79 18.33 49.17
N LEU F 220 -83.21 17.08 49.10
CA LEU F 220 -82.41 16.01 48.52
C LEU F 220 -82.66 15.89 47.03
N THR F 221 -81.64 16.20 46.26
CA THR F 221 -81.72 16.04 44.82
C THR F 221 -81.13 14.67 44.39
N VAL F 222 -82.02 13.77 43.98
CA VAL F 222 -81.63 12.47 43.45
C VAL F 222 -81.35 12.63 41.97
N TRP F 223 -80.26 12.07 41.49
CA TRP F 223 -79.91 12.19 40.08
C TRP F 223 -80.57 11.12 39.23
N GLY F 224 -80.98 11.52 38.02
CA GLY F 224 -81.61 10.61 37.07
C GLY F 224 -83.11 10.54 37.30
N THR F 225 -83.75 9.49 36.78
CA THR F 225 -85.18 9.27 36.97
C THR F 225 -85.51 8.53 38.26
N GLY F 226 -84.63 7.66 38.71
CA GLY F 226 -84.92 6.74 39.84
C GLY F 226 -85.34 5.34 39.38
N ASN F 227 -85.68 5.20 38.09
CA ASN F 227 -86.17 3.94 37.52
C ASN F 227 -85.09 2.85 37.32
N PRO F 228 -83.80 3.23 37.18
CA PRO F 228 -82.79 2.19 37.02
C PRO F 228 -82.74 1.21 38.19
N ARG F 229 -82.31 -0.01 37.91
CA ARG F 229 -82.42 -1.12 38.85
C ARG F 229 -81.03 -1.59 39.20
N ARG F 230 -80.78 -1.76 40.50
CA ARG F 230 -79.46 -2.16 40.93
C ARG F 230 -79.54 -3.23 42.00
N GLN F 231 -78.57 -4.15 41.95
CA GLN F 231 -78.36 -5.11 43.01
C GLN F 231 -77.27 -4.57 43.92
N PHE F 232 -77.50 -4.54 45.22
CA PHE F 232 -76.50 -4.01 46.15
C PHE F 232 -75.97 -5.08 47.08
N ILE F 233 -74.65 -5.09 47.29
CA ILE F 233 -74.04 -6.04 48.21
C ILE F 233 -73.21 -5.34 49.30
N TYR F 234 -73.51 -5.65 50.56
CA TYR F 234 -72.88 -5.02 51.70
C TYR F 234 -71.46 -5.59 51.87
N SER F 235 -70.46 -4.72 51.80
CA SER F 235 -69.04 -5.09 51.84
C SER F 235 -68.64 -6.13 52.90
N LEU F 236 -69.30 -6.10 54.07
CA LEU F 236 -69.11 -7.13 55.11
C LEU F 236 -69.52 -8.52 54.60
N ASP F 237 -70.68 -8.57 53.95
CA ASP F 237 -71.09 -9.78 53.23
C ASP F 237 -69.98 -10.11 52.22
N LEU F 238 -69.56 -9.10 51.46
CA LEU F 238 -68.59 -9.31 50.39
C LEU F 238 -67.25 -9.89 50.89
N ALA F 239 -66.67 -9.20 51.87
CA ALA F 239 -65.41 -9.59 52.50
C ALA F 239 -65.32 -11.06 52.86
N GLN F 240 -66.38 -11.61 53.47
CA GLN F 240 -66.41 -13.02 53.92
C GLN F 240 -66.44 -13.98 52.73
N LEU F 241 -67.30 -13.70 51.76
CA LEU F 241 -67.34 -14.48 50.51
C LEU F 241 -65.97 -14.45 49.80
N PHE F 242 -65.32 -13.29 49.80
CA PHE F 242 -63.98 -13.12 49.22
C PHE F 242 -62.94 -14.07 49.84
N ILE F 243 -62.97 -14.14 51.17
CA ILE F 243 -62.10 -15.01 51.93
C ILE F 243 -62.38 -16.48 51.63
N TRP F 244 -63.65 -16.83 51.50
CA TRP F 244 -64.03 -18.20 51.17
C TRP F 244 -63.56 -18.57 49.75
N VAL F 245 -63.67 -17.63 48.82
CA VAL F 245 -63.22 -17.86 47.45
C VAL F 245 -61.70 -18.07 47.42
N LEU F 246 -60.98 -17.32 48.24
CA LEU F 246 -59.52 -17.51 48.34
C LEU F 246 -59.18 -18.93 48.79
N ARG F 247 -59.78 -19.34 49.90
CA ARG F 247 -59.56 -20.68 50.44
C ARG F 247 -60.12 -21.81 49.56
N GLU F 248 -61.38 -21.71 49.13
CA GLU F 248 -62.11 -22.88 48.68
C GLU F 248 -62.54 -22.93 47.21
N TYR F 249 -62.36 -21.86 46.44
CA TYR F 249 -62.78 -21.86 45.02
C TYR F 249 -61.60 -21.95 44.07
N ASN F 250 -61.48 -23.08 43.37
CA ASN F 250 -60.34 -23.31 42.47
C ASN F 250 -60.68 -23.37 40.98
N GLU F 251 -61.81 -22.79 40.58
CA GLU F 251 -62.12 -22.68 39.16
C GLU F 251 -61.30 -21.53 38.66
N VAL F 252 -61.13 -21.43 37.35
CA VAL F 252 -60.48 -20.26 36.74
C VAL F 252 -61.53 -19.32 36.19
N GLU F 253 -62.59 -19.88 35.63
CA GLU F 253 -63.82 -19.15 35.41
C GLU F 253 -64.11 -18.31 36.64
N PRO F 254 -64.64 -17.09 36.45
CA PRO F 254 -64.92 -16.28 37.62
C PRO F 254 -66.19 -16.71 38.31
N ILE F 255 -66.54 -16.01 39.39
CA ILE F 255 -67.77 -16.24 40.13
C ILE F 255 -68.43 -14.94 40.59
N ILE F 256 -69.72 -14.79 40.26
CA ILE F 256 -70.48 -13.63 40.68
C ILE F 256 -70.74 -13.70 42.17
N LEU F 257 -70.58 -12.58 42.84
CA LEU F 257 -70.90 -12.46 44.25
C LEU F 257 -71.94 -11.35 44.38
N SER F 258 -73.17 -11.65 43.98
CA SER F 258 -74.27 -10.73 44.17
C SER F 258 -75.26 -11.32 45.15
N VAL F 259 -76.23 -10.49 45.47
CA VAL F 259 -77.45 -10.93 46.12
C VAL F 259 -78.37 -11.52 45.04
N GLY F 260 -79.53 -12.05 45.40
CA GLY F 260 -80.41 -12.70 44.42
C GLY F 260 -81.06 -11.73 43.46
N GLU F 261 -81.67 -12.26 42.40
CA GLU F 261 -82.37 -11.45 41.41
C GLU F 261 -83.60 -10.75 42.00
N GLU F 262 -84.12 -11.29 43.10
CA GLU F 262 -85.28 -10.72 43.76
C GLU F 262 -84.90 -9.66 44.77
N ASP F 263 -83.62 -9.50 45.05
CA ASP F 263 -83.18 -8.42 45.97
C ASP F 263 -82.74 -7.16 45.21
N GLU F 264 -83.00 -7.17 43.90
CA GLU F 264 -82.81 -6.04 43.01
C GLU F 264 -83.76 -4.90 43.31
N VAL F 265 -83.22 -3.70 43.24
CA VAL F 265 -83.85 -2.51 43.81
C VAL F 265 -83.73 -1.36 42.81
N SER F 266 -84.75 -0.50 42.74
CA SER F 266 -84.67 0.66 41.87
C SER F 266 -83.93 1.71 42.63
N ILE F 267 -83.48 2.73 41.92
CA ILE F 267 -82.78 3.83 42.55
C ILE F 267 -83.73 4.54 43.54
N LYS F 268 -84.98 4.79 43.11
CA LYS F 268 -85.98 5.40 43.97
C LYS F 268 -86.00 4.75 45.34
N GLU F 269 -85.83 3.44 45.39
CA GLU F 269 -85.97 2.70 46.65
C GLU F 269 -84.75 2.85 47.57
N ALA F 270 -83.55 2.83 46.99
CA ALA F 270 -82.32 3.06 47.74
C ALA F 270 -82.39 4.39 48.42
N ALA F 271 -82.80 5.40 47.65
CA ALA F 271 -82.91 6.76 48.14
C ALA F 271 -83.85 6.79 49.34
N GLU F 272 -84.99 6.14 49.18
CA GLU F 272 -85.98 5.98 50.26
C GLU F 272 -85.39 5.32 51.49
N ALA F 273 -84.51 4.35 51.29
CA ALA F 273 -83.89 3.62 52.40
C ALA F 273 -82.86 4.47 53.12
N VAL F 274 -82.02 5.13 52.36
CA VAL F 274 -81.10 6.11 52.92
C VAL F 274 -81.88 7.11 53.76
N VAL F 275 -82.88 7.73 53.14
CA VAL F 275 -83.71 8.74 53.79
C VAL F 275 -84.32 8.22 55.08
N GLU F 276 -85.06 7.11 55.01
CA GLU F 276 -85.67 6.54 56.20
C GLU F 276 -84.63 6.36 57.33
N ALA F 277 -83.45 5.83 57.02
CA ALA F 277 -82.41 5.56 58.02
C ALA F 277 -81.78 6.81 58.66
N MET F 278 -81.85 7.95 57.98
CA MET F 278 -81.18 9.18 58.43
C MET F 278 -82.14 10.23 59.02
N ASP F 279 -83.41 9.84 59.16
CA ASP F 279 -84.41 10.70 59.79
C ASP F 279 -84.59 12.00 58.98
N PHE F 280 -84.53 11.87 57.65
CA PHE F 280 -84.71 13.01 56.74
C PHE F 280 -86.18 13.19 56.41
N HIS F 281 -86.69 14.37 56.71
CA HIS F 281 -88.10 14.69 56.51
C HIS F 281 -88.34 15.78 55.46
N GLY F 282 -87.28 16.32 54.88
CA GLY F 282 -87.39 17.31 53.81
C GLY F 282 -87.71 16.69 52.45
N GLU F 283 -87.92 17.57 51.46
CA GLU F 283 -88.39 17.18 50.15
C GLU F 283 -87.34 16.34 49.45
N VAL F 284 -87.78 15.61 48.43
CA VAL F 284 -86.94 14.73 47.65
C VAL F 284 -87.25 14.93 46.18
N THR F 285 -86.20 15.14 45.40
CA THR F 285 -86.32 15.60 44.05
C THR F 285 -85.41 14.79 43.13
N PHE F 286 -85.91 14.44 41.95
CA PHE F 286 -85.10 13.76 40.94
C PHE F 286 -84.80 14.72 39.82
N ASP F 287 -83.52 14.99 39.55
CA ASP F 287 -83.17 15.78 38.39
C ASP F 287 -83.10 14.81 37.22
N THR F 288 -84.16 14.80 36.41
CA THR F 288 -84.30 13.81 35.33
C THR F 288 -83.41 14.06 34.12
N THR F 289 -82.78 15.25 34.05
CA THR F 289 -81.80 15.54 32.97
C THR F 289 -80.47 14.79 33.17
N LYS F 290 -80.17 14.43 34.40
CA LYS F 290 -78.94 13.70 34.68
C LYS F 290 -79.05 12.28 34.15
N SER F 291 -77.89 11.65 33.94
CA SER F 291 -77.80 10.30 33.37
C SER F 291 -78.31 9.19 34.34
N ASP F 292 -79.10 8.27 33.80
CA ASP F 292 -79.44 7.03 34.52
C ASP F 292 -78.33 6.01 34.28
N GLY F 293 -77.48 6.22 33.28
CA GLY F 293 -76.56 5.16 32.87
C GLY F 293 -77.31 3.88 32.51
N GLN F 294 -76.64 2.77 32.70
CA GLN F 294 -77.23 1.49 32.35
C GLN F 294 -78.51 1.28 33.13
N PHE F 295 -79.62 1.08 32.44
CA PHE F 295 -80.91 0.87 33.11
C PHE F 295 -80.89 -0.26 34.14
N LYS F 296 -80.40 -1.41 33.73
CA LYS F 296 -80.54 -2.65 34.49
C LYS F 296 -79.35 -3.52 34.16
N LYS F 297 -78.89 -4.31 35.12
CA LYS F 297 -77.79 -5.24 34.85
C LYS F 297 -77.96 -6.47 35.74
N THR F 298 -79.21 -6.91 35.86
CA THR F 298 -79.56 -8.02 36.76
C THR F 298 -78.64 -9.25 36.61
N ALA F 299 -77.82 -9.49 37.62
CA ALA F 299 -76.95 -10.68 37.66
C ALA F 299 -77.59 -11.84 38.42
N SER F 300 -77.24 -13.08 38.04
CA SER F 300 -77.67 -14.29 38.77
C SER F 300 -76.57 -14.73 39.72
N ASN F 301 -76.94 -15.30 40.87
CA ASN F 301 -75.95 -15.97 41.74
C ASN F 301 -76.17 -17.48 41.84
N SER F 302 -76.69 -18.08 40.77
CA SER F 302 -76.85 -19.54 40.72
C SER F 302 -75.56 -20.28 41.07
N LYS F 303 -74.44 -19.90 40.45
CA LYS F 303 -73.17 -20.59 40.69
C LYS F 303 -72.72 -20.47 42.16
N LEU F 304 -72.81 -19.27 42.72
CA LEU F 304 -72.50 -19.09 44.12
C LEU F 304 -73.32 -20.06 44.99
N ARG F 305 -74.62 -20.09 44.74
CA ARG F 305 -75.51 -20.89 45.57
C ARG F 305 -75.18 -22.35 45.57
N THR F 306 -74.71 -22.87 44.43
CA THR F 306 -74.31 -24.28 44.36
C THR F 306 -73.09 -24.57 45.24
N TYR F 307 -72.31 -23.54 45.54
CA TYR F 307 -71.24 -23.65 46.52
C TYR F 307 -71.72 -23.30 47.93
N LEU F 308 -72.35 -22.15 48.08
CA LEU F 308 -72.83 -21.69 49.38
C LEU F 308 -74.34 -21.48 49.36
N PRO F 309 -75.10 -22.58 49.53
CA PRO F 309 -76.58 -22.51 49.48
C PRO F 309 -77.18 -21.89 50.71
N ASP F 310 -76.46 -21.95 51.83
CA ASP F 310 -77.01 -21.53 53.11
C ASP F 310 -76.53 -20.15 53.56
N PHE F 311 -75.59 -19.54 52.84
CA PHE F 311 -75.10 -18.20 53.19
C PHE F 311 -76.23 -17.20 53.09
N ARG F 312 -76.47 -16.46 54.18
CA ARG F 312 -77.60 -15.52 54.29
C ARG F 312 -77.12 -14.07 54.30
N PHE F 313 -77.43 -13.33 53.23
CA PHE F 313 -77.00 -11.93 53.06
C PHE F 313 -77.63 -10.98 54.08
N THR F 314 -76.88 -9.95 54.45
CA THR F 314 -77.45 -8.91 55.29
C THR F 314 -78.64 -8.27 54.58
N PRO F 315 -79.80 -8.19 55.25
CA PRO F 315 -80.89 -7.49 54.59
C PRO F 315 -80.54 -6.03 54.27
N PHE F 316 -80.98 -5.56 53.11
CA PHE F 316 -80.58 -4.27 52.54
C PHE F 316 -80.77 -3.08 53.47
N LYS F 317 -81.98 -2.87 53.98
CA LYS F 317 -82.26 -1.68 54.78
C LYS F 317 -81.38 -1.63 56.06
N GLN F 318 -81.16 -2.79 56.64
CA GLN F 318 -80.29 -2.92 57.81
C GLN F 318 -78.85 -2.50 57.44
N ALA F 319 -78.37 -3.03 56.32
CA ALA F 319 -77.03 -2.71 55.79
C ALA F 319 -76.87 -1.24 55.45
N VAL F 320 -77.97 -0.55 55.11
CA VAL F 320 -77.91 0.88 54.82
C VAL F 320 -77.95 1.70 56.11
N LYS F 321 -78.69 1.24 57.13
CA LYS F 321 -78.67 1.90 58.45
C LYS F 321 -77.29 1.80 59.04
N GLU F 322 -76.75 0.59 59.05
CA GLU F 322 -75.37 0.37 59.56
C GLU F 322 -74.34 1.24 58.81
N THR F 323 -74.58 1.50 57.52
CA THR F 323 -73.69 2.32 56.71
C THR F 323 -73.82 3.81 57.01
N CYS F 324 -75.06 4.28 57.16
CA CYS F 324 -75.34 5.68 57.53
C CYS F 324 -74.84 5.96 58.93
N ALA F 325 -75.23 5.10 59.88
CA ALA F 325 -74.78 5.24 61.28
C ALA F 325 -73.25 5.37 61.34
N TRP F 326 -72.55 4.59 60.53
CA TRP F 326 -71.11 4.70 60.45
C TRP F 326 -70.71 6.08 59.92
N PHE F 327 -71.17 6.40 58.72
CA PHE F 327 -70.86 7.68 58.10
C PHE F 327 -71.12 8.82 59.06
N THR F 328 -72.26 8.79 59.72
CA THR F 328 -72.63 9.85 60.66
C THR F 328 -71.69 9.87 61.87
N ASP F 329 -71.30 8.70 62.37
CA ASP F 329 -70.41 8.58 63.54
C ASP F 329 -68.92 8.70 63.22
N ASN F 330 -68.55 8.70 61.93
CA ASN F 330 -67.15 8.85 61.51
C ASN F 330 -67.01 9.90 60.43
N TYR F 331 -67.80 10.97 60.51
CA TYR F 331 -67.93 11.91 59.39
C TYR F 331 -66.58 12.52 58.98
N GLU F 332 -65.87 13.08 59.95
CA GLU F 332 -64.64 13.84 59.69
C GLU F 332 -63.45 12.96 59.21
N GLN F 333 -63.51 11.65 59.40
CA GLN F 333 -62.49 10.75 58.82
C GLN F 333 -62.92 10.12 57.49
N ALA F 334 -64.17 10.32 57.07
CA ALA F 334 -64.67 9.74 55.82
C ALA F 334 -63.99 10.32 54.58
N ARG F 335 -64.23 9.67 53.45
CA ARG F 335 -63.63 10.04 52.17
C ARG F 335 -64.65 10.79 51.32
N GLU G 16 53.53 12.32 -61.74
CA GLU G 16 52.78 11.06 -62.08
C GLU G 16 51.50 11.35 -62.89
N ASN G 17 51.01 10.33 -63.59
CA ASN G 17 49.87 10.47 -64.50
C ASN G 17 48.58 10.03 -63.81
N LEU G 18 47.60 10.93 -63.81
CA LEU G 18 46.34 10.73 -63.10
C LEU G 18 45.44 9.71 -63.74
N TYR G 19 45.57 9.48 -65.04
CA TYR G 19 44.69 8.57 -65.81
C TYR G 19 45.34 7.25 -66.21
N PHE G 20 46.64 7.11 -65.99
CA PHE G 20 47.35 5.87 -66.29
C PHE G 20 48.51 5.74 -65.33
N GLN G 21 48.85 4.52 -64.92
CA GLN G 21 49.96 4.34 -63.98
C GLN G 21 50.90 3.19 -64.31
N SER G 22 52.19 3.44 -64.07
CA SER G 22 53.23 2.45 -64.26
C SER G 22 52.89 1.18 -63.49
N MET G 23 53.06 0.02 -64.15
CA MET G 23 52.91 -1.29 -63.50
C MET G 23 54.28 -1.84 -63.11
N ARG G 24 54.49 -2.08 -61.82
CA ARG G 24 55.70 -2.74 -61.32
C ARG G 24 55.29 -4.09 -60.73
N ILE G 25 55.59 -5.16 -61.47
CA ILE G 25 55.01 -6.47 -61.18
C ILE G 25 56.01 -7.39 -60.49
N LEU G 26 55.81 -7.61 -59.18
CA LEU G 26 56.55 -8.66 -58.45
C LEU G 26 55.98 -10.06 -58.68
N VAL G 27 56.82 -10.97 -59.17
CA VAL G 27 56.41 -12.35 -59.40
C VAL G 27 57.24 -13.20 -58.46
N THR G 28 56.61 -13.74 -57.41
CA THR G 28 57.32 -14.62 -56.46
C THR G 28 57.31 -16.03 -57.01
N GLY G 29 58.30 -16.84 -56.60
CA GLY G 29 58.48 -18.21 -57.14
C GLY G 29 58.65 -18.23 -58.65
N GLY G 30 59.44 -17.28 -59.14
CA GLY G 30 59.64 -17.07 -60.56
C GLY G 30 60.63 -18.06 -61.11
N SER G 31 61.38 -18.71 -60.23
CA SER G 31 62.31 -19.76 -60.65
C SER G 31 61.62 -21.12 -60.88
N GLY G 32 60.38 -21.27 -60.42
CA GLY G 32 59.65 -22.55 -60.55
C GLY G 32 59.16 -22.87 -61.96
N LEU G 33 58.36 -23.92 -62.06
CA LEU G 33 57.80 -24.35 -63.34
C LEU G 33 56.88 -23.30 -63.97
N VAL G 34 55.88 -22.90 -63.20
CA VAL G 34 54.94 -21.87 -63.63
C VAL G 34 55.68 -20.53 -63.88
N GLY G 35 56.69 -20.22 -63.04
CA GLY G 35 57.42 -18.94 -63.13
C GLY G 35 58.30 -18.77 -64.37
N LYS G 36 59.02 -19.82 -64.72
CA LYS G 36 59.88 -19.79 -65.90
C LYS G 36 59.05 -19.79 -67.21
N ALA G 37 57.83 -20.35 -67.16
CA ALA G 37 56.91 -20.22 -68.31
C ALA G 37 56.54 -18.75 -68.57
N ILE G 38 56.18 -18.04 -67.51
CA ILE G 38 55.74 -16.66 -67.60
C ILE G 38 56.89 -15.76 -68.07
N GLN G 39 58.10 -16.01 -67.59
CA GLN G 39 59.27 -15.25 -68.03
C GLN G 39 59.35 -15.35 -69.57
N LYS G 40 59.40 -16.59 -70.05
CA LYS G 40 59.47 -16.94 -71.47
C LYS G 40 58.39 -16.24 -72.29
N VAL G 41 57.14 -16.31 -71.82
CA VAL G 41 56.03 -15.63 -72.50
C VAL G 41 56.27 -14.12 -72.52
N VAL G 42 56.58 -13.54 -71.36
CA VAL G 42 56.96 -12.13 -71.26
C VAL G 42 58.23 -11.77 -72.05
N ALA G 43 59.29 -12.56 -71.94
CA ALA G 43 60.57 -12.21 -72.58
C ALA G 43 60.54 -12.37 -74.10
N ASP G 44 59.58 -13.15 -74.61
CA ASP G 44 59.36 -13.34 -76.06
C ASP G 44 58.31 -12.38 -76.61
N GLY G 45 57.85 -11.44 -75.79
CA GLY G 45 57.13 -10.29 -76.31
C GLY G 45 55.70 -10.03 -75.84
N ALA G 46 55.26 -10.70 -74.80
CA ALA G 46 53.94 -10.41 -74.23
C ALA G 46 53.93 -9.33 -73.13
N GLY G 47 55.07 -8.69 -72.85
CA GLY G 47 55.15 -7.70 -71.77
C GLY G 47 54.99 -6.26 -72.23
N LEU G 48 53.80 -5.69 -72.04
CA LEU G 48 53.44 -4.40 -72.64
C LEU G 48 54.32 -3.22 -72.22
N PRO G 49 54.24 -2.07 -72.95
CA PRO G 49 54.96 -0.86 -72.55
C PRO G 49 54.53 -0.39 -71.16
N GLY G 50 55.49 0.08 -70.37
CA GLY G 50 55.20 0.54 -69.00
C GLY G 50 55.03 -0.59 -67.99
N GLU G 51 55.56 -1.76 -68.31
CA GLU G 51 55.56 -2.87 -67.38
C GLU G 51 56.98 -3.21 -66.96
N ASP G 52 57.27 -2.94 -65.69
CA ASP G 52 58.43 -3.48 -65.03
C ASP G 52 58.00 -4.84 -64.47
N TRP G 53 58.69 -5.90 -64.90
CA TRP G 53 58.48 -7.26 -64.39
C TRP G 53 59.63 -7.65 -63.45
N VAL G 54 59.30 -8.11 -62.25
CA VAL G 54 60.32 -8.53 -61.29
C VAL G 54 60.09 -9.98 -60.85
N PHE G 55 60.92 -10.89 -61.34
CA PHE G 55 60.83 -12.31 -61.01
C PHE G 55 61.84 -12.62 -59.92
N VAL G 56 61.37 -13.11 -58.77
CA VAL G 56 62.24 -13.46 -57.65
C VAL G 56 62.12 -14.93 -57.30
N SER G 57 63.06 -15.42 -56.50
CA SER G 57 63.01 -16.77 -55.94
C SER G 57 63.63 -16.77 -54.53
N SER G 58 63.74 -17.93 -53.90
CA SER G 58 64.09 -18.02 -52.44
C SER G 58 65.43 -17.38 -52.04
N LYS G 59 66.40 -17.41 -52.96
CA LYS G 59 67.69 -16.72 -52.81
C LYS G 59 67.45 -15.23 -52.52
N ASP G 60 66.64 -14.59 -53.35
CA ASP G 60 66.22 -13.19 -53.13
C ASP G 60 65.66 -13.01 -51.71
N ALA G 61 64.62 -13.76 -51.37
CA ALA G 61 63.99 -13.69 -50.04
C ALA G 61 63.19 -14.95 -49.77
N ASP G 62 63.40 -15.54 -48.57
CA ASP G 62 62.67 -16.73 -48.09
C ASP G 62 61.36 -16.24 -47.47
N LEU G 63 60.25 -16.52 -48.16
CA LEU G 63 58.99 -15.87 -47.83
C LEU G 63 58.34 -16.42 -46.55
N THR G 64 58.91 -17.47 -45.96
CA THR G 64 58.50 -17.95 -44.62
C THR G 64 58.91 -16.96 -43.53
N ASP G 65 60.07 -16.32 -43.69
CA ASP G 65 60.51 -15.30 -42.74
C ASP G 65 59.84 -13.95 -43.05
N THR G 66 59.42 -13.24 -42.01
CA THR G 66 58.61 -12.04 -42.21
C THR G 66 59.46 -10.83 -42.54
N ALA G 67 60.54 -10.64 -41.76
CA ALA G 67 61.44 -9.49 -41.94
C ALA G 67 61.93 -9.44 -43.39
N GLN G 68 62.40 -10.60 -43.87
CA GLN G 68 62.86 -10.77 -45.26
C GLN G 68 61.83 -10.35 -46.31
N THR G 69 60.57 -10.69 -46.09
CA THR G 69 59.50 -10.38 -47.05
C THR G 69 59.14 -8.88 -47.09
N ARG G 70 59.04 -8.26 -45.90
CA ARG G 70 58.81 -6.82 -45.80
C ARG G 70 59.98 -6.05 -46.43
N ALA G 71 61.20 -6.55 -46.21
CA ALA G 71 62.39 -6.01 -46.83
C ALA G 71 62.29 -6.03 -48.36
N LEU G 72 62.15 -7.22 -48.95
CA LEU G 72 61.97 -7.35 -50.41
C LEU G 72 60.83 -6.49 -50.95
N PHE G 73 59.67 -6.52 -50.29
CA PHE G 73 58.53 -5.65 -50.69
C PHE G 73 58.84 -4.17 -50.56
N GLU G 74 59.72 -3.80 -49.62
CA GLU G 74 60.16 -2.41 -49.47
C GLU G 74 61.12 -1.98 -50.61
N LYS G 75 62.02 -2.87 -51.04
CA LYS G 75 62.95 -2.60 -52.16
C LYS G 75 62.16 -2.33 -53.45
N VAL G 76 61.78 -3.40 -54.13
CA VAL G 76 60.73 -3.36 -55.15
C VAL G 76 59.58 -2.60 -54.51
N GLN G 77 58.80 -1.86 -55.30
CA GLN G 77 57.59 -1.25 -54.73
C GLN G 77 56.45 -1.67 -55.63
N PRO G 78 55.90 -2.87 -55.38
CA PRO G 78 55.05 -3.50 -56.35
C PRO G 78 53.64 -2.92 -56.38
N THR G 79 53.22 -2.54 -57.59
CA THR G 79 51.82 -2.21 -57.87
C THR G 79 51.01 -3.50 -58.01
N HIS G 80 51.60 -4.53 -58.62
CA HIS G 80 50.90 -5.78 -58.88
C HIS G 80 51.75 -6.95 -58.42
N VAL G 81 51.14 -7.91 -57.74
CA VAL G 81 51.86 -9.10 -57.32
C VAL G 81 51.27 -10.34 -57.96
N ILE G 82 52.14 -11.21 -58.47
CA ILE G 82 51.72 -12.55 -58.87
C ILE G 82 52.45 -13.47 -57.93
N HIS G 83 51.67 -14.10 -57.07
CA HIS G 83 52.20 -14.93 -56.01
C HIS G 83 52.14 -16.40 -56.39
N LEU G 84 53.28 -16.94 -56.86
CA LEU G 84 53.43 -18.35 -57.19
C LEU G 84 54.18 -19.12 -56.15
N ALA G 85 54.91 -18.42 -55.28
CA ALA G 85 55.83 -19.08 -54.38
C ALA G 85 55.05 -20.01 -53.45
N ALA G 86 55.53 -21.24 -53.36
CA ALA G 86 54.89 -22.27 -52.56
C ALA G 86 55.77 -23.52 -52.38
N MET G 87 55.56 -24.21 -51.25
CA MET G 87 55.98 -25.61 -51.13
C MET G 87 55.04 -26.49 -51.96
N VAL G 88 55.62 -27.20 -52.93
CA VAL G 88 54.86 -27.90 -53.95
C VAL G 88 55.47 -29.26 -54.16
N GLY G 89 54.63 -30.29 -54.16
CA GLY G 89 55.04 -31.62 -54.59
C GLY G 89 53.90 -32.44 -55.15
N GLY G 90 54.23 -33.64 -55.62
CA GLY G 90 53.22 -34.62 -56.04
C GLY G 90 52.67 -35.39 -54.86
N LEU G 91 51.79 -36.31 -55.18
CA LEU G 91 51.00 -37.03 -54.17
C LEU G 91 51.78 -37.66 -53.03
N PHE G 92 52.92 -38.24 -53.35
CA PHE G 92 53.66 -39.06 -52.41
C PHE G 92 54.45 -38.16 -51.47
N ARG G 93 54.89 -37.01 -51.99
CA ARG G 93 55.46 -36.01 -51.12
C ARG G 93 54.42 -35.45 -50.19
N ASN G 94 53.22 -35.18 -50.71
CA ASN G 94 52.14 -34.64 -49.87
C ASN G 94 51.69 -35.60 -48.77
N ILE G 95 51.72 -36.90 -49.07
CA ILE G 95 51.28 -37.90 -48.11
C ILE G 95 52.21 -37.87 -46.90
N LYS G 96 53.51 -37.79 -47.18
CA LYS G 96 54.57 -37.82 -46.15
C LYS G 96 54.69 -36.56 -45.32
N TYR G 97 54.26 -35.41 -45.85
CA TYR G 97 54.61 -34.11 -45.23
C TYR G 97 53.47 -33.06 -45.15
N ASN G 98 52.36 -33.43 -44.56
CA ASN G 98 51.27 -32.45 -44.39
C ASN G 98 51.58 -31.25 -43.43
N LEU G 99 52.36 -31.46 -42.38
CA LEU G 99 52.66 -30.40 -41.38
C LEU G 99 53.50 -29.25 -41.97
N ASP G 100 54.57 -29.61 -42.68
CA ASP G 100 55.37 -28.67 -43.46
C ASP G 100 54.56 -28.03 -44.56
N PHE G 101 53.81 -28.84 -45.32
CA PHE G 101 52.94 -28.32 -46.39
C PHE G 101 51.93 -27.33 -45.83
N TRP G 102 51.43 -27.60 -44.63
CA TRP G 102 50.56 -26.66 -43.94
C TRP G 102 51.34 -25.43 -43.47
N ARG G 103 52.36 -25.66 -42.64
CA ARG G 103 53.02 -24.54 -41.98
C ARG G 103 53.82 -23.69 -42.96
N LYS G 104 54.65 -24.34 -43.78
CA LYS G 104 55.48 -23.61 -44.73
C LYS G 104 54.64 -22.66 -45.61
N ASN G 105 53.60 -23.19 -46.26
CA ASN G 105 52.73 -22.41 -47.15
C ASN G 105 51.90 -21.31 -46.48
N VAL G 106 51.39 -21.58 -45.27
CA VAL G 106 50.60 -20.58 -44.55
C VAL G 106 51.47 -19.36 -44.36
N HIS G 107 52.66 -19.57 -43.81
CA HIS G 107 53.59 -18.49 -43.52
C HIS G 107 53.88 -17.60 -44.74
N MET G 108 54.31 -18.21 -45.84
CA MET G 108 54.53 -17.54 -47.14
C MET G 108 53.32 -16.76 -47.66
N ASN G 109 52.15 -17.37 -47.52
CA ASN G 109 50.91 -16.77 -47.96
C ASN G 109 50.48 -15.59 -47.11
N ASP G 110 50.80 -15.63 -45.82
CA ASP G 110 50.43 -14.54 -44.93
C ASP G 110 51.42 -13.43 -45.07
N ASN G 111 52.69 -13.80 -45.21
CA ASN G 111 53.75 -12.81 -45.38
C ASN G 111 53.58 -12.07 -46.71
N VAL G 112 53.47 -12.82 -47.81
CA VAL G 112 53.32 -12.20 -49.11
C VAL G 112 52.04 -11.35 -49.17
N LEU G 113 50.92 -11.87 -48.67
CA LEU G 113 49.67 -11.13 -48.79
C LEU G 113 49.66 -9.86 -47.95
N HIS G 114 50.26 -9.91 -46.76
CA HIS G 114 50.27 -8.74 -45.86
C HIS G 114 51.22 -7.63 -46.34
N SER G 115 52.39 -8.04 -46.81
CA SER G 115 53.39 -7.14 -47.37
C SER G 115 52.89 -6.42 -48.61
N ALA G 116 52.09 -7.11 -49.43
CA ALA G 116 51.36 -6.52 -50.56
C ALA G 116 50.36 -5.46 -50.12
N PHE G 117 49.62 -5.74 -49.06
CA PHE G 117 48.65 -4.81 -48.53
C PHE G 117 49.35 -3.57 -48.01
N GLU G 118 50.44 -3.76 -47.26
CA GLU G 118 51.06 -2.61 -46.61
C GLU G 118 52.05 -1.85 -47.49
N VAL G 119 52.52 -2.45 -48.58
CA VAL G 119 53.25 -1.71 -49.61
C VAL G 119 52.24 -0.99 -50.56
N GLY G 120 50.95 -1.29 -50.38
CA GLY G 120 49.86 -0.63 -51.08
C GLY G 120 49.62 -1.20 -52.47
N ALA G 121 50.00 -2.45 -52.69
CA ALA G 121 49.80 -3.07 -53.99
C ALA G 121 48.32 -3.00 -54.41
N ARG G 122 48.08 -2.45 -55.60
CA ARG G 122 46.72 -2.33 -56.15
C ARG G 122 46.02 -3.69 -56.39
N LYS G 123 46.81 -4.74 -56.73
CA LYS G 123 46.25 -6.03 -57.18
C LYS G 123 47.17 -7.23 -56.93
N VAL G 124 46.66 -8.28 -56.28
CA VAL G 124 47.43 -9.52 -56.08
C VAL G 124 46.67 -10.72 -56.66
N VAL G 125 47.38 -11.55 -57.43
CA VAL G 125 46.81 -12.76 -58.00
C VAL G 125 47.63 -13.94 -57.53
N SER G 126 47.08 -14.69 -56.59
CA SER G 126 47.73 -15.86 -56.00
C SER G 126 47.27 -17.13 -56.72
N CYS G 127 47.75 -18.28 -56.24
CA CYS G 127 47.63 -19.54 -56.99
C CYS G 127 47.07 -20.66 -56.12
N LEU G 128 45.85 -21.09 -56.45
CA LEU G 128 45.26 -22.27 -55.85
C LEU G 128 45.60 -23.44 -56.78
N SER G 129 44.92 -24.57 -56.61
CA SER G 129 45.14 -25.79 -57.41
C SER G 129 43.86 -26.62 -57.39
N THR G 130 43.51 -27.28 -58.49
CA THR G 130 42.32 -28.17 -58.45
C THR G 130 42.44 -29.35 -57.46
N CYS G 131 43.66 -29.62 -57.01
CA CYS G 131 43.97 -30.42 -55.83
C CYS G 131 42.97 -30.36 -54.72
N ILE G 132 42.65 -29.11 -54.37
CA ILE G 132 42.22 -28.79 -53.04
C ILE G 132 40.74 -28.87 -52.82
N PHE G 133 39.98 -29.23 -53.86
CA PHE G 133 38.55 -29.17 -53.72
C PHE G 133 38.03 -30.28 -52.80
N PRO G 134 36.74 -30.19 -52.42
CA PRO G 134 36.11 -31.22 -51.62
C PRO G 134 36.28 -32.59 -52.24
N ASP G 135 36.56 -33.59 -51.41
CA ASP G 135 36.70 -34.93 -51.95
C ASP G 135 35.35 -35.42 -52.42
N LYS G 136 34.34 -35.28 -51.57
CA LYS G 136 32.96 -35.64 -51.89
C LYS G 136 32.27 -34.42 -52.49
N THR G 137 32.07 -34.47 -53.81
CA THR G 137 31.60 -33.30 -54.55
C THR G 137 30.90 -33.70 -55.87
N THR G 138 30.01 -32.83 -56.33
CA THR G 138 29.37 -33.01 -57.64
C THR G 138 30.34 -32.57 -58.78
N TYR G 139 30.20 -33.17 -59.96
CA TYR G 139 31.07 -32.83 -61.10
C TYR G 139 30.29 -32.14 -62.23
N PRO G 140 30.96 -31.23 -62.97
CA PRO G 140 32.35 -30.87 -62.84
C PRO G 140 32.50 -29.89 -61.69
N ILE G 141 33.72 -29.45 -61.46
CA ILE G 141 34.01 -28.56 -60.35
C ILE G 141 34.14 -27.11 -60.84
N ASP G 142 33.87 -26.18 -59.93
CA ASP G 142 33.95 -24.76 -60.27
C ASP G 142 34.20 -23.90 -59.03
N GLU G 143 34.35 -22.61 -59.30
CA GLU G 143 34.85 -21.61 -58.35
C GLU G 143 34.07 -21.47 -57.04
N THR G 144 32.76 -21.70 -57.09
CA THR G 144 31.92 -21.64 -55.90
C THR G 144 32.22 -22.78 -54.92
N MET G 145 32.60 -23.93 -55.46
CA MET G 145 32.54 -25.18 -54.70
C MET G 145 33.78 -25.42 -53.85
N ILE G 146 34.58 -24.37 -53.69
CA ILE G 146 35.90 -24.48 -53.08
C ILE G 146 35.88 -24.78 -51.57
N HIS G 147 34.78 -24.48 -50.89
CA HIS G 147 34.71 -24.71 -49.45
C HIS G 147 33.58 -25.65 -49.05
N ASN G 148 33.08 -26.45 -49.99
CA ASN G 148 31.93 -27.33 -49.72
C ASN G 148 32.33 -28.74 -49.33
N GLY G 149 33.22 -28.86 -48.34
CA GLY G 149 33.53 -30.16 -47.75
C GLY G 149 35.02 -30.30 -47.49
N PRO G 150 35.42 -31.38 -46.81
CA PRO G 150 36.85 -31.63 -46.60
C PRO G 150 37.51 -32.05 -47.88
N PRO G 151 38.76 -31.60 -48.11
CA PRO G 151 39.56 -32.07 -49.22
C PRO G 151 40.04 -33.47 -48.93
N HIS G 152 40.77 -34.08 -49.86
CA HIS G 152 41.27 -35.46 -49.73
C HIS G 152 42.34 -35.54 -48.62
N ASN G 153 42.52 -36.71 -48.00
CA ASN G 153 43.42 -36.81 -46.82
C ASN G 153 44.93 -36.86 -47.17
N SER G 154 45.22 -37.27 -48.40
CA SER G 154 46.58 -37.29 -48.88
C SER G 154 47.25 -35.91 -48.77
N ASN G 155 46.58 -34.87 -49.23
CA ASN G 155 47.18 -33.50 -49.28
C ASN G 155 46.48 -32.45 -48.43
N PHE G 156 45.77 -32.87 -47.39
CA PHE G 156 44.92 -31.93 -46.64
C PHE G 156 45.68 -30.67 -46.22
N GLY G 157 46.93 -30.84 -45.81
CA GLY G 157 47.79 -29.73 -45.39
C GLY G 157 47.91 -28.67 -46.46
N TYR G 158 48.49 -29.05 -47.60
CA TYR G 158 48.60 -28.14 -48.73
C TYR G 158 47.22 -27.64 -49.19
N SER G 159 46.21 -28.51 -49.17
CA SER G 159 44.89 -28.12 -49.62
C SER G 159 44.36 -26.96 -48.79
N TYR G 160 44.37 -27.12 -47.47
CA TYR G 160 43.86 -26.09 -46.57
C TYR G 160 44.69 -24.78 -46.58
N ALA G 161 46.00 -24.91 -46.69
CA ALA G 161 46.84 -23.75 -46.86
C ALA G 161 46.36 -22.92 -48.03
N LYS G 162 46.16 -23.58 -49.17
CA LYS G 162 45.68 -22.90 -50.38
C LYS G 162 44.27 -22.31 -50.23
N ARG G 163 43.41 -23.04 -49.53
CA ARG G 163 42.05 -22.58 -49.24
C ARG G 163 42.03 -21.31 -48.44
N MET G 164 42.95 -21.22 -47.46
CA MET G 164 43.10 -20.03 -46.60
C MET G 164 43.53 -18.82 -47.40
N ILE G 165 44.20 -19.06 -48.52
CA ILE G 165 44.48 -17.97 -49.45
C ILE G 165 43.19 -17.21 -49.78
N ASP G 166 42.17 -17.98 -50.14
CA ASP G 166 40.91 -17.43 -50.61
C ASP G 166 40.22 -16.77 -49.46
N VAL G 167 40.27 -17.42 -48.30
CA VAL G 167 39.81 -16.79 -47.06
C VAL G 167 40.56 -15.50 -46.75
N GLN G 168 41.87 -15.48 -46.92
CA GLN G 168 42.64 -14.27 -46.69
C GLN G 168 42.27 -13.16 -47.70
N ASN G 169 42.28 -13.47 -49.00
CA ASN G 169 41.77 -12.54 -50.02
C ASN G 169 40.45 -11.86 -49.65
N ARG G 170 39.48 -12.67 -49.19
CA ARG G 170 38.14 -12.16 -48.80
C ARG G 170 38.16 -11.17 -47.65
N ALA G 171 38.93 -11.51 -46.62
CA ALA G 171 39.07 -10.67 -45.45
C ALA G 171 39.69 -9.36 -45.86
N TYR G 172 40.78 -9.44 -46.61
CA TYR G 172 41.43 -8.24 -47.14
C TYR G 172 40.51 -7.39 -48.02
N PHE G 173 39.61 -8.03 -48.75
CA PHE G 173 38.70 -7.31 -49.66
C PHE G 173 37.52 -6.69 -48.90
N GLN G 174 36.90 -7.50 -48.06
CA GLN G 174 35.73 -7.07 -47.30
C GLN G 174 36.07 -5.93 -46.33
N GLN G 175 37.33 -5.91 -45.88
CA GLN G 175 37.74 -4.93 -44.90
C GLN G 175 38.36 -3.66 -45.49
N TYR G 176 39.21 -3.76 -46.52
CA TYR G 176 39.88 -2.58 -47.08
C TYR G 176 39.67 -2.35 -48.57
N GLY G 177 38.91 -3.24 -49.22
CA GLY G 177 38.64 -3.10 -50.64
C GLY G 177 39.80 -3.54 -51.52
N CYS G 178 40.70 -4.36 -50.97
CA CYS G 178 41.84 -4.89 -51.71
C CYS G 178 41.40 -5.89 -52.78
N THR G 179 41.78 -5.64 -54.05
CA THR G 179 41.54 -6.60 -55.12
C THR G 179 42.62 -7.69 -55.04
N PHE G 180 42.41 -8.62 -54.09
CA PHE G 180 43.31 -9.77 -53.90
C PHE G 180 42.51 -11.00 -54.37
N THR G 181 43.02 -11.69 -55.37
CA THR G 181 42.25 -12.76 -56.00
C THR G 181 43.20 -13.87 -56.36
N ALA G 182 42.75 -14.81 -57.17
CA ALA G 182 43.50 -16.04 -57.39
C ALA G 182 43.14 -16.74 -58.67
N VAL G 183 44.07 -17.56 -59.14
CA VAL G 183 43.77 -18.51 -60.19
C VAL G 183 43.92 -19.91 -59.62
N ILE G 184 43.15 -20.82 -60.20
CA ILE G 184 43.13 -22.20 -59.79
C ILE G 184 43.53 -23.00 -61.03
N PRO G 185 44.84 -23.19 -61.22
CA PRO G 185 45.21 -24.10 -62.30
C PRO G 185 44.86 -25.56 -61.96
N THR G 186 44.75 -26.40 -62.99
CA THR G 186 44.73 -27.85 -62.83
C THR G 186 46.17 -28.31 -62.71
N ASN G 187 46.39 -29.61 -62.93
CA ASN G 187 47.73 -30.18 -62.91
C ASN G 187 48.55 -29.54 -64.02
N VAL G 188 49.71 -29.00 -63.66
CA VAL G 188 50.54 -28.29 -64.62
C VAL G 188 51.80 -29.12 -64.94
N PHE G 189 52.28 -28.97 -66.16
CA PHE G 189 53.48 -29.62 -66.61
C PHE G 189 54.17 -28.79 -67.68
N GLY G 190 55.50 -28.86 -67.74
CA GLY G 190 56.23 -28.22 -68.81
C GLY G 190 57.73 -28.33 -68.67
N PRO G 191 58.46 -27.46 -69.36
CA PRO G 191 59.87 -27.18 -69.07
C PRO G 191 60.05 -26.62 -67.66
N HIS G 192 61.21 -26.83 -67.07
CA HIS G 192 61.56 -26.31 -65.74
C HIS G 192 60.73 -26.84 -64.57
N ASP G 193 59.94 -27.88 -64.82
CA ASP G 193 59.18 -28.54 -63.79
C ASP G 193 60.14 -29.17 -62.83
N ASN G 194 59.62 -29.75 -61.75
CA ASN G 194 60.44 -30.57 -60.85
C ASN G 194 60.35 -32.05 -61.22
N PHE G 195 61.47 -32.66 -61.62
CA PHE G 195 61.48 -34.02 -62.09
C PHE G 195 62.12 -35.01 -61.08
N ASN G 196 62.11 -34.66 -59.81
CA ASN G 196 62.47 -35.64 -58.79
C ASN G 196 61.36 -36.67 -58.84
N ILE G 197 61.70 -37.95 -58.98
CA ILE G 197 60.69 -39.02 -59.14
C ILE G 197 59.94 -39.23 -57.84
N GLU G 198 60.68 -39.25 -56.73
CA GLU G 198 60.11 -39.43 -55.41
C GLU G 198 59.18 -38.30 -54.99
N ASP G 199 59.60 -37.06 -55.23
CA ASP G 199 58.92 -35.88 -54.69
C ASP G 199 58.08 -35.05 -55.69
N GLY G 200 58.20 -35.33 -56.99
CA GLY G 200 57.51 -34.57 -58.02
C GLY G 200 56.21 -35.15 -58.57
N HIS G 201 55.68 -34.48 -59.60
CA HIS G 201 54.38 -34.86 -60.18
C HIS G 201 54.47 -35.99 -61.18
N VAL G 202 53.33 -36.64 -61.43
CA VAL G 202 53.24 -37.80 -62.30
C VAL G 202 53.93 -37.62 -63.65
N LEU G 203 53.68 -36.52 -64.33
CA LEU G 203 54.28 -36.35 -65.66
C LEU G 203 55.82 -36.24 -65.66
N PRO G 204 56.37 -35.28 -64.90
CA PRO G 204 57.82 -35.22 -64.85
C PRO G 204 58.44 -36.48 -64.24
N GLY G 205 57.69 -37.16 -63.38
CA GLY G 205 58.08 -38.45 -62.84
C GLY G 205 58.16 -39.53 -63.91
N LEU G 206 57.13 -39.58 -64.73
CA LEU G 206 57.07 -40.54 -65.83
C LEU G 206 58.14 -40.33 -66.91
N ILE G 207 58.47 -39.07 -67.19
CA ILE G 207 59.55 -38.73 -68.14
C ILE G 207 60.92 -39.13 -67.58
N HIS G 208 61.24 -38.67 -66.37
CA HIS G 208 62.47 -39.13 -65.72
C HIS G 208 62.58 -40.65 -65.71
N LYS G 209 61.46 -41.35 -65.51
CA LYS G 209 61.47 -42.83 -65.47
C LYS G 209 61.80 -43.38 -66.84
N VAL G 210 61.06 -42.93 -67.85
CA VAL G 210 61.32 -43.42 -69.21
C VAL G 210 62.81 -43.18 -69.58
N HIS G 211 63.40 -42.05 -69.14
CA HIS G 211 64.82 -41.76 -69.37
C HIS G 211 65.76 -42.73 -68.66
N LEU G 212 65.55 -42.89 -67.36
CA LEU G 212 66.34 -43.83 -66.56
C LEU G 212 66.15 -45.28 -67.05
N ALA G 213 64.93 -45.64 -67.43
CA ALA G 213 64.64 -46.97 -67.99
C ALA G 213 65.26 -47.21 -69.39
N LYS G 214 65.30 -46.19 -70.26
CA LYS G 214 66.02 -46.30 -71.57
C LYS G 214 67.49 -46.68 -71.37
N SER G 215 68.11 -46.01 -70.40
CA SER G 215 69.53 -46.13 -70.05
C SER G 215 69.82 -47.37 -69.21
N SER G 216 68.87 -47.69 -68.34
CA SER G 216 68.93 -48.87 -67.48
C SER G 216 68.59 -50.12 -68.25
N GLY G 217 67.78 -49.97 -69.30
CA GLY G 217 67.20 -51.12 -69.97
C GLY G 217 66.14 -51.74 -69.08
N SER G 218 65.62 -50.97 -68.10
CA SER G 218 64.51 -51.43 -67.27
C SER G 218 63.20 -51.28 -68.03
N ALA G 219 62.17 -51.91 -67.48
CA ALA G 219 60.79 -51.57 -67.81
C ALA G 219 60.47 -50.19 -67.23
N LEU G 220 59.40 -49.56 -67.71
CA LEU G 220 58.83 -48.40 -67.03
C LEU G 220 57.76 -48.91 -66.05
N THR G 221 57.89 -48.51 -64.80
CA THR G 221 56.90 -48.78 -63.76
C THR G 221 56.07 -47.53 -63.48
N VAL G 222 54.78 -47.62 -63.76
CA VAL G 222 53.85 -46.55 -63.52
C VAL G 222 53.17 -46.87 -62.18
N TRP G 223 52.99 -45.83 -61.36
CA TRP G 223 52.36 -45.96 -60.04
C TRP G 223 50.86 -45.92 -60.11
N GLY G 224 50.22 -46.63 -59.17
CA GLY G 224 48.79 -46.84 -59.20
C GLY G 224 48.29 -47.74 -60.33
N THR G 225 47.02 -47.59 -60.61
CA THR G 225 46.32 -48.46 -61.53
C THR G 225 46.35 -47.89 -62.92
N GLY G 226 46.52 -46.58 -63.02
CA GLY G 226 46.45 -45.90 -64.31
C GLY G 226 45.08 -45.31 -64.59
N ASN G 227 44.06 -45.73 -63.85
CA ASN G 227 42.68 -45.36 -64.15
C ASN G 227 42.31 -43.92 -63.74
N PRO G 228 43.01 -43.33 -62.75
CA PRO G 228 42.70 -41.96 -62.36
C PRO G 228 42.69 -40.93 -63.48
N ARG G 229 41.70 -40.02 -63.44
CA ARG G 229 41.46 -39.03 -64.49
C ARG G 229 42.06 -37.71 -64.08
N ARG G 230 42.67 -37.01 -65.04
CA ARG G 230 43.29 -35.72 -64.80
C ARG G 230 43.13 -34.76 -65.96
N GLN G 231 43.02 -33.48 -65.62
CA GLN G 231 43.16 -32.41 -66.59
C GLN G 231 44.56 -31.84 -66.43
N PHE G 232 45.34 -31.84 -67.50
CA PHE G 232 46.69 -31.26 -67.48
C PHE G 232 46.74 -29.99 -68.31
N ILE G 233 47.30 -28.93 -67.71
CA ILE G 233 47.53 -27.64 -68.41
C ILE G 233 49.04 -27.29 -68.55
N TYR G 234 49.42 -26.90 -69.76
CA TYR G 234 50.81 -26.56 -70.13
C TYR G 234 51.23 -25.21 -69.53
N SER G 235 52.29 -25.21 -68.73
CA SER G 235 52.82 -23.98 -68.11
C SER G 235 52.84 -22.77 -69.05
N LEU G 236 53.08 -23.01 -70.34
CA LEU G 236 53.05 -21.95 -71.37
C LEU G 236 51.65 -21.43 -71.71
N ASP G 237 50.65 -22.31 -71.74
CA ASP G 237 49.25 -21.89 -71.89
C ASP G 237 48.79 -21.18 -70.61
N LEU G 238 49.29 -21.66 -69.47
CA LEU G 238 48.98 -21.07 -68.17
C LEU G 238 49.55 -19.65 -68.06
N ALA G 239 50.87 -19.53 -68.20
CA ALA G 239 51.53 -18.25 -68.27
C ALA G 239 50.67 -17.20 -69.00
N GLN G 240 50.25 -17.52 -70.21
CA GLN G 240 49.49 -16.58 -71.05
C GLN G 240 48.13 -16.18 -70.45
N LEU G 241 47.44 -17.13 -69.83
CA LEU G 241 46.18 -16.86 -69.13
C LEU G 241 46.46 -16.13 -67.82
N PHE G 242 47.61 -16.41 -67.22
CA PHE G 242 48.01 -15.80 -65.96
C PHE G 242 48.28 -14.31 -66.17
N ILE G 243 48.89 -13.99 -67.30
CA ILE G 243 49.23 -12.61 -67.68
C ILE G 243 47.97 -11.79 -67.98
N TRP G 244 47.07 -12.35 -68.79
CA TRP G 244 45.76 -11.75 -69.06
C TRP G 244 45.01 -11.47 -67.77
N VAL G 245 44.94 -12.45 -66.89
CA VAL G 245 44.31 -12.27 -65.58
C VAL G 245 44.89 -11.04 -64.88
N LEU G 246 46.22 -10.97 -64.68
CA LEU G 246 46.82 -9.79 -64.04
C LEU G 246 46.19 -8.50 -64.59
N ARG G 247 46.13 -8.39 -65.91
CA ARG G 247 45.66 -7.17 -66.57
C ARG G 247 44.15 -7.03 -66.52
N GLU G 248 43.43 -8.13 -66.79
CA GLU G 248 42.00 -8.13 -67.11
C GLU G 248 41.01 -8.54 -66.00
N TYR G 249 41.37 -9.49 -65.15
CA TYR G 249 40.40 -10.11 -64.23
C TYR G 249 40.43 -9.44 -62.86
N ASN G 250 39.33 -8.76 -62.52
CA ASN G 250 39.25 -7.94 -61.32
C ASN G 250 38.26 -8.44 -60.25
N GLU G 251 37.72 -9.64 -60.42
CA GLU G 251 36.88 -10.25 -59.38
C GLU G 251 37.79 -10.71 -58.24
N VAL G 252 37.24 -10.74 -57.04
CA VAL G 252 37.89 -11.35 -55.89
C VAL G 252 37.84 -12.88 -55.94
N GLU G 253 36.67 -13.42 -56.31
CA GLU G 253 36.49 -14.86 -56.43
C GLU G 253 37.44 -15.42 -57.49
N PRO G 254 37.98 -16.62 -57.25
CA PRO G 254 39.05 -17.04 -58.09
C PRO G 254 38.52 -17.53 -59.42
N ILE G 255 39.43 -17.94 -60.30
CA ILE G 255 39.07 -18.43 -61.60
C ILE G 255 39.89 -19.69 -61.93
N ILE G 256 39.17 -20.68 -62.45
CA ILE G 256 39.75 -21.95 -62.84
C ILE G 256 40.43 -21.80 -64.19
N LEU G 257 41.73 -22.08 -64.20
CA LEU G 257 42.55 -22.08 -65.40
C LEU G 257 42.81 -23.51 -65.81
N SER G 258 41.96 -24.06 -66.68
CA SER G 258 42.08 -25.45 -67.10
C SER G 258 41.61 -25.70 -68.52
N VAL G 259 42.10 -26.79 -69.07
CA VAL G 259 41.61 -27.32 -70.34
C VAL G 259 40.13 -27.71 -70.14
N GLY G 260 39.41 -28.04 -71.21
CA GLY G 260 38.01 -28.46 -71.07
C GLY G 260 37.86 -29.80 -70.34
N GLU G 261 36.63 -30.13 -69.94
CA GLU G 261 36.34 -31.41 -69.28
C GLU G 261 36.37 -32.60 -70.26
N GLU G 262 36.34 -32.29 -71.55
CA GLU G 262 36.47 -33.30 -72.61
C GLU G 262 37.95 -33.58 -72.86
N ASP G 263 38.81 -32.69 -72.40
CA ASP G 263 40.27 -32.89 -72.49
C ASP G 263 40.86 -33.33 -71.15
N GLU G 264 40.11 -34.18 -70.45
CA GLU G 264 40.62 -34.90 -69.32
C GLU G 264 41.32 -36.12 -69.88
N VAL G 265 42.30 -36.63 -69.14
CA VAL G 265 43.12 -37.76 -69.61
C VAL G 265 43.46 -38.65 -68.43
N SER G 266 43.40 -39.96 -68.64
CA SER G 266 43.80 -40.90 -67.58
C SER G 266 45.33 -40.97 -67.46
N ILE G 267 45.78 -41.46 -66.32
CA ILE G 267 47.18 -41.64 -66.09
C ILE G 267 47.76 -42.54 -67.16
N LYS G 268 47.13 -43.67 -67.45
CA LYS G 268 47.58 -44.58 -68.53
C LYS G 268 47.83 -43.82 -69.83
N GLU G 269 46.86 -42.99 -70.24
CA GLU G 269 46.99 -42.22 -71.49
C GLU G 269 48.14 -41.22 -71.45
N ALA G 270 48.29 -40.55 -70.31
CA ALA G 270 49.41 -39.66 -70.08
C ALA G 270 50.69 -40.44 -70.23
N ALA G 271 50.81 -41.52 -69.48
CA ALA G 271 52.00 -42.34 -69.54
C ALA G 271 52.29 -42.74 -70.99
N GLU G 272 51.23 -43.01 -71.77
CA GLU G 272 51.38 -43.44 -73.19
C GLU G 272 51.94 -42.32 -74.06
N ALA G 273 51.59 -41.08 -73.72
CA ALA G 273 52.11 -39.91 -74.45
C ALA G 273 53.62 -39.81 -74.23
N VAL G 274 53.99 -39.84 -72.95
CA VAL G 274 55.38 -39.85 -72.61
C VAL G 274 56.13 -40.98 -73.35
N VAL G 275 55.55 -42.17 -73.36
CA VAL G 275 56.17 -43.31 -74.06
C VAL G 275 56.24 -43.11 -75.59
N GLU G 276 55.19 -42.58 -76.21
CA GLU G 276 55.29 -42.22 -77.63
C GLU G 276 56.39 -41.19 -77.85
N ALA G 277 56.31 -40.08 -77.13
CA ALA G 277 57.25 -38.95 -77.30
C ALA G 277 58.73 -39.32 -77.14
N MET G 278 59.04 -40.34 -76.34
CA MET G 278 60.43 -40.64 -76.05
C MET G 278 60.92 -41.87 -76.78
N ASP G 279 60.11 -42.36 -77.72
CA ASP G 279 60.44 -43.51 -78.53
C ASP G 279 60.81 -44.73 -77.66
N PHE G 280 60.14 -44.86 -76.51
CA PHE G 280 60.46 -45.93 -75.57
C PHE G 280 59.86 -47.25 -76.07
N HIS G 281 60.66 -48.32 -76.04
CA HIS G 281 60.22 -49.64 -76.58
C HIS G 281 60.25 -50.79 -75.57
N GLY G 282 60.58 -50.50 -74.32
CA GLY G 282 60.57 -51.51 -73.26
C GLY G 282 59.18 -51.80 -72.74
N GLU G 283 59.11 -52.65 -71.71
CA GLU G 283 57.85 -53.07 -71.14
C GLU G 283 57.27 -51.98 -70.23
N VAL G 284 55.97 -51.71 -70.35
CA VAL G 284 55.26 -50.78 -69.47
C VAL G 284 54.40 -51.51 -68.42
N THR G 285 54.58 -51.15 -67.15
CA THR G 285 54.08 -51.91 -66.02
C THR G 285 53.39 -51.00 -65.01
N PHE G 286 52.33 -51.49 -64.36
CA PHE G 286 51.67 -50.71 -63.31
C PHE G 286 51.83 -51.35 -61.95
N ASP G 287 52.29 -50.59 -60.96
CA ASP G 287 52.35 -51.10 -59.61
C ASP G 287 51.08 -50.60 -58.96
N THR G 288 50.07 -51.46 -58.97
CA THR G 288 48.76 -51.17 -58.43
C THR G 288 48.79 -51.14 -56.90
N THR G 289 49.89 -51.57 -56.27
CA THR G 289 49.98 -51.41 -54.79
C THR G 289 50.06 -49.92 -54.41
N LYS G 290 50.56 -49.08 -55.30
CA LYS G 290 50.80 -47.67 -55.00
C LYS G 290 49.50 -46.88 -55.06
N SER G 291 49.38 -45.84 -54.24
CA SER G 291 48.15 -45.05 -54.15
C SER G 291 47.74 -44.52 -55.53
N ASP G 292 46.44 -44.35 -55.76
CA ASP G 292 45.98 -43.65 -56.97
C ASP G 292 45.61 -42.19 -56.65
N GLY G 293 45.66 -41.84 -55.36
CA GLY G 293 45.21 -40.54 -54.91
C GLY G 293 43.73 -40.35 -55.14
N GLN G 294 43.34 -39.09 -55.37
CA GLN G 294 41.98 -38.72 -55.71
C GLN G 294 41.68 -39.15 -57.13
N PHE G 295 40.63 -39.95 -57.30
CA PHE G 295 40.38 -40.63 -58.57
C PHE G 295 40.16 -39.65 -59.73
N LYS G 296 39.67 -38.46 -59.39
CA LYS G 296 38.97 -37.56 -60.31
C LYS G 296 38.73 -36.21 -59.63
N LYS G 297 39.01 -35.13 -60.36
CA LYS G 297 38.73 -33.76 -59.88
C LYS G 297 38.33 -32.87 -61.06
N THR G 298 37.48 -33.43 -61.92
CA THR G 298 37.08 -32.82 -63.18
C THR G 298 36.56 -31.43 -62.92
N ALA G 299 37.39 -30.44 -63.27
CA ALA G 299 37.06 -29.03 -63.14
C ALA G 299 36.43 -28.41 -64.42
N SER G 300 35.51 -27.47 -64.24
CA SER G 300 34.83 -26.80 -65.36
C SER G 300 35.39 -25.38 -65.62
N ASN G 301 35.85 -25.15 -66.85
CA ASN G 301 36.41 -23.85 -67.23
C ASN G 301 35.35 -22.91 -67.81
N SER G 302 34.09 -23.11 -67.46
CA SER G 302 33.00 -22.25 -67.95
C SER G 302 33.18 -20.75 -67.61
N LYS G 303 33.76 -20.40 -66.47
CA LYS G 303 34.03 -18.97 -66.17
C LYS G 303 35.16 -18.41 -67.04
N LEU G 304 36.21 -19.20 -67.21
CA LEU G 304 37.29 -18.82 -68.10
C LEU G 304 36.76 -18.54 -69.52
N ARG G 305 35.86 -19.41 -69.99
CA ARG G 305 35.30 -19.33 -71.33
C ARG G 305 34.41 -18.10 -71.61
N THR G 306 33.79 -17.59 -70.55
CA THR G 306 32.92 -16.41 -70.66
C THR G 306 33.73 -15.11 -70.89
N TYR G 307 35.01 -15.11 -70.52
CA TYR G 307 35.93 -14.03 -70.88
C TYR G 307 36.66 -14.30 -72.17
N LEU G 308 37.12 -15.52 -72.35
CA LEU G 308 38.06 -15.84 -73.43
C LEU G 308 37.61 -17.06 -74.23
N PRO G 309 36.44 -16.96 -74.91
CA PRO G 309 35.87 -18.13 -75.62
C PRO G 309 36.71 -18.71 -76.77
N ASP G 310 37.63 -17.94 -77.34
CA ASP G 310 38.39 -18.40 -78.51
C ASP G 310 39.80 -18.87 -78.18
N PHE G 311 40.26 -18.62 -76.94
CA PHE G 311 41.59 -19.06 -76.50
C PHE G 311 41.77 -20.53 -76.85
N ARG G 312 42.93 -20.87 -77.42
CA ARG G 312 43.18 -22.23 -77.88
C ARG G 312 44.36 -22.78 -77.10
N PHE G 313 44.17 -23.95 -76.50
CA PHE G 313 45.20 -24.63 -75.72
C PHE G 313 46.09 -25.47 -76.62
N THR G 314 47.26 -25.81 -76.11
CA THR G 314 48.21 -26.65 -76.80
C THR G 314 47.74 -28.09 -76.74
N PRO G 315 47.57 -28.74 -77.90
CA PRO G 315 47.30 -30.18 -77.88
C PRO G 315 48.21 -30.90 -76.89
N PHE G 316 47.64 -31.82 -76.12
CA PHE G 316 48.34 -32.48 -75.04
C PHE G 316 49.64 -33.11 -75.49
N LYS G 317 49.53 -34.07 -76.42
CA LYS G 317 50.67 -34.84 -76.87
C LYS G 317 51.80 -33.91 -77.34
N GLN G 318 51.42 -32.81 -77.96
CA GLN G 318 52.39 -31.90 -78.52
C GLN G 318 53.23 -31.31 -77.39
N ALA G 319 52.54 -30.75 -76.39
CA ALA G 319 53.19 -30.24 -75.19
C ALA G 319 54.02 -31.35 -74.53
N VAL G 320 53.56 -32.59 -74.65
CA VAL G 320 54.29 -33.71 -74.10
C VAL G 320 55.55 -34.08 -74.92
N LYS G 321 55.51 -33.90 -76.25
CA LYS G 321 56.73 -34.02 -77.07
C LYS G 321 57.73 -32.88 -76.82
N GLU G 322 57.23 -31.67 -76.59
CA GLU G 322 58.09 -30.52 -76.30
C GLU G 322 58.79 -30.62 -74.96
N THR G 323 58.07 -30.99 -73.91
CA THR G 323 58.68 -31.15 -72.59
C THR G 323 59.68 -32.35 -72.56
N CYS G 324 59.28 -33.48 -73.15
CA CYS G 324 60.12 -34.67 -73.19
C CYS G 324 61.45 -34.39 -73.89
N ALA G 325 61.39 -33.63 -74.99
CA ALA G 325 62.58 -33.25 -75.73
C ALA G 325 63.46 -32.32 -74.88
N TRP G 326 62.83 -31.31 -74.26
CA TRP G 326 63.53 -30.40 -73.35
C TRP G 326 64.31 -31.11 -72.25
N PHE G 327 63.66 -32.04 -71.56
CA PHE G 327 64.30 -32.76 -70.47
C PHE G 327 65.52 -33.54 -70.98
N THR G 328 65.37 -34.11 -72.17
CA THR G 328 66.45 -34.84 -72.82
C THR G 328 67.62 -33.95 -73.25
N ASP G 329 67.36 -32.69 -73.61
CA ASP G 329 68.44 -31.77 -74.01
C ASP G 329 68.95 -30.87 -72.86
N ASN G 330 68.41 -31.06 -71.66
CA ASN G 330 68.81 -30.29 -70.48
C ASN G 330 68.84 -31.15 -69.22
N TYR G 331 69.33 -32.39 -69.35
CA TYR G 331 69.24 -33.35 -68.24
C TYR G 331 70.08 -32.96 -67.03
N GLU G 332 71.34 -32.61 -67.25
CA GLU G 332 72.21 -32.21 -66.14
C GLU G 332 71.68 -30.96 -65.46
N GLN G 333 71.14 -30.02 -66.22
CA GLN G 333 70.65 -28.77 -65.68
C GLN G 333 69.37 -29.01 -64.89
N ALA G 334 68.49 -29.84 -65.44
CA ALA G 334 67.15 -30.11 -64.87
C ALA G 334 67.16 -30.42 -63.36
N ARG G 335 66.13 -29.92 -62.68
CA ARG G 335 65.84 -30.27 -61.29
C ARG G 335 65.48 -31.75 -61.21
N SER H 22 -37.66 -6.94 -11.85
CA SER H 22 -36.42 -7.72 -12.19
C SER H 22 -35.65 -7.00 -13.30
N MET H 23 -34.45 -6.54 -12.99
CA MET H 23 -33.63 -5.77 -13.92
C MET H 23 -32.53 -6.62 -14.57
N ARG H 24 -32.31 -6.37 -15.87
CA ARG H 24 -31.21 -6.97 -16.63
C ARG H 24 -30.43 -5.80 -17.22
N ILE H 25 -29.37 -5.40 -16.53
CA ILE H 25 -28.68 -4.16 -16.87
C ILE H 25 -27.45 -4.43 -17.74
N LEU H 26 -27.41 -3.77 -18.90
CA LEU H 26 -26.26 -3.84 -19.80
C LEU H 26 -25.42 -2.61 -19.60
N VAL H 27 -24.15 -2.82 -19.26
CA VAL H 27 -23.18 -1.74 -19.13
C VAL H 27 -22.21 -1.85 -20.30
N THR H 28 -22.30 -0.91 -21.23
CA THR H 28 -21.32 -0.83 -22.30
C THR H 28 -20.11 -0.13 -21.71
N GLY H 29 -18.97 -0.22 -22.38
CA GLY H 29 -17.75 0.40 -21.89
C GLY H 29 -17.33 -0.06 -20.50
N GLY H 30 -17.78 -1.24 -20.08
CA GLY H 30 -17.54 -1.72 -18.71
C GLY H 30 -16.07 -1.81 -18.31
N SER H 31 -15.19 -1.95 -19.30
CA SER H 31 -13.75 -2.13 -19.10
C SER H 31 -12.96 -0.82 -18.98
N GLY H 32 -13.61 0.32 -19.15
CA GLY H 32 -12.94 1.62 -19.02
C GLY H 32 -12.86 2.17 -17.61
N LEU H 33 -12.23 3.33 -17.49
CA LEU H 33 -12.13 4.05 -16.22
C LEU H 33 -13.43 4.04 -15.42
N VAL H 34 -14.48 4.62 -15.98
CA VAL H 34 -15.77 4.70 -15.29
C VAL H 34 -16.40 3.31 -15.13
N GLY H 35 -16.17 2.43 -16.10
CA GLY H 35 -16.80 1.12 -16.11
C GLY H 35 -16.32 0.28 -14.97
N LYS H 36 -15.00 0.24 -14.77
CA LYS H 36 -14.37 -0.56 -13.72
C LYS H 36 -14.90 -0.11 -12.39
N ALA H 37 -15.03 1.21 -12.25
CA ALA H 37 -15.58 1.81 -11.04
C ALA H 37 -16.95 1.25 -10.74
N ILE H 38 -17.84 1.25 -11.73
CA ILE H 38 -19.18 0.68 -11.57
C ILE H 38 -19.12 -0.81 -11.23
N GLN H 39 -18.14 -1.52 -11.79
CA GLN H 39 -17.92 -2.93 -11.48
C GLN H 39 -17.45 -3.12 -10.04
N LYS H 40 -16.64 -2.19 -9.54
CA LYS H 40 -16.09 -2.30 -8.18
C LYS H 40 -17.19 -2.17 -7.14
N VAL H 41 -18.14 -1.29 -7.41
CA VAL H 41 -19.17 -0.94 -6.42
C VAL H 41 -20.31 -1.97 -6.33
N VAL H 42 -20.76 -2.49 -7.47
CA VAL H 42 -21.82 -3.51 -7.51
C VAL H 42 -21.33 -4.79 -6.88
N ALA H 43 -20.11 -5.17 -7.25
CA ALA H 43 -19.43 -6.35 -6.69
C ALA H 43 -19.21 -6.14 -5.21
N ASP H 44 -18.66 -4.97 -4.86
CA ASP H 44 -18.47 -4.55 -3.47
C ASP H 44 -19.74 -4.66 -2.63
N GLY H 45 -20.91 -4.60 -3.26
CA GLY H 45 -22.18 -4.86 -2.57
C GLY H 45 -23.38 -4.02 -2.99
N ALA H 46 -23.16 -2.99 -3.79
CA ALA H 46 -24.24 -2.06 -4.15
C ALA H 46 -25.28 -2.65 -5.13
N GLY H 47 -25.10 -3.91 -5.55
CA GLY H 47 -26.15 -4.61 -6.27
C GLY H 47 -27.35 -4.87 -5.37
N LEU H 48 -28.55 -4.54 -5.85
CA LEU H 48 -29.80 -4.86 -5.16
C LEU H 48 -30.33 -6.14 -5.78
N PRO H 49 -30.92 -7.04 -4.97
CA PRO H 49 -31.41 -8.32 -5.53
C PRO H 49 -32.36 -8.15 -6.71
N GLY H 50 -32.35 -9.11 -7.63
CA GLY H 50 -33.12 -9.02 -8.85
C GLY H 50 -32.53 -8.04 -9.84
N GLU H 51 -31.20 -7.94 -9.84
CA GLU H 51 -30.45 -7.12 -10.79
C GLU H 51 -29.37 -8.00 -11.42
N ASP H 52 -29.48 -8.22 -12.72
CA ASP H 52 -28.56 -9.10 -13.44
C ASP H 52 -27.51 -8.29 -14.21
N TRP H 53 -26.48 -7.83 -13.49
CA TRP H 53 -25.48 -6.88 -14.04
C TRP H 53 -24.54 -7.51 -15.10
N VAL H 54 -24.59 -6.97 -16.32
CA VAL H 54 -23.78 -7.46 -17.44
C VAL H 54 -22.90 -6.34 -17.99
N PHE H 55 -21.59 -6.49 -17.75
CA PHE H 55 -20.59 -5.55 -18.24
C PHE H 55 -19.93 -6.07 -19.52
N VAL H 56 -19.83 -5.21 -20.53
CA VAL H 56 -19.12 -5.53 -21.78
C VAL H 56 -18.08 -4.47 -22.23
N SER H 57 -17.21 -4.91 -23.13
CA SER H 57 -16.19 -4.10 -23.73
C SER H 57 -16.14 -4.44 -25.21
N SER H 58 -15.17 -3.90 -25.93
CA SER H 58 -15.23 -3.96 -27.41
C SER H 58 -15.07 -5.38 -27.94
N LYS H 59 -14.35 -6.25 -27.22
CA LYS H 59 -14.24 -7.70 -27.61
C LYS H 59 -15.60 -8.40 -27.63
N ASP H 60 -16.57 -7.82 -26.89
CA ASP H 60 -17.95 -8.29 -26.92
C ASP H 60 -18.66 -7.78 -28.16
N ALA H 61 -18.30 -6.59 -28.61
CA ALA H 61 -18.85 -6.04 -29.84
C ALA H 61 -18.32 -4.64 -30.09
N ASP H 62 -17.87 -4.43 -31.32
CA ASP H 62 -17.52 -3.12 -31.85
C ASP H 62 -18.81 -2.36 -32.09
N LEU H 63 -19.15 -1.49 -31.17
CA LEU H 63 -20.42 -0.77 -31.26
C LEU H 63 -20.50 0.22 -32.45
N THR H 64 -19.40 0.43 -33.18
CA THR H 64 -19.44 1.21 -34.42
C THR H 64 -20.06 0.39 -35.56
N ASP H 65 -20.16 -0.93 -35.38
CA ASP H 65 -20.84 -1.79 -36.34
C ASP H 65 -22.25 -2.11 -35.88
N THR H 66 -23.22 -1.68 -36.68
CA THR H 66 -24.64 -1.94 -36.42
C THR H 66 -24.93 -3.43 -36.16
N ALA H 67 -24.40 -4.26 -37.02
CA ALA H 67 -24.72 -5.68 -36.96
C ALA H 67 -24.33 -6.24 -35.61
N GLN H 68 -23.09 -5.95 -35.22
CA GLN H 68 -22.56 -6.38 -33.93
C GLN H 68 -23.34 -5.80 -32.77
N THR H 69 -23.67 -4.51 -32.85
CA THR H 69 -24.41 -3.87 -31.77
C THR H 69 -25.79 -4.51 -31.62
N ARG H 70 -26.45 -4.72 -32.76
CA ARG H 70 -27.76 -5.37 -32.81
C ARG H 70 -27.71 -6.74 -32.14
N ALA H 71 -26.65 -7.51 -32.42
CA ALA H 71 -26.53 -8.89 -31.91
C ALA H 71 -26.30 -8.98 -30.39
N LEU H 72 -25.48 -8.08 -29.86
CA LEU H 72 -25.27 -7.99 -28.41
C LEU H 72 -26.59 -7.74 -27.69
N PHE H 73 -27.29 -6.70 -28.12
CA PHE H 73 -28.62 -6.36 -27.61
C PHE H 73 -29.66 -7.47 -27.82
N GLU H 74 -29.45 -8.32 -28.82
CA GLU H 74 -30.32 -9.47 -29.03
C GLU H 74 -30.04 -10.57 -28.00
N LYS H 75 -28.78 -10.97 -27.82
CA LYS H 75 -28.43 -12.06 -26.89
C LYS H 75 -28.79 -11.63 -25.45
N VAL H 76 -28.07 -10.65 -24.92
CA VAL H 76 -28.54 -9.95 -23.72
C VAL H 76 -29.92 -9.37 -24.06
N GLN H 77 -30.81 -9.26 -23.09
CA GLN H 77 -32.13 -8.64 -23.32
C GLN H 77 -32.32 -7.51 -22.30
N PRO H 78 -31.76 -6.33 -22.59
CA PRO H 78 -31.57 -5.32 -21.54
C PRO H 78 -32.80 -4.48 -21.20
N THR H 79 -33.29 -4.65 -19.97
CA THR H 79 -34.36 -3.80 -19.46
C THR H 79 -33.81 -2.39 -19.33
N HIS H 80 -32.53 -2.31 -18.97
CA HIS H 80 -31.83 -1.05 -18.80
C HIS H 80 -30.49 -1.06 -19.50
N VAL H 81 -29.99 0.13 -19.82
CA VAL H 81 -28.68 0.30 -20.41
C VAL H 81 -28.01 1.49 -19.77
N ILE H 82 -26.74 1.29 -19.41
CA ILE H 82 -25.87 2.39 -19.02
C ILE H 82 -24.83 2.44 -20.11
N HIS H 83 -24.77 3.54 -20.84
CA HIS H 83 -23.95 3.62 -22.07
C HIS H 83 -22.71 4.51 -21.86
N LEU H 84 -21.66 3.87 -21.34
CA LEU H 84 -20.33 4.47 -21.18
C LEU H 84 -19.46 4.39 -22.45
N ALA H 85 -19.80 3.49 -23.39
CA ALA H 85 -18.97 3.21 -24.55
C ALA H 85 -18.73 4.43 -25.41
N ALA H 86 -17.47 4.68 -25.75
CA ALA H 86 -17.08 5.86 -26.53
C ALA H 86 -15.56 5.92 -26.74
N MET H 87 -15.15 6.72 -27.72
CA MET H 87 -13.74 7.01 -27.97
C MET H 87 -13.44 8.21 -27.12
N VAL H 88 -12.46 8.10 -26.24
CA VAL H 88 -12.21 9.12 -25.19
C VAL H 88 -10.74 9.52 -25.20
N GLY H 89 -10.45 10.75 -24.82
CA GLY H 89 -9.08 11.18 -24.74
C GLY H 89 -8.86 12.53 -24.09
N GLY H 90 -7.61 12.78 -23.70
CA GLY H 90 -7.22 14.06 -23.17
C GLY H 90 -7.24 15.08 -24.27
N LEU H 91 -6.94 16.32 -23.89
CA LEU H 91 -6.90 17.45 -24.80
C LEU H 91 -6.14 17.12 -26.07
N PHE H 92 -4.94 16.56 -25.90
CA PHE H 92 -3.98 16.47 -27.01
C PHE H 92 -4.29 15.37 -28.04
N ARG H 93 -5.03 14.36 -27.62
CA ARG H 93 -5.56 13.39 -28.54
C ARG H 93 -6.72 13.99 -29.36
N ASN H 94 -7.60 14.70 -28.67
CA ASN H 94 -8.76 15.35 -29.30
C ASN H 94 -8.34 16.35 -30.37
N ILE H 95 -7.47 17.27 -29.99
CA ILE H 95 -6.87 18.22 -30.94
C ILE H 95 -6.56 17.53 -32.29
N LYS H 96 -5.70 16.50 -32.27
CA LYS H 96 -5.29 15.74 -33.48
C LYS H 96 -6.43 15.07 -34.29
N TYR H 97 -7.45 14.54 -33.62
CA TYR H 97 -8.37 13.53 -34.22
C TYR H 97 -9.86 13.84 -34.12
N ASN H 98 -10.26 15.09 -34.32
CA ASN H 98 -11.68 15.46 -34.26
C ASN H 98 -12.65 14.80 -35.28
N LEU H 99 -12.13 14.26 -36.38
CA LEU H 99 -12.98 13.62 -37.37
C LEU H 99 -13.38 12.23 -36.88
N ASP H 100 -12.40 11.49 -36.36
CA ASP H 100 -12.66 10.21 -35.68
C ASP H 100 -13.60 10.40 -34.50
N PHE H 101 -13.21 11.33 -33.63
CA PHE H 101 -13.99 11.63 -32.40
C PHE H 101 -15.46 11.93 -32.71
N TRP H 102 -15.67 12.75 -33.73
CA TRP H 102 -17.00 12.90 -34.26
C TRP H 102 -17.61 11.56 -34.72
N ARG H 103 -17.02 10.96 -35.77
CA ARG H 103 -17.66 9.85 -36.49
C ARG H 103 -17.87 8.60 -35.67
N LYS H 104 -16.84 8.18 -34.95
CA LYS H 104 -16.86 6.92 -34.20
C LYS H 104 -17.87 6.98 -33.07
N ASN H 105 -17.97 8.14 -32.42
CA ASN H 105 -18.84 8.30 -31.29
C ASN H 105 -20.29 8.41 -31.72
N VAL H 106 -20.56 9.31 -32.66
CA VAL H 106 -21.83 9.29 -33.37
C VAL H 106 -22.29 7.84 -33.73
N HIS H 107 -21.43 7.03 -34.34
CA HIS H 107 -21.86 5.67 -34.75
C HIS H 107 -22.26 4.82 -33.53
N MET H 108 -21.39 4.78 -32.53
CA MET H 108 -21.64 4.03 -31.30
C MET H 108 -22.98 4.43 -30.70
N ASN H 109 -23.16 5.72 -30.48
CA ASN H 109 -24.35 6.19 -29.79
C ASN H 109 -25.66 5.94 -30.54
N ASP H 110 -25.69 6.17 -31.85
CA ASP H 110 -26.85 5.86 -32.67
C ASP H 110 -27.12 4.38 -32.61
N ASN H 111 -26.07 3.58 -32.72
CA ASN H 111 -26.21 2.12 -32.71
C ASN H 111 -26.78 1.59 -31.40
N VAL H 112 -26.28 2.14 -30.29
CA VAL H 112 -26.68 1.71 -28.96
C VAL H 112 -28.08 2.21 -28.67
N LEU H 113 -28.32 3.49 -28.95
CA LEU H 113 -29.63 4.07 -28.68
C LEU H 113 -30.70 3.43 -29.55
N HIS H 114 -30.36 3.09 -30.80
CA HIS H 114 -31.37 2.48 -31.66
C HIS H 114 -31.64 1.02 -31.31
N SER H 115 -30.57 0.25 -31.05
CA SER H 115 -30.72 -1.14 -30.61
C SER H 115 -31.57 -1.20 -29.36
N ALA H 116 -31.21 -0.36 -28.39
CA ALA H 116 -31.93 -0.26 -27.12
C ALA H 116 -33.41 -0.05 -27.35
N PHE H 117 -33.74 0.97 -28.13
CA PHE H 117 -35.11 1.26 -28.53
C PHE H 117 -35.85 0.05 -29.07
N GLU H 118 -35.19 -0.71 -29.96
CA GLU H 118 -35.89 -1.78 -30.67
C GLU H 118 -35.88 -3.11 -29.93
N VAL H 119 -35.03 -3.26 -28.92
CA VAL H 119 -35.18 -4.32 -27.89
C VAL H 119 -36.23 -3.88 -26.89
N GLY H 120 -36.47 -2.56 -26.83
CA GLY H 120 -37.56 -1.97 -26.09
C GLY H 120 -37.24 -1.70 -24.63
N ALA H 121 -36.00 -1.30 -24.34
CA ALA H 121 -35.55 -1.15 -22.95
C ALA H 121 -36.42 -0.16 -22.22
N ARG H 122 -36.52 -0.33 -20.90
CA ARG H 122 -37.26 0.60 -20.07
C ARG H 122 -36.57 1.96 -19.95
N LYS H 123 -35.24 1.97 -20.06
CA LYS H 123 -34.42 3.14 -19.73
C LYS H 123 -32.97 2.99 -20.17
N VAL H 124 -32.40 4.06 -20.72
CA VAL H 124 -30.99 4.12 -21.08
C VAL H 124 -30.40 5.34 -20.41
N VAL H 125 -29.15 5.20 -19.97
CA VAL H 125 -28.41 6.31 -19.39
C VAL H 125 -27.05 6.45 -20.06
N SER H 126 -26.96 7.36 -21.03
CA SER H 126 -25.70 7.61 -21.73
C SER H 126 -24.86 8.59 -20.92
N CYS H 127 -23.72 9.00 -21.45
CA CYS H 127 -22.74 9.75 -20.69
C CYS H 127 -22.24 10.96 -21.46
N LEU H 128 -22.62 12.16 -21.00
CA LEU H 128 -22.19 13.42 -21.63
C LEU H 128 -20.91 13.90 -20.96
N SER H 129 -20.50 15.16 -21.20
CA SER H 129 -19.35 15.74 -20.49
C SER H 129 -19.46 17.23 -20.29
N THR H 130 -18.78 17.74 -19.27
CA THR H 130 -18.64 19.18 -19.08
C THR H 130 -17.76 19.83 -20.17
N CYS H 131 -16.96 19.01 -20.87
CA CYS H 131 -16.24 19.39 -22.11
C CYS H 131 -17.06 20.14 -23.11
N ILE H 132 -18.27 19.67 -23.32
CA ILE H 132 -19.03 19.93 -24.54
C ILE H 132 -19.85 21.21 -24.49
N PHE H 133 -19.69 21.97 -23.39
CA PHE H 133 -20.47 23.19 -23.19
C PHE H 133 -19.95 24.33 -24.03
N PRO H 134 -20.77 25.36 -24.21
CA PRO H 134 -20.29 26.49 -24.98
C PRO H 134 -19.01 27.06 -24.39
N ASP H 135 -18.03 27.31 -25.26
CA ASP H 135 -16.84 28.07 -24.88
C ASP H 135 -17.25 29.43 -24.31
N LYS H 136 -18.06 30.17 -25.06
CA LYS H 136 -18.48 31.50 -24.64
C LYS H 136 -19.73 31.39 -23.79
N THR H 137 -19.58 31.57 -22.46
CA THR H 137 -20.68 31.30 -21.52
C THR H 137 -20.56 31.97 -20.16
N THR H 138 -21.65 31.92 -19.42
CA THR H 138 -21.67 32.41 -18.07
C THR H 138 -21.14 31.26 -17.21
N TYR H 139 -20.68 31.55 -16.00
CA TYR H 139 -20.23 30.54 -15.05
C TYR H 139 -20.93 30.76 -13.70
N PRO H 140 -21.46 29.68 -13.08
CA PRO H 140 -21.27 28.28 -13.44
C PRO H 140 -22.19 27.85 -14.56
N ILE H 141 -21.81 26.76 -15.19
CA ILE H 141 -22.56 26.20 -16.29
C ILE H 141 -23.52 25.15 -15.72
N ASP H 142 -24.71 25.05 -16.31
CA ASP H 142 -25.67 24.07 -15.88
C ASP H 142 -26.40 23.38 -17.05
N GLU H 143 -27.28 22.44 -16.70
CA GLU H 143 -27.96 21.57 -17.66
C GLU H 143 -28.62 22.34 -18.80
N THR H 144 -29.24 23.47 -18.45
CA THR H 144 -29.90 24.39 -19.39
C THR H 144 -29.07 24.95 -20.57
N MET H 145 -27.75 24.97 -20.42
CA MET H 145 -26.88 25.74 -21.30
C MET H 145 -26.18 24.86 -22.35
N ILE H 146 -26.26 23.57 -22.15
CA ILE H 146 -25.60 22.62 -23.03
C ILE H 146 -25.55 22.95 -24.54
N HIS H 147 -26.60 23.51 -25.15
CA HIS H 147 -26.58 23.90 -26.58
C HIS H 147 -26.52 25.41 -26.85
N ASN H 148 -25.99 26.20 -25.90
CA ASN H 148 -26.10 27.66 -26.02
C ASN H 148 -24.86 28.30 -26.67
N GLY H 149 -24.40 27.71 -27.77
CA GLY H 149 -23.21 28.20 -28.46
C GLY H 149 -22.24 27.07 -28.76
N PRO H 150 -21.31 27.30 -29.71
CA PRO H 150 -20.38 26.25 -30.09
C PRO H 150 -19.47 25.89 -28.94
N PRO H 151 -18.97 24.66 -28.97
CA PRO H 151 -17.97 24.26 -27.99
C PRO H 151 -16.61 24.82 -28.35
N HIS H 152 -15.61 24.50 -27.55
CA HIS H 152 -14.24 24.94 -27.83
C HIS H 152 -13.81 24.24 -29.12
N ASN H 153 -12.76 24.74 -29.75
CA ASN H 153 -12.31 24.19 -31.03
C ASN H 153 -11.35 23.01 -30.90
N SER H 154 -10.80 22.81 -29.71
CA SER H 154 -9.82 21.77 -29.51
C SER H 154 -10.48 20.41 -29.59
N ASN H 155 -11.72 20.31 -29.13
CA ASN H 155 -12.41 19.03 -29.11
C ASN H 155 -13.82 19.08 -29.72
N PHE H 156 -14.03 19.95 -30.70
CA PHE H 156 -15.38 20.10 -31.27
C PHE H 156 -16.00 18.76 -31.73
N GLY H 157 -15.23 17.91 -32.38
CA GLY H 157 -15.74 16.61 -32.79
C GLY H 157 -16.41 15.82 -31.66
N TYR H 158 -15.61 15.46 -30.66
CA TYR H 158 -16.09 14.82 -29.43
C TYR H 158 -17.29 15.57 -28.94
N SER H 159 -17.11 16.86 -28.75
CA SER H 159 -18.10 17.64 -28.04
C SER H 159 -19.43 17.52 -28.75
N TYR H 160 -19.41 17.67 -30.05
CA TYR H 160 -20.64 17.74 -30.79
C TYR H 160 -21.31 16.37 -30.74
N ALA H 161 -20.52 15.31 -30.84
CA ALA H 161 -21.06 13.97 -30.79
C ALA H 161 -21.81 13.71 -29.48
N LYS H 162 -21.34 14.28 -28.38
CA LYS H 162 -22.00 14.07 -27.10
C LYS H 162 -23.26 14.90 -27.00
N ARG H 163 -23.25 16.09 -27.59
CA ARG H 163 -24.45 16.93 -27.59
C ARG H 163 -25.54 16.18 -28.33
N MET H 164 -25.23 15.72 -29.53
CA MET H 164 -26.21 14.99 -30.31
C MET H 164 -26.84 13.82 -29.55
N ILE H 165 -26.14 13.24 -28.57
CA ILE H 165 -26.80 12.25 -27.70
C ILE H 165 -28.05 12.89 -27.07
N ASP H 166 -27.92 14.14 -26.62
CA ASP H 166 -29.04 14.80 -26.00
C ASP H 166 -30.13 15.06 -27.02
N VAL H 167 -29.72 15.45 -28.21
CA VAL H 167 -30.67 15.69 -29.28
C VAL H 167 -31.46 14.42 -29.56
N GLN H 168 -30.73 13.32 -29.67
CA GLN H 168 -31.32 12.03 -29.98
C GLN H 168 -32.18 11.57 -28.81
N ASN H 169 -31.68 11.75 -27.58
CA ASN H 169 -32.45 11.43 -26.39
C ASN H 169 -33.82 12.10 -26.47
N ARG H 170 -33.81 13.41 -26.68
CA ARG H 170 -35.04 14.20 -26.79
C ARG H 170 -35.98 13.73 -27.93
N ALA H 171 -35.40 13.17 -29.00
CA ALA H 171 -36.18 12.65 -30.12
C ALA H 171 -36.95 11.37 -29.79
N TYR H 172 -36.26 10.42 -29.17
CA TYR H 172 -36.90 9.14 -28.76
C TYR H 172 -38.02 9.33 -27.71
N PHE H 173 -37.75 10.15 -26.70
CA PHE H 173 -38.75 10.47 -25.70
C PHE H 173 -39.96 11.22 -26.28
N GLN H 174 -39.72 12.09 -27.27
CA GLN H 174 -40.81 12.91 -27.81
C GLN H 174 -41.69 12.15 -28.80
N GLN H 175 -41.11 11.20 -29.54
CA GLN H 175 -41.86 10.47 -30.57
C GLN H 175 -42.40 9.13 -30.04
N TYR H 176 -41.62 8.42 -29.22
CA TYR H 176 -42.06 7.16 -28.62
C TYR H 176 -42.14 7.16 -27.09
N GLY H 177 -41.74 8.24 -26.43
CA GLY H 177 -41.80 8.29 -24.96
C GLY H 177 -40.69 7.55 -24.19
N CYS H 178 -39.64 7.12 -24.89
CA CYS H 178 -38.56 6.35 -24.26
C CYS H 178 -37.85 7.18 -23.19
N THR H 179 -37.64 6.60 -22.01
CA THR H 179 -36.97 7.31 -20.91
C THR H 179 -35.45 7.28 -21.10
N PHE H 180 -34.99 8.06 -22.07
CA PHE H 180 -33.60 8.07 -22.52
C PHE H 180 -32.93 9.38 -22.09
N THR H 181 -32.05 9.29 -21.12
CA THR H 181 -31.44 10.46 -20.58
C THR H 181 -29.93 10.26 -20.52
N ALA H 182 -29.24 11.22 -19.90
CA ALA H 182 -27.81 11.16 -19.73
C ALA H 182 -27.32 11.93 -18.50
N VAL H 183 -26.09 11.63 -18.08
CA VAL H 183 -25.41 12.32 -16.99
C VAL H 183 -24.24 13.12 -17.55
N ILE H 184 -23.91 14.24 -16.91
CA ILE H 184 -22.84 15.10 -17.39
C ILE H 184 -21.77 15.22 -16.34
N PRO H 185 -20.82 14.28 -16.32
CA PRO H 185 -19.72 14.36 -15.37
C PRO H 185 -18.64 15.34 -15.81
N THR H 186 -17.96 15.91 -14.82
CA THR H 186 -16.72 16.67 -15.06
C THR H 186 -15.59 15.70 -15.31
N ASN H 187 -14.41 16.25 -15.51
CA ASN H 187 -13.20 15.47 -15.59
C ASN H 187 -13.26 14.37 -14.55
N VAL H 188 -13.11 13.12 -14.98
CA VAL H 188 -13.09 11.98 -14.07
C VAL H 188 -11.65 11.54 -13.89
N PHE H 189 -11.40 10.78 -12.84
CA PHE H 189 -10.11 10.15 -12.65
C PHE H 189 -10.29 9.00 -11.71
N GLY H 190 -9.46 7.97 -11.86
CA GLY H 190 -9.49 6.85 -10.93
C GLY H 190 -8.58 5.70 -11.30
N PRO H 191 -8.60 4.65 -10.46
CA PRO H 191 -7.98 3.38 -10.80
C PRO H 191 -8.47 2.86 -12.16
N HIS H 192 -7.60 2.20 -12.90
CA HIS H 192 -7.92 1.67 -14.23
C HIS H 192 -8.12 2.81 -15.26
N ASP H 193 -7.51 3.95 -15.02
CA ASP H 193 -7.59 5.03 -15.94
C ASP H 193 -6.67 4.75 -17.15
N ASN H 194 -6.70 5.60 -18.17
CA ASN H 194 -5.75 5.52 -19.26
C ASN H 194 -4.51 6.38 -18.97
N PHE H 195 -3.41 5.72 -18.57
CA PHE H 195 -2.22 6.41 -18.09
C PHE H 195 -1.21 6.75 -19.20
N ASN H 196 -1.56 6.40 -20.43
CA ASN H 196 -0.86 6.91 -21.62
C ASN H 196 -0.77 8.44 -21.58
N ILE H 197 0.45 8.94 -21.52
CA ILE H 197 0.71 10.34 -21.32
C ILE H 197 0.29 11.10 -22.54
N GLU H 198 0.82 10.70 -23.69
CA GLU H 198 0.44 11.33 -24.96
C GLU H 198 -1.10 11.45 -25.16
N ASP H 199 -1.84 10.36 -24.90
CA ASP H 199 -3.27 10.29 -25.27
C ASP H 199 -4.25 10.59 -24.14
N GLY H 200 -3.81 10.47 -22.90
CA GLY H 200 -4.71 10.51 -21.77
C GLY H 200 -4.96 11.88 -21.15
N HIS H 201 -5.75 11.90 -20.08
CA HIS H 201 -6.09 13.14 -19.40
C HIS H 201 -4.95 13.61 -18.50
N VAL H 202 -5.10 14.80 -17.96
CA VAL H 202 -4.05 15.42 -17.19
C VAL H 202 -3.56 14.59 -15.99
N LEU H 203 -4.45 14.23 -15.09
CA LEU H 203 -4.04 13.56 -13.86
C LEU H 203 -3.30 12.25 -14.09
N PRO H 204 -3.90 11.29 -14.82
CA PRO H 204 -3.17 10.04 -15.03
C PRO H 204 -1.85 10.23 -15.80
N GLY H 205 -1.79 11.27 -16.62
CA GLY H 205 -0.57 11.57 -17.36
C GLY H 205 0.49 12.14 -16.44
N LEU H 206 0.07 13.06 -15.59
CA LEU H 206 0.94 13.59 -14.55
C LEU H 206 1.40 12.52 -13.57
N ILE H 207 0.57 11.49 -13.36
CA ILE H 207 0.94 10.38 -12.51
C ILE H 207 1.98 9.51 -13.21
N HIS H 208 1.74 9.23 -14.47
CA HIS H 208 2.68 8.41 -15.23
C HIS H 208 4.01 9.14 -15.30
N LYS H 209 3.96 10.48 -15.46
CA LYS H 209 5.16 11.31 -15.57
C LYS H 209 6.04 11.28 -14.32
N VAL H 210 5.42 11.40 -13.16
CA VAL H 210 6.12 11.50 -11.89
C VAL H 210 6.80 10.17 -11.57
N HIS H 211 6.19 9.09 -12.04
CA HIS H 211 6.71 7.74 -11.81
C HIS H 211 7.97 7.50 -12.64
N LEU H 212 7.90 7.82 -13.93
CA LEU H 212 9.05 7.78 -14.83
C LEU H 212 10.13 8.74 -14.38
N ALA H 213 9.72 9.86 -13.78
CA ALA H 213 10.65 10.79 -13.14
C ALA H 213 11.32 10.19 -11.89
N LYS H 214 10.55 9.51 -11.04
CA LYS H 214 11.12 8.89 -9.83
C LYS H 214 12.17 7.83 -10.16
N SER H 215 11.86 7.00 -11.15
CA SER H 215 12.80 6.01 -11.63
C SER H 215 14.01 6.67 -12.27
N SER H 216 13.79 7.67 -13.13
CA SER H 216 14.86 8.30 -13.93
C SER H 216 15.70 9.37 -13.20
N GLY H 217 15.13 9.99 -12.18
CA GLY H 217 15.72 11.21 -11.60
C GLY H 217 15.45 12.44 -12.44
N SER H 218 14.39 12.42 -13.24
CA SER H 218 14.08 13.56 -14.10
C SER H 218 13.36 14.67 -13.33
N ALA H 219 13.25 15.84 -13.98
CA ALA H 219 12.34 16.85 -13.52
C ALA H 219 10.98 16.40 -14.00
N LEU H 220 9.93 16.93 -13.37
CA LEU H 220 8.57 16.78 -13.86
C LEU H 220 8.27 18.00 -14.71
N THR H 221 7.79 17.75 -15.94
CA THR H 221 7.33 18.80 -16.81
C THR H 221 5.81 18.66 -16.93
N VAL H 222 5.13 19.65 -16.37
CA VAL H 222 3.69 19.77 -16.46
C VAL H 222 3.38 20.65 -17.70
N TRP H 223 2.51 20.16 -18.59
CA TRP H 223 2.25 20.87 -19.83
C TRP H 223 1.33 22.03 -19.62
N GLY H 224 1.61 23.14 -20.29
CA GLY H 224 0.79 24.35 -20.14
C GLY H 224 1.40 25.30 -19.14
N THR H 225 0.62 26.32 -18.78
CA THR H 225 1.02 27.33 -17.79
C THR H 225 0.82 26.86 -16.35
N GLY H 226 -0.11 25.93 -16.16
CA GLY H 226 -0.49 25.45 -14.83
C GLY H 226 -1.61 26.27 -14.20
N ASN H 227 -2.22 27.15 -14.99
CA ASN H 227 -3.32 28.00 -14.53
C ASN H 227 -4.74 27.53 -14.82
N PRO H 228 -4.97 26.75 -15.90
CA PRO H 228 -6.37 26.35 -16.10
C PRO H 228 -7.05 25.69 -14.89
N ARG H 229 -8.37 25.86 -14.80
CA ARG H 229 -9.15 25.48 -13.64
C ARG H 229 -9.98 24.26 -14.01
N ARG H 230 -9.99 23.24 -13.16
CA ARG H 230 -10.80 22.06 -13.44
C ARG H 230 -11.52 21.52 -12.22
N GLN H 231 -12.58 20.78 -12.50
CA GLN H 231 -13.38 20.08 -11.50
C GLN H 231 -13.12 18.61 -11.70
N PHE H 232 -12.49 17.98 -10.71
CA PHE H 232 -12.22 16.55 -10.80
C PHE H 232 -13.24 15.75 -9.99
N ILE H 233 -13.65 14.60 -10.51
CA ILE H 233 -14.54 13.68 -9.80
C ILE H 233 -13.99 12.25 -9.86
N TYR H 234 -13.81 11.69 -8.67
CA TYR H 234 -13.26 10.36 -8.48
C TYR H 234 -14.25 9.35 -9.04
N SER H 235 -13.77 8.45 -9.88
CA SER H 235 -14.64 7.48 -10.56
C SER H 235 -15.55 6.75 -9.59
N LEU H 236 -14.99 6.37 -8.45
CA LEU H 236 -15.73 5.66 -7.41
C LEU H 236 -16.92 6.44 -6.90
N ASP H 237 -16.79 7.77 -6.89
CA ASP H 237 -17.89 8.63 -6.49
C ASP H 237 -18.90 8.58 -7.61
N LEU H 238 -18.46 8.95 -8.80
CA LEU H 238 -19.27 8.84 -10.01
C LEU H 238 -20.05 7.53 -10.08
N ALA H 239 -19.33 6.42 -9.95
CA ALA H 239 -19.93 5.10 -9.96
C ALA H 239 -21.28 5.10 -9.27
N GLN H 240 -21.27 5.55 -8.04
CA GLN H 240 -22.45 5.45 -7.16
C GLN H 240 -23.57 6.33 -7.71
N LEU H 241 -23.23 7.59 -7.96
CA LEU H 241 -24.18 8.54 -8.50
C LEU H 241 -24.78 7.98 -9.76
N PHE H 242 -23.96 7.40 -10.62
CA PHE H 242 -24.43 6.76 -11.85
C PHE H 242 -25.46 5.68 -11.50
N ILE H 243 -25.10 4.85 -10.52
CA ILE H 243 -25.95 3.73 -10.09
C ILE H 243 -27.27 4.24 -9.58
N TRP H 244 -27.20 5.27 -8.75
CA TRP H 244 -28.40 5.92 -8.27
C TRP H 244 -29.24 6.36 -9.46
N VAL H 245 -28.61 6.95 -10.47
CA VAL H 245 -29.32 7.50 -11.63
C VAL H 245 -30.12 6.42 -12.37
N LEU H 246 -29.48 5.33 -12.78
CA LEU H 246 -30.20 4.21 -13.40
C LEU H 246 -31.51 3.93 -12.65
N ARG H 247 -31.42 3.88 -11.32
CA ARG H 247 -32.55 3.55 -10.48
C ARG H 247 -33.55 4.69 -10.40
N GLU H 248 -33.10 5.83 -9.89
CA GLU H 248 -34.02 6.84 -9.36
C GLU H 248 -34.27 8.07 -10.25
N TYR H 249 -33.53 8.23 -11.35
CA TYR H 249 -33.56 9.51 -12.08
C TYR H 249 -34.37 9.47 -13.36
N ASN H 250 -35.55 10.09 -13.33
CA ASN H 250 -36.57 9.92 -14.37
C ASN H 250 -36.85 11.15 -15.25
N GLU H 251 -35.93 12.11 -15.22
CA GLU H 251 -35.98 13.24 -16.16
C GLU H 251 -35.25 12.85 -17.41
N VAL H 252 -35.70 13.38 -18.54
CA VAL H 252 -34.99 13.18 -19.80
C VAL H 252 -33.82 14.14 -19.85
N GLU H 253 -34.06 15.38 -19.44
CA GLU H 253 -32.99 16.37 -19.30
C GLU H 253 -31.84 15.76 -18.51
N PRO H 254 -30.60 15.97 -19.00
CA PRO H 254 -29.47 15.29 -18.35
C PRO H 254 -29.16 15.91 -17.00
N ILE H 255 -28.28 15.27 -16.22
CA ILE H 255 -27.93 15.79 -14.89
C ILE H 255 -26.43 15.87 -14.68
N ILE H 256 -25.96 17.02 -14.23
CA ILE H 256 -24.53 17.16 -13.98
C ILE H 256 -24.16 16.43 -12.70
N LEU H 257 -23.09 15.65 -12.79
CA LEU H 257 -22.54 14.93 -11.66
C LEU H 257 -21.13 15.46 -11.46
N SER H 258 -20.98 16.35 -10.49
CA SER H 258 -19.71 17.01 -10.28
C SER H 258 -19.51 17.33 -8.81
N VAL H 259 -18.24 17.43 -8.44
CA VAL H 259 -17.83 18.03 -7.20
C VAL H 259 -18.39 19.44 -7.21
N GLY H 260 -18.48 20.07 -6.06
CA GLY H 260 -19.03 21.42 -5.97
C GLY H 260 -18.18 22.48 -6.64
N GLU H 261 -18.83 23.60 -6.91
CA GLU H 261 -18.28 24.80 -7.55
C GLU H 261 -17.09 25.42 -6.76
N GLU H 262 -17.02 25.12 -5.46
CA GLU H 262 -15.97 25.62 -4.57
C GLU H 262 -14.74 24.74 -4.55
N ASP H 263 -14.91 23.52 -5.08
CA ASP H 263 -13.88 22.46 -5.04
C ASP H 263 -13.08 22.37 -6.33
N GLU H 264 -13.20 23.40 -7.17
CA GLU H 264 -12.50 23.47 -8.43
C GLU H 264 -11.03 23.67 -8.17
N VAL H 265 -10.21 22.99 -8.96
CA VAL H 265 -8.78 22.98 -8.77
C VAL H 265 -8.03 23.49 -10.02
N SER H 266 -6.91 24.17 -9.79
CA SER H 266 -6.02 24.58 -10.87
C SER H 266 -5.09 23.45 -11.18
N ILE H 267 -4.48 23.49 -12.36
CA ILE H 267 -3.62 22.40 -12.82
C ILE H 267 -2.36 22.36 -11.95
N LYS H 268 -1.86 23.52 -11.53
CA LYS H 268 -0.70 23.57 -10.61
C LYS H 268 -1.03 22.81 -9.32
N GLU H 269 -2.18 23.11 -8.73
CA GLU H 269 -2.69 22.41 -7.54
C GLU H 269 -2.84 20.93 -7.82
N ALA H 270 -3.38 20.58 -8.98
CA ALA H 270 -3.52 19.17 -9.33
C ALA H 270 -2.13 18.52 -9.42
N ALA H 271 -1.17 19.21 -10.04
CA ALA H 271 0.19 18.71 -10.17
C ALA H 271 0.83 18.53 -8.81
N GLU H 272 0.63 19.53 -7.95
CA GLU H 272 1.12 19.45 -6.59
C GLU H 272 0.52 18.25 -5.88
N ALA H 273 -0.78 18.06 -6.02
CA ALA H 273 -1.47 16.98 -5.32
C ALA H 273 -0.82 15.65 -5.61
N VAL H 274 -0.61 15.37 -6.89
CA VAL H 274 0.10 14.17 -7.36
C VAL H 274 1.52 14.05 -6.79
N VAL H 275 2.29 15.13 -6.86
CA VAL H 275 3.66 15.14 -6.37
C VAL H 275 3.75 14.79 -4.89
N GLU H 276 2.75 15.19 -4.10
CA GLU H 276 2.71 14.87 -2.67
C GLU H 276 2.46 13.38 -2.47
N ALA H 277 1.31 12.91 -2.94
CA ALA H 277 0.97 11.49 -2.90
C ALA H 277 2.20 10.64 -3.17
N MET H 278 2.86 10.87 -4.31
CA MET H 278 3.96 10.02 -4.78
C MET H 278 5.33 10.34 -4.17
N ASP H 279 5.38 11.34 -3.30
CA ASP H 279 6.59 11.64 -2.56
C ASP H 279 7.75 12.07 -3.48
N PHE H 280 7.42 12.86 -4.51
CA PHE H 280 8.39 13.23 -5.55
C PHE H 280 9.17 14.46 -5.12
N HIS H 281 10.50 14.36 -5.09
CA HIS H 281 11.36 15.41 -4.54
C HIS H 281 12.05 16.21 -5.64
N GLY H 282 11.83 15.83 -6.90
CA GLY H 282 12.53 16.45 -8.02
C GLY H 282 12.04 17.86 -8.28
N GLU H 283 12.41 18.41 -9.43
CA GLU H 283 11.97 19.74 -9.81
C GLU H 283 10.65 19.63 -10.55
N VAL H 284 9.79 20.62 -10.36
CA VAL H 284 8.51 20.69 -11.06
C VAL H 284 8.50 21.89 -12.01
N THR H 285 8.17 21.63 -13.28
CA THR H 285 8.41 22.59 -14.35
C THR H 285 7.25 22.60 -15.35
N PHE H 286 7.06 23.73 -16.01
CA PHE H 286 5.91 23.95 -16.87
C PHE H 286 6.38 24.30 -18.25
N ASP H 287 5.88 23.57 -19.24
CA ASP H 287 6.17 23.89 -20.64
C ASP H 287 5.00 24.77 -21.10
N THR H 288 5.22 26.08 -20.98
CA THR H 288 4.22 27.07 -21.32
C THR H 288 3.90 27.13 -22.81
N THR H 289 4.73 26.53 -23.65
CA THR H 289 4.37 26.46 -25.06
C THR H 289 3.20 25.50 -25.35
N LYS H 290 2.92 24.57 -24.45
CA LYS H 290 1.91 23.52 -24.73
C LYS H 290 0.53 24.08 -24.49
N SER H 291 -0.46 23.58 -25.21
CA SER H 291 -1.81 24.12 -25.13
C SER H 291 -2.36 24.01 -23.72
N ASP H 292 -3.19 24.98 -23.35
CA ASP H 292 -3.87 24.97 -22.05
C ASP H 292 -5.27 24.49 -22.23
N GLY H 293 -5.68 24.30 -23.48
CA GLY H 293 -7.05 23.96 -23.79
C GLY H 293 -7.98 25.03 -23.27
N GLN H 294 -9.19 24.60 -22.90
CA GLN H 294 -10.22 25.46 -22.31
C GLN H 294 -9.83 25.88 -20.90
N PHE H 295 -9.72 27.17 -20.64
CA PHE H 295 -9.27 27.68 -19.34
C PHE H 295 -10.20 27.32 -18.17
N LYS H 296 -11.49 27.30 -18.41
CA LYS H 296 -12.42 27.18 -17.31
C LYS H 296 -13.76 26.66 -17.83
N LYS H 297 -14.35 25.70 -17.13
CA LYS H 297 -15.66 25.15 -17.49
C LYS H 297 -16.51 24.92 -16.26
N THR H 298 -16.43 25.88 -15.34
CA THR H 298 -16.97 25.73 -14.00
C THR H 298 -18.42 25.34 -14.08
N ALA H 299 -18.74 24.18 -13.51
CA ALA H 299 -20.06 23.58 -13.63
C ALA H 299 -20.72 23.58 -12.29
N SER H 300 -22.04 23.70 -12.30
CA SER H 300 -22.87 23.78 -11.11
C SER H 300 -23.54 22.42 -10.93
N ASN H 301 -23.52 21.91 -9.70
CA ASN H 301 -24.19 20.65 -9.39
C ASN H 301 -25.49 20.84 -8.61
N SER H 302 -26.01 22.07 -8.63
CA SER H 302 -27.21 22.47 -7.90
C SER H 302 -28.37 21.51 -8.07
N LYS H 303 -28.58 21.02 -9.29
CA LYS H 303 -29.65 20.08 -9.59
C LYS H 303 -29.46 18.79 -8.78
N LEU H 304 -28.29 18.19 -8.95
CA LEU H 304 -27.93 16.98 -8.24
C LEU H 304 -28.15 17.11 -6.74
N ARG H 305 -27.94 18.31 -6.20
CA ARG H 305 -28.14 18.54 -4.75
C ARG H 305 -29.60 18.59 -4.31
N THR H 306 -30.51 18.98 -5.21
CA THR H 306 -31.96 18.89 -4.96
C THR H 306 -32.43 17.43 -4.78
N TYR H 307 -31.69 16.47 -5.37
CA TYR H 307 -31.92 15.04 -5.14
C TYR H 307 -31.14 14.47 -3.94
N LEU H 308 -29.83 14.71 -3.92
CA LEU H 308 -28.91 14.08 -2.96
C LEU H 308 -28.18 15.12 -2.11
N PRO H 309 -28.92 15.82 -1.22
CA PRO H 309 -28.31 16.93 -0.50
C PRO H 309 -27.10 16.51 0.34
N ASP H 310 -27.14 15.27 0.82
CA ASP H 310 -26.18 14.80 1.82
C ASP H 310 -25.11 13.84 1.24
N PHE H 311 -24.92 13.87 -0.07
CA PHE H 311 -23.85 13.07 -0.67
C PHE H 311 -22.53 13.81 -0.51
N ARG H 312 -21.61 13.24 0.26
CA ARG H 312 -20.28 13.83 0.45
C ARG H 312 -19.34 13.30 -0.62
N PHE H 313 -18.63 14.20 -1.30
CA PHE H 313 -17.64 13.80 -2.31
C PHE H 313 -16.32 13.49 -1.66
N THR H 314 -15.56 12.63 -2.31
CA THR H 314 -14.30 12.17 -1.78
C THR H 314 -13.26 13.26 -1.94
N PRO H 315 -12.66 13.69 -0.81
CA PRO H 315 -11.69 14.76 -0.90
C PRO H 315 -10.66 14.45 -1.96
N PHE H 316 -10.32 15.51 -2.69
CA PHE H 316 -9.48 15.44 -3.86
C PHE H 316 -8.09 14.87 -3.61
N LYS H 317 -7.38 15.35 -2.60
CA LYS H 317 -6.06 14.77 -2.29
C LYS H 317 -6.18 13.28 -1.94
N GLN H 318 -7.10 12.95 -1.04
CA GLN H 318 -7.32 11.55 -0.65
C GLN H 318 -7.54 10.69 -1.87
N ALA H 319 -8.43 11.14 -2.75
CA ALA H 319 -8.70 10.41 -4.00
C ALA H 319 -7.48 10.31 -4.94
N VAL H 320 -6.67 11.36 -4.99
CA VAL H 320 -5.44 11.33 -5.78
C VAL H 320 -4.49 10.26 -5.23
N LYS H 321 -4.26 10.25 -3.92
CA LYS H 321 -3.42 9.22 -3.28
C LYS H 321 -3.87 7.80 -3.63
N GLU H 322 -5.17 7.56 -3.65
CA GLU H 322 -5.69 6.21 -3.93
C GLU H 322 -5.50 5.78 -5.38
N THR H 323 -5.32 6.74 -6.29
CA THR H 323 -5.06 6.45 -7.69
C THR H 323 -3.55 6.28 -7.93
N CYS H 324 -2.75 7.10 -7.25
CA CYS H 324 -1.31 6.95 -7.29
C CYS H 324 -0.93 5.64 -6.65
N ALA H 325 -1.60 5.30 -5.55
CA ALA H 325 -1.40 4.01 -4.88
C ALA H 325 -1.76 2.86 -5.81
N TRP H 326 -2.94 2.94 -6.44
CA TRP H 326 -3.39 1.92 -7.39
C TRP H 326 -2.48 1.74 -8.59
N PHE H 327 -2.03 2.87 -9.14
CA PHE H 327 -1.20 2.90 -10.33
C PHE H 327 0.15 2.27 -10.06
N THR H 328 0.84 2.79 -9.06
CA THR H 328 2.14 2.26 -8.64
C THR H 328 2.05 0.73 -8.43
N ASP H 329 0.97 0.28 -7.81
CA ASP H 329 0.82 -1.13 -7.41
C ASP H 329 0.30 -2.04 -8.53
N ASN H 330 -0.09 -1.46 -9.66
CA ASN H 330 -0.54 -2.22 -10.81
C ASN H 330 0.02 -1.64 -12.08
N TYR H 331 1.25 -1.14 -12.00
CA TYR H 331 1.90 -0.54 -13.16
C TYR H 331 1.81 -1.45 -14.42
N GLU H 332 2.10 -2.73 -14.27
CA GLU H 332 2.24 -3.64 -15.43
C GLU H 332 0.93 -3.96 -16.10
N GLN H 333 -0.13 -4.16 -15.31
CA GLN H 333 -1.46 -4.42 -15.86
C GLN H 333 -2.07 -3.14 -16.46
N ALA H 334 -1.72 -1.99 -15.86
CA ALA H 334 -2.24 -0.66 -16.24
C ALA H 334 -2.00 -0.23 -17.69
N ARG H 335 -2.99 0.46 -18.25
CA ARG H 335 -2.96 0.96 -19.63
C ARG H 335 -1.95 2.10 -19.74
N LYS H 336 -0.77 1.86 -20.32
CA LYS H 336 0.34 2.82 -20.27
C LYS H 336 0.71 3.41 -21.64
N GLU I 16 -3.77 16.36 -69.73
CA GLU I 16 -4.91 17.25 -69.35
C GLU I 16 -4.48 18.68 -69.02
N ASN I 17 -5.46 19.55 -68.85
CA ASN I 17 -5.23 20.95 -68.50
C ASN I 17 -5.07 21.06 -66.99
N LEU I 18 -3.99 21.72 -66.56
CA LEU I 18 -3.76 21.96 -65.15
C LEU I 18 -4.75 23.00 -64.61
N TYR I 19 -5.14 23.94 -65.47
CA TYR I 19 -5.96 25.09 -65.05
C TYR I 19 -7.48 24.93 -65.19
N PHE I 20 -7.95 24.18 -66.18
CA PHE I 20 -9.39 23.86 -66.30
C PHE I 20 -9.55 22.35 -66.50
N GLN I 21 -9.88 21.63 -65.44
CA GLN I 21 -9.76 20.18 -65.41
C GLN I 21 -11.09 19.43 -65.55
N SER I 22 -11.01 18.22 -66.12
CA SER I 22 -12.17 17.33 -66.32
C SER I 22 -12.99 17.20 -65.00
N MET I 23 -14.32 17.21 -65.14
CA MET I 23 -15.19 17.05 -63.99
C MET I 23 -16.20 15.94 -64.20
N ARG I 24 -16.19 14.96 -63.32
CA ARG I 24 -17.26 13.96 -63.24
C ARG I 24 -18.01 14.34 -61.96
N ILE I 25 -19.20 14.92 -62.12
CA ILE I 25 -19.94 15.55 -61.00
C ILE I 25 -21.15 14.73 -60.59
N LEU I 26 -21.21 14.35 -59.31
CA LEU I 26 -22.32 13.57 -58.79
C LEU I 26 -23.30 14.47 -58.06
N VAL I 27 -24.54 14.52 -58.50
CA VAL I 27 -25.57 15.26 -57.80
C VAL I 27 -26.51 14.23 -57.16
N THR I 28 -26.58 14.21 -55.83
CA THR I 28 -27.55 13.39 -55.10
C THR I 28 -28.82 14.21 -54.81
N GLY I 29 -29.96 13.53 -54.68
CA GLY I 29 -31.26 14.20 -54.57
C GLY I 29 -31.55 14.96 -55.84
N GLY I 30 -31.24 14.33 -56.97
CA GLY I 30 -31.31 14.98 -58.29
C GLY I 30 -32.69 15.04 -58.89
N SER I 31 -33.64 14.32 -58.27
CA SER I 31 -35.01 14.24 -58.78
C SER I 31 -35.98 15.14 -58.02
N GLY I 32 -35.47 15.89 -57.05
CA GLY I 32 -36.31 16.72 -56.22
C GLY I 32 -36.49 18.09 -56.84
N LEU I 33 -37.03 19.00 -56.03
CA LEU I 33 -37.23 20.38 -56.43
C LEU I 33 -35.93 21.01 -56.88
N VAL I 34 -34.93 21.03 -55.99
CA VAL I 34 -33.63 21.63 -56.28
C VAL I 34 -32.87 20.88 -57.38
N GLY I 35 -32.96 19.55 -57.37
CA GLY I 35 -32.26 18.71 -58.35
C GLY I 35 -32.75 18.87 -59.78
N LYS I 36 -34.06 18.95 -59.98
CA LYS I 36 -34.63 19.10 -61.33
C LYS I 36 -34.30 20.48 -61.89
N ALA I 37 -34.18 21.48 -61.03
CA ALA I 37 -33.76 22.82 -61.49
C ALA I 37 -32.35 22.80 -62.09
N ILE I 38 -31.40 22.19 -61.38
CA ILE I 38 -30.01 22.09 -61.86
C ILE I 38 -29.94 21.34 -63.19
N GLN I 39 -30.61 20.18 -63.26
CA GLN I 39 -30.80 19.51 -64.55
C GLN I 39 -31.31 20.51 -65.60
N LYS I 40 -32.34 21.29 -65.22
CA LYS I 40 -33.03 22.18 -66.15
C LYS I 40 -32.10 23.24 -66.73
N VAL I 41 -31.33 23.89 -65.86
CA VAL I 41 -30.34 24.89 -66.26
C VAL I 41 -29.14 24.28 -67.03
N VAL I 42 -28.69 23.11 -66.58
CA VAL I 42 -27.53 22.42 -67.17
C VAL I 42 -27.88 21.91 -68.56
N ALA I 43 -29.01 21.24 -68.68
CA ALA I 43 -29.56 20.90 -69.99
C ALA I 43 -29.77 22.15 -70.86
N ASP I 44 -30.02 23.29 -70.21
CA ASP I 44 -30.22 24.58 -70.89
C ASP I 44 -28.95 25.25 -71.44
N GLY I 45 -27.76 24.73 -71.09
CA GLY I 45 -26.51 25.22 -71.70
C GLY I 45 -25.50 25.92 -70.81
N ALA I 46 -25.71 25.82 -69.50
CA ALA I 46 -24.77 26.34 -68.51
C ALA I 46 -23.65 25.32 -68.21
N GLY I 47 -23.78 24.11 -68.75
CA GLY I 47 -22.75 23.08 -68.63
C GLY I 47 -21.62 23.29 -69.65
N LEU I 48 -20.44 23.66 -69.15
CA LEU I 48 -19.27 23.84 -70.02
C LEU I 48 -18.73 22.47 -70.46
N PRO I 49 -18.03 22.42 -71.61
CA PRO I 49 -17.39 21.16 -72.06
C PRO I 49 -16.36 20.61 -71.06
N GLY I 50 -16.23 19.29 -70.98
CA GLY I 50 -15.31 18.67 -70.03
C GLY I 50 -15.90 18.58 -68.63
N GLU I 51 -17.23 18.65 -68.55
CA GLU I 51 -17.97 18.40 -67.33
C GLU I 51 -18.95 17.29 -67.57
N ASP I 52 -18.81 16.19 -66.84
CA ASP I 52 -19.75 15.08 -66.89
C ASP I 52 -20.68 15.09 -65.68
N TRP I 53 -21.94 15.42 -65.93
CA TRP I 53 -22.96 15.50 -64.87
C TRP I 53 -23.71 14.18 -64.77
N VAL I 54 -23.73 13.61 -63.56
CA VAL I 54 -24.59 12.47 -63.28
C VAL I 54 -25.54 12.83 -62.14
N PHE I 55 -26.83 12.88 -62.45
CA PHE I 55 -27.88 13.08 -61.44
C PHE I 55 -28.49 11.73 -61.08
N VAL I 56 -28.67 11.51 -59.78
CA VAL I 56 -29.19 10.27 -59.27
C VAL I 56 -30.38 10.54 -58.35
N SER I 57 -31.09 9.49 -57.99
CA SER I 57 -32.16 9.55 -57.01
C SER I 57 -32.02 8.32 -56.09
N SER I 58 -33.02 8.05 -55.25
CA SER I 58 -32.98 6.92 -54.33
C SER I 58 -33.12 5.59 -55.07
N LYS I 59 -33.72 5.63 -56.27
CA LYS I 59 -33.77 4.48 -57.19
C LYS I 59 -32.36 3.97 -57.53
N ASP I 60 -31.43 4.91 -57.71
CA ASP I 60 -30.05 4.57 -58.02
C ASP I 60 -29.29 4.01 -56.82
N ALA I 61 -29.68 4.42 -55.61
CA ALA I 61 -29.05 3.95 -54.37
C ALA I 61 -29.61 4.68 -53.14
N ASP I 62 -30.04 3.89 -52.15
CA ASP I 62 -30.67 4.42 -50.91
C ASP I 62 -29.56 4.85 -49.98
N LEU I 63 -29.41 6.15 -49.82
CA LEU I 63 -28.20 6.71 -49.21
C LEU I 63 -28.18 6.62 -47.70
N THR I 64 -29.24 6.07 -47.09
CA THR I 64 -29.18 5.72 -45.68
C THR I 64 -28.28 4.51 -45.52
N ASP I 65 -28.18 3.73 -46.57
CA ASP I 65 -27.39 2.50 -46.58
C ASP I 65 -25.94 2.78 -46.98
N THR I 66 -24.99 2.19 -46.26
CA THR I 66 -23.57 2.42 -46.55
C THR I 66 -23.10 1.67 -47.81
N ALA I 67 -23.39 0.37 -47.87
CA ALA I 67 -22.98 -0.47 -49.00
C ALA I 67 -23.39 0.12 -50.35
N GLN I 68 -24.61 0.64 -50.42
CA GLN I 68 -25.18 1.14 -51.67
C GLN I 68 -24.51 2.45 -52.06
N THR I 69 -24.45 3.39 -51.12
CA THR I 69 -23.72 4.63 -51.28
C THR I 69 -22.28 4.37 -51.75
N ARG I 70 -21.50 3.61 -50.98
CA ARG I 70 -20.13 3.31 -51.40
C ARG I 70 -20.08 2.70 -52.82
N ALA I 71 -20.94 1.72 -53.08
CA ALA I 71 -21.03 1.08 -54.40
C ALA I 71 -21.34 2.10 -55.52
N LEU I 72 -22.31 2.96 -55.26
CA LEU I 72 -22.66 4.07 -56.15
C LEU I 72 -21.46 4.96 -56.41
N PHE I 73 -20.71 5.21 -55.34
CA PHE I 73 -19.54 6.10 -55.39
C PHE I 73 -18.35 5.46 -56.08
N GLU I 74 -18.25 4.13 -56.00
CA GLU I 74 -17.25 3.37 -56.77
C GLU I 74 -17.62 3.40 -58.27
N LYS I 75 -18.89 3.14 -58.59
CA LYS I 75 -19.33 3.00 -59.99
C LYS I 75 -19.17 4.30 -60.79
N VAL I 76 -19.75 5.38 -60.27
CA VAL I 76 -19.38 6.72 -60.70
C VAL I 76 -18.01 6.92 -60.04
N GLN I 77 -17.16 7.76 -60.61
CA GLN I 77 -15.94 8.14 -59.94
C GLN I 77 -15.94 9.64 -59.94
N PRO I 78 -16.70 10.23 -59.00
CA PRO I 78 -16.92 11.67 -59.07
C PRO I 78 -15.73 12.43 -58.55
N THR I 79 -15.37 13.50 -59.25
CA THR I 79 -14.39 14.45 -58.75
C THR I 79 -15.16 15.44 -57.88
N HIS I 80 -16.39 15.74 -58.28
CA HIS I 80 -17.18 16.75 -57.60
C HIS I 80 -18.51 16.15 -57.17
N VAL I 81 -18.99 16.63 -56.01
CA VAL I 81 -20.31 16.25 -55.45
C VAL I 81 -21.18 17.47 -55.07
N ILE I 82 -22.43 17.44 -55.52
CA ILE I 82 -23.49 18.29 -54.98
C ILE I 82 -24.46 17.39 -54.21
N HIS I 83 -24.47 17.54 -52.89
CA HIS I 83 -25.19 16.63 -52.00
C HIS I 83 -26.52 17.26 -51.55
N LEU I 84 -27.57 17.01 -52.35
CA LEU I 84 -28.92 17.51 -52.09
C LEU I 84 -29.80 16.47 -51.39
N ALA I 85 -29.40 15.21 -51.44
CA ALA I 85 -30.25 14.14 -50.89
C ALA I 85 -30.43 14.36 -49.41
N ALA I 86 -31.69 14.49 -49.02
CA ALA I 86 -32.06 14.69 -47.64
C ALA I 86 -33.57 14.47 -47.55
N MET I 87 -34.02 13.96 -46.40
CA MET I 87 -35.43 13.86 -46.11
C MET I 87 -35.92 15.26 -45.80
N VAL I 88 -36.72 15.84 -46.69
CA VAL I 88 -37.19 17.20 -46.56
C VAL I 88 -38.69 17.23 -46.31
N GLY I 89 -39.15 18.33 -45.70
CA GLY I 89 -40.58 18.55 -45.52
C GLY I 89 -40.92 19.92 -44.96
N GLY I 90 -42.18 20.29 -45.08
CA GLY I 90 -42.68 21.51 -44.48
C GLY I 90 -42.73 21.43 -42.97
N LEU I 91 -43.24 22.52 -42.38
CA LEU I 91 -43.30 22.69 -40.93
C LEU I 91 -44.00 21.52 -40.26
N PHE I 92 -45.09 21.08 -40.90
CA PHE I 92 -46.00 20.12 -40.30
C PHE I 92 -45.50 18.71 -40.40
N ARG I 93 -44.79 18.39 -41.46
CA ARG I 93 -44.11 17.10 -41.55
C ARG I 93 -42.99 16.94 -40.51
N ASN I 94 -42.16 17.95 -40.38
CA ASN I 94 -41.13 17.97 -39.37
C ASN I 94 -41.65 17.79 -37.96
N ILE I 95 -42.73 18.49 -37.62
CA ILE I 95 -43.35 18.37 -36.30
C ILE I 95 -43.62 16.90 -35.90
N LYS I 96 -44.03 16.10 -36.90
CA LYS I 96 -44.42 14.71 -36.70
C LYS I 96 -43.24 13.77 -36.44
N TYR I 97 -42.16 13.96 -37.18
CA TYR I 97 -41.09 12.96 -37.21
C TYR I 97 -39.70 13.55 -36.97
N ASN I 98 -39.49 14.19 -35.83
CA ASN I 98 -38.17 14.77 -35.57
C ASN I 98 -37.10 13.66 -35.51
N LEU I 99 -37.44 12.49 -34.97
CA LEU I 99 -36.50 11.36 -34.93
C LEU I 99 -36.10 10.83 -36.34
N ASP I 100 -37.05 10.69 -37.26
CA ASP I 100 -36.74 10.25 -38.63
C ASP I 100 -35.96 11.28 -39.46
N PHE I 101 -36.23 12.55 -39.22
CA PHE I 101 -35.44 13.61 -39.83
C PHE I 101 -34.04 13.57 -39.26
N TRP I 102 -33.89 13.13 -38.01
CA TRP I 102 -32.55 13.09 -37.41
C TRP I 102 -31.77 11.88 -37.87
N ARG I 103 -32.29 10.68 -37.62
CA ARG I 103 -31.56 9.46 -38.00
C ARG I 103 -31.28 9.33 -39.50
N LYS I 104 -32.28 9.58 -40.33
CA LYS I 104 -32.14 9.34 -41.78
C LYS I 104 -31.22 10.37 -42.44
N ASN I 105 -31.42 11.66 -42.18
CA ASN I 105 -30.49 12.65 -42.73
C ASN I 105 -29.02 12.48 -42.28
N VAL I 106 -28.77 12.18 -41.00
CA VAL I 106 -27.38 12.04 -40.50
C VAL I 106 -26.67 10.85 -41.13
N HIS I 107 -27.41 9.74 -41.31
CA HIS I 107 -26.92 8.59 -42.06
C HIS I 107 -26.64 8.94 -43.49
N MET I 108 -27.56 9.65 -44.13
CA MET I 108 -27.39 10.06 -45.55
C MET I 108 -26.20 10.98 -45.75
N ASN I 109 -25.99 11.87 -44.79
CA ASN I 109 -24.88 12.81 -44.83
C ASN I 109 -23.55 12.15 -44.50
N ASP I 110 -23.54 11.29 -43.48
CA ASP I 110 -22.30 10.57 -43.12
C ASP I 110 -21.84 9.59 -44.19
N ASN I 111 -22.80 8.93 -44.84
CA ASN I 111 -22.52 8.00 -45.90
C ASN I 111 -21.99 8.74 -47.15
N VAL I 112 -22.60 9.88 -47.47
CA VAL I 112 -22.25 10.60 -48.69
C VAL I 112 -20.92 11.32 -48.55
N LEU I 113 -20.73 12.06 -47.46
CA LEU I 113 -19.45 12.71 -47.21
C LEU I 113 -18.32 11.70 -47.08
N HIS I 114 -18.49 10.68 -46.25
CA HIS I 114 -17.42 9.70 -46.09
C HIS I 114 -17.08 8.89 -47.37
N SER I 115 -18.09 8.54 -48.17
CA SER I 115 -17.84 7.89 -49.49
C SER I 115 -17.02 8.79 -50.41
N ALA I 116 -17.45 10.05 -50.55
CA ALA I 116 -16.72 11.04 -51.35
C ALA I 116 -15.28 11.18 -50.88
N PHE I 117 -15.08 11.16 -49.57
CA PHE I 117 -13.76 11.22 -48.97
C PHE I 117 -12.85 10.11 -49.47
N GLU I 118 -13.25 8.88 -49.21
CA GLU I 118 -12.40 7.72 -49.52
C GLU I 118 -12.30 7.47 -51.03
N VAL I 119 -13.30 7.89 -51.82
CA VAL I 119 -13.16 7.94 -53.28
C VAL I 119 -12.14 9.01 -53.70
N GLY I 120 -11.91 9.99 -52.83
CA GLY I 120 -10.91 11.03 -53.08
C GLY I 120 -11.39 12.18 -53.93
N ALA I 121 -12.66 12.56 -53.76
CA ALA I 121 -13.29 13.67 -54.49
C ALA I 121 -12.65 14.98 -54.12
N ARG I 122 -12.44 15.84 -55.12
CA ARG I 122 -11.80 17.14 -54.94
C ARG I 122 -12.65 18.13 -54.14
N LYS I 123 -13.97 18.04 -54.29
CA LYS I 123 -14.86 19.00 -53.67
C LYS I 123 -16.28 18.46 -53.43
N VAL I 124 -16.89 18.90 -52.33
CA VAL I 124 -18.29 18.56 -52.05
C VAL I 124 -19.00 19.79 -51.55
N VAL I 125 -20.15 20.08 -52.13
CA VAL I 125 -21.03 21.13 -51.65
C VAL I 125 -22.33 20.50 -51.17
N SER I 126 -22.47 20.42 -49.85
CA SER I 126 -23.71 19.93 -49.24
C SER I 126 -24.70 21.07 -49.12
N CYS I 127 -25.92 20.77 -48.67
CA CYS I 127 -27.00 21.73 -48.72
C CYS I 127 -27.62 21.88 -47.32
N LEU I 128 -27.56 23.11 -46.80
CA LEU I 128 -28.05 23.44 -45.45
C LEU I 128 -29.35 24.24 -45.61
N SER I 129 -29.74 25.02 -44.60
CA SER I 129 -31.03 25.74 -44.63
C SER I 129 -31.02 26.89 -43.62
N THR I 130 -31.81 27.92 -43.88
CA THR I 130 -31.99 29.00 -42.90
C THR I 130 -32.83 28.58 -41.70
N CYS I 131 -33.64 27.54 -41.91
CA CYS I 131 -34.34 26.73 -40.86
C CYS I 131 -33.62 26.46 -39.56
N ILE I 132 -32.30 26.31 -39.65
CA ILE I 132 -31.55 25.60 -38.64
C ILE I 132 -30.87 26.54 -37.66
N PHE I 133 -30.99 27.84 -37.91
CA PHE I 133 -30.29 28.83 -37.09
C PHE I 133 -30.90 28.94 -35.69
N PRO I 134 -30.17 29.58 -34.76
CA PRO I 134 -30.70 29.68 -33.40
C PRO I 134 -32.01 30.46 -33.31
N ASP I 135 -32.99 29.90 -32.61
CA ASP I 135 -34.31 30.54 -32.46
C ASP I 135 -34.15 31.90 -31.78
N LYS I 136 -33.58 31.89 -30.57
CA LYS I 136 -33.20 33.14 -29.89
C LYS I 136 -32.04 33.74 -30.65
N THR I 137 -32.31 34.79 -31.42
CA THR I 137 -31.26 35.33 -32.28
C THR I 137 -31.32 36.82 -32.53
N THR I 138 -30.17 37.36 -32.93
CA THR I 138 -30.07 38.69 -33.47
C THR I 138 -30.34 38.56 -34.95
N TYR I 139 -31.00 39.57 -35.52
CA TYR I 139 -31.28 39.60 -36.96
C TYR I 139 -30.56 40.78 -37.59
N PRO I 140 -30.08 40.63 -38.85
CA PRO I 140 -30.23 39.46 -39.68
C PRO I 140 -29.18 38.40 -39.37
N ILE I 141 -29.57 37.17 -39.61
CA ILE I 141 -28.72 36.03 -39.41
C ILE I 141 -27.63 36.01 -40.50
N ASP I 142 -26.51 35.34 -40.23
CA ASP I 142 -25.46 35.09 -41.24
C ASP I 142 -24.59 33.89 -40.90
N GLU I 143 -23.80 33.48 -41.89
CA GLU I 143 -22.99 32.25 -41.79
C GLU I 143 -22.24 32.04 -40.47
N THR I 144 -21.88 33.14 -39.81
CA THR I 144 -21.15 33.10 -38.56
C THR I 144 -21.94 32.47 -37.42
N MET I 145 -23.26 32.59 -37.47
CA MET I 145 -24.11 32.40 -36.26
C MET I 145 -24.80 31.06 -36.21
N ILE I 146 -24.45 30.23 -37.16
CA ILE I 146 -25.02 28.91 -37.35
C ILE I 146 -25.17 28.02 -36.07
N HIS I 147 -24.23 28.07 -35.13
CA HIS I 147 -24.26 27.19 -33.94
C HIS I 147 -24.43 27.97 -32.66
N ASN I 148 -25.02 29.17 -32.77
CA ASN I 148 -25.05 30.12 -31.68
C ASN I 148 -26.36 30.04 -30.88
N GLY I 149 -26.71 28.86 -30.39
CA GLY I 149 -27.97 28.63 -29.66
C GLY I 149 -28.82 27.54 -30.29
N PRO I 150 -29.78 26.99 -29.53
CA PRO I 150 -30.55 25.87 -30.09
C PRO I 150 -31.55 26.32 -31.13
N PRO I 151 -31.90 25.42 -32.05
CA PRO I 151 -32.86 25.74 -33.10
C PRO I 151 -34.26 25.71 -32.56
N HIS I 152 -35.21 26.29 -33.28
CA HIS I 152 -36.64 26.13 -32.97
C HIS I 152 -37.00 24.67 -32.73
N ASN I 153 -37.89 24.42 -31.76
CA ASN I 153 -38.21 23.05 -31.34
C ASN I 153 -39.08 22.30 -32.36
N SER I 154 -39.78 23.01 -33.23
CA SER I 154 -40.58 22.34 -34.28
C SER I 154 -39.79 21.34 -35.13
N ASN I 155 -38.57 21.70 -35.56
CA ASN I 155 -37.84 20.87 -36.53
C ASN I 155 -36.41 20.55 -36.12
N PHE I 156 -36.20 20.37 -34.83
CA PHE I 156 -34.83 20.27 -34.32
C PHE I 156 -34.07 19.08 -34.83
N GLY I 157 -34.78 18.00 -35.13
CA GLY I 157 -34.18 16.81 -35.73
C GLY I 157 -33.52 17.11 -37.05
N TYR I 158 -34.25 17.73 -37.96
CA TYR I 158 -33.68 18.17 -39.25
C TYR I 158 -32.62 19.24 -39.05
N SER I 159 -32.95 20.25 -38.25
CA SER I 159 -32.04 21.35 -38.01
C SER I 159 -30.69 20.78 -37.65
N TYR I 160 -30.67 19.94 -36.62
CA TYR I 160 -29.41 19.48 -36.09
C TYR I 160 -28.63 18.61 -37.06
N ALA I 161 -29.34 17.77 -37.83
CA ALA I 161 -28.69 16.94 -38.86
C ALA I 161 -27.96 17.81 -39.88
N LYS I 162 -28.50 18.98 -40.17
CA LYS I 162 -27.86 19.95 -41.08
C LYS I 162 -26.70 20.64 -40.42
N ARG I 163 -26.88 20.97 -39.17
CA ARG I 163 -25.82 21.63 -38.43
C ARG I 163 -24.62 20.70 -38.41
N MET I 164 -24.86 19.40 -38.23
CA MET I 164 -23.76 18.42 -38.22
C MET I 164 -23.10 18.21 -39.59
N ILE I 165 -23.67 18.73 -40.67
CA ILE I 165 -22.93 18.79 -41.94
C ILE I 165 -21.78 19.80 -41.74
N ASP I 166 -22.11 21.01 -41.32
CA ASP I 166 -21.07 22.02 -41.08
C ASP I 166 -19.99 21.42 -40.22
N VAL I 167 -20.37 20.79 -39.11
CA VAL I 167 -19.41 20.10 -38.25
C VAL I 167 -18.53 19.04 -39.00
N GLN I 168 -19.13 18.08 -39.67
CA GLN I 168 -18.34 17.09 -40.39
C GLN I 168 -17.44 17.76 -41.45
N ASN I 169 -17.92 18.84 -42.07
CA ASN I 169 -17.15 19.55 -43.10
C ASN I 169 -15.85 20.05 -42.53
N ARG I 170 -15.94 20.78 -41.42
CA ARG I 170 -14.72 21.34 -40.87
C ARG I 170 -13.73 20.23 -40.44
N ALA I 171 -14.24 19.09 -39.95
CA ALA I 171 -13.38 18.02 -39.47
C ALA I 171 -12.59 17.35 -40.59
N TYR I 172 -13.29 17.00 -41.67
CA TYR I 172 -12.62 16.44 -42.85
C TYR I 172 -11.58 17.41 -43.36
N PHE I 173 -11.89 18.71 -43.33
CA PHE I 173 -10.99 19.78 -43.79
C PHE I 173 -9.83 20.07 -42.85
N GLN I 174 -10.07 20.01 -41.55
CA GLN I 174 -9.03 20.31 -40.60
C GLN I 174 -8.05 19.15 -40.43
N GLN I 175 -8.50 17.93 -40.74
CA GLN I 175 -7.71 16.69 -40.60
C GLN I 175 -7.11 16.18 -41.91
N TYR I 176 -7.76 16.46 -43.05
CA TYR I 176 -7.31 15.94 -44.37
C TYR I 176 -7.18 16.98 -45.49
N GLY I 177 -7.54 18.23 -45.21
CA GLY I 177 -7.53 19.27 -46.24
C GLY I 177 -8.55 19.01 -47.34
N CYS I 178 -9.73 18.53 -46.96
CA CYS I 178 -10.80 18.34 -47.92
C CYS I 178 -11.56 19.63 -48.11
N THR I 179 -11.79 19.99 -49.37
CA THR I 179 -12.64 21.13 -49.69
C THR I 179 -14.10 20.67 -49.77
N PHE I 180 -14.63 20.36 -48.58
CA PHE I 180 -16.01 19.99 -48.35
C PHE I 180 -16.68 21.20 -47.70
N THR I 181 -17.63 21.82 -48.41
CA THR I 181 -18.30 23.01 -47.90
C THR I 181 -19.81 22.83 -48.09
N ALA I 182 -20.54 23.93 -48.00
CA ALA I 182 -21.99 23.90 -48.12
C ALA I 182 -22.61 25.25 -48.52
N VAL I 183 -23.85 25.20 -48.97
CA VAL I 183 -24.64 26.41 -49.17
C VAL I 183 -25.80 26.38 -48.19
N ILE I 184 -26.34 27.57 -47.92
CA ILE I 184 -27.47 27.73 -47.04
C ILE I 184 -28.59 28.47 -47.77
N PRO I 185 -29.55 27.72 -48.34
CA PRO I 185 -30.69 28.32 -48.98
C PRO I 185 -31.78 28.68 -47.98
N THR I 186 -32.51 29.74 -48.28
CA THR I 186 -33.76 30.04 -47.59
C THR I 186 -34.82 29.09 -48.15
N ASN I 187 -36.05 29.21 -47.63
CA ASN I 187 -37.20 28.55 -48.22
C ASN I 187 -37.24 28.64 -49.76
N VAL I 188 -37.30 27.47 -50.40
CA VAL I 188 -37.18 27.35 -51.83
C VAL I 188 -38.53 26.91 -52.38
N PHE I 189 -38.78 27.20 -53.65
CA PHE I 189 -40.02 26.82 -54.31
C PHE I 189 -39.83 26.82 -55.83
N GLY I 190 -40.65 26.05 -56.53
CA GLY I 190 -40.66 26.08 -58.00
C GLY I 190 -41.23 24.83 -58.62
N PRO I 191 -41.07 24.66 -59.95
CA PRO I 191 -41.48 23.44 -60.60
C PRO I 191 -40.91 22.20 -59.90
N HIS I 192 -41.61 21.09 -60.03
CA HIS I 192 -41.16 19.79 -59.53
C HIS I 192 -41.04 19.70 -58.00
N ASP I 193 -41.64 20.67 -57.30
CA ASP I 193 -41.73 20.69 -55.84
C ASP I 193 -42.57 19.51 -55.33
N ASN I 194 -42.63 19.36 -54.00
CA ASN I 194 -43.63 18.50 -53.39
C ASN I 194 -44.83 19.39 -53.11
N PHE I 195 -45.91 19.08 -53.80
CA PHE I 195 -47.16 19.84 -53.69
C PHE I 195 -48.16 19.13 -52.76
N ASN I 196 -47.76 18.02 -52.18
CA ASN I 196 -48.54 17.38 -51.12
C ASN I 196 -48.84 18.39 -50.00
N ILE I 197 -50.10 18.63 -49.71
CA ILE I 197 -50.48 19.74 -48.83
C ILE I 197 -50.10 19.47 -47.38
N GLU I 198 -50.35 18.25 -46.94
CA GLU I 198 -50.01 17.81 -45.58
C GLU I 198 -48.50 17.96 -45.32
N ASP I 199 -47.71 17.32 -46.17
CA ASP I 199 -46.28 17.11 -45.92
C ASP I 199 -45.34 18.15 -46.55
N GLY I 200 -45.88 19.06 -47.38
CA GLY I 200 -45.05 20.03 -48.11
C GLY I 200 -45.00 21.46 -47.58
N HIS I 201 -44.30 22.34 -48.29
CA HIS I 201 -44.08 23.72 -47.86
C HIS I 201 -45.21 24.70 -48.21
N VAL I 202 -45.21 25.84 -47.55
CA VAL I 202 -46.31 26.81 -47.67
C VAL I 202 -46.69 27.19 -49.12
N LEU I 203 -45.73 27.61 -49.93
CA LEU I 203 -46.06 28.04 -51.31
C LEU I 203 -46.69 26.97 -52.23
N PRO I 204 -46.05 25.79 -52.39
CA PRO I 204 -46.73 24.70 -53.10
C PRO I 204 -48.05 24.28 -52.45
N GLY I 205 -48.06 24.12 -51.13
CA GLY I 205 -49.30 23.77 -50.44
C GLY I 205 -50.45 24.73 -50.70
N LEU I 206 -50.15 26.04 -50.83
CA LEU I 206 -51.16 27.05 -51.14
C LEU I 206 -51.60 26.95 -52.60
N ILE I 207 -50.61 26.77 -53.47
CA ILE I 207 -50.87 26.49 -54.88
C ILE I 207 -51.84 25.32 -55.10
N HIS I 208 -51.54 24.16 -54.52
CA HIS I 208 -52.44 22.99 -54.63
C HIS I 208 -53.80 23.39 -54.05
N LYS I 209 -53.75 24.07 -52.91
CA LYS I 209 -54.97 24.51 -52.24
C LYS I 209 -55.78 25.45 -53.13
N VAL I 210 -55.11 26.37 -53.81
CA VAL I 210 -55.80 27.32 -54.68
C VAL I 210 -56.38 26.60 -55.89
N HIS I 211 -55.73 25.51 -56.30
CA HIS I 211 -56.18 24.69 -57.43
C HIS I 211 -57.45 23.89 -57.11
N LEU I 212 -57.46 23.27 -55.94
CA LEU I 212 -58.64 22.57 -55.44
C LEU I 212 -59.78 23.54 -55.12
N ALA I 213 -59.44 24.70 -54.56
CA ALA I 213 -60.43 25.75 -54.28
C ALA I 213 -61.16 26.26 -55.53
N LYS I 214 -60.40 26.57 -56.59
CA LYS I 214 -61.00 27.07 -57.83
C LYS I 214 -61.93 26.03 -58.37
N SER I 215 -61.47 24.78 -58.33
CA SER I 215 -62.18 23.63 -58.90
C SER I 215 -63.44 23.22 -58.13
N SER I 216 -63.43 23.43 -56.82
CA SER I 216 -64.50 23.03 -55.91
C SER I 216 -65.51 24.16 -55.62
N GLY I 217 -65.14 25.40 -55.93
CA GLY I 217 -65.90 26.56 -55.46
C GLY I 217 -65.64 26.83 -53.98
N SER I 218 -64.56 26.27 -53.43
CA SER I 218 -64.28 26.39 -52.01
C SER I 218 -63.52 27.66 -51.66
N ALA I 219 -63.53 28.01 -50.38
CA ALA I 219 -62.67 29.04 -49.86
C ALA I 219 -61.25 28.50 -49.85
N LEU I 220 -60.28 29.42 -49.74
CA LEU I 220 -58.88 29.08 -49.47
C LEU I 220 -58.63 29.23 -47.97
N THR I 221 -58.03 28.20 -47.38
CA THR I 221 -57.70 28.16 -45.96
C THR I 221 -56.17 28.26 -45.82
N VAL I 222 -55.70 29.43 -45.44
CA VAL I 222 -54.29 29.68 -45.20
C VAL I 222 -54.05 29.29 -43.74
N TRP I 223 -53.09 28.39 -43.51
CA TRP I 223 -52.83 27.92 -42.15
C TRP I 223 -52.13 29.02 -41.32
N GLY I 224 -52.31 28.96 -39.99
CA GLY I 224 -51.69 29.93 -39.08
C GLY I 224 -52.35 31.31 -39.08
N THR I 225 -51.59 32.33 -38.68
CA THR I 225 -52.14 33.67 -38.64
C THR I 225 -51.92 34.44 -39.92
N GLY I 226 -50.89 34.06 -40.67
CA GLY I 226 -50.48 34.80 -41.85
C GLY I 226 -49.41 35.88 -41.65
N ASN I 227 -49.07 36.18 -40.39
CA ASN I 227 -48.09 37.23 -40.03
C ASN I 227 -46.61 36.81 -40.02
N PRO I 228 -46.30 35.50 -39.92
CA PRO I 228 -44.87 35.17 -40.03
C PRO I 228 -44.22 35.65 -41.34
N ARG I 229 -42.90 35.77 -41.30
CA ARG I 229 -42.10 36.37 -42.38
C ARG I 229 -41.19 35.31 -43.01
N ARG I 230 -41.02 35.33 -44.33
CA ARG I 230 -40.12 34.35 -44.98
C ARG I 230 -39.42 34.93 -46.19
N GLN I 231 -38.20 34.44 -46.44
CA GLN I 231 -37.46 34.74 -47.65
C GLN I 231 -37.55 33.54 -48.59
N PHE I 232 -37.99 33.77 -49.83
CA PHE I 232 -38.22 32.68 -50.79
C PHE I 232 -37.32 32.77 -52.02
N ILE I 233 -36.62 31.68 -52.33
CA ILE I 233 -35.70 31.64 -53.45
C ILE I 233 -36.26 30.69 -54.53
N TYR I 234 -36.24 31.17 -55.77
CA TYR I 234 -36.78 30.42 -56.88
C TYR I 234 -35.76 29.34 -57.21
N SER I 235 -36.24 28.12 -57.48
CA SER I 235 -35.36 26.95 -57.67
C SER I 235 -34.30 27.17 -58.73
N LEU I 236 -34.68 27.84 -59.82
CA LEU I 236 -33.74 28.16 -60.91
C LEU I 236 -32.68 29.19 -60.51
N ASP I 237 -33.10 30.25 -59.79
CA ASP I 237 -32.13 31.23 -59.25
C ASP I 237 -31.14 30.51 -58.35
N LEU I 238 -31.66 29.62 -57.51
CA LEU I 238 -30.83 28.84 -56.61
C LEU I 238 -29.92 27.89 -57.36
N ALA I 239 -30.44 27.21 -58.37
CA ALA I 239 -29.63 26.33 -59.23
C ALA I 239 -28.43 27.05 -59.88
N GLN I 240 -28.65 28.27 -60.38
CA GLN I 240 -27.56 29.05 -61.01
C GLN I 240 -26.50 29.48 -60.01
N LEU I 241 -26.90 29.76 -58.78
CA LEU I 241 -25.91 30.06 -57.77
C LEU I 241 -25.18 28.78 -57.39
N PHE I 242 -25.94 27.71 -57.19
CA PHE I 242 -25.38 26.40 -56.89
C PHE I 242 -24.27 26.04 -57.89
N ILE I 243 -24.52 26.29 -59.17
CA ILE I 243 -23.55 25.96 -60.21
C ILE I 243 -22.31 26.84 -60.02
N TRP I 244 -22.51 28.13 -59.81
CA TRP I 244 -21.39 29.00 -59.61
C TRP I 244 -20.60 28.58 -58.37
N VAL I 245 -21.29 28.20 -57.29
CA VAL I 245 -20.63 27.77 -56.06
C VAL I 245 -19.69 26.57 -56.30
N LEU I 246 -20.23 25.48 -56.83
CA LEU I 246 -19.42 24.29 -57.15
C LEU I 246 -18.12 24.61 -57.90
N ARG I 247 -18.19 25.61 -58.79
CA ARG I 247 -17.08 25.98 -59.68
C ARG I 247 -16.14 27.00 -59.04
N GLU I 248 -16.67 28.17 -58.69
CA GLU I 248 -15.82 29.27 -58.23
C GLU I 248 -15.57 29.36 -56.72
N TYR I 249 -16.56 29.02 -55.90
CA TYR I 249 -16.48 29.24 -54.45
C TYR I 249 -15.69 28.13 -53.78
N ASN I 250 -14.62 28.50 -53.06
CA ASN I 250 -13.71 27.50 -52.46
C ASN I 250 -13.40 27.63 -50.94
N GLU I 251 -14.20 28.40 -50.23
CA GLU I 251 -14.14 28.39 -48.77
C GLU I 251 -14.76 27.08 -48.24
N VAL I 252 -14.50 26.78 -46.97
CA VAL I 252 -15.13 25.66 -46.28
C VAL I 252 -16.30 26.15 -45.43
N GLU I 253 -16.17 27.35 -44.86
CA GLU I 253 -17.30 28.06 -44.25
C GLU I 253 -18.42 28.18 -45.28
N PRO I 254 -19.66 27.78 -44.90
CA PRO I 254 -20.75 27.83 -45.89
C PRO I 254 -21.10 29.24 -46.32
N ILE I 255 -21.93 29.32 -47.37
CA ILE I 255 -22.45 30.60 -47.91
C ILE I 255 -23.95 30.57 -48.04
N ILE I 256 -24.59 31.66 -47.61
CA ILE I 256 -26.03 31.84 -47.68
C ILE I 256 -26.44 32.24 -49.10
N LEU I 257 -27.35 31.45 -49.67
CA LEU I 257 -28.02 31.78 -50.94
C LEU I 257 -29.49 32.18 -50.68
N SER I 258 -29.71 33.48 -50.66
CA SER I 258 -31.00 34.05 -50.26
C SER I 258 -31.23 35.32 -51.02
N VAL I 259 -32.49 35.59 -51.28
CA VAL I 259 -32.87 36.89 -51.77
C VAL I 259 -32.63 37.84 -50.59
N GLY I 260 -32.57 39.14 -50.86
CA GLY I 260 -32.15 40.12 -49.87
C GLY I 260 -33.07 40.28 -48.68
N GLU I 261 -32.61 41.12 -47.76
CA GLU I 261 -33.35 41.53 -46.55
C GLU I 261 -34.68 42.19 -46.90
N GLU I 262 -34.61 43.19 -47.79
CA GLU I 262 -35.78 43.97 -48.20
C GLU I 262 -36.84 43.12 -48.90
N ASP I 263 -36.44 41.98 -49.44
CA ASP I 263 -37.37 41.16 -50.22
C ASP I 263 -38.13 40.10 -49.39
N GLU I 264 -38.05 40.21 -48.06
CA GLU I 264 -38.75 39.32 -47.13
C GLU I 264 -40.23 39.67 -47.02
N VAL I 265 -41.04 38.65 -46.81
CA VAL I 265 -42.48 38.73 -46.99
C VAL I 265 -43.24 37.96 -45.92
N SER I 266 -44.44 38.41 -45.65
CA SER I 266 -45.31 37.69 -44.76
C SER I 266 -45.93 36.54 -45.53
N ILE I 267 -46.38 35.54 -44.78
CA ILE I 267 -47.21 34.47 -45.28
C ILE I 267 -48.45 35.05 -45.99
N LYS I 268 -49.05 36.09 -45.43
CA LYS I 268 -50.25 36.71 -46.03
C LYS I 268 -50.01 37.18 -47.48
N GLU I 269 -48.90 37.87 -47.72
CA GLU I 269 -48.60 38.37 -49.07
C GLU I 269 -48.29 37.22 -50.03
N ALA I 270 -47.51 36.25 -49.55
CA ALA I 270 -47.30 34.99 -50.27
C ALA I 270 -48.64 34.42 -50.74
N ALA I 271 -49.56 34.16 -49.80
CA ALA I 271 -50.88 33.63 -50.16
C ALA I 271 -51.46 34.51 -51.25
N GLU I 272 -51.60 35.80 -50.98
CA GLU I 272 -52.15 36.73 -51.95
C GLU I 272 -51.50 36.59 -53.34
N ALA I 273 -50.18 36.42 -53.36
CA ALA I 273 -49.43 36.34 -54.62
C ALA I 273 -49.86 35.14 -55.44
N VAL I 274 -49.96 33.98 -54.78
CA VAL I 274 -50.51 32.76 -55.39
C VAL I 274 -51.90 33.07 -55.91
N VAL I 275 -52.76 33.59 -55.03
CA VAL I 275 -54.13 34.02 -55.38
C VAL I 275 -54.19 34.84 -56.67
N GLU I 276 -53.51 35.98 -56.69
CA GLU I 276 -53.48 36.84 -57.87
C GLU I 276 -53.15 36.04 -59.11
N ALA I 277 -52.09 35.25 -59.01
CA ALA I 277 -51.54 34.54 -60.14
C ALA I 277 -52.52 33.53 -60.71
N MET I 278 -53.24 32.82 -59.82
CA MET I 278 -54.13 31.73 -60.24
C MET I 278 -55.57 32.22 -60.42
N ASP I 279 -55.70 33.55 -60.54
CA ASP I 279 -56.96 34.25 -60.76
C ASP I 279 -58.07 33.83 -59.81
N PHE I 280 -57.71 33.37 -58.61
CA PHE I 280 -58.70 32.95 -57.60
C PHE I 280 -59.57 34.13 -57.18
N HIS I 281 -60.88 33.91 -57.10
CA HIS I 281 -61.82 34.97 -56.72
C HIS I 281 -62.76 34.59 -55.58
N GLY I 282 -62.45 33.49 -54.88
CA GLY I 282 -63.26 33.04 -53.74
C GLY I 282 -62.76 33.67 -52.45
N GLU I 283 -63.35 33.30 -51.32
CA GLU I 283 -62.93 33.84 -50.02
C GLU I 283 -61.56 33.30 -49.59
N VAL I 284 -60.89 34.11 -48.78
CA VAL I 284 -59.58 33.77 -48.23
C VAL I 284 -59.69 33.80 -46.70
N THR I 285 -59.46 32.66 -46.08
CA THR I 285 -59.68 32.44 -44.65
C THR I 285 -58.36 32.01 -44.01
N PHE I 286 -58.15 32.37 -42.74
CA PHE I 286 -56.98 31.92 -41.96
C PHE I 286 -57.41 31.03 -40.82
N ASP I 287 -56.69 29.92 -40.66
CA ASP I 287 -56.91 29.05 -39.53
C ASP I 287 -55.83 29.40 -38.53
N THR I 288 -56.20 30.18 -37.53
CA THR I 288 -55.23 30.68 -36.54
C THR I 288 -54.90 29.62 -35.46
N THR I 289 -55.66 28.53 -35.42
CA THR I 289 -55.39 27.41 -34.52
C THR I 289 -54.13 26.64 -34.96
N LYS I 290 -53.88 26.59 -36.28
CA LYS I 290 -52.68 25.96 -36.81
C LYS I 290 -51.42 26.76 -36.46
N SER I 291 -50.27 26.08 -36.54
CA SER I 291 -48.99 26.61 -36.08
C SER I 291 -48.37 27.53 -37.11
N ASP I 292 -47.87 28.67 -36.63
CA ASP I 292 -47.10 29.61 -37.45
C ASP I 292 -45.65 29.21 -37.50
N GLY I 293 -45.27 28.24 -36.68
CA GLY I 293 -43.87 27.87 -36.55
C GLY I 293 -42.97 29.02 -36.11
N GLN I 294 -41.74 28.99 -36.57
CA GLN I 294 -40.80 30.12 -36.44
C GLN I 294 -41.41 31.35 -37.12
N PHE I 295 -41.46 32.45 -36.36
CA PHE I 295 -42.02 33.69 -36.87
C PHE I 295 -41.13 34.27 -37.96
N LYS I 296 -39.82 34.23 -37.75
CA LYS I 296 -38.92 35.07 -38.51
C LYS I 296 -37.52 34.48 -38.46
N LYS I 297 -36.91 34.31 -39.63
CA LYS I 297 -35.53 33.83 -39.74
C LYS I 297 -34.78 34.70 -40.74
N THR I 298 -34.98 36.01 -40.62
CA THR I 298 -34.43 36.94 -41.58
C THR I 298 -32.93 36.70 -41.72
N ALA I 299 -32.47 36.55 -42.96
CA ALA I 299 -31.07 36.17 -43.22
C ALA I 299 -30.39 37.15 -44.18
N SER I 300 -29.09 37.36 -44.00
CA SER I 300 -28.31 38.24 -44.90
C SER I 300 -27.61 37.50 -46.05
N ASN I 301 -27.57 38.14 -47.22
CA ASN I 301 -26.76 37.67 -48.35
C ASN I 301 -25.52 38.56 -48.63
N SER I 302 -25.11 39.38 -47.67
CA SER I 302 -23.98 40.29 -47.91
C SER I 302 -22.76 39.52 -48.44
N LYS I 303 -22.51 38.32 -47.90
CA LYS I 303 -21.37 37.52 -48.36
C LYS I 303 -21.50 37.17 -49.85
N LEU I 304 -22.62 36.56 -50.20
CA LEU I 304 -22.88 36.17 -51.58
C LEU I 304 -22.83 37.39 -52.47
N ARG I 305 -23.18 38.55 -51.90
CA ARG I 305 -23.06 39.82 -52.62
C ARG I 305 -21.62 40.23 -52.90
N THR I 306 -20.72 40.07 -51.93
CA THR I 306 -19.31 40.38 -52.17
C THR I 306 -18.67 39.49 -53.26
N TYR I 307 -19.30 38.35 -53.55
CA TYR I 307 -18.86 37.50 -54.66
C TYR I 307 -19.56 37.90 -55.96
N LEU I 308 -20.90 37.85 -55.95
CA LEU I 308 -21.70 38.14 -57.15
C LEU I 308 -22.63 39.36 -56.95
N PRO I 309 -22.05 40.58 -56.87
CA PRO I 309 -22.79 41.81 -56.54
C PRO I 309 -23.94 42.16 -57.49
N ASP I 310 -23.85 41.73 -58.74
CA ASP I 310 -24.77 42.16 -59.79
C ASP I 310 -25.73 41.06 -60.25
N PHE I 311 -25.81 39.94 -59.53
CA PHE I 311 -26.80 38.89 -59.82
C PHE I 311 -28.19 39.48 -59.56
N ARG I 312 -29.15 39.15 -60.44
CA ARG I 312 -30.54 39.58 -60.23
C ARG I 312 -31.47 38.39 -59.99
N PHE I 313 -32.10 38.37 -58.82
CA PHE I 313 -33.10 37.35 -58.54
C PHE I 313 -34.36 37.61 -59.35
N THR I 314 -35.06 36.52 -59.68
CA THR I 314 -36.26 36.59 -60.48
C THR I 314 -37.37 37.05 -59.56
N PRO I 315 -37.99 38.22 -59.84
CA PRO I 315 -38.94 38.79 -58.90
C PRO I 315 -39.93 37.73 -58.39
N PHE I 316 -40.25 37.83 -57.10
CA PHE I 316 -41.07 36.85 -56.41
C PHE I 316 -42.36 36.56 -57.15
N LYS I 317 -43.18 37.60 -57.37
CA LYS I 317 -44.49 37.41 -57.98
C LYS I 317 -44.41 36.77 -59.35
N GLN I 318 -43.42 37.15 -60.13
CA GLN I 318 -43.17 36.50 -61.42
C GLN I 318 -42.92 35.00 -61.23
N ALA I 319 -42.02 34.66 -60.31
CA ALA I 319 -41.67 33.27 -60.02
C ALA I 319 -42.87 32.42 -59.56
N VAL I 320 -43.77 33.08 -58.82
CA VAL I 320 -45.04 32.49 -58.40
C VAL I 320 -45.99 32.28 -59.60
N LYS I 321 -46.02 33.22 -60.54
CA LYS I 321 -46.74 33.00 -61.81
C LYS I 321 -46.19 31.74 -62.53
N GLU I 322 -44.89 31.72 -62.79
CA GLU I 322 -44.26 30.59 -63.48
C GLU I 322 -44.45 29.27 -62.75
N THR I 323 -44.52 29.32 -61.42
CA THR I 323 -44.66 28.09 -60.62
C THR I 323 -46.08 27.55 -60.62
N CYS I 324 -47.06 28.43 -60.48
CA CYS I 324 -48.48 28.06 -60.62
C CYS I 324 -48.85 27.54 -62.04
N ALA I 325 -48.29 28.16 -63.06
CA ALA I 325 -48.47 27.71 -64.45
C ALA I 325 -47.84 26.33 -64.60
N TRP I 326 -46.70 26.12 -63.96
CA TRP I 326 -46.06 24.83 -64.03
C TRP I 326 -46.95 23.81 -63.37
N PHE I 327 -47.38 24.07 -62.15
CA PHE I 327 -48.24 23.11 -61.45
C PHE I 327 -49.46 22.79 -62.26
N THR I 328 -50.13 23.85 -62.73
CA THR I 328 -51.40 23.73 -63.43
C THR I 328 -51.28 22.88 -64.72
N ASP I 329 -50.27 23.14 -65.55
CA ASP I 329 -50.06 22.35 -66.78
C ASP I 329 -49.26 21.05 -66.56
N ASN I 330 -48.88 20.74 -65.32
CA ASN I 330 -48.27 19.45 -64.99
C ASN I 330 -48.96 18.71 -63.84
N TYR I 331 -50.19 19.13 -63.53
CA TYR I 331 -50.94 18.67 -62.35
C TYR I 331 -50.94 17.15 -62.11
N GLU I 332 -51.07 16.36 -63.17
CA GLU I 332 -51.10 14.90 -63.05
C GLU I 332 -49.71 14.31 -62.71
N GLN I 333 -48.66 14.89 -63.27
CA GLN I 333 -47.32 14.36 -63.06
C GLN I 333 -46.74 14.81 -61.72
N ALA I 334 -47.21 15.95 -61.22
CA ALA I 334 -46.63 16.55 -60.01
C ALA I 334 -46.76 15.62 -58.79
N ARG I 335 -46.01 15.94 -57.74
CA ARG I 335 -46.01 15.16 -56.49
C ARG I 335 -47.06 15.72 -55.55
N LYS I 336 -48.08 14.93 -55.24
CA LYS I 336 -49.31 15.47 -54.66
C LYS I 336 -50.05 14.42 -53.84
N MET J 23 53.71 -33.81 -14.11
CA MET J 23 53.08 -33.01 -15.22
C MET J 23 53.34 -31.50 -15.06
N ARG J 24 53.99 -30.90 -16.06
CA ARG J 24 54.17 -29.46 -16.11
C ARG J 24 53.12 -28.92 -17.06
N ILE J 25 52.03 -28.39 -16.51
CA ILE J 25 50.86 -28.03 -17.30
C ILE J 25 50.79 -26.53 -17.53
N LEU J 26 50.77 -26.12 -18.81
CA LEU J 26 50.78 -24.70 -19.17
C LEU J 26 49.42 -24.25 -19.75
N VAL J 27 48.80 -23.29 -19.06
CA VAL J 27 47.49 -22.81 -19.45
C VAL J 27 47.63 -21.39 -19.97
N THR J 28 47.60 -21.25 -21.30
CA THR J 28 47.59 -19.93 -21.95
C THR J 28 46.19 -19.37 -21.79
N GLY J 29 46.05 -18.05 -21.91
CA GLY J 29 44.76 -17.39 -21.73
C GLY J 29 44.13 -17.67 -20.38
N GLY J 30 44.96 -17.96 -19.38
CA GLY J 30 44.48 -18.30 -18.05
C GLY J 30 43.84 -17.17 -17.26
N SER J 31 43.99 -15.94 -17.75
CA SER J 31 43.34 -14.78 -17.13
C SER J 31 41.93 -14.52 -17.69
N GLY J 32 41.59 -15.15 -18.80
CA GLY J 32 40.29 -14.95 -19.43
C GLY J 32 39.15 -15.64 -18.71
N LEU J 33 37.95 -15.51 -19.25
CA LEU J 33 36.75 -16.15 -18.71
C LEU J 33 37.07 -17.58 -18.29
N VAL J 34 37.37 -18.42 -19.27
CA VAL J 34 37.53 -19.86 -19.05
C VAL J 34 38.71 -20.16 -18.14
N GLY J 35 39.80 -19.46 -18.38
CA GLY J 35 41.05 -19.67 -17.66
C GLY J 35 40.95 -19.41 -16.18
N LYS J 36 40.02 -18.56 -15.77
CA LYS J 36 39.86 -18.23 -14.37
C LYS J 36 39.04 -19.34 -13.70
N ALA J 37 37.97 -19.74 -14.38
CA ALA J 37 37.18 -20.92 -14.03
C ALA J 37 38.10 -22.11 -13.73
N ILE J 38 39.07 -22.35 -14.60
CA ILE J 38 40.07 -23.42 -14.39
C ILE J 38 40.95 -23.16 -13.14
N GLN J 39 41.19 -21.89 -12.83
CA GLN J 39 41.97 -21.49 -11.65
C GLN J 39 41.17 -21.57 -10.33
N LYS J 40 39.86 -21.42 -10.43
CA LYS J 40 39.00 -21.64 -9.28
C LYS J 40 39.04 -23.13 -8.96
N VAL J 41 38.63 -23.94 -9.93
CA VAL J 41 38.51 -25.38 -9.75
C VAL J 41 39.79 -26.03 -9.23
N VAL J 42 40.94 -25.53 -9.66
CA VAL J 42 42.23 -26.08 -9.24
C VAL J 42 42.60 -25.60 -7.85
N ALA J 43 42.52 -24.29 -7.63
CA ALA J 43 42.87 -23.72 -6.33
C ALA J 43 41.98 -24.26 -5.22
N ASP J 44 40.73 -24.60 -5.57
CA ASP J 44 39.78 -25.19 -4.61
C ASP J 44 40.07 -26.66 -4.29
N GLY J 45 40.93 -27.32 -5.07
CA GLY J 45 41.46 -28.64 -4.70
C GLY J 45 41.40 -29.77 -5.71
N ALA J 46 40.94 -29.50 -6.94
CA ALA J 46 40.86 -30.53 -7.98
C ALA J 46 42.23 -30.99 -8.47
N GLY J 47 43.27 -30.18 -8.27
CA GLY J 47 44.63 -30.53 -8.66
C GLY J 47 45.17 -31.79 -8.01
N LEU J 48 45.62 -32.73 -8.84
CA LEU J 48 46.16 -34.01 -8.36
C LEU J 48 47.61 -33.82 -7.88
N PRO J 49 48.07 -34.65 -6.93
CA PRO J 49 49.50 -34.60 -6.64
C PRO J 49 50.38 -34.85 -7.89
N GLY J 50 51.50 -34.14 -7.99
CA GLY J 50 52.41 -34.23 -9.15
C GLY J 50 51.98 -33.38 -10.35
N GLU J 51 51.26 -32.29 -10.07
CA GLU J 51 50.78 -31.37 -11.10
C GLU J 51 51.18 -29.93 -10.80
N ASP J 52 52.17 -29.43 -11.54
CA ASP J 52 52.48 -28.01 -11.55
C ASP J 52 51.55 -27.38 -12.62
N TRP J 53 50.75 -26.38 -12.21
CA TRP J 53 49.92 -25.60 -13.12
C TRP J 53 50.44 -24.15 -13.19
N VAL J 54 50.93 -23.73 -14.35
CA VAL J 54 51.36 -22.35 -14.58
C VAL J 54 50.35 -21.66 -15.51
N PHE J 55 49.75 -20.56 -15.02
CA PHE J 55 48.71 -19.82 -15.75
C PHE J 55 49.30 -18.53 -16.26
N VAL J 56 49.12 -18.23 -17.55
CA VAL J 56 49.71 -17.04 -18.14
C VAL J 56 48.71 -16.20 -18.93
N SER J 57 49.05 -14.93 -19.09
CA SER J 57 48.27 -13.97 -19.85
C SER J 57 49.21 -13.20 -20.78
N SER J 58 48.67 -12.28 -21.57
CA SER J 58 49.49 -11.50 -22.54
C SER J 58 50.71 -10.85 -21.91
N LYS J 59 50.55 -10.41 -20.66
CA LYS J 59 51.67 -9.93 -19.84
C LYS J 59 52.90 -10.86 -19.95
N ASP J 60 52.69 -12.17 -19.93
CA ASP J 60 53.79 -13.13 -19.91
C ASP J 60 54.42 -13.31 -21.27
N ALA J 61 53.67 -13.02 -22.33
CA ALA J 61 54.13 -13.30 -23.69
C ALA J 61 53.03 -12.98 -24.69
N ASP J 62 53.32 -12.07 -25.62
CA ASP J 62 52.43 -11.89 -26.75
C ASP J 62 52.59 -13.14 -27.59
N LEU J 63 51.56 -13.96 -27.61
CA LEU J 63 51.65 -15.25 -28.28
C LEU J 63 51.58 -15.14 -29.81
N THR J 64 51.35 -13.93 -30.32
CA THR J 64 51.44 -13.63 -31.75
C THR J 64 52.90 -13.38 -32.20
N ASP J 65 53.77 -13.04 -31.25
CA ASP J 65 55.20 -12.89 -31.53
C ASP J 65 55.86 -14.23 -31.29
N THR J 66 56.50 -14.77 -32.33
CA THR J 66 57.08 -16.11 -32.29
C THR J 66 58.15 -16.20 -31.24
N ALA J 67 59.09 -15.27 -31.32
CA ALA J 67 60.24 -15.25 -30.44
C ALA J 67 59.80 -15.20 -28.98
N GLN J 68 58.79 -14.38 -28.70
CA GLN J 68 58.29 -14.29 -27.32
C GLN J 68 57.75 -15.65 -26.90
N THR J 69 56.86 -16.19 -27.73
CA THR J 69 56.19 -17.45 -27.42
C THR J 69 57.20 -18.55 -27.12
N ARG J 70 58.24 -18.64 -27.95
CA ARG J 70 59.28 -19.68 -27.84
C ARG J 70 60.00 -19.69 -26.48
N ALA J 71 60.40 -18.50 -26.03
CA ALA J 71 61.09 -18.32 -24.74
C ALA J 71 60.26 -18.78 -23.54
N LEU J 72 58.98 -18.42 -23.51
CA LEU J 72 58.06 -18.88 -22.46
C LEU J 72 57.96 -20.40 -22.41
N PHE J 73 57.90 -21.01 -23.58
CA PHE J 73 57.96 -22.47 -23.67
C PHE J 73 59.35 -22.99 -23.30
N GLU J 74 60.37 -22.16 -23.51
CA GLU J 74 61.73 -22.47 -23.06
C GLU J 74 61.80 -22.33 -21.54
N LYS J 75 61.40 -21.17 -21.03
CA LYS J 75 61.41 -20.90 -19.60
C LYS J 75 60.68 -22.00 -18.86
N VAL J 76 59.38 -22.14 -19.14
CA VAL J 76 58.61 -23.27 -18.62
C VAL J 76 59.06 -24.49 -19.41
N GLN J 77 59.13 -25.64 -18.75
CA GLN J 77 59.31 -26.91 -19.46
C GLN J 77 58.03 -27.70 -19.32
N PRO J 78 57.00 -27.34 -20.11
CA PRO J 78 55.69 -27.98 -19.97
C PRO J 78 55.60 -29.39 -20.56
N THR J 79 54.94 -30.28 -19.84
CA THR J 79 54.61 -31.60 -20.34
C THR J 79 53.28 -31.54 -21.08
N HIS J 80 52.36 -30.71 -20.57
CA HIS J 80 50.99 -30.58 -21.09
C HIS J 80 50.63 -29.13 -21.24
N VAL J 81 49.91 -28.80 -22.31
CA VAL J 81 49.48 -27.42 -22.54
C VAL J 81 47.96 -27.39 -22.72
N ILE J 82 47.31 -26.37 -22.15
CA ILE J 82 45.91 -26.04 -22.45
C ILE J 82 45.92 -24.66 -23.12
N HIS J 83 45.48 -24.61 -24.36
CA HIS J 83 45.64 -23.41 -25.13
C HIS J 83 44.30 -22.68 -25.25
N LEU J 84 44.09 -21.72 -24.34
CA LEU J 84 42.87 -20.90 -24.38
C LEU J 84 43.12 -19.57 -25.09
N ALA J 85 44.36 -19.12 -25.09
CA ALA J 85 44.71 -17.78 -25.60
C ALA J 85 44.19 -17.52 -26.99
N ALA J 86 43.26 -16.58 -27.09
CA ALA J 86 42.78 -16.15 -28.39
C ALA J 86 42.09 -14.80 -28.30
N MET J 87 42.07 -14.12 -29.44
CA MET J 87 41.20 -12.97 -29.64
C MET J 87 39.76 -13.51 -29.70
N VAL J 88 38.96 -13.15 -28.70
CA VAL J 88 37.59 -13.66 -28.51
C VAL J 88 36.65 -12.48 -28.41
N GLY J 89 35.47 -12.62 -29.00
CA GLY J 89 34.48 -11.55 -28.95
C GLY J 89 33.12 -11.93 -29.46
N GLY J 90 32.14 -11.11 -29.11
CA GLY J 90 30.76 -11.35 -29.49
C GLY J 90 30.51 -11.16 -30.97
N LEU J 91 29.26 -11.38 -31.35
CA LEU J 91 28.83 -11.42 -32.73
C LEU J 91 29.21 -10.15 -33.43
N PHE J 92 29.05 -9.06 -32.71
CA PHE J 92 29.18 -7.75 -33.31
C PHE J 92 30.64 -7.36 -33.46
N ARG J 93 31.49 -7.84 -32.55
CA ARG J 93 32.93 -7.63 -32.68
C ARG J 93 33.50 -8.40 -33.87
N ASN J 94 33.08 -9.68 -33.98
CA ASN J 94 33.52 -10.55 -35.06
C ASN J 94 33.24 -9.92 -36.42
N ILE J 95 32.05 -9.35 -36.58
CA ILE J 95 31.62 -8.67 -37.79
C ILE J 95 32.58 -7.56 -38.19
N LYS J 96 33.01 -6.77 -37.22
CA LYS J 96 33.90 -5.64 -37.51
C LYS J 96 35.34 -6.01 -37.85
N TYR J 97 35.82 -7.20 -37.46
CA TYR J 97 37.27 -7.48 -37.47
C TYR J 97 37.71 -8.89 -37.97
N ASN J 98 37.06 -9.40 -39.00
CA ASN J 98 37.36 -10.75 -39.51
C ASN J 98 38.80 -10.98 -39.92
N LEU J 99 39.50 -9.92 -40.35
CA LEU J 99 40.91 -9.99 -40.70
C LEU J 99 41.77 -10.19 -39.45
N ASP J 100 41.48 -9.45 -38.39
CA ASP J 100 42.25 -9.53 -37.14
C ASP J 100 42.00 -10.81 -36.41
N PHE J 101 40.75 -11.22 -36.37
CA PHE J 101 40.38 -12.50 -35.79
C PHE J 101 41.08 -13.65 -36.53
N TRP J 102 41.26 -13.49 -37.84
CA TRP J 102 41.94 -14.49 -38.66
C TRP J 102 43.46 -14.50 -38.47
N ARG J 103 44.06 -13.31 -38.51
CA ARG J 103 45.50 -13.22 -38.45
C ARG J 103 46.02 -13.43 -37.05
N LYS J 104 45.45 -12.72 -36.08
CA LYS J 104 46.01 -12.76 -34.72
C LYS J 104 45.85 -14.16 -34.11
N ASN J 105 44.77 -14.85 -34.46
CA ASN J 105 44.50 -16.19 -33.92
C ASN J 105 45.34 -17.28 -34.61
N VAL J 106 45.44 -17.19 -35.92
CA VAL J 106 46.27 -18.12 -36.68
C VAL J 106 47.69 -18.03 -36.14
N HIS J 107 48.17 -16.80 -35.88
CA HIS J 107 49.51 -16.57 -35.39
C HIS J 107 49.73 -17.15 -34.01
N MET J 108 48.80 -16.85 -33.09
CA MET J 108 48.86 -17.42 -31.73
C MET J 108 48.90 -18.92 -31.78
N ASN J 109 47.98 -19.48 -32.55
CA ASN J 109 47.84 -20.94 -32.62
C ASN J 109 49.06 -21.63 -33.25
N ASP J 110 49.73 -20.95 -34.17
CA ASP J 110 50.85 -21.53 -34.87
C ASP J 110 52.11 -21.45 -34.01
N ASN J 111 52.17 -20.43 -33.16
CA ASN J 111 53.30 -20.25 -32.26
C ASN J 111 53.19 -21.16 -31.04
N VAL J 112 52.02 -21.19 -30.42
CA VAL J 112 51.83 -22.06 -29.28
C VAL J 112 52.03 -23.51 -29.68
N LEU J 113 51.42 -23.91 -30.79
CA LEU J 113 51.48 -25.32 -31.17
C LEU J 113 52.89 -25.77 -31.56
N HIS J 114 53.59 -24.99 -32.37
CA HIS J 114 54.88 -25.42 -32.85
C HIS J 114 55.95 -25.36 -31.76
N SER J 115 55.79 -24.43 -30.82
CA SER J 115 56.64 -24.35 -29.63
C SER J 115 56.47 -25.61 -28.80
N ALA J 116 55.22 -25.91 -28.46
CA ALA J 116 54.85 -27.12 -27.70
C ALA J 116 55.32 -28.40 -28.39
N PHE J 117 55.29 -28.42 -29.73
CA PHE J 117 55.91 -29.50 -30.51
C PHE J 117 57.40 -29.60 -30.25
N GLU J 118 58.13 -28.50 -30.50
CA GLU J 118 59.59 -28.51 -30.40
C GLU J 118 60.13 -28.52 -28.95
N VAL J 119 59.32 -28.08 -27.98
CA VAL J 119 59.64 -28.27 -26.55
C VAL J 119 59.52 -29.75 -26.20
N GLY J 120 58.59 -30.43 -26.87
CA GLY J 120 58.40 -31.86 -26.69
C GLY J 120 57.26 -32.16 -25.74
N ALA J 121 56.20 -31.37 -25.83
CA ALA J 121 55.03 -31.56 -24.98
C ALA J 121 54.41 -32.93 -25.22
N ARG J 122 54.18 -33.68 -24.15
CA ARG J 122 53.46 -34.95 -24.26
C ARG J 122 52.04 -34.72 -24.80
N LYS J 123 51.36 -33.69 -24.34
CA LYS J 123 49.96 -33.45 -24.78
C LYS J 123 49.58 -31.97 -24.94
N VAL J 124 48.74 -31.69 -25.93
CA VAL J 124 48.18 -30.35 -26.09
C VAL J 124 46.68 -30.39 -26.35
N VAL J 125 45.92 -29.69 -25.52
CA VAL J 125 44.45 -29.60 -25.66
C VAL J 125 44.03 -28.16 -26.02
N SER J 126 43.67 -27.94 -27.28
CA SER J 126 43.29 -26.59 -27.77
C SER J 126 41.76 -26.37 -27.79
N CYS J 127 41.35 -25.13 -28.02
CA CYS J 127 39.98 -24.71 -27.73
C CYS J 127 39.23 -24.19 -28.96
N LEU J 128 38.45 -25.07 -29.58
CA LEU J 128 37.61 -24.70 -30.71
C LEU J 128 36.31 -24.09 -30.20
N SER J 129 35.26 -24.07 -31.02
CA SER J 129 34.00 -23.43 -30.65
C SER J 129 32.84 -23.85 -31.58
N THR J 130 31.61 -23.78 -31.08
CA THR J 130 30.44 -24.19 -31.88
C THR J 130 30.05 -23.16 -32.92
N CYS J 131 30.61 -21.95 -32.82
CA CYS J 131 30.60 -20.91 -33.87
C CYS J 131 30.94 -21.42 -35.24
N ILE J 132 31.93 -22.30 -35.29
CA ILE J 132 32.74 -22.47 -36.48
C ILE J 132 32.17 -23.49 -37.43
N PHE J 133 31.11 -24.18 -37.02
CA PHE J 133 30.53 -25.22 -37.87
C PHE J 133 29.92 -24.65 -39.13
N PRO J 134 29.66 -25.53 -40.12
CA PRO J 134 29.14 -25.01 -41.36
C PRO J 134 27.79 -24.42 -41.10
N ASP J 135 27.43 -23.40 -41.87
CA ASP J 135 26.19 -22.71 -41.69
C ASP J 135 25.03 -23.48 -42.33
N LYS J 136 25.18 -23.96 -43.56
CA LYS J 136 24.18 -24.86 -44.14
C LYS J 136 24.57 -26.29 -43.72
N THR J 137 23.69 -26.95 -42.95
CA THR J 137 24.03 -28.18 -42.21
C THR J 137 22.79 -28.90 -41.70
N THR J 138 22.94 -30.17 -41.37
CA THR J 138 21.94 -30.90 -40.61
C THR J 138 22.18 -30.59 -39.12
N TYR J 139 21.15 -30.81 -38.32
CA TYR J 139 21.19 -30.70 -36.84
C TYR J 139 20.76 -32.05 -36.25
N PRO J 140 21.26 -32.40 -35.06
CA PRO J 140 22.29 -31.70 -34.30
C PRO J 140 23.67 -31.82 -34.95
N ILE J 141 24.58 -30.94 -34.54
CA ILE J 141 25.94 -30.90 -35.06
C ILE J 141 26.90 -31.73 -34.20
N ASP J 142 27.82 -32.47 -34.83
CA ASP J 142 28.76 -33.32 -34.06
C ASP J 142 30.15 -33.30 -34.67
N GLU J 143 31.09 -33.87 -33.92
CA GLU J 143 32.54 -33.72 -34.17
C GLU J 143 32.97 -34.08 -35.58
N THR J 144 32.26 -35.04 -36.18
CA THR J 144 32.44 -35.44 -37.57
C THR J 144 32.35 -34.29 -38.53
N MET J 145 31.48 -33.33 -38.22
CA MET J 145 30.93 -32.44 -39.23
C MET J 145 31.65 -31.13 -39.33
N ILE J 146 32.68 -30.96 -38.51
CA ILE J 146 33.38 -29.66 -38.38
C ILE J 146 33.76 -28.93 -39.69
N HIS J 147 34.23 -29.65 -40.70
CA HIS J 147 34.70 -29.04 -41.97
C HIS J 147 33.73 -29.25 -43.17
N ASN J 148 32.47 -29.55 -42.88
CA ASN J 148 31.52 -29.94 -43.93
C ASN J 148 30.83 -28.76 -44.58
N GLY J 149 31.63 -27.77 -45.00
CA GLY J 149 31.11 -26.59 -45.67
C GLY J 149 31.48 -25.29 -44.98
N PRO J 150 31.11 -24.15 -45.61
CA PRO J 150 31.57 -22.90 -45.11
C PRO J 150 30.81 -22.55 -43.89
N PRO J 151 31.43 -21.82 -42.95
CA PRO J 151 30.73 -21.28 -41.80
C PRO J 151 29.94 -20.03 -42.18
N HIS J 152 29.39 -19.36 -41.17
CA HIS J 152 28.63 -18.10 -41.33
C HIS J 152 29.58 -16.94 -41.66
N ASN J 153 29.07 -15.94 -42.39
CA ASN J 153 29.95 -14.84 -42.89
C ASN J 153 30.35 -13.86 -41.79
N SER J 154 29.39 -13.54 -40.94
CA SER J 154 29.62 -12.70 -39.77
C SER J 154 30.97 -12.90 -39.09
N ASN J 155 31.48 -14.15 -39.07
CA ASN J 155 32.65 -14.51 -38.27
C ASN J 155 33.60 -15.50 -38.93
N PHE J 156 33.64 -15.51 -40.26
CA PHE J 156 34.48 -16.47 -40.96
C PHE J 156 35.97 -16.42 -40.55
N GLY J 157 36.47 -15.26 -40.19
CA GLY J 157 37.86 -15.13 -39.79
C GLY J 157 38.22 -16.05 -38.63
N TYR J 158 37.53 -15.86 -37.51
CA TYR J 158 37.77 -16.59 -36.28
C TYR J 158 37.51 -18.05 -36.50
N SER J 159 36.45 -18.35 -37.24
CA SER J 159 36.02 -19.73 -37.38
C SER J 159 37.03 -20.54 -38.13
N TYR J 160 37.53 -19.96 -39.23
CA TYR J 160 38.56 -20.61 -40.03
C TYR J 160 39.86 -20.74 -39.24
N ALA J 161 40.23 -19.70 -38.50
CA ALA J 161 41.41 -19.76 -37.62
C ALA J 161 41.31 -20.94 -36.66
N LYS J 162 40.10 -21.13 -36.14
CA LYS J 162 39.80 -22.17 -35.18
C LYS J 162 39.76 -23.53 -35.82
N ARG J 163 39.12 -23.65 -36.98
CA ARG J 163 39.16 -24.91 -37.76
C ARG J 163 40.59 -25.32 -38.03
N MET J 164 41.39 -24.36 -38.47
CA MET J 164 42.78 -24.65 -38.77
C MET J 164 43.53 -25.23 -37.57
N ILE J 165 43.09 -24.96 -36.33
CA ILE J 165 43.71 -25.66 -35.19
C ILE J 165 43.59 -27.14 -35.49
N ASP J 166 42.35 -27.59 -35.72
CA ASP J 166 42.08 -28.99 -35.98
C ASP J 166 43.02 -29.53 -37.03
N VAL J 167 43.14 -28.81 -38.14
CA VAL J 167 44.00 -29.24 -39.25
C VAL J 167 45.43 -29.40 -38.72
N GLN J 168 45.94 -28.33 -38.15
CA GLN J 168 47.27 -28.34 -37.57
C GLN J 168 47.44 -29.54 -36.65
N ASN J 169 46.50 -29.72 -35.71
CA ASN J 169 46.49 -30.92 -34.83
C ASN J 169 46.61 -32.21 -35.63
N ARG J 170 45.82 -32.30 -36.70
CA ARG J 170 45.79 -33.51 -37.50
C ARG J 170 47.10 -33.71 -38.26
N ALA J 171 47.76 -32.59 -38.61
CA ALA J 171 49.05 -32.67 -39.30
C ALA J 171 50.21 -33.03 -38.39
N TYR J 172 50.19 -32.62 -37.13
CA TYR J 172 51.26 -33.00 -36.17
C TYR J 172 51.16 -34.45 -35.76
N PHE J 173 49.94 -34.87 -35.43
CA PHE J 173 49.72 -36.25 -35.04
C PHE J 173 50.17 -37.15 -36.18
N GLN J 174 49.55 -37.01 -37.36
CA GLN J 174 49.85 -37.88 -38.49
C GLN J 174 51.37 -37.96 -38.86
N GLN J 175 52.08 -36.85 -38.70
CA GLN J 175 53.49 -36.74 -39.10
C GLN J 175 54.51 -37.04 -37.98
N TYR J 176 54.13 -36.87 -36.71
CA TYR J 176 55.06 -37.13 -35.60
C TYR J 176 54.49 -37.91 -34.42
N GLY J 177 53.25 -38.36 -34.51
CA GLY J 177 52.59 -39.05 -33.40
C GLY J 177 52.43 -38.21 -32.14
N CYS J 178 52.23 -36.90 -32.29
CA CYS J 178 51.90 -36.03 -31.15
C CYS J 178 50.42 -36.16 -30.85
N THR J 179 50.06 -36.30 -29.58
CA THR J 179 48.67 -36.14 -29.17
C THR J 179 48.36 -34.67 -28.89
N PHE J 180 48.09 -33.92 -29.95
CA PHE J 180 47.55 -32.56 -29.84
C PHE J 180 46.10 -32.71 -30.23
N THR J 181 45.19 -32.28 -29.36
CA THR J 181 43.77 -32.44 -29.61
C THR J 181 43.06 -31.15 -29.26
N ALA J 182 41.73 -31.20 -29.26
CA ALA J 182 40.93 -30.01 -28.95
C ALA J 182 39.54 -30.30 -28.37
N VAL J 183 39.01 -29.31 -27.66
CA VAL J 183 37.60 -29.31 -27.26
C VAL J 183 36.82 -28.25 -28.00
N ILE J 184 35.52 -28.46 -28.09
CA ILE J 184 34.63 -27.56 -28.78
C ILE J 184 33.49 -27.22 -27.83
N PRO J 185 33.68 -26.16 -27.02
CA PRO J 185 32.61 -25.77 -26.12
C PRO J 185 31.58 -24.94 -26.87
N THR J 186 30.36 -24.90 -26.34
CA THR J 186 29.32 -24.00 -26.87
C THR J 186 29.49 -22.66 -26.17
N ASN J 187 28.63 -21.71 -26.51
CA ASN J 187 28.66 -20.40 -25.89
C ASN J 187 28.85 -20.51 -24.36
N VAL J 188 29.97 -19.98 -23.87
CA VAL J 188 30.34 -20.10 -22.47
C VAL J 188 29.94 -18.82 -21.70
N PHE J 189 29.68 -18.98 -20.42
CA PHE J 189 29.37 -17.84 -19.58
C PHE J 189 29.79 -18.13 -18.13
N GLY J 190 29.83 -17.10 -17.30
CA GLY J 190 30.25 -17.26 -15.90
C GLY J 190 30.89 -16.01 -15.29
N PRO J 191 31.40 -16.13 -14.07
CA PRO J 191 32.21 -15.09 -13.48
C PRO J 191 33.42 -14.73 -14.33
N HIS J 192 33.97 -13.51 -14.11
CA HIS J 192 35.14 -12.98 -14.86
C HIS J 192 34.96 -12.89 -16.39
N ASP J 193 33.72 -12.72 -16.85
CA ASP J 193 33.44 -12.64 -18.28
C ASP J 193 33.74 -11.22 -18.80
N ASN J 194 33.84 -11.05 -20.12
CA ASN J 194 33.95 -9.71 -20.69
C ASN J 194 32.55 -9.10 -20.81
N PHE J 195 32.23 -8.20 -19.87
CA PHE J 195 30.90 -7.62 -19.81
C PHE J 195 30.77 -6.37 -20.66
N ASN J 196 31.77 -6.13 -21.51
CA ASN J 196 31.68 -5.12 -22.56
C ASN J 196 30.52 -5.39 -23.52
N ILE J 197 29.44 -4.67 -23.34
CA ILE J 197 28.26 -4.75 -24.19
C ILE J 197 28.61 -4.73 -25.68
N GLU J 198 29.42 -3.75 -26.09
CA GLU J 198 29.78 -3.58 -27.51
C GLU J 198 30.58 -4.76 -28.08
N ASP J 199 31.57 -5.21 -27.30
CA ASP J 199 32.53 -6.23 -27.76
C ASP J 199 32.19 -7.63 -27.29
N GLY J 200 31.29 -7.75 -26.32
CA GLY J 200 31.10 -9.01 -25.60
C GLY J 200 29.93 -9.85 -26.04
N HIS J 201 29.80 -11.00 -25.39
CA HIS J 201 28.73 -11.94 -25.73
C HIS J 201 27.39 -11.48 -25.16
N VAL J 202 26.31 -12.15 -25.60
CA VAL J 202 24.95 -11.74 -25.25
C VAL J 202 24.62 -11.83 -23.76
N LEU J 203 25.01 -12.91 -23.10
CA LEU J 203 24.73 -13.06 -21.67
C LEU J 203 25.48 -12.06 -20.80
N PRO J 204 26.82 -12.02 -20.88
CA PRO J 204 27.47 -10.95 -20.14
C PRO J 204 26.98 -9.55 -20.57
N GLY J 205 26.58 -9.41 -21.83
CA GLY J 205 26.07 -8.15 -22.35
C GLY J 205 24.72 -7.75 -21.79
N LEU J 206 23.85 -8.74 -21.58
CA LEU J 206 22.50 -8.50 -21.04
C LEU J 206 22.49 -8.24 -19.54
N ILE J 207 23.50 -8.72 -18.84
CA ILE J 207 23.57 -8.53 -17.41
C ILE J 207 23.90 -7.08 -17.18
N HIS J 208 24.99 -6.62 -17.81
CA HIS J 208 25.45 -5.25 -17.66
C HIS J 208 24.33 -4.29 -18.06
N LYS J 209 23.70 -4.54 -19.20
CA LYS J 209 22.55 -3.71 -19.63
C LYS J 209 21.47 -3.67 -18.54
N VAL J 210 21.09 -4.85 -18.05
CA VAL J 210 20.06 -4.96 -17.00
C VAL J 210 20.49 -4.22 -15.73
N HIS J 211 21.78 -4.28 -15.41
CA HIS J 211 22.35 -3.51 -14.32
C HIS J 211 22.22 -2.00 -14.57
N LEU J 212 22.54 -1.56 -15.79
CA LEU J 212 22.44 -0.13 -16.17
C LEU J 212 20.99 0.33 -16.19
N ALA J 213 20.13 -0.57 -16.65
CA ALA J 213 18.72 -0.31 -16.84
C ALA J 213 17.95 -0.30 -15.52
N LYS J 214 18.41 -1.07 -14.53
CA LYS J 214 17.81 -1.01 -13.18
C LYS J 214 18.02 0.38 -12.61
N SER J 215 19.28 0.74 -12.37
CA SER J 215 19.66 2.04 -11.80
C SER J 215 19.17 3.24 -12.62
N SER J 216 19.16 3.11 -13.95
CA SER J 216 18.78 4.22 -14.85
C SER J 216 17.29 4.54 -14.83
N GLY J 217 16.45 3.50 -14.83
CA GLY J 217 15.01 3.68 -15.09
C GLY J 217 14.71 3.46 -16.56
N SER J 218 15.76 3.33 -17.37
CA SER J 218 15.61 2.99 -18.76
C SER J 218 15.18 1.54 -18.84
N ALA J 219 14.51 1.19 -19.93
CA ALA J 219 14.09 -0.18 -20.20
C ALA J 219 15.32 -1.04 -20.55
N LEU J 220 15.12 -2.30 -20.92
CA LEU J 220 16.20 -3.12 -21.43
C LEU J 220 16.03 -3.30 -22.94
N THR J 221 17.07 -2.96 -23.70
CA THR J 221 17.05 -3.19 -25.15
C THR J 221 17.88 -4.43 -25.46
N VAL J 222 17.18 -5.49 -25.84
CA VAL J 222 17.76 -6.74 -26.25
C VAL J 222 17.96 -6.66 -27.74
N TRP J 223 19.13 -7.08 -28.23
CA TRP J 223 19.38 -6.96 -29.67
C TRP J 223 18.75 -8.11 -30.45
N GLY J 224 18.37 -7.85 -31.69
CA GLY J 224 17.75 -8.87 -32.54
C GLY J 224 16.33 -9.25 -32.18
N THR J 225 15.84 -10.30 -32.83
CA THR J 225 14.47 -10.77 -32.66
C THR J 225 14.25 -11.55 -31.36
N GLY J 226 15.33 -12.07 -30.78
CA GLY J 226 15.23 -12.90 -29.59
C GLY J 226 14.97 -14.36 -29.92
N ASN J 227 14.73 -14.63 -31.20
CA ASN J 227 14.34 -15.95 -31.67
C ASN J 227 15.47 -16.96 -31.93
N PRO J 228 16.73 -16.48 -32.11
CA PRO J 228 17.85 -17.41 -32.27
C PRO J 228 18.06 -18.35 -31.07
N ARG J 229 18.47 -19.58 -31.34
CA ARG J 229 18.58 -20.61 -30.31
C ARG J 229 20.05 -20.76 -29.93
N ARG J 230 20.34 -20.98 -28.66
CA ARG J 230 21.71 -21.21 -28.24
C ARG J 230 21.78 -22.25 -27.13
N GLN J 231 22.93 -22.92 -27.06
CA GLN J 231 23.33 -23.73 -25.91
C GLN J 231 24.42 -23.01 -25.12
N PHE J 232 24.18 -22.78 -23.84
CA PHE J 232 25.17 -22.15 -22.99
C PHE J 232 25.84 -23.17 -22.06
N ILE J 233 27.05 -22.85 -21.65
CA ILE J 233 27.77 -23.67 -20.69
C ILE J 233 28.43 -22.80 -19.63
N TYR J 234 28.11 -23.11 -18.38
CA TYR J 234 28.65 -22.41 -17.24
C TYR J 234 30.12 -22.74 -17.17
N SER J 235 30.97 -21.70 -17.16
CA SER J 235 32.43 -21.88 -17.14
C SER J 235 32.83 -22.94 -16.07
N LEU J 236 32.22 -22.87 -14.89
CA LEU J 236 32.52 -23.83 -13.81
C LEU J 236 32.36 -25.28 -14.22
N ASP J 237 31.44 -25.57 -15.12
CA ASP J 237 31.27 -26.93 -15.60
C ASP J 237 32.33 -27.17 -16.65
N LEU J 238 32.42 -26.25 -17.62
CA LEU J 238 33.43 -26.34 -18.67
C LEU J 238 34.82 -26.64 -18.10
N ALA J 239 35.20 -25.87 -17.08
CA ALA J 239 36.49 -26.06 -16.40
C ALA J 239 36.74 -27.54 -16.03
N GLN J 240 35.78 -28.16 -15.35
CA GLN J 240 35.91 -29.51 -14.81
C GLN J 240 36.08 -30.57 -15.91
N LEU J 241 35.45 -30.32 -17.05
CA LEU J 241 35.52 -31.21 -18.19
C LEU J 241 36.84 -31.01 -18.91
N PHE J 242 37.20 -29.74 -19.08
CA PHE J 242 38.48 -29.39 -19.68
C PHE J 242 39.61 -30.13 -18.98
N ILE J 243 39.63 -30.09 -17.63
CA ILE J 243 40.71 -30.72 -16.88
C ILE J 243 40.68 -32.22 -17.12
N TRP J 244 39.49 -32.82 -16.98
CA TRP J 244 39.35 -34.24 -17.26
C TRP J 244 39.98 -34.55 -18.61
N VAL J 245 39.57 -33.81 -19.64
CA VAL J 245 40.07 -34.03 -21.00
C VAL J 245 41.60 -34.07 -20.98
N LEU J 246 42.22 -33.15 -20.24
CA LEU J 246 43.69 -33.06 -20.18
C LEU J 246 44.34 -34.34 -19.64
N ARG J 247 43.66 -34.98 -18.70
CA ARG J 247 44.14 -36.20 -18.06
C ARG J 247 43.71 -37.43 -18.83
N GLU J 248 42.44 -37.52 -19.16
CA GLU J 248 41.82 -38.78 -19.56
C GLU J 248 41.49 -38.94 -21.07
N TYR J 249 41.35 -37.82 -21.81
CA TYR J 249 40.96 -37.86 -23.23
C TYR J 249 42.17 -37.88 -24.15
N ASN J 250 42.31 -38.95 -24.94
CA ASN J 250 43.52 -39.14 -25.76
C ASN J 250 43.27 -39.34 -27.27
N GLU J 251 42.16 -38.81 -27.78
CA GLU J 251 41.91 -38.83 -29.22
C GLU J 251 42.38 -37.51 -29.84
N VAL J 252 42.95 -37.59 -31.02
CA VAL J 252 43.27 -36.40 -31.82
C VAL J 252 41.97 -35.68 -32.23
N GLU J 253 40.99 -36.43 -32.71
CA GLU J 253 39.71 -35.84 -33.06
C GLU J 253 39.08 -35.14 -31.84
N PRO J 254 38.59 -33.90 -32.01
CA PRO J 254 38.18 -33.14 -30.83
C PRO J 254 36.95 -33.70 -30.16
N ILE J 255 36.50 -33.03 -29.11
CA ILE J 255 35.29 -33.42 -28.39
C ILE J 255 34.45 -32.21 -28.00
N ILE J 256 33.15 -32.30 -28.25
CA ILE J 256 32.24 -31.21 -27.94
C ILE J 256 32.00 -31.20 -26.44
N LEU J 257 32.14 -30.03 -25.84
CA LEU J 257 31.72 -29.86 -24.45
C LEU J 257 30.50 -28.97 -24.45
N SER J 258 29.34 -29.60 -24.34
CA SER J 258 28.08 -28.89 -24.34
C SER J 258 27.00 -29.52 -23.46
N VAL J 259 26.09 -28.64 -23.10
CA VAL J 259 24.82 -28.99 -22.53
C VAL J 259 24.09 -29.70 -23.66
N GLY J 260 23.14 -30.56 -23.34
CA GLY J 260 22.45 -31.38 -24.35
C GLY J 260 21.41 -30.60 -25.11
N GLU J 261 21.00 -31.12 -26.26
CA GLU J 261 20.04 -30.45 -27.18
C GLU J 261 18.81 -29.89 -26.46
N GLU J 262 18.32 -30.62 -25.49
CA GLU J 262 17.11 -30.24 -24.78
C GLU J 262 17.26 -28.94 -23.98
N ASP J 263 18.49 -28.60 -23.59
CA ASP J 263 18.74 -27.44 -22.75
C ASP J 263 19.11 -26.21 -23.55
N GLU J 264 19.12 -26.32 -24.87
CA GLU J 264 19.13 -25.13 -25.75
C GLU J 264 18.03 -24.15 -25.30
N VAL J 265 18.26 -22.86 -25.53
CA VAL J 265 17.30 -21.83 -25.14
C VAL J 265 17.36 -20.73 -26.18
N SER J 266 16.29 -19.96 -26.33
CA SER J 266 16.29 -18.88 -27.30
C SER J 266 16.93 -17.68 -26.64
N ILE J 267 17.17 -16.62 -27.42
CA ILE J 267 17.69 -15.38 -26.84
C ILE J 267 16.61 -14.77 -25.93
N LYS J 268 15.34 -14.85 -26.35
CA LYS J 268 14.23 -14.32 -25.57
C LYS J 268 14.25 -14.90 -24.15
N GLU J 269 14.38 -16.22 -24.04
CA GLU J 269 14.40 -16.89 -22.73
C GLU J 269 15.63 -16.51 -21.93
N ALA J 270 16.78 -16.49 -22.62
CA ALA J 270 18.06 -16.10 -22.01
C ALA J 270 17.87 -14.80 -21.23
N ALA J 271 17.43 -13.77 -21.95
CA ALA J 271 17.10 -12.47 -21.37
C ALA J 271 16.18 -12.58 -20.15
N GLU J 272 15.06 -13.27 -20.35
CA GLU J 272 14.10 -13.54 -19.27
C GLU J 272 14.76 -14.12 -18.01
N ALA J 273 15.80 -14.93 -18.20
CA ALA J 273 16.56 -15.49 -17.07
C ALA J 273 17.26 -14.36 -16.29
N VAL J 274 18.04 -13.58 -17.04
CA VAL J 274 18.81 -12.45 -16.52
C VAL J 274 17.93 -11.43 -15.79
N VAL J 275 16.73 -11.16 -16.32
CA VAL J 275 15.77 -10.24 -15.70
C VAL J 275 15.22 -10.74 -14.36
N GLU J 276 14.67 -11.95 -14.34
CA GLU J 276 14.13 -12.52 -13.09
C GLU J 276 15.25 -12.60 -12.06
N ALA J 277 16.38 -13.17 -12.47
CA ALA J 277 17.55 -13.25 -11.62
C ALA J 277 17.83 -11.93 -10.93
N MET J 278 18.02 -10.88 -11.74
CA MET J 278 18.40 -9.57 -11.22
C MET J 278 17.22 -8.70 -10.82
N ASP J 279 16.03 -9.30 -10.71
CA ASP J 279 14.85 -8.63 -10.15
C ASP J 279 14.46 -7.37 -10.92
N PHE J 280 14.78 -7.32 -12.22
CA PHE J 280 14.41 -6.20 -13.08
C PHE J 280 12.91 -6.24 -13.34
N HIS J 281 12.27 -5.07 -13.22
CA HIS J 281 10.83 -4.90 -13.37
C HIS J 281 10.42 -3.91 -14.47
N GLY J 282 11.40 -3.42 -15.24
CA GLY J 282 11.13 -2.43 -16.27
C GLY J 282 10.81 -3.07 -17.60
N GLU J 283 10.48 -2.23 -18.58
CA GLU J 283 10.15 -2.65 -19.94
C GLU J 283 11.21 -3.57 -20.58
N VAL J 284 10.77 -4.58 -21.34
CA VAL J 284 11.69 -5.47 -22.07
C VAL J 284 11.45 -5.36 -23.56
N THR J 285 12.42 -4.80 -24.25
CA THR J 285 12.25 -4.37 -25.62
C THR J 285 13.31 -4.98 -26.55
N PHE J 286 12.88 -5.34 -27.76
CA PHE J 286 13.75 -5.97 -28.76
C PHE J 286 14.00 -5.06 -29.94
N ASP J 287 15.26 -4.70 -30.17
CA ASP J 287 15.62 -3.92 -31.34
C ASP J 287 15.86 -4.85 -32.53
N THR J 288 14.82 -5.05 -33.34
CA THR J 288 14.84 -6.10 -34.37
C THR J 288 15.73 -5.78 -35.57
N THR J 289 16.29 -4.58 -35.60
CA THR J 289 17.12 -4.16 -36.71
C THR J 289 18.55 -4.68 -36.56
N LYS J 290 18.93 -5.04 -35.35
CA LYS J 290 20.29 -5.51 -35.11
C LYS J 290 20.43 -6.95 -35.53
N SER J 291 21.65 -7.38 -35.76
CA SER J 291 21.92 -8.70 -36.29
C SER J 291 21.55 -9.85 -35.32
N ASP J 292 20.95 -10.89 -35.91
CA ASP J 292 20.69 -12.14 -35.20
C ASP J 292 21.88 -13.03 -35.34
N GLY J 293 22.78 -12.74 -36.27
CA GLY J 293 23.90 -13.66 -36.50
C GLY J 293 23.34 -15.03 -36.84
N GLN J 294 24.03 -16.09 -36.46
CA GLN J 294 23.61 -17.43 -36.82
C GLN J 294 22.37 -17.78 -36.00
N PHE J 295 21.30 -18.19 -36.66
CA PHE J 295 20.06 -18.53 -35.97
C PHE J 295 20.19 -19.68 -34.94
N LYS J 296 21.05 -20.66 -35.21
CA LYS J 296 20.90 -21.96 -34.54
C LYS J 296 22.05 -22.90 -34.89
N LYS J 297 22.75 -23.39 -33.88
CA LYS J 297 23.92 -24.24 -34.06
C LYS J 297 23.84 -25.41 -33.08
N THR J 298 22.62 -25.91 -32.90
CA THR J 298 22.37 -26.98 -31.97
C THR J 298 23.46 -28.06 -32.13
N ALA J 299 24.27 -28.25 -31.09
CA ALA J 299 25.31 -29.29 -31.08
C ALA J 299 24.91 -30.53 -30.24
N SER J 300 25.44 -31.71 -30.60
CA SER J 300 25.19 -32.96 -29.83
C SER J 300 26.38 -33.36 -28.95
N ASN J 301 26.09 -33.93 -27.79
CA ASN J 301 27.14 -34.39 -26.88
C ASN J 301 27.16 -35.91 -26.61
N SER J 302 26.70 -36.67 -27.60
CA SER J 302 26.71 -38.14 -27.53
C SER J 302 28.12 -38.69 -27.31
N LYS J 303 29.11 -38.11 -28.00
CA LYS J 303 30.51 -38.50 -27.81
C LYS J 303 30.90 -38.33 -26.35
N LEU J 304 30.72 -37.12 -25.83
CA LEU J 304 31.04 -36.84 -24.43
C LEU J 304 30.36 -37.88 -23.51
N ARG J 305 29.06 -38.11 -23.72
CA ARG J 305 28.27 -38.96 -22.82
C ARG J 305 28.80 -40.36 -22.74
N THR J 306 29.23 -40.92 -23.86
CA THR J 306 29.91 -42.22 -23.80
C THR J 306 31.11 -42.20 -22.86
N TYR J 307 31.79 -41.06 -22.75
CA TYR J 307 32.91 -40.88 -21.80
C TYR J 307 32.48 -40.59 -20.37
N LEU J 308 31.62 -39.58 -20.21
CA LEU J 308 31.18 -39.09 -18.90
C LEU J 308 29.66 -39.12 -18.83
N PRO J 309 29.07 -40.34 -18.77
CA PRO J 309 27.62 -40.47 -18.81
C PRO J 309 26.93 -39.95 -17.56
N ASP J 310 27.65 -39.89 -16.44
CA ASP J 310 27.05 -39.49 -15.19
C ASP J 310 27.24 -38.00 -14.86
N PHE J 311 28.17 -37.32 -15.53
CA PHE J 311 28.37 -35.89 -15.29
C PHE J 311 27.06 -35.11 -15.49
N ARG J 312 26.71 -34.23 -14.55
CA ARG J 312 25.55 -33.34 -14.70
C ARG J 312 26.01 -31.88 -14.80
N PHE J 313 25.18 -31.06 -15.45
CA PHE J 313 25.52 -29.66 -15.72
C PHE J 313 24.76 -28.78 -14.76
N THR J 314 25.35 -27.65 -14.41
CA THR J 314 24.69 -26.72 -13.53
C THR J 314 23.43 -26.24 -14.28
N PRO J 315 22.27 -26.21 -13.61
CA PRO J 315 21.07 -25.74 -14.31
C PRO J 315 21.20 -24.27 -14.77
N PHE J 316 20.67 -23.97 -15.96
CA PHE J 316 20.92 -22.68 -16.63
C PHE J 316 20.52 -21.44 -15.81
N LYS J 317 19.28 -21.38 -15.32
CA LYS J 317 18.87 -20.27 -14.47
C LYS J 317 19.78 -20.09 -13.24
N GLN J 318 20.09 -21.19 -12.56
CA GLN J 318 20.97 -21.15 -11.39
C GLN J 318 22.31 -20.49 -11.77
N ALA J 319 22.93 -21.01 -12.84
CA ALA J 319 24.21 -20.51 -13.31
C ALA J 319 24.11 -19.05 -13.73
N VAL J 320 22.96 -18.65 -14.25
CA VAL J 320 22.74 -17.24 -14.57
C VAL J 320 22.67 -16.39 -13.29
N LYS J 321 21.90 -16.84 -12.29
CA LYS J 321 21.80 -16.11 -11.01
C LYS J 321 23.15 -15.88 -10.35
N GLU J 322 24.05 -16.86 -10.43
CA GLU J 322 25.40 -16.74 -9.86
C GLU J 322 26.31 -15.73 -10.61
N THR J 323 26.20 -15.73 -11.94
CA THR J 323 26.93 -14.78 -12.79
C THR J 323 26.36 -13.35 -12.70
N CYS J 324 25.07 -13.22 -12.44
CA CYS J 324 24.51 -11.93 -12.08
C CYS J 324 24.99 -11.54 -10.70
N ALA J 325 24.95 -12.51 -9.78
CA ALA J 325 25.41 -12.31 -8.41
C ALA J 325 26.89 -11.93 -8.38
N TRP J 326 27.69 -12.56 -9.24
CA TRP J 326 29.12 -12.22 -9.27
C TRP J 326 29.33 -10.83 -9.81
N PHE J 327 28.63 -10.49 -10.91
CA PHE J 327 28.81 -9.22 -11.59
C PHE J 327 28.37 -8.06 -10.73
N THR J 328 27.27 -8.24 -10.00
CA THR J 328 26.78 -7.17 -9.14
C THR J 328 27.80 -6.84 -8.06
N ASP J 329 28.35 -7.86 -7.42
CA ASP J 329 29.28 -7.67 -6.28
C ASP J 329 30.75 -7.43 -6.67
N ASN J 330 31.06 -7.61 -7.96
CA ASN J 330 32.43 -7.42 -8.48
C ASN J 330 32.45 -6.39 -9.61
N TYR J 331 31.50 -5.45 -9.57
CA TYR J 331 31.30 -4.48 -10.64
C TYR J 331 32.58 -3.71 -11.02
N GLU J 332 33.26 -3.16 -10.03
CA GLU J 332 34.41 -2.32 -10.30
C GLU J 332 35.57 -3.11 -10.89
N GLN J 333 35.71 -4.36 -10.45
CA GLN J 333 36.84 -5.19 -10.85
C GLN J 333 36.62 -5.94 -12.16
N ALA J 334 35.43 -5.77 -12.74
CA ALA J 334 35.01 -6.51 -13.95
C ALA J 334 35.47 -5.81 -15.22
N ARG J 335 35.38 -6.55 -16.33
CA ARG J 335 35.79 -6.07 -17.65
C ARG J 335 34.60 -5.51 -18.42
N MET K 23 29.40 45.00 23.53
CA MET K 23 29.64 44.83 22.06
C MET K 23 28.33 44.63 21.28
N ARG K 24 28.04 45.57 20.38
CA ARG K 24 26.93 45.42 19.44
C ARG K 24 27.55 45.11 18.08
N ILE K 25 27.52 43.84 17.71
CA ILE K 25 28.30 43.32 16.58
C ILE K 25 27.46 43.13 15.30
N LEU K 26 27.76 43.88 14.25
CA LEU K 26 27.04 43.74 12.98
C LEU K 26 27.76 42.75 12.05
N VAL K 27 27.03 41.72 11.60
CA VAL K 27 27.58 40.73 10.66
C VAL K 27 26.88 40.84 9.30
N THR K 28 27.59 41.36 8.30
CA THR K 28 27.05 41.47 6.94
C THR K 28 27.32 40.17 6.19
N GLY K 29 26.40 39.79 5.31
CA GLY K 29 26.47 38.51 4.61
C GLY K 29 26.17 37.36 5.55
N GLY K 30 25.13 37.53 6.36
CA GLY K 30 24.83 36.59 7.44
C GLY K 30 24.04 35.35 7.02
N SER K 31 23.35 35.43 5.89
CA SER K 31 22.53 34.30 5.43
C SER K 31 23.33 33.25 4.68
N GLY K 32 24.64 33.42 4.57
CA GLY K 32 25.48 32.55 3.75
C GLY K 32 26.10 31.33 4.43
N LEU K 33 27.03 30.72 3.71
CA LEU K 33 27.82 29.60 4.21
C LEU K 33 28.56 29.97 5.50
N VAL K 34 29.19 31.16 5.48
CA VAL K 34 30.10 31.62 6.55
C VAL K 34 29.35 32.38 7.64
N GLY K 35 28.29 33.08 7.26
CA GLY K 35 27.40 33.72 8.23
C GLY K 35 26.55 32.74 9.04
N LYS K 36 25.97 31.75 8.36
CA LYS K 36 25.11 30.75 9.05
C LYS K 36 25.93 29.96 10.06
N ALA K 37 27.14 29.58 9.68
CA ALA K 37 28.00 28.85 10.59
C ALA K 37 28.27 29.66 11.87
N ILE K 38 28.56 30.96 11.70
CA ILE K 38 28.71 31.89 12.83
C ILE K 38 27.43 31.95 13.70
N GLN K 39 26.26 31.77 13.08
CA GLN K 39 25.01 31.67 13.83
C GLN K 39 24.98 30.39 14.68
N LYS K 40 25.32 29.25 14.07
CA LYS K 40 25.34 27.96 14.78
C LYS K 40 26.35 27.95 15.94
N VAL K 41 27.50 28.55 15.71
CA VAL K 41 28.53 28.69 16.74
C VAL K 41 28.08 29.63 17.88
N VAL K 42 27.56 30.80 17.54
CA VAL K 42 27.13 31.80 18.54
C VAL K 42 25.77 31.46 19.15
N ALA K 43 24.93 30.74 18.42
CA ALA K 43 23.67 30.25 18.99
C ALA K 43 23.96 29.06 19.90
N ASP K 44 24.81 28.13 19.43
CA ASP K 44 25.20 26.97 20.23
C ASP K 44 25.56 27.38 21.64
N GLY K 45 26.32 28.48 21.75
CA GLY K 45 26.69 29.07 23.03
C GLY K 45 28.13 29.56 23.06
N ALA K 46 28.48 30.40 22.09
CA ALA K 46 29.84 30.97 22.00
C ALA K 46 29.86 32.48 22.26
N GLY K 47 28.73 33.15 22.04
CA GLY K 47 28.64 34.58 22.26
C GLY K 47 28.58 34.92 23.74
N LEU K 48 29.66 35.49 24.27
CA LEU K 48 29.75 35.86 25.69
C LEU K 48 28.74 36.95 26.05
N PRO K 49 28.26 36.97 27.32
CA PRO K 49 27.30 37.98 27.80
C PRO K 49 27.85 39.41 27.74
N GLY K 50 27.00 40.36 27.35
CA GLY K 50 27.41 41.74 27.10
C GLY K 50 27.64 42.03 25.62
N GLU K 51 27.34 41.03 24.79
CA GLU K 51 27.46 41.13 23.33
C GLU K 51 26.08 41.03 22.66
N ASP K 52 25.80 41.93 21.72
CA ASP K 52 24.67 41.77 20.81
C ASP K 52 25.18 41.39 19.40
N TRP K 53 24.78 40.21 18.94
CA TRP K 53 25.05 39.76 17.59
C TRP K 53 23.83 40.05 16.69
N VAL K 54 24.03 40.90 15.68
CA VAL K 54 22.99 41.24 14.70
C VAL K 54 23.45 40.77 13.32
N PHE K 55 22.80 39.72 12.81
CA PHE K 55 23.11 39.14 11.50
C PHE K 55 22.21 39.74 10.43
N VAL K 56 22.76 40.04 9.25
CA VAL K 56 21.98 40.72 8.19
C VAL K 56 22.25 40.17 6.79
N SER K 57 21.21 40.24 5.95
CA SER K 57 21.30 39.83 4.56
C SER K 57 20.86 41.01 3.68
N SER K 58 20.79 40.78 2.36
CA SER K 58 20.35 41.80 1.40
C SER K 58 18.97 42.34 1.70
N LYS K 59 18.08 41.46 2.19
CA LYS K 59 16.72 41.83 2.60
C LYS K 59 16.72 42.97 3.61
N ASP K 60 17.77 43.04 4.43
CA ASP K 60 17.90 44.10 5.42
C ASP K 60 18.60 45.35 4.86
N ALA K 61 19.45 45.17 3.84
CA ALA K 61 20.13 46.28 3.15
C ALA K 61 20.95 45.81 1.93
N ASP K 62 20.66 46.35 0.73
CA ASP K 62 21.48 46.07 -0.47
C ASP K 62 22.76 46.87 -0.38
N LEU K 63 23.83 46.17 -0.01
CA LEU K 63 25.09 46.81 0.35
C LEU K 63 25.85 47.43 -0.85
N THR K 64 25.34 47.25 -2.06
CA THR K 64 25.81 48.01 -3.23
C THR K 64 25.28 49.43 -3.26
N ASP K 65 24.11 49.67 -2.67
CA ASP K 65 23.53 51.02 -2.58
C ASP K 65 24.00 51.67 -1.28
N THR K 66 24.52 52.89 -1.42
CA THR K 66 25.14 53.61 -0.31
C THR K 66 24.09 53.95 0.75
N ALA K 67 23.02 54.62 0.32
CA ALA K 67 21.99 55.08 1.25
C ALA K 67 21.56 53.96 2.17
N GLN K 68 21.20 52.82 1.58
CA GLN K 68 20.70 51.70 2.37
C GLN K 68 21.74 51.24 3.37
N THR K 69 22.99 51.22 2.93
CA THR K 69 24.09 50.92 3.82
C THR K 69 24.13 51.95 4.95
N ARG K 70 24.31 53.24 4.65
CA ARG K 70 24.36 54.28 5.72
C ARG K 70 23.17 54.13 6.67
N ALA K 71 22.00 54.00 6.08
CA ALA K 71 20.77 53.70 6.80
C ALA K 71 20.99 52.54 7.77
N LEU K 72 21.37 51.38 7.26
CA LEU K 72 21.55 50.19 8.10
C LEU K 72 22.45 50.49 9.30
N PHE K 73 23.64 51.01 9.01
CA PHE K 73 24.64 51.34 10.03
C PHE K 73 24.21 52.48 10.98
N GLU K 74 23.21 53.27 10.61
CA GLU K 74 22.61 54.25 11.52
C GLU K 74 21.67 53.58 12.53
N LYS K 75 20.71 52.82 12.02
CA LYS K 75 19.75 52.08 12.87
C LYS K 75 20.48 51.18 13.87
N VAL K 76 21.19 50.17 13.34
CA VAL K 76 22.13 49.41 14.13
C VAL K 76 23.37 50.31 14.32
N GLN K 77 23.86 50.40 15.56
CA GLN K 77 25.00 51.28 15.87
C GLN K 77 26.27 50.47 16.18
N PRO K 78 26.80 49.75 15.19
CA PRO K 78 27.82 48.75 15.48
C PRO K 78 29.08 49.27 16.18
N THR K 79 29.52 48.54 17.19
CA THR K 79 30.85 48.73 17.75
C THR K 79 31.86 48.00 16.84
N HIS K 80 31.52 46.75 16.47
CA HIS K 80 32.37 45.83 15.71
C HIS K 80 31.63 45.26 14.50
N VAL K 81 32.31 45.16 13.36
CA VAL K 81 31.71 44.65 12.13
C VAL K 81 32.45 43.44 11.57
N ILE K 82 31.74 42.35 11.33
CA ILE K 82 32.28 41.25 10.55
C ILE K 82 31.66 41.37 9.17
N HIS K 83 32.48 41.72 8.17
CA HIS K 83 32.00 41.94 6.80
C HIS K 83 32.21 40.70 5.91
N LEU K 84 31.15 39.89 5.80
CA LEU K 84 31.13 38.71 4.97
C LEU K 84 30.45 38.96 3.61
N ALA K 85 29.57 39.96 3.53
CA ALA K 85 28.80 40.24 2.31
C ALA K 85 29.66 40.37 1.05
N ALA K 86 29.37 39.54 0.03
CA ALA K 86 30.09 39.60 -1.28
C ALA K 86 29.37 38.85 -2.39
N MET K 87 29.68 39.19 -3.64
CA MET K 87 29.30 38.35 -4.78
C MET K 87 30.29 37.19 -4.80
N VAL K 88 29.79 35.96 -4.69
CA VAL K 88 30.69 34.81 -4.53
C VAL K 88 30.30 33.63 -5.43
N GLY K 89 31.30 32.97 -5.99
CA GLY K 89 31.05 31.85 -6.87
C GLY K 89 32.24 30.98 -7.21
N GLY K 90 31.94 29.93 -7.97
CA GLY K 90 32.93 28.97 -8.39
C GLY K 90 33.81 29.56 -9.45
N LEU K 91 34.88 28.84 -9.77
CA LEU K 91 35.75 29.19 -10.90
C LEU K 91 34.93 29.60 -12.14
N PHE K 92 33.90 28.83 -12.46
CA PHE K 92 33.23 28.94 -13.75
C PHE K 92 32.25 30.11 -13.81
N ARG K 93 31.68 30.46 -12.67
CA ARG K 93 30.91 31.70 -12.59
C ARG K 93 31.85 32.89 -12.64
N ASN K 94 33.05 32.74 -12.09
CA ASN K 94 33.99 33.85 -12.05
C ASN K 94 34.45 34.20 -13.44
N ILE K 95 34.86 33.14 -14.15
CA ILE K 95 35.30 33.27 -15.52
C ILE K 95 34.36 34.19 -16.28
N LYS K 96 33.06 33.85 -16.25
CA LYS K 96 32.02 34.58 -16.96
C LYS K 96 31.99 36.07 -16.59
N TYR K 97 31.84 36.40 -15.30
CA TYR K 97 31.33 37.71 -14.92
C TYR K 97 32.35 38.59 -14.21
N ASN K 98 33.58 38.63 -14.69
CA ASN K 98 34.60 39.44 -14.01
C ASN K 98 34.26 40.92 -13.86
N LEU K 99 33.40 41.46 -14.71
CA LEU K 99 33.01 42.88 -14.59
C LEU K 99 32.16 43.12 -13.34
N ASP K 100 31.16 42.25 -13.13
CA ASP K 100 30.21 42.35 -12.00
C ASP K 100 30.90 42.00 -10.69
N PHE K 101 31.73 40.97 -10.73
CA PHE K 101 32.51 40.55 -9.58
C PHE K 101 33.41 41.68 -9.09
N TRP K 102 33.79 42.57 -10.01
CA TRP K 102 34.57 43.74 -9.64
C TRP K 102 33.69 44.86 -9.10
N ARG K 103 32.71 45.26 -9.89
CA ARG K 103 31.91 46.43 -9.59
C ARG K 103 31.03 46.22 -8.37
N LYS K 104 30.34 45.07 -8.36
CA LYS K 104 29.40 44.71 -7.29
C LYS K 104 30.05 44.53 -5.91
N ASN K 105 31.29 44.05 -5.89
CA ASN K 105 32.05 43.82 -4.65
C ASN K 105 32.81 45.04 -4.15
N VAL K 106 33.31 45.86 -5.09
CA VAL K 106 34.02 47.10 -4.72
C VAL K 106 33.08 48.01 -3.91
N HIS K 107 31.93 48.30 -4.50
CA HIS K 107 30.88 49.09 -3.87
C HIS K 107 30.59 48.54 -2.49
N MET K 108 30.24 47.25 -2.44
CA MET K 108 29.89 46.63 -1.15
C MET K 108 30.93 46.98 -0.08
N ASN K 109 32.19 46.63 -0.36
CA ASN K 109 33.29 46.95 0.54
C ASN K 109 33.45 48.44 0.77
N ASP K 110 33.22 49.26 -0.25
CA ASP K 110 33.35 50.71 -0.08
C ASP K 110 32.31 51.23 0.89
N ASN K 111 31.08 50.74 0.75
CA ASN K 111 29.98 51.21 1.58
C ASN K 111 30.11 50.70 3.01
N VAL K 112 30.32 49.39 3.14
CA VAL K 112 30.43 48.76 4.45
C VAL K 112 31.67 49.24 5.21
N LEU K 113 32.77 49.51 4.49
CA LEU K 113 33.96 50.08 5.14
C LEU K 113 33.86 51.58 5.46
N HIS K 114 33.25 52.38 4.59
CA HIS K 114 33.14 53.81 4.84
C HIS K 114 32.04 54.16 5.85
N SER K 115 31.00 53.34 5.91
CA SER K 115 29.92 53.52 6.89
C SER K 115 30.39 53.21 8.31
N ALA K 116 31.16 52.13 8.45
CA ALA K 116 31.67 51.74 9.76
C ALA K 116 32.52 52.88 10.30
N PHE K 117 33.33 53.45 9.42
CA PHE K 117 34.17 54.60 9.74
C PHE K 117 33.36 55.72 10.32
N GLU K 118 32.33 56.14 9.59
CA GLU K 118 31.50 57.29 10.04
C GLU K 118 30.54 56.97 11.19
N VAL K 119 30.07 55.73 11.28
CA VAL K 119 29.37 55.25 12.49
C VAL K 119 30.34 55.12 13.66
N GLY K 120 31.64 55.08 13.37
CA GLY K 120 32.68 55.12 14.39
C GLY K 120 32.83 53.79 15.10
N ALA K 121 32.85 52.71 14.30
CA ALA K 121 33.10 51.39 14.82
C ALA K 121 34.57 51.29 15.23
N ARG K 122 34.82 50.63 16.34
CA ARG K 122 36.19 50.46 16.83
C ARG K 122 36.98 49.50 15.93
N LYS K 123 36.28 48.49 15.39
CA LYS K 123 36.89 47.38 14.66
C LYS K 123 36.06 46.88 13.45
N VAL K 124 36.76 46.39 12.41
CA VAL K 124 36.13 45.78 11.22
C VAL K 124 36.99 44.63 10.65
N VAL K 125 36.39 43.45 10.55
CA VAL K 125 37.11 42.27 10.05
C VAL K 125 36.48 41.82 8.74
N SER K 126 36.98 42.35 7.63
CA SER K 126 36.49 41.98 6.30
C SER K 126 37.06 40.62 5.89
N CYS K 127 36.77 40.18 4.67
CA CYS K 127 36.93 38.76 4.33
C CYS K 127 37.50 38.50 2.94
N LEU K 128 38.83 38.38 2.89
CA LEU K 128 39.58 38.16 1.64
C LEU K 128 39.49 36.70 1.19
N SER K 129 40.46 36.23 0.40
CA SER K 129 40.49 34.82 -0.03
C SER K 129 41.88 34.45 -0.54
N THR K 130 42.17 33.15 -0.55
CA THR K 130 43.42 32.62 -1.11
C THR K 130 43.41 32.61 -2.66
N CYS K 131 42.23 32.68 -3.27
CA CYS K 131 42.04 33.01 -4.70
C CYS K 131 42.96 34.09 -5.23
N ILE K 132 43.10 35.15 -4.44
CA ILE K 132 43.50 36.46 -4.95
C ILE K 132 45.01 36.63 -5.02
N PHE K 133 45.75 35.61 -4.60
CA PHE K 133 47.19 35.74 -4.59
C PHE K 133 47.79 35.67 -5.99
N PRO K 134 48.98 36.26 -6.14
CA PRO K 134 49.66 36.26 -7.42
C PRO K 134 49.79 34.87 -7.99
N ASP K 135 49.60 34.74 -9.30
CA ASP K 135 49.62 33.45 -9.98
C ASP K 135 51.04 32.96 -10.10
N LYS K 136 51.94 33.83 -10.57
CA LYS K 136 53.38 33.57 -10.47
C LYS K 136 53.80 33.87 -9.04
N THR K 137 54.22 32.85 -8.31
CA THR K 137 54.58 33.02 -6.89
C THR K 137 55.42 31.87 -6.35
N THR K 138 56.04 32.11 -5.19
CA THR K 138 56.65 31.05 -4.39
C THR K 138 55.52 30.33 -3.64
N TYR K 139 55.85 29.24 -2.97
CA TYR K 139 54.91 28.54 -2.11
C TYR K 139 55.70 28.17 -0.85
N PRO K 140 55.02 28.02 0.30
CA PRO K 140 53.63 28.33 0.49
C PRO K 140 53.46 29.84 0.55
N ILE K 141 52.25 30.30 0.28
CA ILE K 141 51.93 31.71 0.22
C ILE K 141 51.60 32.22 1.61
N ASP K 142 51.86 33.51 1.85
CA ASP K 142 51.61 34.09 3.16
C ASP K 142 51.08 35.54 3.09
N GLU K 143 50.79 36.11 4.26
CA GLU K 143 50.19 37.43 4.41
C GLU K 143 51.02 38.55 3.75
N THR K 144 52.34 38.35 3.69
CA THR K 144 53.25 39.29 3.00
C THR K 144 52.99 39.46 1.52
N MET K 145 52.60 38.38 0.85
CA MET K 145 52.74 38.28 -0.58
C MET K 145 51.45 38.58 -1.33
N ILE K 146 50.48 39.10 -0.60
CA ILE K 146 49.16 39.34 -1.16
C ILE K 146 49.18 40.21 -2.45
N HIS K 147 50.11 41.17 -2.53
CA HIS K 147 50.15 42.13 -3.66
C HIS K 147 51.39 42.03 -4.54
N ASN K 148 52.05 40.88 -4.53
CA ASN K 148 53.30 40.69 -5.27
C ASN K 148 53.11 40.06 -6.68
N GLY K 149 52.15 40.58 -7.45
CA GLY K 149 51.91 40.12 -8.83
C GLY K 149 50.46 39.82 -9.12
N PRO K 150 50.06 39.91 -10.40
CA PRO K 150 48.66 39.70 -10.77
C PRO K 150 48.07 38.37 -10.32
N PRO K 151 46.76 38.36 -10.01
CA PRO K 151 46.10 37.09 -9.76
C PRO K 151 45.77 36.37 -11.08
N HIS K 152 45.15 35.20 -10.98
CA HIS K 152 44.76 34.38 -12.15
C HIS K 152 43.74 35.19 -12.98
N ASN K 153 43.76 34.99 -14.30
CA ASN K 153 42.93 35.81 -15.17
C ASN K 153 41.49 35.31 -15.14
N SER K 154 41.26 34.19 -14.49
CA SER K 154 39.95 33.61 -14.33
C SER K 154 39.06 34.52 -13.51
N ASN K 155 39.52 34.89 -12.33
CA ASN K 155 38.71 35.68 -11.41
C ASN K 155 39.36 37.00 -10.99
N PHE K 156 39.98 37.69 -11.92
CA PHE K 156 40.70 38.89 -11.58
C PHE K 156 39.75 39.92 -10.99
N GLY K 157 38.54 39.99 -11.53
CA GLY K 157 37.52 40.90 -11.00
C GLY K 157 37.30 40.78 -9.51
N TYR K 158 36.97 39.58 -9.06
CA TYR K 158 36.80 39.30 -7.64
C TYR K 158 38.12 39.45 -6.89
N SER K 159 39.23 39.06 -7.51
CA SER K 159 40.53 39.06 -6.83
C SER K 159 41.03 40.48 -6.54
N TYR K 160 41.01 41.35 -7.55
CA TYR K 160 41.30 42.76 -7.32
C TYR K 160 40.31 43.40 -6.33
N ALA K 161 39.05 42.99 -6.39
CA ALA K 161 38.06 43.50 -5.45
C ALA K 161 38.53 43.23 -4.03
N LYS K 162 38.77 41.96 -3.74
CA LYS K 162 39.20 41.57 -2.40
C LYS K 162 40.55 42.19 -2.04
N ARG K 163 41.42 42.39 -3.03
CA ARG K 163 42.72 43.01 -2.75
C ARG K 163 42.59 44.47 -2.28
N MET K 164 41.56 45.17 -2.74
CA MET K 164 41.41 46.58 -2.41
C MET K 164 40.86 46.79 -1.02
N ILE K 165 40.29 45.75 -0.43
CA ILE K 165 39.87 45.79 0.95
C ILE K 165 41.10 45.97 1.86
N ASP K 166 42.16 45.18 1.60
CA ASP K 166 43.48 45.35 2.22
C ASP K 166 44.12 46.68 1.88
N VAL K 167 43.81 47.23 0.71
CA VAL K 167 44.23 48.59 0.37
C VAL K 167 43.48 49.64 1.17
N GLN K 168 42.18 49.44 1.33
CA GLN K 168 41.38 50.40 2.09
C GLN K 168 41.61 50.25 3.60
N ASN K 169 41.88 49.04 4.09
CA ASN K 169 42.23 48.85 5.51
C ASN K 169 43.52 49.62 5.89
N ARG K 170 44.52 49.58 5.03
CA ARG K 170 45.77 50.35 5.24
C ARG K 170 45.60 51.88 5.09
N ALA K 171 44.59 52.31 4.34
CA ALA K 171 44.36 53.73 4.13
C ALA K 171 43.68 54.33 5.35
N TYR K 172 42.60 53.68 5.79
CA TYR K 172 41.90 54.12 6.99
C TYR K 172 42.89 54.11 8.18
N PHE K 173 43.58 52.99 8.38
CA PHE K 173 44.53 52.87 9.49
C PHE K 173 45.58 53.99 9.50
N GLN K 174 46.26 54.19 8.37
CA GLN K 174 47.34 55.18 8.27
C GLN K 174 46.90 56.65 8.35
N GLN K 175 45.63 56.94 8.07
CA GLN K 175 45.13 58.32 8.04
C GLN K 175 44.23 58.68 9.24
N TYR K 176 43.78 57.68 10.00
CA TYR K 176 42.94 57.90 11.18
C TYR K 176 43.22 56.96 12.36
N GLY K 177 44.01 55.92 12.17
CA GLY K 177 44.25 54.93 13.24
C GLY K 177 43.16 53.88 13.43
N CYS K 178 42.33 53.67 12.40
CA CYS K 178 41.22 52.71 12.49
C CYS K 178 41.73 51.30 12.59
N THR K 179 41.12 50.49 13.45
CA THR K 179 41.49 49.08 13.52
C THR K 179 40.61 48.31 12.53
N PHE K 180 40.92 48.43 11.24
CA PHE K 180 40.18 47.73 10.17
C PHE K 180 41.10 46.65 9.60
N THR K 181 40.62 45.42 9.49
CA THR K 181 41.50 44.33 9.12
C THR K 181 40.78 43.27 8.30
N ALA K 182 41.41 42.12 8.12
CA ALA K 182 40.79 41.05 7.37
C ALA K 182 41.36 39.70 7.73
N VAL K 183 40.62 38.65 7.39
CA VAL K 183 41.14 37.30 7.35
C VAL K 183 41.17 36.83 5.90
N ILE K 184 41.98 35.83 5.61
CA ILE K 184 42.07 35.28 4.29
C ILE K 184 41.82 33.77 4.40
N PRO K 185 40.58 33.33 4.10
CA PRO K 185 40.33 31.91 4.22
C PRO K 185 40.66 31.13 2.94
N THR K 186 41.06 29.87 3.06
CA THR K 186 41.15 29.00 1.88
C THR K 186 39.74 28.68 1.40
N ASN K 187 39.65 27.75 0.46
CA ASN K 187 38.38 27.20 0.04
C ASN K 187 37.52 26.67 1.23
N VAL K 188 36.38 27.34 1.45
CA VAL K 188 35.44 26.98 2.50
C VAL K 188 34.38 25.97 1.99
N PHE K 189 33.86 25.12 2.87
CA PHE K 189 32.67 24.33 2.55
C PHE K 189 31.83 24.15 3.81
N GLY K 190 30.70 23.47 3.67
CA GLY K 190 29.87 23.14 4.81
C GLY K 190 28.38 23.27 4.56
N PRO K 191 27.58 23.21 5.64
CA PRO K 191 26.14 23.40 5.54
C PRO K 191 25.76 24.81 5.14
N HIS K 192 24.60 24.94 4.49
CA HIS K 192 24.02 26.21 4.05
C HIS K 192 24.83 26.85 2.92
N ASP K 193 25.56 26.01 2.20
CA ASP K 193 26.42 26.44 1.11
C ASP K 193 25.56 26.71 -0.15
N ASN K 194 26.19 27.27 -1.19
CA ASN K 194 25.54 27.35 -2.49
C ASN K 194 25.78 26.06 -3.35
N PHE K 195 24.75 25.21 -3.41
CA PHE K 195 24.85 23.93 -4.13
C PHE K 195 24.49 24.00 -5.61
N ASN K 196 24.36 25.22 -6.15
CA ASN K 196 24.27 25.39 -7.61
C ASN K 196 25.49 24.78 -8.28
N ILE K 197 25.23 23.79 -9.15
CA ILE K 197 26.28 23.13 -9.92
C ILE K 197 26.96 24.15 -10.83
N GLU K 198 26.19 25.00 -11.50
CA GLU K 198 26.76 25.90 -12.50
C GLU K 198 27.60 27.02 -11.85
N ASP K 199 27.03 27.71 -10.86
CA ASP K 199 27.64 28.87 -10.21
C ASP K 199 28.53 28.58 -9.01
N GLY K 200 28.58 27.33 -8.56
CA GLY K 200 29.12 26.98 -7.26
C GLY K 200 30.53 26.42 -7.25
N HIS K 201 31.09 26.36 -6.04
CA HIS K 201 32.41 25.80 -5.82
C HIS K 201 32.30 24.29 -5.92
N VAL K 202 33.46 23.64 -6.03
CA VAL K 202 33.57 22.21 -6.38
C VAL K 202 32.86 21.28 -5.40
N LEU K 203 33.08 21.49 -4.10
CA LEU K 203 32.53 20.53 -3.13
C LEU K 203 31.01 20.53 -3.07
N PRO K 204 30.38 21.71 -2.94
CA PRO K 204 28.92 21.71 -3.06
C PRO K 204 28.43 21.27 -4.44
N GLY K 205 29.24 21.52 -5.46
CA GLY K 205 28.93 21.02 -6.80
C GLY K 205 28.93 19.51 -6.85
N LEU K 206 30.05 18.91 -6.42
CA LEU K 206 30.23 17.46 -6.46
C LEU K 206 29.24 16.70 -5.60
N ILE K 207 28.69 17.35 -4.58
CA ILE K 207 27.59 16.77 -3.78
C ILE K 207 26.30 16.73 -4.60
N HIS K 208 25.92 17.90 -5.11
CA HIS K 208 24.68 18.01 -5.88
C HIS K 208 24.68 17.01 -7.04
N LYS K 209 25.81 16.89 -7.73
CA LYS K 209 25.98 15.93 -8.84
C LYS K 209 25.79 14.49 -8.39
N VAL K 210 26.30 14.19 -7.19
CA VAL K 210 26.32 12.82 -6.70
C VAL K 210 24.89 12.47 -6.30
N HIS K 211 24.26 13.38 -5.56
CA HIS K 211 22.82 13.27 -5.30
C HIS K 211 22.02 12.93 -6.57
N LEU K 212 22.17 13.75 -7.61
CA LEU K 212 21.50 13.55 -8.90
C LEU K 212 21.93 12.23 -9.59
N ALA K 213 23.20 11.84 -9.44
CA ALA K 213 23.69 10.58 -10.01
C ALA K 213 23.23 9.32 -9.21
N LYS K 214 23.10 9.42 -7.89
CA LYS K 214 22.42 8.36 -7.11
C LYS K 214 20.98 8.22 -7.61
N SER K 215 20.33 9.35 -7.88
CA SER K 215 18.95 9.37 -8.32
C SER K 215 18.82 8.83 -9.75
N SER K 216 19.76 9.20 -10.63
CA SER K 216 19.64 8.96 -12.08
C SER K 216 20.30 7.65 -12.60
N GLY K 217 20.98 6.93 -11.72
CA GLY K 217 21.78 5.78 -12.14
C GLY K 217 22.77 6.20 -13.19
N SER K 218 23.27 7.44 -13.06
CA SER K 218 24.18 8.01 -14.04
C SER K 218 25.57 8.00 -13.45
N ALA K 219 26.56 8.18 -14.32
CA ALA K 219 27.92 8.45 -13.87
C ALA K 219 28.00 9.81 -13.15
N LEU K 220 29.05 10.00 -12.37
CA LEU K 220 29.43 11.28 -11.81
C LEU K 220 30.50 11.86 -12.72
N THR K 221 30.38 13.14 -13.05
CA THR K 221 31.32 13.79 -13.92
C THR K 221 32.01 14.88 -13.14
N VAL K 222 33.26 14.62 -12.79
CA VAL K 222 34.11 15.63 -12.18
C VAL K 222 34.64 16.47 -13.33
N TRP K 223 34.49 17.79 -13.25
CA TRP K 223 35.05 18.63 -14.28
C TRP K 223 36.56 18.64 -14.09
N GLY K 224 37.31 19.01 -15.11
CA GLY K 224 38.76 19.10 -15.01
C GLY K 224 39.47 17.75 -14.95
N THR K 225 40.75 17.79 -14.61
CA THR K 225 41.58 16.57 -14.55
C THR K 225 41.45 15.81 -13.24
N GLY K 226 41.06 16.50 -12.17
CA GLY K 226 41.08 15.92 -10.83
C GLY K 226 42.38 16.12 -10.09
N ASN K 227 43.39 16.73 -10.74
CA ASN K 227 44.72 16.98 -10.11
C ASN K 227 44.93 18.32 -9.40
N PRO K 228 44.21 19.38 -9.78
CA PRO K 228 44.45 20.59 -8.97
C PRO K 228 44.40 20.29 -7.49
N ARG K 229 45.20 21.03 -6.72
CA ARG K 229 45.35 20.78 -5.29
C ARG K 229 44.59 21.88 -4.60
N ARG K 230 43.80 21.55 -3.57
CA ARG K 230 43.16 22.59 -2.72
C ARG K 230 43.32 22.39 -1.20
N GLN K 231 43.20 23.48 -0.45
CA GLN K 231 43.04 23.41 0.99
C GLN K 231 41.59 23.75 1.31
N PHE K 232 40.88 22.88 2.03
CA PHE K 232 39.47 23.10 2.29
C PHE K 232 39.26 23.32 3.78
N ILE K 233 38.63 24.43 4.12
CA ILE K 233 38.26 24.70 5.51
C ILE K 233 36.74 24.50 5.70
N TYR K 234 36.36 23.94 6.85
CA TYR K 234 34.95 23.72 7.22
C TYR K 234 34.42 25.03 7.81
N SER K 235 33.14 25.31 7.59
CA SER K 235 32.59 26.61 7.94
C SER K 235 32.45 26.75 9.45
N LEU K 236 32.09 25.65 10.12
CA LEU K 236 32.11 25.57 11.59
C LEU K 236 33.49 25.81 12.20
N ASP K 237 34.56 25.38 11.55
CA ASP K 237 35.91 25.72 12.03
C ASP K 237 36.26 27.18 11.70
N LEU K 238 35.89 27.65 10.51
CA LEU K 238 36.13 29.04 10.12
C LEU K 238 35.38 30.01 11.03
N ALA K 239 34.11 29.70 11.27
CA ALA K 239 33.27 30.52 12.14
C ALA K 239 33.97 30.85 13.45
N GLN K 240 34.59 29.85 14.08
CA GLN K 240 35.18 30.00 15.42
C GLN K 240 36.44 30.89 15.42
N LEU K 241 37.37 30.62 14.50
CA LEU K 241 38.56 31.48 14.33
C LEU K 241 38.14 32.90 13.96
N PHE K 242 37.02 33.03 13.25
CA PHE K 242 36.47 34.34 12.93
C PHE K 242 36.12 35.10 14.20
N ILE K 243 35.35 34.45 15.07
CA ILE K 243 34.93 35.08 16.31
C ILE K 243 36.15 35.49 17.12
N TRP K 244 37.18 34.66 17.11
CA TRP K 244 38.41 34.94 17.85
C TRP K 244 39.13 36.17 17.29
N VAL K 245 39.16 36.25 15.97
CA VAL K 245 39.72 37.41 15.28
C VAL K 245 38.96 38.68 15.63
N LEU K 246 37.62 38.63 15.59
CA LEU K 246 36.80 39.77 16.03
C LEU K 246 37.14 40.22 17.46
N ARG K 247 37.54 39.29 18.33
CA ARG K 247 37.85 39.59 19.74
C ARG K 247 39.32 39.97 20.02
N GLU K 248 40.24 39.21 19.43
CA GLU K 248 41.62 39.18 19.93
C GLU K 248 42.71 39.59 18.93
N TYR K 249 42.37 39.77 17.66
CA TYR K 249 43.36 40.15 16.64
C TYR K 249 43.27 41.64 16.28
N ASN K 250 44.31 42.39 16.60
CA ASN K 250 44.30 43.85 16.44
C ASN K 250 45.25 44.38 15.36
N GLU K 251 45.96 43.48 14.69
CA GLU K 251 46.83 43.86 13.59
C GLU K 251 46.02 44.23 12.36
N VAL K 252 46.52 45.23 11.62
CA VAL K 252 45.89 45.71 10.38
C VAL K 252 46.10 44.74 9.24
N GLU K 253 47.32 44.22 9.15
CA GLU K 253 47.68 43.26 8.13
C GLU K 253 46.82 42.00 8.34
N PRO K 254 46.29 41.42 7.25
CA PRO K 254 45.37 40.30 7.36
C PRO K 254 45.94 39.03 7.97
N ILE K 255 45.09 38.01 8.13
CA ILE K 255 45.54 36.74 8.68
C ILE K 255 44.87 35.55 7.99
N ILE K 256 45.71 34.71 7.40
CA ILE K 256 45.26 33.48 6.73
C ILE K 256 44.61 32.53 7.72
N LEU K 257 43.37 32.13 7.40
CA LEU K 257 42.61 31.14 8.16
C LEU K 257 42.46 29.89 7.29
N SER K 258 43.37 28.93 7.52
CA SER K 258 43.46 27.76 6.67
C SER K 258 43.88 26.53 7.44
N VAL K 259 43.73 25.40 6.78
CA VAL K 259 44.22 24.15 7.30
C VAL K 259 45.65 24.03 6.76
N GLY K 260 46.54 23.42 7.55
CA GLY K 260 47.95 23.39 7.24
C GLY K 260 48.30 22.89 5.85
N GLU K 261 49.46 23.30 5.37
CA GLU K 261 49.94 22.96 4.04
C GLU K 261 49.87 21.45 3.70
N GLU K 262 49.85 20.61 4.76
CA GLU K 262 49.80 19.14 4.60
C GLU K 262 48.38 18.56 4.56
N ASP K 263 47.39 19.41 4.85
CA ASP K 263 45.97 19.05 4.77
C ASP K 263 45.41 19.51 3.41
N GLU K 264 46.31 19.76 2.48
CA GLU K 264 45.99 20.04 1.09
C GLU K 264 45.49 18.77 0.43
N VAL K 265 44.70 18.88 -0.62
CA VAL K 265 43.98 17.73 -1.18
C VAL K 265 43.67 17.92 -2.65
N SER K 266 43.72 16.83 -3.42
CA SER K 266 43.44 16.92 -4.86
C SER K 266 41.93 16.93 -5.09
N ILE K 267 41.53 17.52 -6.21
CA ILE K 267 40.13 17.49 -6.63
C ILE K 267 39.65 16.04 -6.69
N LYS K 268 40.45 15.15 -7.28
CA LYS K 268 40.13 13.70 -7.31
C LYS K 268 39.87 13.16 -5.90
N GLU K 269 40.65 13.64 -4.93
CA GLU K 269 40.47 13.24 -3.53
C GLU K 269 39.22 13.83 -2.89
N ALA K 270 38.95 15.11 -3.15
CA ALA K 270 37.69 15.74 -2.74
C ALA K 270 36.52 14.92 -3.26
N ALA K 271 36.54 14.65 -4.57
CA ALA K 271 35.55 13.78 -5.22
C ALA K 271 35.51 12.39 -4.60
N GLU K 272 36.68 11.79 -4.37
CA GLU K 272 36.76 10.49 -3.68
C GLU K 272 36.02 10.53 -2.34
N ALA K 273 36.08 11.66 -1.63
CA ALA K 273 35.47 11.79 -0.30
C ALA K 273 33.96 11.87 -0.39
N VAL K 274 33.48 12.82 -1.18
CA VAL K 274 32.05 12.99 -1.41
C VAL K 274 31.43 11.65 -1.79
N VAL K 275 31.96 11.04 -2.84
CA VAL K 275 31.50 9.72 -3.28
C VAL K 275 31.50 8.71 -2.11
N GLU K 276 32.59 8.65 -1.35
CA GLU K 276 32.67 7.76 -0.18
C GLU K 276 31.60 8.08 0.86
N ALA K 277 31.35 9.36 1.08
CA ALA K 277 30.35 9.83 2.05
C ALA K 277 28.92 9.51 1.68
N MET K 278 28.55 9.71 0.43
CA MET K 278 27.14 9.54 -0.01
C MET K 278 26.82 8.13 -0.50
N ASP K 279 27.73 7.18 -0.26
CA ASP K 279 27.55 5.77 -0.59
C ASP K 279 27.22 5.61 -2.09
N PHE K 280 27.99 6.30 -2.93
CA PHE K 280 27.75 6.29 -4.37
C PHE K 280 28.66 5.23 -5.05
N HIS K 281 28.03 4.42 -5.89
CA HIS K 281 28.68 3.25 -6.46
C HIS K 281 28.78 3.29 -7.98
N GLY K 282 28.04 4.20 -8.61
CA GLY K 282 28.12 4.38 -10.05
C GLY K 282 29.54 4.71 -10.43
N GLU K 283 29.78 4.90 -11.72
CA GLU K 283 31.11 5.23 -12.23
C GLU K 283 31.51 6.66 -11.89
N VAL K 284 32.81 6.87 -11.68
CA VAL K 284 33.35 8.24 -11.56
C VAL K 284 34.21 8.53 -12.76
N THR K 285 34.12 9.75 -13.25
CA THR K 285 34.66 10.06 -14.57
C THR K 285 35.10 11.50 -14.56
N PHE K 286 36.03 11.84 -15.44
CA PHE K 286 36.57 13.20 -15.50
C PHE K 286 36.41 13.85 -16.87
N ASP K 287 35.80 15.04 -16.91
CA ASP K 287 35.74 15.81 -18.12
C ASP K 287 37.00 16.66 -18.16
N THR K 288 38.04 16.15 -18.79
CA THR K 288 39.30 16.89 -18.85
C THR K 288 39.29 18.10 -19.81
N THR K 289 38.26 18.23 -20.64
CA THR K 289 38.13 19.42 -21.48
C THR K 289 37.79 20.65 -20.64
N LYS K 290 37.10 20.44 -19.52
CA LYS K 290 36.71 21.56 -18.64
C LYS K 290 37.96 22.12 -17.96
N SER K 291 37.89 23.36 -17.44
CA SER K 291 39.07 24.13 -16.95
C SER K 291 39.42 23.84 -15.50
N ASP K 292 40.71 23.64 -15.23
CA ASP K 292 41.19 23.38 -13.85
C ASP K 292 41.39 24.70 -13.10
N GLY K 293 41.34 25.81 -13.82
CA GLY K 293 41.56 27.11 -13.19
C GLY K 293 42.98 27.15 -12.71
N GLN K 294 43.17 27.65 -11.49
CA GLN K 294 44.48 27.71 -10.86
C GLN K 294 44.90 26.38 -10.25
N PHE K 295 46.05 25.85 -10.66
CA PHE K 295 46.51 24.53 -10.22
C PHE K 295 46.63 24.39 -8.71
N LYS K 296 47.22 25.40 -8.08
CA LYS K 296 47.57 25.33 -6.66
C LYS K 296 47.75 26.73 -6.09
N LYS K 297 47.43 26.87 -4.81
CA LYS K 297 47.58 28.12 -4.09
C LYS K 297 47.92 27.80 -2.63
N THR K 298 48.92 26.94 -2.44
CA THR K 298 49.23 26.40 -1.12
C THR K 298 49.51 27.54 -0.15
N ALA K 299 48.69 27.63 0.88
CA ALA K 299 48.74 28.76 1.80
C ALA K 299 49.25 28.32 3.17
N SER K 300 49.89 29.23 3.90
CA SER K 300 50.49 28.92 5.19
C SER K 300 49.73 29.61 6.32
N ASN K 301 49.44 28.85 7.38
CA ASN K 301 48.81 29.40 8.57
C ASN K 301 49.80 29.63 9.73
N SER K 302 51.10 29.64 9.41
CA SER K 302 52.16 29.86 10.41
C SER K 302 51.94 31.10 11.28
N LYS K 303 51.36 32.17 10.72
CA LYS K 303 50.93 33.32 11.52
C LYS K 303 49.81 32.91 12.48
N LEU K 304 48.87 32.10 11.98
CA LEU K 304 47.71 31.66 12.76
C LEU K 304 48.10 30.68 13.85
N ARG K 305 49.17 29.93 13.62
CA ARG K 305 49.66 28.96 14.58
C ARG K 305 50.41 29.64 15.73
N THR K 306 50.97 30.82 15.47
CA THR K 306 51.74 31.53 16.50
C THR K 306 50.85 32.16 17.56
N TYR K 307 49.58 32.43 17.22
CA TYR K 307 48.57 32.78 18.23
C TYR K 307 47.86 31.56 18.81
N LEU K 308 47.32 30.73 17.93
CA LEU K 308 46.58 29.53 18.30
C LEU K 308 47.30 28.27 17.84
N PRO K 309 48.35 27.87 18.59
CA PRO K 309 49.11 26.66 18.24
C PRO K 309 48.35 25.34 18.41
N ASP K 310 47.35 25.32 19.29
CA ASP K 310 46.69 24.09 19.71
C ASP K 310 45.40 23.79 18.92
N PHE K 311 44.68 24.84 18.48
CA PHE K 311 43.41 24.70 17.76
C PHE K 311 43.40 23.57 16.73
N ARG K 312 42.41 22.70 16.82
CA ARG K 312 42.31 21.51 15.98
C ARG K 312 41.25 21.77 14.94
N PHE K 313 41.54 21.50 13.67
CA PHE K 313 40.50 21.53 12.63
C PHE K 313 39.68 20.25 12.63
N THR K 314 38.55 20.29 11.92
CA THR K 314 37.77 19.09 11.75
C THR K 314 38.47 18.24 10.67
N PRO K 315 38.52 16.91 10.87
CA PRO K 315 39.04 16.05 9.80
C PRO K 315 38.15 16.14 8.56
N PHE K 316 38.78 16.37 7.43
CA PHE K 316 38.10 16.58 6.15
C PHE K 316 37.01 15.56 5.90
N LYS K 317 37.35 14.28 6.01
CA LYS K 317 36.40 13.19 5.67
C LYS K 317 35.18 13.13 6.60
N GLN K 318 35.31 13.73 7.79
CA GLN K 318 34.19 13.85 8.72
C GLN K 318 33.35 15.08 8.38
N ALA K 319 34.01 16.17 8.03
CA ALA K 319 33.36 17.41 7.65
C ALA K 319 32.48 17.21 6.41
N VAL K 320 32.99 16.45 5.43
CA VAL K 320 32.22 16.18 4.21
C VAL K 320 31.05 15.22 4.50
N LYS K 321 31.23 14.30 5.44
CA LYS K 321 30.11 13.48 5.90
C LYS K 321 29.00 14.38 6.45
N GLU K 322 29.31 15.17 7.48
CA GLU K 322 28.35 16.12 8.03
C GLU K 322 27.71 16.98 6.91
N THR K 323 28.52 17.50 6.00
CA THR K 323 28.01 18.35 4.91
C THR K 323 27.18 17.60 3.85
N CYS K 324 27.54 16.36 3.55
CA CYS K 324 26.72 15.54 2.66
C CYS K 324 25.40 15.12 3.34
N ALA K 325 25.46 14.90 4.64
CA ALA K 325 24.27 14.58 5.41
C ALA K 325 23.31 15.77 5.41
N TRP K 326 23.82 16.93 5.81
CA TRP K 326 23.00 18.14 5.87
C TRP K 326 22.28 18.34 4.54
N PHE K 327 23.01 18.14 3.44
CA PHE K 327 22.42 18.36 2.14
C PHE K 327 21.26 17.42 1.88
N THR K 328 21.49 16.12 2.05
CA THR K 328 20.43 15.13 1.84
C THR K 328 19.24 15.40 2.78
N ASP K 329 19.51 15.77 4.04
CA ASP K 329 18.43 16.03 5.00
C ASP K 329 17.73 17.37 4.78
N ASN K 330 18.34 18.29 4.01
CA ASN K 330 17.72 19.58 3.71
C ASN K 330 17.68 19.86 2.21
N TYR K 331 17.70 18.80 1.41
CA TYR K 331 17.75 18.94 -0.04
C TYR K 331 16.80 20.02 -0.52
N GLU K 332 15.58 19.99 0.00
CA GLU K 332 14.54 20.96 -0.36
C GLU K 332 14.97 22.40 -0.10
N GLN K 333 15.42 22.71 1.11
CA GLN K 333 15.66 24.10 1.51
C GLN K 333 16.99 24.64 0.98
N ALA K 334 17.95 23.75 0.75
CA ALA K 334 19.29 24.13 0.23
C ALA K 334 19.24 24.99 -1.05
N ARG K 335 20.38 25.56 -1.38
CA ARG K 335 20.53 26.38 -2.58
C ARG K 335 21.15 25.55 -3.70
N GLU L 16 25.33 60.83 -43.40
CA GLU L 16 26.71 60.89 -42.81
C GLU L 16 27.68 59.91 -43.48
N ASN L 17 28.97 60.07 -43.18
CA ASN L 17 30.04 59.39 -43.91
C ASN L 17 30.31 57.97 -43.39
N LEU L 18 30.19 57.00 -44.29
CA LEU L 18 30.51 55.61 -44.00
C LEU L 18 31.98 55.38 -43.60
N TYR L 19 32.89 56.19 -44.15
CA TYR L 19 34.34 55.98 -43.97
C TYR L 19 35.03 56.98 -43.04
N PHE L 20 34.29 57.96 -42.52
CA PHE L 20 34.79 58.81 -41.44
C PHE L 20 33.59 59.40 -40.72
N GLN L 21 33.07 58.64 -39.75
CA GLN L 21 31.90 59.06 -38.96
C GLN L 21 32.15 60.28 -38.04
N SER L 22 31.05 60.80 -37.48
CA SER L 22 31.05 62.04 -36.70
C SER L 22 31.25 61.76 -35.21
N MET L 23 31.85 62.71 -34.50
CA MET L 23 32.30 62.50 -33.11
C MET L 23 31.75 63.49 -32.04
N ARG L 24 31.15 62.91 -31.01
CA ARG L 24 30.72 63.65 -29.85
C ARG L 24 31.69 63.24 -28.74
N ILE L 25 32.68 64.09 -28.49
CA ILE L 25 33.74 63.76 -27.54
C ILE L 25 33.48 64.47 -26.23
N LEU L 26 33.30 63.69 -25.17
CA LEU L 26 33.29 64.27 -23.84
C LEU L 26 34.69 64.14 -23.28
N VAL L 27 35.23 65.26 -22.83
CA VAL L 27 36.47 65.23 -22.07
C VAL L 27 36.12 65.58 -20.64
N THR L 28 36.45 64.69 -19.72
CA THR L 28 36.40 65.03 -18.29
C THR L 28 37.75 65.61 -17.86
N GLY L 29 37.75 66.44 -16.81
CA GLY L 29 38.98 67.11 -16.32
C GLY L 29 39.52 68.19 -17.25
N GLY L 30 38.62 68.90 -17.94
CA GLY L 30 38.96 69.91 -18.93
C GLY L 30 39.61 71.17 -18.38
N SER L 31 39.25 71.57 -17.15
CA SER L 31 39.75 72.80 -16.53
C SER L 31 41.13 72.61 -15.87
N GLY L 32 41.63 71.38 -15.88
CA GLY L 32 42.96 71.07 -15.36
C GLY L 32 44.11 71.26 -16.36
N LEU L 33 45.33 70.99 -15.85
CA LEU L 33 46.55 71.05 -16.64
C LEU L 33 46.36 70.37 -17.98
N VAL L 34 46.13 69.06 -17.94
CA VAL L 34 46.08 68.26 -19.16
C VAL L 34 44.89 68.63 -20.05
N GLY L 35 43.72 68.82 -19.44
CA GLY L 35 42.50 69.26 -20.13
C GLY L 35 42.64 70.59 -20.84
N LYS L 36 43.26 71.58 -20.20
CA LYS L 36 43.46 72.88 -20.86
C LYS L 36 44.48 72.83 -22.03
N ALA L 37 45.44 71.92 -21.97
CA ALA L 37 46.40 71.74 -23.07
C ALA L 37 45.67 71.17 -24.31
N ILE L 38 44.72 70.29 -24.04
CA ILE L 38 43.88 69.71 -25.08
C ILE L 38 42.93 70.75 -25.60
N GLN L 39 42.50 71.66 -24.73
CA GLN L 39 41.73 72.80 -25.19
C GLN L 39 42.58 73.66 -26.14
N LYS L 40 43.83 73.92 -25.77
CA LYS L 40 44.71 74.77 -26.60
C LYS L 40 44.90 74.17 -27.99
N VAL L 41 45.35 72.93 -28.04
CA VAL L 41 45.67 72.28 -29.32
C VAL L 41 44.46 72.24 -30.26
N VAL L 42 43.28 71.90 -29.72
CA VAL L 42 42.06 71.81 -30.50
C VAL L 42 41.67 73.19 -31.03
N ALA L 43 41.62 74.17 -30.11
CA ALA L 43 41.32 75.56 -30.46
C ALA L 43 42.40 76.23 -31.33
N ASP L 44 43.58 75.62 -31.41
CA ASP L 44 44.64 76.05 -32.33
C ASP L 44 44.34 75.58 -33.76
N GLY L 45 43.53 74.54 -33.88
CA GLY L 45 43.11 74.03 -35.19
C GLY L 45 43.13 72.53 -35.36
N ALA L 46 43.70 71.80 -34.40
CA ALA L 46 43.86 70.35 -34.54
C ALA L 46 42.54 69.57 -34.40
N GLY L 47 41.43 70.30 -34.20
CA GLY L 47 40.10 69.71 -34.31
C GLY L 47 39.77 69.43 -35.77
N LEU L 48 39.25 68.24 -36.05
CA LEU L 48 38.83 67.87 -37.40
C LEU L 48 37.37 68.30 -37.61
N PRO L 49 36.95 68.48 -38.87
CA PRO L 49 35.52 68.75 -39.12
C PRO L 49 34.65 67.53 -38.82
N GLY L 50 33.57 67.75 -38.06
CA GLY L 50 32.68 66.66 -37.65
C GLY L 50 32.98 66.15 -36.26
N GLU L 51 33.79 66.92 -35.51
CA GLU L 51 34.12 66.61 -34.12
C GLU L 51 33.47 67.65 -33.20
N ASP L 52 32.60 67.20 -32.31
CA ASP L 52 32.04 68.04 -31.25
C ASP L 52 32.87 67.79 -29.98
N TRP L 53 33.49 68.85 -29.46
CA TRP L 53 34.38 68.74 -28.28
C TRP L 53 33.81 69.37 -27.00
N VAL L 54 33.29 68.51 -26.13
CA VAL L 54 32.70 68.91 -24.84
C VAL L 54 33.73 68.78 -23.69
N PHE L 55 34.25 69.92 -23.22
CA PHE L 55 35.23 69.98 -22.12
C PHE L 55 34.60 70.38 -20.78
N VAL L 56 34.45 69.43 -19.85
CA VAL L 56 33.77 69.69 -18.56
C VAL L 56 34.72 69.67 -17.35
N SER L 57 34.29 70.34 -16.26
CA SER L 57 34.98 70.31 -14.97
C SER L 57 33.98 69.76 -13.95
N SER L 58 34.31 69.81 -12.66
CA SER L 58 33.37 69.38 -11.62
C SER L 58 32.20 70.36 -11.44
N LYS L 59 32.33 71.60 -11.93
CA LYS L 59 31.21 72.53 -11.91
C LYS L 59 30.04 71.96 -12.71
N ASP L 60 30.38 71.35 -13.84
CA ASP L 60 29.38 70.69 -14.69
C ASP L 60 28.74 69.46 -13.98
N ALA L 61 29.55 68.70 -13.22
CA ALA L 61 29.09 67.51 -12.47
C ALA L 61 30.17 66.95 -11.56
N ASP L 62 29.86 66.82 -10.27
CA ASP L 62 30.74 66.14 -9.34
C ASP L 62 30.76 64.64 -9.69
N LEU L 63 31.90 64.16 -10.17
CA LEU L 63 32.00 62.80 -10.71
C LEU L 63 32.21 61.74 -9.62
N THR L 64 32.20 62.14 -8.35
CA THR L 64 32.08 61.18 -7.25
C THR L 64 30.62 60.80 -6.97
N ASP L 65 29.68 61.58 -7.51
CA ASP L 65 28.27 61.23 -7.44
C ASP L 65 27.86 60.52 -8.73
N THR L 66 27.13 59.41 -8.58
CA THR L 66 26.68 58.59 -9.69
C THR L 66 25.53 59.24 -10.44
N ALA L 67 24.66 59.95 -9.71
CA ALA L 67 23.51 60.63 -10.31
C ALA L 67 23.97 61.71 -11.28
N GLN L 68 24.75 62.66 -10.77
CA GLN L 68 25.31 63.75 -11.57
C GLN L 68 26.08 63.25 -12.79
N THR L 69 26.84 62.18 -12.59
CA THR L 69 27.64 61.61 -13.66
C THR L 69 26.69 61.15 -14.76
N ARG L 70 25.75 60.30 -14.36
CA ARG L 70 24.78 59.69 -15.26
C ARG L 70 23.97 60.78 -15.99
N ALA L 71 23.56 61.80 -15.24
CA ALA L 71 22.88 62.97 -15.80
C ALA L 71 23.70 63.64 -16.91
N LEU L 72 24.99 63.88 -16.62
CA LEU L 72 25.89 64.54 -17.57
C LEU L 72 26.06 63.68 -18.81
N PHE L 73 26.19 62.37 -18.59
CA PHE L 73 26.35 61.41 -19.68
C PHE L 73 25.07 61.18 -20.48
N GLU L 74 23.93 61.59 -19.92
CA GLU L 74 22.65 61.56 -20.64
C GLU L 74 22.43 62.85 -21.43
N LYS L 75 22.71 64.01 -20.83
CA LYS L 75 22.59 65.30 -21.52
C LYS L 75 23.40 65.29 -22.81
N VAL L 76 24.72 65.38 -22.67
CA VAL L 76 25.61 65.15 -23.80
C VAL L 76 25.50 63.65 -24.11
N GLN L 77 25.45 63.31 -25.39
CA GLN L 77 25.50 61.91 -25.81
C GLN L 77 26.85 61.65 -26.46
N PRO L 78 27.86 61.30 -25.64
CA PRO L 78 29.23 61.13 -26.15
C PRO L 78 29.51 59.83 -26.92
N THR L 79 30.12 59.97 -28.10
CA THR L 79 30.62 58.81 -28.82
C THR L 79 31.94 58.37 -28.17
N HIS L 80 32.74 59.35 -27.78
CA HIS L 80 34.09 59.09 -27.27
C HIS L 80 34.26 59.78 -25.95
N VAL L 81 35.19 59.30 -25.13
CA VAL L 81 35.49 59.91 -23.79
C VAL L 81 36.99 59.95 -23.46
N ILE L 82 37.55 61.15 -23.37
CA ILE L 82 38.84 61.33 -22.72
C ILE L 82 38.59 61.64 -21.24
N HIS L 83 39.03 60.73 -20.37
CA HIS L 83 38.71 60.77 -18.94
C HIS L 83 39.91 61.17 -18.10
N LEU L 84 40.05 62.47 -17.85
CA LEU L 84 41.17 63.02 -17.10
C LEU L 84 40.83 63.37 -15.64
N ALA L 85 39.54 63.56 -15.37
CA ALA L 85 39.09 63.98 -14.06
C ALA L 85 39.64 63.05 -12.98
N ALA L 86 40.23 63.63 -11.93
CA ALA L 86 40.87 62.86 -10.87
C ALA L 86 41.31 63.77 -9.73
N MET L 87 41.57 63.16 -8.56
CA MET L 87 42.25 63.84 -7.46
C MET L 87 43.73 63.64 -7.74
N VAL L 88 44.42 64.73 -8.07
CA VAL L 88 45.83 64.68 -8.46
C VAL L 88 46.65 65.52 -7.49
N GLY L 89 47.95 65.25 -7.41
CA GLY L 89 48.86 66.01 -6.56
C GLY L 89 50.30 65.48 -6.50
N GLY L 90 51.14 66.22 -5.79
CA GLY L 90 52.54 65.85 -5.61
C GLY L 90 52.74 64.83 -4.50
N LEU L 91 54.01 64.50 -4.30
CA LEU L 91 54.43 63.47 -3.36
C LEU L 91 53.84 63.79 -1.99
N PHE L 92 54.11 64.99 -1.52
CA PHE L 92 53.79 65.34 -0.14
C PHE L 92 52.29 65.25 0.17
N ARG L 93 51.44 65.54 -0.81
CA ARG L 93 50.00 65.43 -0.63
C ARG L 93 49.55 63.98 -0.58
N ASN L 94 50.19 63.14 -1.40
CA ASN L 94 49.83 61.73 -1.45
C ASN L 94 50.16 60.99 -0.19
N ILE L 95 51.34 61.28 0.31
CA ILE L 95 51.73 60.84 1.63
C ILE L 95 50.57 61.19 2.60
N LYS L 96 50.09 62.43 2.55
CA LYS L 96 49.00 62.89 3.45
C LYS L 96 47.64 62.18 3.28
N TYR L 97 47.21 61.89 2.04
CA TYR L 97 45.79 61.61 1.82
C TYR L 97 45.50 60.37 0.99
N ASN L 98 46.18 59.27 1.31
CA ASN L 98 45.98 58.03 0.58
C ASN L 98 44.53 57.51 0.58
N LEU L 99 43.78 57.81 1.64
CA LEU L 99 42.37 57.37 1.73
C LEU L 99 41.45 58.19 0.81
N ASP L 100 41.72 59.48 0.67
CA ASP L 100 40.90 60.30 -0.21
C ASP L 100 41.32 60.06 -1.67
N PHE L 101 42.62 59.97 -1.88
CA PHE L 101 43.17 59.65 -3.21
C PHE L 101 42.68 58.31 -3.73
N TRP L 102 42.32 57.39 -2.84
CA TRP L 102 41.79 56.09 -3.25
C TRP L 102 40.28 56.15 -3.52
N ARG L 103 39.52 56.78 -2.61
CA ARG L 103 38.07 56.73 -2.69
C ARG L 103 37.46 57.64 -3.76
N LYS L 104 38.03 58.84 -3.92
CA LYS L 104 37.46 59.80 -4.85
C LYS L 104 37.70 59.36 -6.29
N ASN L 105 38.93 58.94 -6.57
CA ASN L 105 39.31 58.44 -7.88
C ASN L 105 38.60 57.15 -8.34
N VAL L 106 38.51 56.17 -7.45
CA VAL L 106 37.75 54.96 -7.77
C VAL L 106 36.29 55.30 -8.03
N HIS L 107 35.69 56.16 -7.22
CA HIS L 107 34.32 56.58 -7.47
C HIS L 107 34.26 57.20 -8.84
N MET L 108 35.00 58.28 -9.03
CA MET L 108 35.06 58.99 -10.29
C MET L 108 35.20 58.05 -11.47
N ASN L 109 36.17 57.15 -11.36
CA ASN L 109 36.42 56.17 -12.41
C ASN L 109 35.28 55.20 -12.62
N ASP L 110 34.74 54.60 -11.56
CA ASP L 110 33.63 53.68 -11.75
C ASP L 110 32.42 54.41 -12.35
N ASN L 111 32.11 55.59 -11.82
CA ASN L 111 30.99 56.36 -12.38
C ASN L 111 31.18 56.67 -13.86
N VAL L 112 32.36 57.18 -14.22
CA VAL L 112 32.62 57.65 -15.58
C VAL L 112 32.64 56.50 -16.58
N LEU L 113 33.31 55.40 -16.24
CA LEU L 113 33.38 54.28 -17.18
C LEU L 113 32.01 53.62 -17.37
N HIS L 114 31.28 53.44 -16.27
CA HIS L 114 30.00 52.76 -16.32
C HIS L 114 28.94 53.60 -17.04
N SER L 115 28.97 54.92 -16.84
CA SER L 115 28.03 55.79 -17.55
C SER L 115 28.39 55.92 -19.06
N ALA L 116 29.67 55.68 -19.40
CA ALA L 116 30.09 55.63 -20.79
C ALA L 116 29.52 54.36 -21.43
N PHE L 117 29.69 53.23 -20.75
CA PHE L 117 29.13 51.94 -21.16
C PHE L 117 27.64 52.04 -21.50
N GLU L 118 26.84 52.42 -20.51
CA GLU L 118 25.38 52.45 -20.67
C GLU L 118 24.81 53.68 -21.43
N VAL L 119 25.69 54.59 -21.88
CA VAL L 119 25.32 55.54 -22.94
C VAL L 119 25.63 54.90 -24.29
N GLY L 120 26.59 53.97 -24.30
CA GLY L 120 27.00 53.26 -25.50
C GLY L 120 28.16 53.95 -26.20
N ALA L 121 29.08 54.54 -25.44
CA ALA L 121 30.24 55.21 -26.02
C ALA L 121 31.18 54.22 -26.75
N ARG L 122 31.54 54.57 -27.99
CA ARG L 122 32.33 53.69 -28.86
C ARG L 122 33.81 53.62 -28.48
N LYS L 123 34.27 54.49 -27.57
CA LYS L 123 35.67 54.49 -27.13
C LYS L 123 35.91 55.35 -25.86
N VAL L 124 36.54 54.75 -24.84
CA VAL L 124 36.99 55.51 -23.65
C VAL L 124 38.52 55.42 -23.48
N VAL L 125 39.18 56.57 -23.50
CA VAL L 125 40.58 56.69 -23.13
C VAL L 125 40.66 57.32 -21.75
N SER L 126 41.16 56.54 -20.79
CA SER L 126 41.41 57.05 -19.44
C SER L 126 42.89 57.29 -19.27
N CYS L 127 43.26 57.86 -18.13
CA CYS L 127 44.62 58.30 -17.92
C CYS L 127 45.21 57.71 -16.65
N LEU L 128 46.20 56.84 -16.83
CA LEU L 128 47.01 56.30 -15.73
C LEU L 128 48.24 57.17 -15.53
N SER L 129 49.26 56.68 -14.83
CA SER L 129 50.52 57.41 -14.61
C SER L 129 51.67 56.42 -14.41
N THR L 130 52.89 56.94 -14.39
CA THR L 130 54.08 56.12 -14.22
C THR L 130 54.50 56.03 -12.76
N CYS L 131 53.98 56.93 -11.94
CA CYS L 131 54.00 56.81 -10.48
C CYS L 131 53.68 55.45 -9.95
N ILE L 132 53.07 54.64 -10.79
CA ILE L 132 52.10 53.67 -10.36
C ILE L 132 52.58 52.23 -10.41
N PHE L 133 53.70 52.01 -11.11
CA PHE L 133 54.25 50.67 -11.31
C PHE L 133 54.93 50.11 -10.05
N PRO L 134 55.40 48.85 -10.12
CA PRO L 134 56.05 48.27 -8.95
C PRO L 134 57.31 49.03 -8.50
N ASP L 135 57.43 49.24 -7.18
CA ASP L 135 58.61 49.86 -6.60
C ASP L 135 59.88 48.98 -6.74
N LYS L 136 59.75 47.68 -6.52
CA LYS L 136 60.82 46.71 -6.84
C LYS L 136 60.64 46.17 -8.26
N THR L 137 61.49 46.62 -9.17
CA THR L 137 61.30 46.35 -10.60
C THR L 137 62.55 46.53 -11.44
N THR L 138 62.56 45.87 -12.59
CA THR L 138 63.57 46.08 -13.63
C THR L 138 63.23 47.36 -14.38
N TYR L 139 64.27 47.94 -14.98
CA TYR L 139 64.14 49.16 -15.77
C TYR L 139 64.75 48.99 -17.16
N PRO L 140 64.18 49.69 -18.17
CA PRO L 140 63.04 50.56 -18.04
C PRO L 140 61.73 49.76 -17.87
N ILE L 141 60.74 50.43 -17.30
CA ILE L 141 59.41 49.88 -17.05
C ILE L 141 58.63 49.95 -18.34
N ASP L 142 57.65 49.08 -18.50
CA ASP L 142 56.76 49.21 -19.63
C ASP L 142 55.37 48.71 -19.32
N GLU L 143 54.49 48.98 -20.27
CA GLU L 143 53.07 48.61 -20.22
C GLU L 143 52.79 47.24 -19.55
N THR L 144 53.52 46.21 -19.95
CA THR L 144 53.37 44.84 -19.38
C THR L 144 53.40 44.77 -17.85
N MET L 145 54.23 45.61 -17.24
CA MET L 145 54.64 45.38 -15.87
C MET L 145 53.76 46.06 -14.81
N ILE L 146 52.68 46.69 -15.24
CA ILE L 146 51.83 47.49 -14.35
C ILE L 146 51.41 46.82 -13.04
N HIS L 147 51.08 45.55 -13.06
CA HIS L 147 50.59 44.88 -11.86
C HIS L 147 51.64 43.92 -11.26
N ASN L 148 52.91 44.18 -11.48
CA ASN L 148 53.96 43.22 -11.15
C ASN L 148 54.57 43.36 -9.78
N GLY L 149 53.73 43.64 -8.78
CA GLY L 149 54.20 43.90 -7.41
C GLY L 149 53.66 45.21 -6.88
N PRO L 150 53.76 45.42 -5.57
CA PRO L 150 53.13 46.60 -4.97
C PRO L 150 53.76 47.92 -5.42
N PRO L 151 52.94 48.99 -5.45
CA PRO L 151 53.48 50.33 -5.70
C PRO L 151 54.26 50.85 -4.50
N HIS L 152 54.78 52.07 -4.61
CA HIS L 152 55.58 52.69 -3.56
C HIS L 152 54.63 53.17 -2.45
N ASN L 153 55.08 53.16 -1.18
CA ASN L 153 54.18 53.36 -0.03
C ASN L 153 53.64 54.78 0.16
N SER L 154 54.16 55.74 -0.57
CA SER L 154 53.75 57.13 -0.37
C SER L 154 52.40 57.36 -1.00
N ASN L 155 52.20 56.81 -2.21
CA ASN L 155 51.02 57.12 -3.02
C ASN L 155 50.27 55.87 -3.46
N PHE L 156 50.13 54.92 -2.54
CA PHE L 156 49.50 53.63 -2.87
C PHE L 156 48.02 53.79 -3.24
N GLY L 157 47.29 54.59 -2.49
CA GLY L 157 45.88 54.89 -2.79
C GLY L 157 45.66 55.34 -4.22
N TYR L 158 46.33 56.44 -4.59
CA TYR L 158 46.31 56.95 -5.95
C TYR L 158 46.71 55.86 -6.90
N SER L 159 47.83 55.23 -6.58
CA SER L 159 48.41 54.21 -7.43
C SER L 159 47.42 53.09 -7.69
N TYR L 160 46.92 52.49 -6.61
CA TYR L 160 46.01 51.36 -6.76
C TYR L 160 44.75 51.73 -7.55
N ALA L 161 44.26 52.96 -7.37
CA ALA L 161 43.07 53.41 -8.06
C ALA L 161 43.33 53.42 -9.57
N LYS L 162 44.44 54.04 -9.97
CA LYS L 162 44.75 54.10 -11.40
C LYS L 162 44.96 52.71 -12.00
N ARG L 163 45.59 51.83 -11.23
CA ARG L 163 45.73 50.43 -11.63
C ARG L 163 44.36 49.79 -11.80
N MET L 164 43.39 50.20 -10.99
CA MET L 164 42.04 49.66 -11.11
C MET L 164 41.26 50.15 -12.34
N ILE L 165 41.78 51.15 -13.04
CA ILE L 165 41.17 51.58 -14.31
C ILE L 165 41.52 50.58 -15.43
N ASP L 166 42.77 50.13 -15.45
CA ASP L 166 43.20 49.09 -16.37
C ASP L 166 42.46 47.78 -16.11
N VAL L 167 42.22 47.49 -14.84
CA VAL L 167 41.46 46.30 -14.50
C VAL L 167 40.06 46.43 -15.09
N GLN L 168 39.40 47.51 -14.73
CA GLN L 168 38.05 47.75 -15.19
C GLN L 168 37.96 47.79 -16.73
N ASN L 169 38.98 48.37 -17.37
CA ASN L 169 39.08 48.38 -18.84
C ASN L 169 38.94 47.01 -19.49
N ARG L 170 39.81 46.09 -19.10
CA ARG L 170 39.80 44.76 -19.69
C ARG L 170 38.60 43.97 -19.19
N ALA L 171 38.00 44.35 -18.08
CA ALA L 171 36.77 43.68 -17.64
C ALA L 171 35.63 43.99 -18.61
N TYR L 172 35.44 45.28 -18.91
CA TYR L 172 34.45 45.70 -19.91
C TYR L 172 34.77 45.10 -21.27
N PHE L 173 36.05 45.09 -21.64
CA PHE L 173 36.44 44.56 -22.93
C PHE L 173 36.11 43.07 -23.06
N GLN L 174 36.45 42.27 -22.04
CA GLN L 174 36.29 40.82 -22.16
C GLN L 174 34.83 40.34 -22.11
N GLN L 175 33.95 41.15 -21.52
CA GLN L 175 32.54 40.76 -21.35
C GLN L 175 31.63 41.31 -22.46
N TYR L 176 31.77 42.61 -22.75
CA TYR L 176 30.90 43.33 -23.71
C TYR L 176 31.57 43.74 -25.01
N GLY L 177 32.90 43.59 -25.07
CA GLY L 177 33.65 43.95 -26.26
C GLY L 177 33.96 45.42 -26.37
N CYS L 178 33.88 46.16 -25.26
CA CYS L 178 34.14 47.59 -25.29
C CYS L 178 35.61 47.82 -25.60
N THR L 179 35.93 49.02 -26.07
CA THR L 179 37.30 49.42 -26.36
C THR L 179 37.70 50.55 -25.42
N PHE L 180 37.50 50.34 -24.12
CA PHE L 180 38.07 51.26 -23.13
C PHE L 180 39.55 50.91 -22.99
N THR L 181 40.39 51.94 -23.07
CA THR L 181 41.82 51.79 -22.95
C THR L 181 42.31 52.95 -22.10
N ALA L 182 43.63 53.12 -22.02
CA ALA L 182 44.23 54.20 -21.25
C ALA L 182 45.59 54.59 -21.83
N VAL L 183 46.09 55.71 -21.35
CA VAL L 183 47.45 56.14 -21.64
C VAL L 183 48.16 56.38 -20.33
N ILE L 184 49.47 56.13 -20.34
CA ILE L 184 50.30 56.31 -19.15
C ILE L 184 51.35 57.41 -19.44
N PRO L 185 51.00 58.66 -19.17
CA PRO L 185 52.02 59.69 -19.18
C PRO L 185 52.89 59.66 -17.92
N THR L 186 54.10 60.20 -18.05
CA THR L 186 55.02 60.39 -16.92
C THR L 186 54.67 61.69 -16.21
N ASN L 187 55.64 62.24 -15.49
CA ASN L 187 55.42 63.47 -14.74
C ASN L 187 55.16 64.60 -15.72
N VAL L 188 54.09 65.37 -15.49
CA VAL L 188 53.63 66.36 -16.48
C VAL L 188 53.72 67.77 -15.93
N PHE L 189 54.15 68.68 -16.79
CA PHE L 189 54.21 70.09 -16.43
C PHE L 189 53.80 70.87 -17.66
N GLY L 190 53.36 72.10 -17.44
CA GLY L 190 52.94 72.96 -18.52
C GLY L 190 52.09 74.04 -17.92
N PRO L 191 51.49 74.91 -18.75
CA PRO L 191 50.55 75.94 -18.30
C PRO L 191 49.31 75.40 -17.55
N HIS L 192 48.73 76.23 -16.70
CA HIS L 192 47.49 75.87 -15.96
C HIS L 192 47.64 74.64 -15.08
N ASP L 193 48.88 74.41 -14.63
CA ASP L 193 49.21 73.40 -13.66
C ASP L 193 48.82 73.91 -12.27
N ASN L 194 48.74 73.02 -11.30
CA ASN L 194 48.55 73.46 -9.92
C ASN L 194 49.88 73.96 -9.34
N PHE L 195 49.98 75.25 -9.06
CA PHE L 195 51.25 75.81 -8.59
C PHE L 195 51.28 75.99 -7.07
N ASN L 196 50.36 75.33 -6.38
CA ASN L 196 50.42 75.26 -4.94
C ASN L 196 51.69 74.52 -4.50
N ILE L 197 52.63 75.26 -3.92
CA ILE L 197 53.87 74.67 -3.42
C ILE L 197 53.64 73.43 -2.57
N GLU L 198 52.76 73.55 -1.58
CA GLU L 198 52.46 72.44 -0.66
C GLU L 198 51.98 71.18 -1.42
N ASP L 199 50.88 71.32 -2.17
CA ASP L 199 50.14 70.16 -2.71
C ASP L 199 50.54 69.73 -4.13
N GLY L 200 51.25 70.59 -4.85
CA GLY L 200 51.60 70.32 -6.25
C GLY L 200 52.85 69.49 -6.48
N HIS L 201 53.28 69.45 -7.74
CA HIS L 201 54.44 68.65 -8.17
C HIS L 201 55.73 69.45 -8.09
N VAL L 202 56.85 68.76 -8.21
CA VAL L 202 58.15 69.37 -8.03
C VAL L 202 58.28 70.58 -8.92
N LEU L 203 57.93 70.40 -10.19
CA LEU L 203 58.18 71.42 -11.22
C LEU L 203 57.44 72.77 -11.04
N PRO L 204 56.09 72.75 -10.94
CA PRO L 204 55.34 73.98 -10.57
C PRO L 204 55.67 74.50 -9.18
N GLY L 205 56.22 73.64 -8.33
CA GLY L 205 56.70 74.05 -7.01
C GLY L 205 57.98 74.86 -7.12
N LEU L 206 58.95 74.33 -7.86
CA LEU L 206 60.22 75.04 -8.04
C LEU L 206 59.98 76.40 -8.69
N ILE L 207 59.09 76.42 -9.68
CA ILE L 207 58.76 77.67 -10.34
C ILE L 207 58.19 78.64 -9.32
N HIS L 208 57.13 78.26 -8.61
CA HIS L 208 56.55 79.14 -7.59
C HIS L 208 57.63 79.57 -6.58
N LYS L 209 58.52 78.64 -6.18
CA LYS L 209 59.57 78.97 -5.18
C LYS L 209 60.56 79.98 -5.71
N VAL L 210 61.00 79.74 -6.95
CA VAL L 210 61.95 80.63 -7.58
C VAL L 210 61.32 82.01 -7.74
N HIS L 211 60.06 82.06 -8.18
CA HIS L 211 59.31 83.31 -8.26
C HIS L 211 59.30 84.09 -6.93
N LEU L 212 59.01 83.40 -5.83
CA LEU L 212 58.97 84.01 -4.51
C LEU L 212 60.35 84.41 -4.01
N ALA L 213 61.36 83.63 -4.38
CA ALA L 213 62.74 83.84 -3.90
C ALA L 213 63.40 84.99 -4.65
N LYS L 214 63.24 85.04 -5.97
CA LYS L 214 63.66 86.22 -6.75
C LYS L 214 63.22 87.50 -6.06
N SER L 215 61.91 87.65 -5.89
CA SER L 215 61.30 88.85 -5.29
C SER L 215 61.70 89.05 -3.82
N SER L 216 61.79 87.94 -3.06
CA SER L 216 62.20 87.96 -1.64
C SER L 216 63.65 88.34 -1.43
N GLY L 217 64.49 88.02 -2.41
CA GLY L 217 65.93 87.92 -2.21
C GLY L 217 66.27 86.75 -1.29
N SER L 218 65.33 85.79 -1.19
CA SER L 218 65.52 84.58 -0.38
C SER L 218 66.34 83.55 -1.15
N ALA L 219 66.89 82.57 -0.44
CA ALA L 219 67.49 81.41 -1.11
C ALA L 219 66.37 80.47 -1.61
N LEU L 220 66.70 79.65 -2.62
CA LEU L 220 65.76 78.63 -3.08
C LEU L 220 66.02 77.37 -2.25
N THR L 221 64.94 76.71 -1.81
CA THR L 221 65.06 75.47 -1.06
C THR L 221 64.47 74.33 -1.87
N VAL L 222 65.35 73.58 -2.53
CA VAL L 222 64.92 72.40 -3.22
C VAL L 222 64.75 71.37 -2.15
N TRP L 223 63.64 70.62 -2.26
CA TRP L 223 63.30 69.56 -1.32
C TRP L 223 63.97 68.30 -1.77
N GLY L 224 64.44 67.51 -0.80
CA GLY L 224 65.10 66.24 -1.09
C GLY L 224 66.57 66.46 -1.42
N THR L 225 67.19 65.41 -1.97
CA THR L 225 68.63 65.41 -2.22
C THR L 225 68.97 65.85 -3.63
N GLY L 226 67.97 66.00 -4.48
CA GLY L 226 68.19 66.36 -5.89
C GLY L 226 68.58 65.19 -6.77
N ASN L 227 68.76 64.02 -6.17
CA ASN L 227 69.29 62.90 -6.93
C ASN L 227 68.23 62.16 -7.75
N PRO L 228 66.97 62.16 -7.30
CA PRO L 228 65.99 61.35 -8.02
C PRO L 228 65.79 61.74 -9.48
N ARG L 229 65.66 60.72 -10.31
CA ARG L 229 65.60 60.85 -11.74
C ARG L 229 64.14 60.89 -12.11
N ARG L 230 63.76 61.79 -13.01
CA ARG L 230 62.36 61.85 -13.48
C ARG L 230 62.32 61.98 -14.99
N GLN L 231 61.22 61.52 -15.60
CA GLN L 231 60.93 61.85 -17.00
C GLN L 231 59.80 62.87 -17.03
N PHE L 232 60.02 63.99 -17.72
CA PHE L 232 58.97 65.00 -17.83
C PHE L 232 58.39 65.04 -19.24
N ILE L 233 57.10 65.37 -19.34
CA ILE L 233 56.41 65.57 -20.61
C ILE L 233 55.56 66.85 -20.51
N TYR L 234 55.74 67.71 -21.52
CA TYR L 234 55.12 69.03 -21.58
C TYR L 234 53.66 68.87 -21.99
N SER L 235 52.77 69.61 -21.33
CA SER L 235 51.33 69.33 -21.46
C SER L 235 50.86 69.46 -22.91
N LEU L 236 51.46 70.40 -23.63
CA LEU L 236 51.15 70.60 -25.03
C LEU L 236 51.55 69.38 -25.89
N ASP L 237 52.65 68.72 -25.53
CA ASP L 237 53.09 67.52 -26.24
C ASP L 237 52.12 66.37 -25.98
N LEU L 238 51.96 66.04 -24.70
CA LEU L 238 51.02 65.00 -24.28
C LEU L 238 49.64 65.16 -24.95
N ALA L 239 49.07 66.37 -24.88
CA ALA L 239 47.82 66.71 -25.56
C ALA L 239 47.82 66.27 -27.04
N GLN L 240 48.91 66.53 -27.76
CA GLN L 240 49.01 66.12 -29.17
C GLN L 240 48.87 64.60 -29.35
N LEU L 241 49.52 63.84 -28.46
CA LEU L 241 49.45 62.37 -28.53
C LEU L 241 48.08 61.88 -28.11
N PHE L 242 47.54 62.47 -27.04
CA PHE L 242 46.21 62.17 -26.51
C PHE L 242 45.16 62.26 -27.61
N ILE L 243 45.16 63.37 -28.33
CA ILE L 243 44.30 63.54 -29.48
C ILE L 243 44.60 62.45 -30.51
N TRP L 244 45.89 62.18 -30.77
CA TRP L 244 46.26 61.12 -31.70
C TRP L 244 45.66 59.80 -31.25
N VAL L 245 45.84 59.48 -29.98
CA VAL L 245 45.38 58.22 -29.41
C VAL L 245 43.87 58.05 -29.59
N LEU L 246 43.10 59.10 -29.31
CA LEU L 246 41.63 59.06 -29.44
C LEU L 246 41.16 58.55 -30.81
N ARG L 247 41.81 59.01 -31.88
CA ARG L 247 41.41 58.69 -33.26
C ARG L 247 41.87 57.33 -33.79
N GLU L 248 43.13 56.95 -33.49
CA GLU L 248 43.78 55.81 -34.17
C GLU L 248 44.21 54.62 -33.28
N TYR L 249 44.47 54.84 -31.97
CA TYR L 249 44.92 53.77 -31.06
C TYR L 249 43.76 52.97 -30.48
N ASN L 250 43.60 51.73 -30.96
CA ASN L 250 42.43 50.91 -30.68
C ASN L 250 42.69 49.80 -29.68
N GLU L 251 43.93 49.67 -29.21
CA GLU L 251 44.27 48.60 -28.30
C GLU L 251 43.56 48.80 -26.98
N VAL L 252 43.44 47.73 -26.19
CA VAL L 252 42.89 47.79 -24.83
C VAL L 252 44.06 48.00 -23.85
N GLU L 253 45.13 47.22 -24.05
CA GLU L 253 46.36 47.41 -23.29
C GLU L 253 46.77 48.88 -23.35
N PRO L 254 47.15 49.48 -22.21
CA PRO L 254 47.45 50.89 -22.27
C PRO L 254 48.76 51.15 -22.96
N ILE L 255 49.09 52.43 -23.15
CA ILE L 255 50.29 52.82 -23.89
C ILE L 255 50.97 53.95 -23.13
N ILE L 256 52.30 53.91 -23.08
CA ILE L 256 53.05 54.92 -22.35
C ILE L 256 53.33 56.11 -23.25
N LEU L 257 53.05 57.30 -22.70
CA LEU L 257 53.33 58.57 -23.37
C LEU L 257 54.42 59.26 -22.56
N SER L 258 55.65 59.13 -23.03
CA SER L 258 56.81 59.58 -22.26
C SER L 258 57.90 59.98 -23.20
N VAL L 259 58.57 61.09 -22.88
CA VAL L 259 59.84 61.40 -23.51
C VAL L 259 60.71 60.17 -23.32
N GLY L 260 61.68 59.97 -24.22
CA GLY L 260 62.51 58.78 -24.17
C GLY L 260 63.36 58.67 -22.91
N GLU L 261 63.89 57.48 -22.71
CA GLU L 261 64.71 57.18 -21.53
C GLU L 261 65.98 58.02 -21.43
N GLU L 262 66.59 58.38 -22.55
CA GLU L 262 67.78 59.23 -22.56
C GLU L 262 67.52 60.62 -21.99
N ASP L 263 66.29 61.11 -22.13
CA ASP L 263 65.92 62.46 -21.65
C ASP L 263 65.51 62.50 -20.17
N GLU L 264 65.53 61.36 -19.50
CA GLU L 264 65.32 61.33 -18.05
C GLU L 264 66.26 62.35 -17.37
N VAL L 265 65.68 63.12 -16.44
CA VAL L 265 66.41 64.18 -15.75
C VAL L 265 66.43 63.92 -14.25
N SER L 266 67.45 64.44 -13.57
CA SER L 266 67.46 64.41 -12.12
C SER L 266 66.72 65.63 -11.65
N ILE L 267 66.39 65.68 -10.36
CA ILE L 267 65.78 66.85 -9.73
C ILE L 267 66.78 68.01 -9.72
N LYS L 268 68.03 67.75 -9.33
CA LYS L 268 69.09 68.77 -9.41
C LYS L 268 69.07 69.48 -10.76
N GLU L 269 68.98 68.70 -11.83
CA GLU L 269 68.96 69.25 -13.19
C GLU L 269 67.71 70.08 -13.42
N ALA L 270 66.56 69.53 -13.03
CA ALA L 270 65.28 70.21 -13.23
C ALA L 270 65.25 71.56 -12.53
N ALA L 271 65.76 71.62 -11.29
CA ALA L 271 65.97 72.88 -10.58
C ALA L 271 66.82 73.83 -11.40
N GLU L 272 68.00 73.35 -11.80
CA GLU L 272 68.97 74.11 -12.62
C GLU L 272 68.39 74.75 -13.87
N ALA L 273 67.33 74.15 -14.42
CA ALA L 273 66.63 74.69 -15.61
C ALA L 273 65.67 75.80 -15.22
N VAL L 274 65.04 75.67 -14.06
CA VAL L 274 64.09 76.67 -13.59
C VAL L 274 64.88 77.90 -13.19
N VAL L 275 66.09 77.70 -12.70
CA VAL L 275 66.95 78.80 -12.27
C VAL L 275 67.50 79.57 -13.46
N GLU L 276 67.86 78.85 -14.53
CA GLU L 276 68.26 79.49 -15.79
C GLU L 276 67.10 80.35 -16.34
N ALA L 277 65.98 79.67 -16.59
CA ALA L 277 64.80 80.26 -17.24
C ALA L 277 64.26 81.53 -16.58
N MET L 278 64.35 81.61 -15.25
CA MET L 278 63.81 82.76 -14.55
C MET L 278 64.89 83.73 -14.12
N ASP L 279 66.14 83.42 -14.50
CA ASP L 279 67.28 84.28 -14.25
C ASP L 279 67.55 84.43 -12.77
N PHE L 280 67.13 83.44 -11.99
CA PHE L 280 67.36 83.47 -10.57
C PHE L 280 68.86 83.29 -10.27
N HIS L 281 69.46 84.25 -9.56
CA HIS L 281 70.89 84.25 -9.27
C HIS L 281 71.21 84.07 -7.79
N GLY L 282 70.20 83.78 -6.97
CA GLY L 282 70.40 83.61 -5.53
C GLY L 282 71.02 82.27 -5.18
N GLU L 283 71.07 81.99 -3.88
CA GLU L 283 71.64 80.74 -3.36
C GLU L 283 70.64 79.58 -3.50
N VAL L 284 71.01 78.55 -4.27
CA VAL L 284 70.20 77.32 -4.31
C VAL L 284 70.60 76.42 -3.14
N THR L 285 69.62 75.79 -2.52
CA THR L 285 69.85 74.96 -1.32
C THR L 285 68.98 73.69 -1.39
N PHE L 286 69.39 72.69 -0.61
CA PHE L 286 68.71 71.40 -0.56
C PHE L 286 68.33 71.10 0.88
N ASP L 287 67.04 70.90 1.13
CA ASP L 287 66.57 70.39 2.41
C ASP L 287 66.58 68.87 2.31
N THR L 288 67.71 68.30 2.73
CA THR L 288 67.94 66.86 2.57
C THR L 288 67.05 66.03 3.47
N THR L 289 66.43 66.67 4.47
CA THR L 289 65.56 65.95 5.39
C THR L 289 64.15 65.66 4.83
N LYS L 290 63.88 66.14 3.62
CA LYS L 290 62.54 66.05 3.05
C LYS L 290 62.54 64.85 2.15
N SER L 291 61.40 64.21 2.02
CA SER L 291 61.29 62.97 1.29
C SER L 291 61.67 63.11 -0.18
N ASP L 292 62.45 62.15 -0.66
CA ASP L 292 62.78 61.97 -2.06
C ASP L 292 61.75 61.10 -2.82
N GLY L 293 60.97 60.35 -2.06
CA GLY L 293 59.99 59.45 -2.67
C GLY L 293 60.67 58.40 -3.50
N GLN L 294 60.00 57.96 -4.55
CA GLN L 294 60.53 56.93 -5.44
C GLN L 294 61.80 57.51 -6.05
N PHE L 295 62.89 56.76 -6.00
CA PHE L 295 64.16 57.26 -6.51
C PHE L 295 64.09 57.45 -8.03
N LYS L 296 63.69 56.39 -8.73
CA LYS L 296 63.73 56.38 -10.18
C LYS L 296 62.52 55.59 -10.65
N LYS L 297 61.99 55.93 -11.82
CA LYS L 297 60.83 55.20 -12.37
C LYS L 297 60.89 55.20 -13.90
N THR L 298 62.05 54.91 -14.46
CA THR L 298 62.29 55.09 -15.87
C THR L 298 61.34 54.24 -16.74
N ALA L 299 60.55 54.93 -17.57
CA ALA L 299 59.63 54.28 -18.50
C ALA L 299 60.21 54.22 -19.92
N SER L 300 59.82 53.17 -20.65
CA SER L 300 60.17 53.03 -22.07
C SER L 300 58.95 53.35 -22.95
N ASN L 301 59.21 54.04 -24.06
CA ASN L 301 58.15 54.40 -25.00
C ASN L 301 58.36 53.71 -26.34
N SER L 302 58.85 52.47 -26.29
CA SER L 302 59.10 51.72 -27.49
C SER L 302 57.79 51.44 -28.24
N LYS L 303 56.72 51.19 -27.49
CA LYS L 303 55.41 50.88 -28.09
C LYS L 303 54.87 52.10 -28.82
N LEU L 304 54.89 53.23 -28.14
CA LEU L 304 54.59 54.52 -28.75
C LEU L 304 55.40 54.72 -30.05
N ARG L 305 56.71 54.51 -29.98
CA ARG L 305 57.62 54.83 -31.07
C ARG L 305 57.30 54.03 -32.31
N THR L 306 56.77 52.83 -32.11
CA THR L 306 56.33 51.94 -33.18
C THR L 306 55.16 52.55 -33.94
N TYR L 307 54.27 53.23 -33.21
CA TYR L 307 53.18 53.99 -33.84
C TYR L 307 53.66 55.32 -34.46
N LEU L 308 54.49 56.07 -33.73
CA LEU L 308 54.88 57.41 -34.13
C LEU L 308 56.38 57.59 -33.97
N PRO L 309 57.19 56.95 -34.84
CA PRO L 309 58.64 57.07 -34.69
C PRO L 309 59.15 58.51 -34.84
N ASP L 310 58.54 59.27 -35.75
CA ASP L 310 59.03 60.58 -36.17
C ASP L 310 58.49 61.77 -35.33
N PHE L 311 57.48 61.56 -34.49
CA PHE L 311 56.96 62.61 -33.62
C PHE L 311 58.03 63.18 -32.69
N ARG L 312 58.23 64.51 -32.76
CA ARG L 312 59.28 65.17 -31.98
C ARG L 312 58.73 65.77 -30.68
N PHE L 313 59.43 65.50 -29.57
CA PHE L 313 59.08 66.11 -28.28
C PHE L 313 59.73 67.48 -28.17
N THR L 314 59.01 68.41 -27.54
CA THR L 314 59.55 69.74 -27.29
C THR L 314 60.76 69.57 -26.37
N PRO L 315 61.90 70.22 -26.70
CA PRO L 315 63.06 70.16 -25.80
C PRO L 315 62.69 70.63 -24.40
N PHE L 316 63.26 69.98 -23.38
CA PHE L 316 62.93 70.25 -21.97
C PHE L 316 63.18 71.70 -21.54
N LYS L 317 64.45 72.13 -21.57
CA LYS L 317 64.83 73.53 -21.22
C LYS L 317 63.89 74.61 -21.80
N GLN L 318 63.48 74.41 -23.05
CA GLN L 318 62.56 75.33 -23.76
C GLN L 318 61.16 75.42 -23.15
N ALA L 319 60.54 74.26 -22.97
CA ALA L 319 59.19 74.16 -22.42
C ALA L 319 59.14 74.56 -20.97
N VAL L 320 60.26 74.41 -20.26
CA VAL L 320 60.35 74.98 -18.91
C VAL L 320 60.23 76.51 -18.98
N LYS L 321 60.95 77.13 -19.91
CA LYS L 321 60.90 78.58 -20.09
C LYS L 321 59.49 79.05 -20.43
N GLU L 322 58.86 78.43 -21.44
CA GLU L 322 57.49 78.79 -21.83
C GLU L 322 56.52 78.73 -20.66
N THR L 323 56.62 77.67 -19.86
CA THR L 323 55.83 77.54 -18.65
C THR L 323 56.24 78.56 -17.58
N CYS L 324 57.52 78.93 -17.53
CA CYS L 324 57.99 79.95 -16.59
C CYS L 324 57.45 81.34 -16.94
N ALA L 325 57.35 81.62 -18.24
CA ALA L 325 56.80 82.89 -18.70
C ALA L 325 55.31 82.95 -18.43
N TRP L 326 54.62 81.85 -18.71
CA TRP L 326 53.20 81.82 -18.45
C TRP L 326 52.94 82.03 -16.98
N PHE L 327 53.67 81.34 -16.11
CA PHE L 327 53.37 81.41 -14.68
C PHE L 327 53.54 82.83 -14.16
N THR L 328 54.57 83.52 -14.62
CA THR L 328 54.86 84.89 -14.16
C THR L 328 53.79 85.88 -14.62
N ASP L 329 53.48 85.89 -15.92
CA ASP L 329 52.44 86.78 -16.47
C ASP L 329 51.00 86.39 -16.08
N ASN L 330 50.78 85.15 -15.66
CA ASN L 330 49.47 84.70 -15.20
C ASN L 330 49.44 84.44 -13.69
N TYR L 331 50.39 85.05 -12.97
CA TYR L 331 50.59 84.78 -11.56
C TYR L 331 49.30 84.89 -10.73
N GLU L 332 48.50 85.91 -11.02
CA GLU L 332 47.29 86.21 -10.23
C GLU L 332 46.16 85.20 -10.42
N GLN L 333 46.03 84.64 -11.64
CA GLN L 333 44.98 83.64 -11.95
C GLN L 333 45.38 82.22 -11.54
N ALA L 334 46.68 81.92 -11.64
CA ALA L 334 47.19 80.55 -11.44
C ALA L 334 46.86 80.00 -10.07
N ARG L 335 47.00 78.67 -9.98
CA ARG L 335 46.52 77.90 -8.84
C ARG L 335 47.63 77.71 -7.82
PA NAP M . -26.09 -14.90 43.21
O1A NAP M . -26.55 -16.13 43.94
O2A NAP M . -26.48 -14.73 41.75
O5B NAP M . -26.65 -13.63 44.00
C5B NAP M . -26.36 -12.31 43.61
C4B NAP M . -26.93 -11.34 44.64
O4B NAP M . -26.67 -10.01 44.18
C3B NAP M . -28.45 -11.45 44.81
O3B NAP M . -28.80 -11.30 46.21
C2B NAP M . -28.96 -10.31 43.96
O2B NAP M . -30.23 -9.79 44.35
C1B NAP M . -27.86 -9.28 44.14
N9A NAP M . -27.82 -8.34 43.02
C8A NAP M . -27.50 -8.61 41.74
N7A NAP M . -27.59 -7.47 40.99
C5A NAP M . -27.98 -6.47 41.80
C6A NAP M . -28.27 -5.02 41.69
N6A NAP M . -28.17 -4.40 40.49
N1A NAP M . -28.66 -4.34 42.80
C2A NAP M . -28.76 -4.96 44.00
N3A NAP M . -28.50 -6.28 44.17
C4A NAP M . -28.13 -7.06 43.13
O3 NAP M . -24.51 -14.67 43.40
PN NAP M . -23.61 -15.39 44.51
O1N NAP M . -23.11 -16.69 43.92
O2N NAP M . -24.28 -15.34 45.85
O5D NAP M . -22.35 -14.40 44.59
C5D NAP M . -22.14 -13.61 45.75
C4D NAP M . -20.77 -12.95 45.66
O4D NAP M . -19.79 -13.98 45.72
C3D NAP M . -20.56 -12.23 44.32
O3D NAP M . -19.89 -10.99 44.55
C2D NAP M . -19.68 -13.14 43.51
O2D NAP M . -18.86 -12.39 42.62
C1D NAP M . -18.91 -13.87 44.60
N1N NAP M . -18.42 -15.20 44.21
C2N NAP M . -19.25 -16.15 43.76
C3N NAP M . -18.75 -17.41 43.40
C7N NAP M . -19.65 -18.50 42.88
O7N NAP M . -19.16 -19.48 42.33
N7N NAP M . -20.98 -18.41 43.06
C4N NAP M . -17.40 -17.66 43.53
C5N NAP M . -16.57 -16.67 44.00
C6N NAP M . -17.10 -15.45 44.35
P2B NAP M . -31.59 -10.17 43.56
O1X NAP M . -32.45 -8.97 43.80
O2X NAP M . -31.16 -10.39 42.16
O3X NAP M . -32.01 -11.47 44.23
O1P GFB N . -18.75 -23.14 36.79
P GFB N . -18.27 -22.73 35.44
O3P GFB N . -19.26 -22.23 34.46
O2P GFB N . -17.23 -21.57 35.62
O5' GFB N . -17.41 -23.93 34.86
P1 GFB N . -15.62 -21.61 35.59
C5' GFB N . -17.37 -24.23 33.44
C4' GFB N . -16.48 -25.46 33.30
O4' GFB N . -17.22 -26.66 33.60
C3' GFB N . -16.01 -25.60 31.86
C1' GFB N . -17.55 -27.29 32.33
O3' GFB N . -14.88 -26.48 31.81
C2' GFB N . -17.21 -26.26 31.24
O2' GFB N . -16.82 -26.91 29.99
N9 GFB N . -18.99 -27.72 32.32
C8 GFB N . -19.41 -28.96 32.10
C4 GFB N . -20.05 -26.95 32.56
N7 GFB N . -20.74 -28.97 32.18
C5 GFB N . -21.14 -27.73 32.46
C6 GFB N . -22.35 -27.22 32.64
O6 GFB N . -23.36 -27.94 32.56
N1 GFB N . -22.47 -25.85 32.92
C2 GFB N . -21.32 -25.06 33.02
N2 GFB N . -21.38 -23.76 33.30
N3 GFB N . -20.13 -25.65 32.83
C1 GFB N . -16.27 -19.21 36.24
C2A GFB N . -16.02 -17.77 35.92
O1 GFB N . -15.41 -20.04 35.46
O5 GFB N . -15.95 -19.43 37.64
C3 GFB N . -17.06 -16.94 36.70
O2 GFB N . -16.15 -17.55 34.49
C4A GFB N . -17.48 -17.52 38.15
O3 GFB N . -16.57 -15.60 36.73
C5A GFB N . -16.96 -18.95 38.51
O4 GFB N . -17.22 -16.61 39.23
C6A GFB N . -16.40 -19.06 39.93
O1X GFB N . -15.09 -22.07 36.91
O2X GFB N . -15.10 -22.23 34.37
PA NAP O . -3.63 -32.84 4.72
O1A NAP O . -4.16 -31.98 3.59
O2A NAP O . -4.64 -33.58 5.59
O5B NAP O . -2.68 -33.98 4.03
C5B NAP O . -2.03 -34.99 4.80
C4B NAP O . -1.13 -35.78 3.87
O4B NAP O . -0.43 -36.76 4.67
C3B NAP O . -1.88 -36.51 2.77
O3B NAP O . -1.12 -36.51 1.55
C2B NAP O . -1.98 -37.92 3.33
O2B NAP O . -2.11 -38.92 2.31
C1B NAP O . -0.69 -38.05 4.11
N9A NAP O . -0.81 -39.04 5.19
C8A NAP O . -1.59 -38.95 6.29
N7A NAP O . -1.43 -40.08 7.03
C5A NAP O . -0.56 -40.88 6.40
C6A NAP O . 0.05 -42.21 6.61
N6A NAP O . -0.27 -42.92 7.71
N1A NAP O . 0.93 -42.69 5.71
C2A NAP O . 1.25 -41.98 4.60
N3A NAP O . 0.74 -40.77 4.35
C4A NAP O . -0.15 -40.19 5.19
O3 NAP O . -2.56 -32.07 5.65
PN NAP O . -1.78 -30.74 5.17
O1N NAP O . -2.59 -29.55 5.59
O2N NAP O . -1.35 -30.86 3.73
O5D NAP O . -0.47 -30.73 6.09
C5D NAP O . 0.81 -31.02 5.58
C4D NAP O . 1.86 -30.77 6.67
O4D NAP O . 1.84 -29.39 7.02
C3D NAP O . 1.57 -31.54 7.94
O3D NAP O . 2.80 -32.06 8.44
C2D NAP O . 1.02 -30.52 8.90
O2D NAP O . 1.41 -30.84 10.24
C1D NAP O . 1.68 -29.24 8.43
N1N NAP O . 0.93 -28.01 8.74
C2N NAP O . -0.34 -27.86 8.33
C3N NAP O . -1.04 -26.68 8.64
C7N NAP O . -2.46 -26.47 8.21
O7N NAP O . -3.11 -25.58 8.71
N7N NAP O . -3.01 -27.25 7.29
C4N NAP O . -0.40 -25.67 9.36
C5N NAP O . 0.92 -25.86 9.74
C6N NAP O . 1.56 -27.05 9.41
P2B NAP O . -3.57 -39.55 1.93
O1X NAP O . -3.24 -40.93 1.47
O2X NAP O . -4.34 -39.54 3.24
O3X NAP O . -4.10 -38.62 0.88
O1P GFB P . -8.55 -23.88 12.30
P GFB P . -8.83 -24.23 13.70
O3P GFB P . -9.68 -25.43 13.95
O2P GFB P . -7.37 -24.45 14.36
O5' GFB P . -9.42 -22.93 14.42
P1 GFB P . -6.60 -23.60 15.48
C5' GFB P . -10.41 -23.06 15.46
C4' GFB P . -10.74 -21.63 15.87
O4' GFB P . -11.69 -21.02 14.91
C3' GFB P . -11.45 -21.60 17.16
C1' GFB P . -13.01 -21.05 15.51
O3' GFB P . -11.33 -20.30 17.72
C2' GFB P . -12.90 -21.89 16.75
O2' GFB P . -13.85 -21.43 17.76
N9 GFB P . -13.99 -21.56 14.50
C8 GFB P . -15.08 -20.87 14.11
C4 GFB P . -13.96 -22.68 13.81
N7 GFB P . -15.73 -21.60 13.20
C5 GFB P . -15.03 -22.71 13.01
C6 GFB P . -15.23 -23.74 12.20
O6 GFB P . -16.20 -23.81 11.45
N1 GFB P . -14.33 -24.79 12.20
C2 GFB P . -13.24 -24.75 13.05
N2 GFB P . -12.35 -25.75 13.08
N3 GFB P . -13.09 -23.69 13.84
C1 GFB P . -5.16 -25.68 15.16
C2A GFB P . -4.41 -26.73 15.84
O1 GFB P . -5.68 -24.75 16.09
O5 GFB P . -4.20 -24.97 14.34
C3 GFB P . -4.01 -27.78 14.78
O2 GFB P . -5.24 -27.31 16.84
C4A GFB P . -3.69 -27.22 13.32
O3 GFB P . -2.92 -28.50 15.32
C5A GFB P . -4.00 -25.67 13.09
O4 GFB P . -2.36 -27.55 12.92
C6A GFB P . -2.90 -24.91 12.30
O1X GFB P . -5.76 -22.59 14.80
O2X GFB P . -7.48 -23.14 16.59
PA NAP Q . -43.82 -8.65 10.84
O1A NAP Q . -43.49 -8.76 9.36
O2A NAP Q . -43.46 -9.69 11.85
O5B NAP Q . -43.05 -7.33 11.39
C5B NAP Q . -43.24 -6.84 12.72
C4B NAP Q . -42.58 -5.48 12.90
O4B NAP Q . -42.75 -5.07 14.26
C3B NAP Q . -41.09 -5.51 12.61
O3B NAP Q . -40.68 -4.33 11.93
C2B NAP Q . -40.49 -5.57 13.98
O2B NAP Q . -39.18 -5.02 14.08
C1B NAP Q . -41.49 -4.77 14.81
N9A NAP Q . -41.44 -5.18 16.22
C8A NAP Q . -41.80 -6.36 16.73
N7A NAP Q . -41.61 -6.35 18.07
C5A NAP Q . -41.12 -5.15 18.41
C6A NAP Q . -40.69 -4.46 19.66
N6A NAP Q . -40.76 -5.09 20.86
N1A NAP Q . -40.25 -3.18 19.56
C2A NAP Q . -40.18 -2.54 18.38
N3A NAP Q . -40.54 -3.09 17.22
C4A NAP Q . -41.01 -4.38 17.18
O3 NAP Q . -45.40 -8.34 11.00
PN NAP Q . -46.29 -7.64 9.85
O1N NAP Q . -47.01 -8.70 9.04
O2N NAP Q . -45.46 -6.61 9.09
O5D NAP Q . -47.38 -6.89 10.74
C5D NAP Q . -47.54 -5.46 10.75
C4D NAP Q . -48.86 -5.08 11.42
O4D NAP Q . -49.96 -5.53 10.62
C3D NAP Q . -49.00 -5.77 12.79
O3D NAP Q . -49.47 -4.87 13.77
C2D NAP Q . -50.02 -6.87 12.53
O2D NAP Q . -50.82 -7.09 13.69
C1D NAP Q . -50.85 -6.32 11.41
N1N NAP Q . -51.48 -7.33 10.58
C2N NAP Q . -50.74 -8.27 9.97
C3N NAP Q . -51.35 -9.22 9.14
C7N NAP Q . -50.58 -10.29 8.46
O7N NAP Q . -51.22 -11.24 8.00
N7N NAP Q . -49.25 -10.21 8.34
C4N NAP Q . -52.73 -9.20 8.97
C5N NAP Q . -53.45 -8.22 9.63
C6N NAP Q . -52.79 -7.29 10.42
P2B NAP Q . -37.92 -6.04 14.11
O1X NAP Q . -36.93 -5.30 14.95
O2X NAP Q . -38.39 -7.35 14.71
O3X NAP Q . -37.63 -6.17 12.64
O1P GFB R . -51.94 -17.99 8.11
P GFB R . -52.53 -18.76 9.23
O3P GFB R . -51.57 -19.40 10.17
O2P GFB R . -53.43 -17.81 10.08
O5' GFB R . -53.60 -19.84 8.67
P1 GFB R . -55.03 -17.81 10.26
C5' GFB R . -53.62 -21.19 9.18
C4' GFB R . -54.63 -21.93 8.32
O4' GFB R . -54.02 -22.43 7.10
C3' GFB R . -55.11 -23.19 9.05
C1' GFB R . -53.75 -23.86 7.29
O3' GFB R . -56.29 -23.69 8.45
C2' GFB R . -53.99 -24.16 8.77
O2' GFB R . -54.37 -25.56 9.02
N9 GFB R . -52.37 -24.16 6.85
C8 GFB R . -52.05 -25.07 5.93
C4 GFB R . -51.22 -23.61 7.26
N7 GFB R . -50.72 -25.10 5.78
C5 GFB R . -50.21 -24.18 6.59
C6 GFB R . -48.96 -23.82 6.80
O6 GFB R . -48.04 -24.36 6.16
N1 GFB R . -48.70 -22.82 7.75
C2 GFB R . -49.76 -22.25 8.43
N2 GFB R . -49.57 -21.30 9.34
N3 GFB R . -51.00 -22.66 8.18
C1 GFB R . -54.17 -15.99 11.85
C2A GFB R . -54.26 -15.43 13.20
O1 GFB R . -55.16 -16.99 11.64
O5 GFB R . -54.54 -14.96 10.96
C3 GFB R . -53.13 -14.40 13.37
O2 GFB R . -54.13 -16.49 14.19
C4A GFB R . -52.77 -13.55 12.09
O3 GFB R . -53.46 -13.58 14.48
C5A GFB R . -53.42 -14.04 10.74
O4 GFB R . -52.99 -12.15 12.29
C6A GFB R . -53.93 -12.88 9.87
O1X GFB R . -55.64 -16.95 9.22
O2X GFB R . -55.53 -19.19 10.47
PA NAP S . 20.34 -50.04 34.09
O1A NAP S . 20.93 -50.59 35.38
O2A NAP S . 21.24 -49.77 32.89
O5B NAP S . 19.26 -51.10 33.59
C5B NAP S . 18.54 -50.90 32.39
C4B NAP S . 17.51 -52.01 32.29
O4B NAP S . 16.78 -51.83 31.09
C3B NAP S . 18.17 -53.39 32.21
O3B NAP S . 17.39 -54.34 32.94
C2B NAP S . 18.20 -53.68 30.73
O2B NAP S . 18.18 -55.06 30.43
C1B NAP S . 16.93 -53.01 30.28
N9A NAP S . 17.01 -52.66 28.85
C8A NAP S . 17.83 -51.76 28.28
N7A NAP S . 17.60 -51.74 26.94
C5A NAP S . 16.61 -52.62 26.66
C6A NAP S . 15.90 -53.09 25.47
N6A NAP S . 16.18 -52.59 24.24
N1A NAP S . 14.96 -54.05 25.63
C2A NAP S . 14.65 -54.56 26.85
N3A NAP S . 15.27 -54.17 27.96
C4A NAP S . 16.24 -53.23 27.93
O3 NAP S . 19.41 -48.73 34.28
PN NAP S . 18.74 -48.29 35.68
O1N NAP S . 19.70 -47.34 36.37
O2N NAP S . 18.25 -49.52 36.39
O5D NAP S . 17.51 -47.35 35.24
C5D NAP S . 16.17 -47.81 35.40
C4D NAP S . 15.22 -46.69 35.07
O4D NAP S . 15.47 -45.66 36.02
C3D NAP S . 15.50 -46.07 33.72
O3D NAP S . 14.28 -45.84 33.02
C2D NAP S . 16.19 -44.76 34.01
O2D NAP S . 15.90 -43.75 33.03
C1D NAP S . 15.64 -44.40 35.37
N1N NAP S . 16.50 -43.55 36.18
C2N NAP S . 17.77 -43.92 36.47
C3N NAP S . 18.58 -43.10 37.27
C7N NAP S . 20.01 -43.47 37.58
O7N NAP S . 20.79 -42.60 37.96
N7N NAP S . 20.42 -44.73 37.42
C4N NAP S . 18.07 -41.91 37.78
C5N NAP S . 16.75 -41.55 37.47
C6N NAP S . 15.99 -42.40 36.67
P2B NAP S . 19.52 -55.87 30.00
O1X NAP S . 18.97 -56.97 29.13
O2X NAP S . 20.32 -54.82 29.28
O3X NAP S . 20.11 -56.31 31.31
O1P GFB T . 26.44 -39.21 37.22
P GFB T . 26.77 -38.29 36.12
O3P GFB T . 27.44 -38.84 34.93
O2P GFB T . 25.37 -37.72 35.67
O5' GFB T . 27.57 -37.00 36.74
P1 GFB T . 24.79 -36.23 35.80
C5' GFB T . 28.60 -36.33 36.00
C4' GFB T . 29.10 -35.28 36.97
O4' GFB T . 30.07 -35.91 37.89
C3' GFB T . 29.90 -34.23 36.23
C1' GFB T . 31.38 -35.45 37.54
O3' GFB T . 30.01 -33.09 37.03
C2' GFB T . 31.25 -34.90 36.12
O2' GFB T . 32.26 -33.91 35.77
N9 GFB T . 32.26 -36.62 37.64
C8 GFB T . 33.38 -36.66 38.35
C4 GFB T . 32.09 -37.81 37.06
N7 GFB T . 33.91 -37.87 38.21
C5 GFB T . 33.11 -38.58 37.43
C6 GFB T . 33.20 -39.83 36.98
O6 GFB T . 34.16 -40.53 37.30
N1 GFB T . 32.19 -40.32 36.14
C2 GFB T . 31.13 -39.50 35.79
N2 GFB T . 30.15 -39.91 35.01
N3 GFB T . 31.12 -38.26 36.26
C1 GFB T . 23.14 -37.53 34.29
C2A GFB T . 22.32 -37.45 33.09
O1 GFB T . 23.79 -36.29 34.55
O5 GFB T . 22.27 -37.77 35.39
C3 GFB T . 21.76 -38.85 32.80
O2 GFB T . 23.10 -36.94 31.98
C4A GFB T . 21.39 -39.69 34.11
O3 GFB T . 20.62 -38.72 31.94
C5A GFB T . 21.88 -39.11 35.49
O4 GFB T . 19.97 -40.06 34.17
C6A GFB T . 20.81 -39.22 36.59
O1X GFB T . 24.06 -36.12 37.08
O2X GFB T . 25.78 -35.18 35.50
PA NAP U . -4.70 18.79 31.09
O1A NAP U . -3.83 19.76 30.35
O2A NAP U . -4.82 18.98 32.61
O5B NAP U . -6.16 18.90 30.51
C5B NAP U . -7.21 18.11 31.06
C4B NAP U . -8.46 18.38 30.26
O4B NAP U . -9.50 17.57 30.79
C3B NAP U . -8.91 19.82 30.34
O3B NAP U . -9.42 20.29 29.08
C2B NAP U . -10.01 19.76 31.38
O2B NAP U . -11.01 20.74 31.23
C1B NAP U . -10.59 18.39 31.13
N9A NAP U . -11.27 17.88 32.34
C8A NAP U . -10.69 17.56 33.52
N7A NAP U . -11.63 17.12 34.40
C5A NAP U . -12.81 17.17 33.77
C6A NAP U . -14.20 16.85 34.11
N6A NAP U . -14.53 16.38 35.33
N1A NAP U . -15.13 17.06 33.15
C2A NAP U . -14.84 17.54 31.91
N3A NAP U . -13.60 17.83 31.54
C4A NAP U . -12.57 17.67 32.41
O3 NAP U . -4.31 17.26 30.72
PN NAP U . -3.52 16.85 29.38
O1N NAP U . -2.05 16.85 29.65
O2N NAP U . -4.05 17.67 28.20
O5D NAP U . -3.99 15.32 29.16
C5D NAP U . -4.88 14.95 28.10
C4D NAP U . -4.97 13.42 28.04
O4D NAP U . -3.68 12.91 27.68
C3D NAP U . -5.33 12.80 29.38
O3D NAP U . -6.30 11.76 29.21
C2D NAP U . -4.02 12.25 29.91
O2D NAP U . -4.20 11.09 30.70
C1D NAP U . -3.25 11.93 28.64
N1N NAP U . -1.81 11.95 28.78
C2N NAP U . -1.16 13.03 29.25
C3N NAP U . 0.23 13.02 29.38
C7N NAP U . 1.01 14.20 29.91
O7N NAP U . 2.18 14.05 30.28
N7N NAP U . 0.44 15.41 29.96
C4N NAP U . 0.95 11.89 28.98
C5N NAP U . 0.26 10.80 28.47
C6N NAP U . -1.13 10.86 28.38
P2B NAP U . -10.96 22.04 32.16
O1X NAP U . -12.40 22.46 32.30
O2X NAP U . -10.33 21.61 33.46
O3X NAP U . -10.11 22.98 31.35
O1P GFB V . 6.72 14.48 35.11
P GFB V . 6.72 13.72 36.41
O3P GFB V . 6.06 14.31 37.59
O2P GFB V . 5.97 12.34 36.11
O5' GFB V . 8.24 13.34 36.72
P1 GFB V . 6.58 10.87 35.97
C5' GFB V . 8.75 13.25 38.05
C4' GFB V . 10.20 12.86 37.89
O4' GFB V . 11.02 14.02 37.59
C3' GFB V . 10.77 12.35 39.21
C1' GFB V . 11.69 14.45 38.83
O3' GFB V . 11.99 11.65 38.96
C2' GFB V . 11.06 13.64 39.96
O2' GFB V . 11.99 13.43 41.05
N9 GFB V . 11.55 15.93 39.01
C8 GFB V . 12.58 16.77 39.13
C4 GFB V . 10.43 16.65 39.04
N7 GFB V . 12.09 18.00 39.26
C5 GFB V . 10.76 17.93 39.19
C6 GFB V . 9.83 18.85 39.25
O6 GFB V . 10.16 20.02 39.39
N1 GFB V . 8.48 18.50 39.17
C2 GFB V . 8.15 17.16 39.01
N2 GFB V . 6.90 16.75 38.90
N3 GFB V . 9.14 16.28 38.94
C1 GFB V . 4.02 10.61 35.73
C2A GFB V . 2.85 9.83 36.16
O1 GFB V . 5.23 10.04 36.23
O5 GFB V . 4.10 10.55 34.32
C3 GFB V . 1.59 10.54 35.66
O2 GFB V . 2.84 9.76 37.59
C4A GFB V . 1.69 11.28 34.28
O3 GFB V . 0.53 9.58 35.63
C5A GFB V . 3.17 11.40 33.67
O4 GFB V . 0.72 10.74 33.32
C6A GFB V . 3.22 11.11 32.16
O1X GFB V . 7.04 10.60 34.58
O2X GFB V . 7.50 10.62 37.08
PA NAP W . -61.79 2.04 46.69
O1A NAP W . -62.50 2.02 48.02
O2A NAP W . -61.61 3.31 45.89
O5B NAP W . -60.33 1.53 47.01
C5B NAP W . -59.38 1.47 45.95
C4B NAP W . -58.14 0.83 46.53
O4B NAP W . -57.16 0.72 45.49
C3B NAP W . -57.55 1.69 47.65
O3B NAP W . -57.07 0.83 48.67
C2B NAP W . -56.46 2.45 46.94
O2B NAP W . -55.36 2.83 47.76
C1B NAP W . -56.00 1.45 45.88
N9A NAP W . -55.37 2.16 44.73
C8A NAP W . -55.95 2.99 43.87
N7A NAP W . -55.04 3.41 42.95
C5A NAP W . -53.87 2.83 43.24
C6A NAP W . -52.49 2.84 42.70
N6A NAP W . -52.19 3.57 41.61
N1A NAP W . -51.56 2.09 43.31
C2A NAP W . -51.84 1.35 44.40
N3A NAP W . -53.06 1.29 44.94
C4A NAP W . -54.09 2.01 44.41
O3 NAP W . -62.38 0.90 45.68
PN NAP W . -63.25 -0.36 46.15
O1N NAP W . -64.70 -0.01 45.99
O2N NAP W . -62.74 -0.88 47.46
O5D NAP W . -62.88 -1.37 44.97
C5D NAP W . -62.08 -2.54 45.15
C4D NAP W . -62.17 -3.42 43.90
O4D NAP W . -63.51 -3.90 43.75
C3D NAP W . -61.85 -2.67 42.62
O3D NAP W . -61.03 -3.50 41.80
C2D NAP W . -63.20 -2.41 41.99
O2D NAP W . -63.11 -2.32 40.57
C1D NAP W . -64.00 -3.62 42.45
N1N NAP W . -65.44 -3.42 42.50
C2N NAP W . -65.97 -2.38 43.18
C3N NAP W . -67.36 -2.18 43.22
C7N NAP W . -67.98 -1.02 43.97
O7N NAP W . -69.13 -0.70 43.73
N7N NAP W . -67.29 -0.35 44.89
C4N NAP W . -68.18 -3.08 42.56
C5N NAP W . -67.61 -4.16 41.87
C6N NAP W . -66.22 -4.30 41.86
P2B NAP W . -55.22 4.29 48.32
O1X NAP W . -53.73 4.42 48.46
O2X NAP W . -55.82 5.17 47.26
O3X NAP W . -56.04 4.28 49.60
O1P GFB X . -73.50 3.90 41.68
P GFB X . -73.54 4.55 40.37
O3P GFB X . -72.78 5.80 40.16
O2P GFB X . -72.96 3.49 39.34
O5' GFB X . -75.09 4.72 39.96
P1 GFB X . -73.77 2.62 38.26
C5' GFB X . -75.59 5.82 39.19
C4' GFB X . -77.10 5.59 39.08
O4' GFB X . -77.78 6.04 40.27
C3' GFB X . -77.67 6.44 37.95
C1' GFB X . -78.37 7.34 40.00
O3' GFB X . -78.95 5.95 37.56
C2' GFB X . -77.80 7.77 38.64
O2' GFB X . -78.73 8.63 37.92
N9 GFB X . -78.08 8.29 41.11
C8 GFB X . -79.02 8.94 41.80
C4 GFB X . -76.91 8.61 41.61
N7 GFB X . -78.41 9.68 42.72
C5 GFB X . -77.09 9.48 42.60
C6 GFB X . -76.06 9.99 43.29
O6 GFB X . -76.25 10.78 44.21
N1 GFB X . -74.74 9.60 42.97
C2 GFB X . -74.58 8.70 41.92
N2 GFB X . -73.38 8.28 41.56
N3 GFB X . -75.67 8.23 41.28
C1 GFB X . -71.23 2.09 37.98
C2A GFB X . -70.12 1.94 36.99
O1 GFB X . -72.51 2.22 37.37
O5 GFB X . -71.34 0.87 38.65
C3 GFB X . -68.82 1.83 37.76
O2 GFB X . -70.03 3.09 36.13
C4A GFB X . -68.90 1.07 39.15
O3 GFB X . -67.85 1.25 36.91
C5A GFB X . -70.34 0.73 39.68
O4 GFB X . -68.06 -0.08 39.18
C6A GFB X . -70.45 -0.67 40.29
O1X GFB X . -74.21 1.41 38.91
O2X GFB X . -74.72 3.41 37.46
C1 EDO Y . -44.63 -0.20 32.79
O1 EDO Y . -44.43 -1.52 32.21
C2 EDO Y . -45.79 -0.22 33.80
O2 EDO Y . -46.89 0.56 33.32
PA NAP Z . 57.83 -25.16 -58.25
O1A NAP Z . 58.23 -25.37 -59.70
O2A NAP Z . 58.35 -26.11 -57.20
O5B NAP Z . 58.39 -23.71 -57.87
C5B NAP Z . 58.20 -23.20 -56.56
C4B NAP Z . 58.69 -21.77 -56.54
O4B NAP Z . 58.48 -21.25 -55.23
C3B NAP Z . 60.17 -21.64 -56.84
O3B NAP Z . 60.45 -20.46 -57.60
C2B NAP Z . 60.78 -21.55 -55.46
O2B NAP Z . 62.02 -20.87 -55.43
C1B NAP Z . 59.71 -20.78 -54.70
N9A NAP Z . 59.80 -21.06 -53.27
C8A NAP Z . 59.58 -22.24 -52.64
N7A NAP Z . 59.77 -22.09 -51.31
C5A NAP Z . 60.10 -20.81 -51.07
C6A NAP Z . 60.45 -19.99 -49.89
N6A NAP Z . 60.46 -20.53 -48.66
N1A NAP Z . 60.72 -18.68 -50.09
C2A NAP Z . 60.71 -18.12 -51.33
N3A NAP Z . 60.42 -18.82 -52.46
C4A NAP Z . 60.11 -20.14 -52.38
O3 NAP Z . 56.24 -24.98 -58.08
PN NAP Z . 55.28 -24.57 -59.31
O1N NAP Z . 54.70 -25.77 -60.00
O2N NAP Z . 55.94 -23.49 -60.13
O5D NAP Z . 54.03 -23.94 -58.51
C5D NAP Z . 53.75 -22.54 -58.58
C4D NAP Z . 52.41 -22.27 -57.93
O4D NAP Z . 51.37 -22.91 -58.68
C3D NAP Z . 52.34 -22.84 -56.53
O3D NAP Z . 51.70 -21.91 -55.65
C2D NAP Z . 51.48 -24.08 -56.67
O2D NAP Z . 50.71 -24.32 -55.50
C1D NAP Z . 50.58 -23.73 -57.83
N1N NAP Z . 50.09 -24.89 -58.57
C2N NAP Z . 50.93 -25.80 -59.08
C3N NAP Z . 50.44 -26.89 -59.82
C7N NAP Z . 51.36 -27.93 -60.40
O7N NAP Z . 50.92 -29.01 -60.74
N7N NAP Z . 52.64 -27.68 -60.56
C4N NAP Z . 49.06 -27.01 -60.01
C5N NAP Z . 48.22 -26.04 -59.48
C6N NAP Z . 48.77 -24.98 -58.77
P2B NAP Z . 63.40 -21.68 -55.39
O1X NAP Z . 64.34 -20.73 -54.69
O2X NAP Z . 63.11 -22.91 -54.60
O3X NAP Z . 63.70 -21.91 -56.85
O1P GFB AA . 50.90 -35.66 -60.11
P GFB AA . 50.45 -36.45 -58.95
O3P GFB AA . 51.45 -36.91 -57.96
O2P GFB AA . 49.40 -35.50 -58.18
O5' GFB AA . 49.54 -37.70 -59.43
P1 GFB AA . 47.82 -35.71 -58.00
C5' GFB AA . 49.59 -38.96 -58.72
C4' GFB AA . 48.70 -39.86 -59.52
O4' GFB AA . 49.41 -40.36 -60.72
C3' GFB AA . 48.38 -41.12 -58.71
C1' GFB AA . 49.84 -41.73 -60.43
O3' GFB AA . 47.23 -41.81 -59.32
C2' GFB AA . 49.64 -41.95 -58.92
O2' GFB AA . 49.42 -43.33 -58.62
N9 GFB AA . 51.23 -41.93 -60.86
C8 GFB AA . 51.63 -42.88 -61.71
C4 GFB AA . 52.27 -41.22 -60.50
N7 GFB AA . 52.94 -42.77 -61.87
C5 GFB AA . 53.34 -41.74 -61.11
C6 GFB AA . 54.55 -41.21 -60.93
O6 GFB AA . 55.53 -41.68 -61.54
N1 GFB AA . 54.70 -40.12 -60.08
C2 GFB AA . 53.55 -39.60 -59.46
N2 GFB AA . 53.63 -38.55 -58.61
N3 GFB AA . 52.36 -40.17 -59.69
C1 GFB AA . 48.49 -33.66 -56.53
C2A GFB AA . 48.36 -33.02 -55.21
O1 GFB AA . 47.72 -34.85 -56.62
O5 GFB AA . 47.96 -32.73 -57.47
C3 GFB AA . 49.34 -31.85 -55.15
O2 GFB AA . 48.69 -33.96 -54.17
C4A GFB AA . 49.57 -31.07 -56.51
O3 GFB AA . 48.91 -30.97 -54.09
C5A GFB AA . 48.95 -31.74 -57.81
O4 GFB AA . 49.19 -29.67 -56.45
C6A GFB AA . 48.32 -30.72 -58.78
O1X GFB AA . 47.10 -35.03 -59.11
O2X GFB AA . 47.37 -37.08 -57.69
PA NAP BA . -12.07 4.68 -21.26
O1A NAP BA . -11.48 4.34 -19.91
O2A NAP BA . -11.14 4.92 -22.44
O5B NAP BA . -13.00 3.43 -21.66
C5B NAP BA . -13.73 3.45 -22.87
C4B NAP BA . -14.63 2.23 -22.92
O4B NAP BA . -15.36 2.25 -24.15
C3B NAP BA . -13.84 0.94 -22.88
O3B NAP BA . -14.54 -0.05 -22.11
C2B NAP BA . -13.77 0.54 -24.33
O2B NAP BA . -13.63 -0.86 -24.57
C1B NAP BA . -15.10 1.04 -24.85
N9A NAP BA . -15.03 1.27 -26.30
C8A NAP BA . -14.29 2.19 -26.95
N7A NAP BA . -14.49 2.09 -28.28
C5A NAP BA . -15.36 1.09 -28.49
C6A NAP BA . -15.99 0.43 -29.65
N6A NAP BA . -15.73 0.85 -30.90
N1A NAP BA . -16.84 -0.60 -29.41
C2A NAP BA . -17.12 -1.04 -28.18
N3A NAP BA . -16.57 -0.48 -27.08
C4A NAP BA . -15.71 0.56 -27.18
O3 NAP BA . -13.13 5.91 -21.16
PN NAP BA . -13.80 6.40 -19.79
O1N NAP BA . -12.98 7.49 -19.16
O2N NAP BA . -14.18 5.21 -18.93
O5D NAP BA . -15.15 7.06 -20.38
C5D NAP BA . -16.44 6.49 -20.17
C4D NAP BA . -17.51 7.47 -20.57
O4D NAP BA . -17.43 8.60 -19.70
C3D NAP BA . -17.30 8.01 -21.96
O3D NAP BA . -18.56 8.04 -22.63
C2D NAP BA . -16.74 9.39 -21.77
O2D NAP BA . -17.06 10.24 -22.86
C1D NAP BA . -17.36 9.80 -20.46
N1N NAP BA . -16.60 10.80 -19.70
C2N NAP BA . -15.30 10.60 -19.38
C3N NAP BA . -14.59 11.57 -18.64
C7N NAP BA . -13.13 11.38 -18.28
O7N NAP BA . -12.46 12.35 -17.92
N7N NAP BA . -12.58 10.15 -18.33
C4N NAP BA . -15.24 12.73 -18.24
C5N NAP BA . -16.57 12.91 -18.57
C6N NAP BA . -17.23 11.91 -19.30
P2B NAP BA . -12.20 -1.53 -24.86
O1X NAP BA . -12.55 -2.74 -25.68
O2X NAP BA . -11.40 -0.47 -25.57
O3X NAP BA . -11.69 -1.81 -23.46
O1P GFB CA . -7.22 16.30 -18.91
P GFB CA . -6.95 17.16 -20.10
O3P GFB CA . -6.16 16.60 -21.21
O2P GFB CA . -8.34 17.55 -20.68
O5' GFB CA . -6.32 18.54 -19.56
P1 GFB CA . -9.14 18.95 -20.55
C5' GFB CA . -5.34 19.26 -20.32
C4' GFB CA . -5.00 20.45 -19.41
O4' GFB CA . -3.99 20.02 -18.45
C3' GFB CA . -4.31 21.51 -20.21
C1' GFB CA . -2.69 20.54 -18.84
O3' GFB CA . -4.40 22.76 -19.51
C2' GFB CA . -2.88 21.00 -20.27
O2' GFB CA . -2.00 22.12 -20.58
N9 GFB CA . -1.71 19.46 -18.64
C8 GFB CA . -0.61 19.58 -17.89
C4 GFB CA . -1.73 18.23 -19.10
N7 GFB CA . 0.05 18.42 -17.91
C5 GFB CA . -0.66 17.57 -18.65
C6 GFB CA . -0.44 16.29 -18.98
O6 GFB CA . 0.56 15.67 -18.57
N1 GFB CA . -1.35 15.64 -19.81
C2 GFB CA . -2.46 16.32 -20.26
N2 GFB CA . -3.37 15.73 -21.04
N3 GFB CA . -2.60 17.61 -19.90
C1 GFB CA . -10.65 17.37 -21.97
C2A GFB CA . -11.45 17.24 -23.20
O1 GFB CA . -10.13 18.71 -21.80
O5 GFB CA . -11.58 17.14 -20.90
C3 GFB CA . -11.86 15.81 -23.34
O2 GFB CA . -10.69 17.64 -24.35
C4A GFB CA . -12.16 15.02 -22.00
O3 GFB CA . -12.98 15.78 -24.19
C5A GFB CA . -11.77 15.76 -20.68
O4 GFB CA . -13.54 14.53 -21.93
C6A GFB CA . -12.82 15.61 -19.56
O1X GFB CA . -9.90 18.97 -19.30
O2X GFB CA . -8.29 20.09 -20.91
PA NAP DA . -37.11 17.20 -52.40
O1A NAP DA . -37.64 17.90 -53.62
O2A NAP DA . -38.08 16.49 -51.50
O5B NAP DA . -36.06 16.14 -52.97
C5B NAP DA . -35.31 15.28 -52.13
C4B NAP DA . -34.32 14.49 -52.96
O4B NAP DA . -33.60 13.65 -52.07
C3B NAP DA . -34.99 13.61 -54.01
O3B NAP DA . -34.23 13.60 -55.20
C2B NAP DA . -34.99 12.27 -53.34
O2B NAP DA . -35.00 11.19 -54.26
C1B NAP DA . -33.72 12.31 -52.53
N9A NAP DA . -33.77 11.39 -51.39
C8A NAP DA . -34.57 11.48 -50.32
N7A NAP DA . -34.33 10.44 -49.47
C5A NAP DA . -33.38 9.68 -50.02
C6A NAP DA . -32.66 8.43 -49.68
N6A NAP DA . -32.94 7.78 -48.54
N1A NAP DA . -31.71 7.98 -50.54
C2A NAP DA . -31.42 8.62 -51.69
N3A NAP DA . -32.04 9.76 -52.05
C4A NAP DA . -33.00 10.31 -51.28
O3 NAP DA . -36.14 18.15 -51.52
PN NAP DA . -35.49 19.54 -52.07
O1N NAP DA . -36.45 20.67 -51.71
O2N NAP DA . -35.04 19.44 -53.51
O5D NAP DA . -34.21 19.68 -51.12
C5D NAP DA . -32.88 19.52 -51.59
C4D NAP DA . -31.90 19.94 -50.52
O4D NAP DA . -32.05 21.34 -50.28
C3D NAP DA . -32.14 19.26 -49.18
O3D NAP DA . -30.87 18.89 -48.61
C2D NAP DA . -32.81 20.30 -48.32
O2D NAP DA . -32.51 20.19 -46.92
C1D NAP DA . -32.26 21.60 -48.88
N1N NAP DA . -33.13 22.76 -48.68
C2N NAP DA . -34.40 22.78 -49.13
C3N NAP DA . -35.22 23.90 -48.94
C7N NAP DA . -36.66 23.93 -49.41
O7N NAP DA . -37.39 24.79 -48.94
N7N NAP DA . -37.12 23.05 -50.31
C4N NAP DA . -34.70 25.02 -48.29
C5N NAP DA . -33.39 24.99 -47.86
C6N NAP DA . -32.62 23.84 -48.07
P2B NAP DA . -36.37 10.41 -54.61
O1X NAP DA . -35.90 9.01 -54.94
O2X NAP DA . -37.23 10.50 -53.40
O3X NAP DA . -36.93 11.17 -55.77
O1P GFB EA . -42.97 26.28 -45.73
P GFB EA . -43.31 25.98 -44.33
O3P GFB EA . -44.02 24.72 -44.04
O2P GFB EA . -41.92 25.93 -43.55
O5' GFB EA . -44.06 27.26 -43.64
P1 GFB EA . -41.30 26.95 -42.46
C5' GFB EA . -45.12 27.13 -42.66
C4' GFB EA . -45.59 28.55 -42.40
O4' GFB EA . -46.53 28.97 -43.44
C3' GFB EA . -46.37 28.60 -41.08
C1' GFB EA . -47.88 28.88 -42.84
O3' GFB EA . -46.43 29.95 -40.55
C2' GFB EA . -47.74 28.11 -41.54
O2' GFB EA . -48.76 28.46 -40.53
N9 GFB EA . -48.80 28.25 -43.84
C8 GFB EA . -49.90 28.80 -44.31
C4 GFB EA . -48.65 27.07 -44.43
N7 GFB EA . -50.46 27.97 -45.17
C5 GFB EA . -49.67 26.90 -45.26
C6 GFB EA . -49.78 25.78 -46.00
O6 GFB EA . -50.72 25.61 -46.78
N1 GFB EA . -48.79 24.79 -45.86
C2 GFB EA . -47.74 25.00 -45.00
N2 GFB EA . -46.77 24.09 -44.86
N3 GFB EA . -47.70 26.14 -44.31
C1 GFB EA . -39.70 24.98 -42.64
C2A GFB EA . -38.87 24.03 -41.86
O1 GFB EA . -40.29 25.94 -41.79
O5 GFB EA . -38.82 25.70 -43.49
C3 GFB EA . -38.30 22.97 -42.81
O2 GFB EA . -39.67 23.39 -40.86
C4A GFB EA . -37.96 23.47 -44.27
O3 GFB EA . -37.15 22.38 -42.18
C5A GFB EA . -38.43 24.94 -44.64
O4 GFB EA . -36.54 23.26 -44.58
C6A GFB EA . -37.37 25.74 -45.43
O1X GFB EA . -40.56 27.98 -43.21
O2X GFB EA . -42.29 27.34 -41.44
PA NAP FA . 38.67 -14.22 -22.76
O1A NAP FA . 37.89 -14.23 -21.46
O2A NAP FA . 38.71 -12.98 -23.61
O5B NAP FA . 40.21 -14.54 -22.39
C5B NAP FA . 41.20 -14.57 -23.40
C4B NAP FA . 42.50 -15.00 -22.78
O4B NAP FA . 43.46 -15.01 -23.83
C3B NAP FA . 43.01 -14.04 -21.72
O3B NAP FA . 43.60 -14.75 -20.63
C2B NAP FA . 44.00 -13.20 -22.48
O2B NAP FA . 45.06 -12.65 -21.70
C1B NAP FA . 44.56 -14.19 -23.46
N9A NAP FA . 45.12 -13.50 -24.64
C8A NAP FA . 44.44 -12.81 -25.56
N7A NAP FA . 45.31 -12.33 -26.50
C5A NAP FA . 46.54 -12.72 -26.16
C6A NAP FA . 47.91 -12.58 -26.69
N6A NAP FA . 48.13 -11.87 -27.82
N1A NAP FA . 48.93 -13.17 -26.01
C2A NAP FA . 48.74 -13.88 -24.88
N3A NAP FA . 47.53 -14.05 -24.34
C4A NAP FA . 46.42 -13.52 -24.92
O3 NAP FA . 38.27 -15.46 -23.73
PN NAP FA . 37.62 -16.82 -23.18
O1N NAP FA . 36.12 -16.71 -23.29
O2N NAP FA . 38.26 -17.20 -21.85
O5D NAP FA . 38.08 -17.88 -24.30
C5D NAP FA . 39.01 -18.92 -24.00
C4D NAP FA . 39.06 -19.90 -25.17
O4D NAP FA . 37.81 -20.57 -25.29
C3D NAP FA . 39.30 -19.19 -26.49
O3D NAP FA . 40.25 -19.95 -27.23
C2D NAP FA . 37.95 -19.16 -27.17
O2D NAP FA . 38.08 -19.20 -28.59
C1D NAP FA . 37.29 -20.41 -26.61
N1N NAP FA . 35.83 -20.35 -26.59
C2N NAP FA . 35.17 -19.35 -25.96
C3N NAP FA . 33.77 -19.31 -25.93
C7N NAP FA . 33.02 -18.20 -25.27
O7N NAP FA . 31.84 -18.03 -25.54
N7N NAP FA . 33.61 -17.40 -24.37
C4N NAP FA . 33.06 -20.34 -26.57
C5N NAP FA . 33.76 -21.37 -27.19
C6N NAP FA . 35.15 -21.35 -27.18
P2B NAP FA . 44.97 -11.12 -21.22
O1X NAP FA . 46.41 -10.72 -21.06
O2X NAP FA . 44.26 -10.39 -22.31
O3X NAP FA . 44.18 -11.23 -19.91
O1P GFB GA . 26.92 -14.10 -27.83
P GFB GA . 26.80 -13.54 -29.19
O3P GFB GA . 27.33 -12.19 -29.48
O2P GFB GA . 27.53 -14.56 -30.16
O5' GFB GA . 25.27 -13.63 -29.60
P1 GFB GA . 26.83 -15.62 -31.17
C5' GFB GA . 24.66 -12.63 -30.42
C4' GFB GA . 23.21 -13.04 -30.51
O4' GFB GA . 22.51 -12.57 -29.32
C3' GFB GA . 22.54 -12.32 -31.69
C1' GFB GA . 21.71 -11.41 -29.71
O3' GFB GA . 21.34 -12.99 -32.07
C2' GFB GA . 22.23 -10.98 -31.08
O2' GFB GA . 21.22 -10.32 -31.84
N9 GFB GA . 21.88 -10.38 -28.66
C8 GFB GA . 20.88 -9.83 -27.99
C4 GFB GA . 23.00 -9.89 -28.18
N7 GFB GA . 21.38 -8.96 -27.13
C5 GFB GA . 22.69 -9.00 -27.24
C6 GFB GA . 23.64 -8.34 -26.58
O6 GFB GA . 23.34 -7.53 -25.70
N1 GFB GA . 24.98 -8.58 -26.90
C2 GFB GA . 25.28 -9.51 -27.90
N2 GFB GA . 26.53 -9.79 -28.25
N3 GFB GA . 24.27 -10.13 -28.51
C1 GFB GA . 29.46 -15.89 -31.42
C2A GFB GA . 30.57 -15.96 -32.37
O1 GFB GA . 28.15 -15.88 -32.09
O5 GFB GA . 29.54 -17.09 -30.68
C3 GFB GA . 31.88 -15.89 -31.60
O2 GFB GA . 30.48 -14.86 -33.28
C4A GFB GA . 31.89 -16.54 -30.16
O3 GFB GA . 32.90 -16.47 -32.42
C5A GFB GA . 30.49 -17.01 -29.63
O4 GFB GA . 32.90 -17.56 -30.05
C6A GFB GA . 30.55 -18.39 -28.94
O1X GFB GA . 26.48 -16.88 -30.50
O2X GFB GA . 25.80 -14.97 -31.97
PA NAP HA . 27.51 33.18 0.31
O1A NAP HA . 27.18 31.94 1.09
O2A NAP HA . 27.03 33.32 -1.11
O5B NAP HA . 26.86 34.40 1.11
C5B NAP HA . 26.95 35.73 0.63
C4B NAP HA . 26.30 36.63 1.66
O4B NAP HA . 26.41 37.97 1.20
C3B NAP HA . 24.83 36.34 1.85
O3B NAP HA . 24.49 36.53 3.24
C2B NAP HA . 24.16 37.37 0.99
O2B NAP HA . 22.84 37.71 1.42
C1B NAP HA . 25.11 38.54 1.11
N9A NAP HA . 25.01 39.43 -0.06
C8A NAP HA . 25.33 39.15 -1.33
N7A NAP HA . 25.08 40.23 -2.12
C5A NAP HA . 24.59 41.20 -1.33
C6A NAP HA . 24.11 42.58 -1.49
N6A NAP HA . 24.11 43.18 -2.71
N1A NAP HA . 23.67 43.24 -0.41
C2A NAP HA . 23.66 42.67 0.81
N3A NAP HA . 24.07 41.43 1.04
C4A NAP HA . 24.55 40.67 0.03
O3 NAP HA . 29.07 33.58 0.41
PN NAP HA . 30.08 33.02 1.54
O1N NAP HA . 30.73 31.77 1.01
O2N NAP HA . 29.36 32.99 2.88
O5D NAP HA . 31.21 34.18 1.55
C5D NAP HA . 31.36 35.04 2.66
C4D NAP HA . 32.63 35.86 2.53
O4D NAP HA . 33.76 35.00 2.62
C3D NAP HA . 32.71 36.55 1.18
O3D NAP HA . 33.18 37.89 1.36
C2D NAP HA . 33.69 35.73 0.40
O2D NAP HA . 34.42 36.55 -0.51
C1D NAP HA . 34.59 35.15 1.48
N1N NAP HA . 35.23 33.87 1.14
C2N NAP HA . 34.50 32.80 0.74
C3N NAP HA . 35.13 31.59 0.41
C7N NAP HA . 34.34 30.39 -0.03
O7N NAP HA . 34.94 29.46 -0.57
N7N NAP HA . 33.04 30.31 0.16
C4N NAP HA . 36.52 31.50 0.52
C5N NAP HA . 37.24 32.61 0.94
C6N NAP HA . 36.57 33.78 1.25
P2B NAP HA . 21.55 37.11 0.67
O1X NAP HA . 20.53 38.21 0.84
O2X NAP HA . 21.97 36.84 -0.75
O3X NAP HA . 21.28 35.85 1.45
O1P GFB IA . 35.64 25.55 -5.98
P GFB IA . 36.10 25.97 -7.32
O3P GFB IA . 35.04 26.38 -8.28
O2P GFB IA . 37.01 27.30 -7.08
O5' GFB IA . 37.14 24.92 -7.92
P1 GFB IA . 38.60 27.50 -7.27
C5' GFB IA . 37.15 24.60 -9.32
C4' GFB IA . 38.17 23.50 -9.45
O4' GFB IA . 37.63 22.21 -9.11
C3' GFB IA . 38.60 23.33 -10.91
C1' GFB IA . 37.29 21.50 -10.37
O3' GFB IA . 39.83 22.58 -10.99
C2' GFB IA . 37.45 22.52 -11.48
O2' GFB IA . 37.83 21.88 -12.68
N9 GFB IA . 35.93 20.89 -10.32
C8 GFB IA . 35.67 19.60 -10.46
C4 GFB IA . 34.78 21.54 -10.06
N7 GFB IA . 34.36 19.43 -10.32
C5 GFB IA . 33.80 20.63 -10.07
C6 GFB IA . 32.55 20.99 -9.86
O6 GFB IA . 31.63 20.16 -9.88
N1 GFB IA . 32.27 22.33 -9.61
C2 GFB IA . 33.32 23.26 -9.59
N2 GFB IA . 33.09 24.55 -9.36
N3 GFB IA . 34.56 22.83 -9.83
C1 GFB IA . 37.65 29.83 -6.75
C2A GFB IA . 37.70 31.26 -7.12
O1 GFB IA . 38.63 29.08 -7.43
O5 GFB IA . 38.07 29.72 -5.40
C3 GFB IA . 36.59 31.98 -6.33
O2 GFB IA . 37.52 31.44 -8.54
C4A GFB IA . 36.31 31.44 -4.88
O3 GFB IA . 36.92 33.36 -6.28
C5A GFB IA . 37.03 30.08 -4.49
O4 GFB IA . 36.55 32.45 -3.91
C6A GFB IA . 37.60 30.09 -3.06
O1X GFB IA . 39.24 27.09 -6.04
O2X GFB IA . 39.10 26.95 -8.56
PA NAP JA . 44.58 68.73 -12.36
O1A NAP JA . 45.25 69.84 -13.13
O2A NAP JA . 44.48 68.76 -10.86
O5B NAP JA . 43.08 68.64 -12.92
C5B NAP JA . 42.14 67.71 -12.38
C4B NAP JA . 40.84 67.82 -13.16
O4B NAP JA . 39.92 66.89 -12.60
C3B NAP JA . 40.20 69.20 -13.09
O3B NAP JA . 39.60 69.50 -14.35
C2B NAP JA . 39.16 69.03 -12.00
O2B NAP JA . 38.05 69.91 -12.13
C1B NAP JA . 38.74 67.60 -12.23
N9A NAP JA . 38.18 67.02 -10.98
C8A NAP JA . 38.82 66.77 -9.84
N7A NAP JA . 37.96 66.22 -8.93
C5A NAP JA . 36.75 66.13 -9.51
C6A NAP JA . 35.41 65.66 -9.14
N6A NAP JA . 35.19 65.16 -7.91
N1A NAP JA . 34.43 65.74 -10.05
C2A NAP JA . 34.64 66.23 -11.31
N3A NAP JA . 35.83 66.69 -11.72
C4A NAP JA . 36.90 66.67 -10.87
O3 NAP JA . 45.17 67.28 -12.77
PN NAP JA . 45.93 66.95 -14.16
O1N NAP JA . 47.41 67.15 -14.00
O2N NAP JA . 45.22 67.69 -15.28
O5D NAP JA . 45.63 65.36 -14.32
C5D NAP JA . 44.79 64.85 -15.35
C4D NAP JA . 44.87 63.34 -15.43
O4D NAP JA . 46.18 62.93 -15.83
C3D NAP JA . 44.64 62.68 -14.06
O3D NAP JA . 43.85 61.48 -14.19
C2D NAP JA . 46.02 62.33 -13.55
O2D NAP JA . 45.95 61.18 -12.71
C1D NAP JA . 46.77 62.06 -14.86
N1N NAP JA . 48.22 62.29 -14.77
C2N NAP JA . 48.74 63.44 -14.31
C3N NAP JA . 50.12 63.62 -14.23
C7N NAP JA . 50.73 64.91 -13.71
O7N NAP JA . 51.89 64.91 -13.35
N7N NAP JA . 50.00 66.03 -13.64
C4N NAP JA . 50.96 62.60 -14.66
C5N NAP JA . 50.41 61.41 -15.13
C6N NAP JA . 49.03 61.29 -15.17
P2B NAP JA . 37.93 71.25 -11.25
O1X NAP JA . 36.45 71.51 -11.17
O2X NAP JA . 38.59 70.92 -9.91
O3X NAP JA . 38.71 72.22 -12.09
O1P GFB KA . 56.43 66.02 -8.58
P GFB KA . 56.62 65.23 -7.34
O3P GFB KA . 55.96 65.71 -6.09
O2P GFB KA . 56.02 63.77 -7.65
O5' GFB KA . 58.19 65.00 -7.10
P1 GFB KA . 56.84 62.38 -7.77
C5' GFB KA . 58.72 65.00 -5.77
C4' GFB KA . 60.22 64.82 -5.95
O4' GFB KA . 60.83 66.10 -6.27
C3' GFB KA . 60.86 64.39 -4.63
C1' GFB KA . 61.51 66.58 -5.06
O3' GFB KA . 62.18 63.82 -4.84
C2' GFB KA . 60.99 65.72 -3.91
O2' GFB KA . 61.94 65.61 -2.86
N9 GFB KA . 61.19 68.04 -4.91
C8 GFB KA . 62.11 69.00 -4.80
C4 GFB KA . 60.00 68.59 -4.84
N7 GFB KA . 61.49 70.14 -4.67
C5 GFB KA . 60.18 69.90 -4.70
C6 GFB KA . 59.14 70.72 -4.62
O6 GFB KA . 59.30 71.93 -4.50
N1 GFB KA . 57.84 70.19 -4.66
C2 GFB KA . 57.67 68.80 -4.83
N2 GFB KA . 56.46 68.24 -4.90
N3 GFB KA . 58.77 68.04 -4.91
C1 GFB KA . 54.32 61.80 -7.93
C2A GFB KA . 53.28 60.87 -7.46
O1 GFB KA . 55.61 61.41 -7.45
O5 GFB KA . 54.39 61.69 -9.33
C3 GFB KA . 51.91 61.41 -7.93
O2 GFB KA . 53.33 60.76 -6.01
C4A GFB KA . 51.91 62.16 -9.32
O3 GFB KA . 50.98 60.33 -7.95
C5A GFB KA . 53.34 62.43 -9.97
O4 GFB KA . 51.00 61.51 -10.26
C6A GFB KA . 53.38 62.13 -11.49
O1X GFB KA . 57.26 62.15 -9.17
O2X GFB KA . 57.83 62.23 -6.68
#